data_7KFU
#
_entry.id   7KFU
#
_cell.length_a   1.00
_cell.length_b   1.00
_cell.length_c   1.00
_cell.angle_alpha   90.00
_cell.angle_beta   90.00
_cell.angle_gamma   90.00
#
_symmetry.space_group_name_H-M   'P 1'
#
loop_
_entity.id
_entity.type
_entity.pdbx_description
1 polymer Cas2
2 polymer Cas6-RT-Cas1
#
loop_
_entity_poly.entity_id
_entity_poly.type
_entity_poly.pdbx_seq_one_letter_code
_entity_poly.pdbx_strand_id
1 'polypeptide(L)'
;SNAMKHYLICFDVQHDKTRAKLSRLLEKYGPRVQGSVFEVSFKTPDRKRQLEYKIHQIIKQSNTEENNIRFYNLNKDTIK
HSHDINGNPIAQLPAAIVL
;
A,B
2 'polypeptide(L)'
;SNAMILPSFPDLTGLVVNLKFTARAEFSLNHEMAVDAFLRHSLNLGESYSHHLSIITPENGRLFYREGDTYRFVVIAMGN
QQQTNSIWHTLINHLRKLPDSAPITDKQAPLRNNIKLESLNDLFDGIPVSSKESLDAYTLQRAMEQGLAWHKAANLTEQP
LDIQWYWQSTVRILHADHKQHKGEQRYCRDAVQLTPLLLLKRIYETLNNVATYFGLKTNKNTTENHQAWLKEQAQYIEIQ
HPDLYWIDTPYFGKDAEKNTLGGMAGNFTLSLKPGIEPGLLAMLILTQMVGVGQRRTSGLGKYWLKHSLKHAHLILGLKP
NRVTRSQTLLDCIIQPHIISQAIAEIEKKTNIDTLNERTLSQVQSAIGQLRKHQYQAPKLQGFTIPKKDGTERLLAVSPL
YDRILQKAAAIVLTPGLDAIMSQASYGYRKGLSRQQVRYEIQNAYRQGYHWVYESDIEDFFDAVYRPQLINRLKSLLGND
PLWEQIESWLGQDIHIKDTIIERTPNLGLPQGSPLSPLLANFILDDFDSDLETHGFKIIRFADDFIILCKSQHEAQQAAH
AVEQSLKEVKLSINVEKTHIIQLNQGFRFLGYLFREDHAIEIAGEKSDGRTTFAAEQTPTNLPPWLANLGTKSPQPLADD
DLPKKSYGQIETQGTHLVLAGDAQIITTDNQNLIVKKDDKITHKISLEQLHAVTLIGLHTMTLPAKHRLLEHKIPVHIAD
RTGRYLGAVTSFQPAQNNYKNWFIQLQMCDREPFAHAIAQQIVISRIHNQRQTLLKRKAHRKQLQQTLSNLKKLQYKVTA
ATKRSSLNGLEGSATREYFQQFNLFLPEWAHFSKRTRRPPKDPFNVLLSLGYTILYSHTDAILQSAGFITWKGIYHQQSA
AHAALASDIMESYRHLVERYAIYIINHGQIKQDDFRQEKDHLGQDTIRLSAEARRRYVGGLINRFQKFSKDKTLHQHLYQ
QAQQLKNAMHNQQSSQFQVWKELK
;
C,D,E,F
#
# COMPACT_ATOMS: atom_id res chain seq x y z
N MET A 4 7.33 3.39 15.81
CA MET A 4 7.48 4.13 14.56
C MET A 4 7.14 3.22 13.38
N LYS A 5 5.91 3.35 12.88
CA LYS A 5 5.43 2.54 11.75
C LYS A 5 4.63 3.42 10.82
N HIS A 6 4.86 3.28 9.52
CA HIS A 6 4.04 3.94 8.52
C HIS A 6 2.93 3.01 8.09
N TYR A 7 1.79 3.58 7.75
CA TYR A 7 0.62 2.82 7.32
C TYR A 7 -0.08 3.56 6.18
N LEU A 8 -0.86 2.79 5.44
CA LEU A 8 -1.68 3.30 4.35
C LEU A 8 -3.10 2.90 4.67
N ILE A 9 -4.03 3.85 4.57
CA ILE A 9 -5.40 3.68 5.01
C ILE A 9 -6.30 3.85 3.79
N CYS A 10 -7.11 2.83 3.48
CA CYS A 10 -7.98 2.94 2.33
C CYS A 10 -9.35 2.35 2.64
N PHE A 11 -10.37 2.87 1.96
CA PHE A 11 -11.75 2.44 2.20
C PHE A 11 -12.62 2.73 0.99
N ASP A 12 -13.77 2.04 0.94
CA ASP A 12 -14.89 2.39 0.07
C ASP A 12 -16.18 2.05 0.83
N VAL A 13 -16.71 3.04 1.54
CA VAL A 13 -17.99 2.87 2.24
C VAL A 13 -19.11 3.41 1.38
N GLN A 14 -20.23 2.69 1.34
CA GLN A 14 -21.24 2.93 0.31
C GLN A 14 -21.91 4.29 0.45
N HIS A 15 -22.38 4.63 1.65
CA HIS A 15 -23.13 5.88 1.85
C HIS A 15 -22.16 7.03 2.10
N ASP A 16 -22.38 8.14 1.40
CA ASP A 16 -21.44 9.25 1.44
C ASP A 16 -21.39 9.92 2.82
N LYS A 17 -22.55 10.08 3.47
CA LYS A 17 -22.58 10.74 4.76
C LYS A 17 -21.96 9.87 5.85
N THR A 18 -22.11 8.56 5.75
CA THR A 18 -21.52 7.66 6.73
C THR A 18 -19.99 7.70 6.66
N ARG A 19 -19.43 7.69 5.45
CA ARG A 19 -18.00 7.76 5.27
C ARG A 19 -17.45 9.18 5.35
N ALA A 20 -18.33 10.19 5.38
CA ALA A 20 -17.88 11.56 5.58
C ALA A 20 -17.20 11.72 6.93
N LYS A 21 -17.75 11.10 7.98
CA LYS A 21 -17.14 11.19 9.29
C LYS A 21 -15.84 10.40 9.33
N LEU A 22 -15.75 9.29 8.59
CA LEU A 22 -14.49 8.58 8.41
C LEU A 22 -13.43 9.51 7.84
N SER A 23 -13.78 10.20 6.75
CA SER A 23 -12.84 11.10 6.09
C SER A 23 -12.40 12.23 7.01
N ARG A 24 -13.37 12.86 7.69
CA ARG A 24 -13.03 14.00 8.55
C ARG A 24 -12.23 13.56 9.78
N LEU A 25 -12.48 12.36 10.29
CA LEU A 25 -11.63 11.82 11.33
C LEU A 25 -10.22 11.59 10.83
N LEU A 26 -10.09 11.11 9.60
CA LEU A 26 -8.78 10.69 9.11
C LEU A 26 -7.98 11.82 8.46
N GLU A 27 -8.54 13.01 8.30
CA GLU A 27 -7.73 14.13 7.80
C GLU A 27 -6.56 14.43 8.73
N LYS A 28 -6.80 14.42 10.04
CA LYS A 28 -5.78 14.90 10.97
C LYS A 28 -4.61 13.93 11.08
N TYR A 29 -4.86 12.64 10.93
CA TYR A 29 -3.83 11.64 11.21
C TYR A 29 -2.81 11.55 10.09
N GLY A 30 -3.21 11.89 8.87
CA GLY A 30 -2.30 11.88 7.75
C GLY A 30 -2.87 12.61 6.56
N PRO A 31 -2.00 13.02 5.63
CA PRO A 31 -2.47 13.76 4.46
C PRO A 31 -3.36 12.92 3.56
N ARG A 32 -4.29 13.60 2.90
CA ARG A 32 -5.17 12.95 1.93
C ARG A 32 -4.41 12.87 0.61
N VAL A 33 -3.72 11.75 0.43
CA VAL A 33 -2.85 11.60 -0.73
C VAL A 33 -3.64 11.38 -2.01
N GLN A 34 -4.88 10.93 -1.91
CA GLN A 34 -5.70 10.66 -3.08
C GLN A 34 -7.15 10.70 -2.61
N GLY A 35 -8.09 10.33 -3.49
CA GLY A 35 -9.50 10.53 -3.22
C GLY A 35 -10.00 9.83 -1.96
N SER A 36 -9.51 8.62 -1.69
CA SER A 36 -9.92 7.90 -0.49
C SER A 36 -8.76 7.17 0.17
N VAL A 37 -7.54 7.71 0.04
CA VAL A 37 -6.33 7.03 0.49
C VAL A 37 -5.58 7.99 1.41
N PHE A 38 -5.11 7.48 2.55
CA PHE A 38 -4.43 8.28 3.56
C PHE A 38 -3.08 7.68 3.92
N GLU A 39 -2.10 8.54 4.15
CA GLU A 39 -0.76 8.13 4.58
C GLU A 39 -0.58 8.49 6.04
N VAL A 40 -0.52 7.50 6.92
CA VAL A 40 -0.58 7.70 8.36
C VAL A 40 0.75 7.26 8.99
N SER A 41 1.24 8.04 9.94
CA SER A 41 2.47 7.72 10.67
C SER A 41 2.12 7.52 12.13
N PHE A 42 2.62 6.44 12.73
CA PHE A 42 2.34 6.12 14.13
C PHE A 42 3.64 5.94 14.89
N LYS A 43 3.59 6.29 16.18
CA LYS A 43 4.72 6.13 17.08
C LYS A 43 4.56 4.96 18.02
N THR A 44 3.35 4.78 18.59
CA THR A 44 3.07 3.73 19.54
C THR A 44 1.74 3.07 19.16
N PRO A 45 1.64 1.75 19.25
CA PRO A 45 0.42 1.05 18.79
C PRO A 45 -0.85 1.43 19.54
N ASP A 46 -0.77 2.08 20.71
CA ASP A 46 -1.99 2.48 21.41
C ASP A 46 -2.78 3.52 20.62
N ARG A 47 -2.09 4.39 19.89
CA ARG A 47 -2.79 5.32 19.01
C ARG A 47 -3.50 4.58 17.87
N LYS A 48 -2.89 3.52 17.35
CA LYS A 48 -3.56 2.68 16.37
C LYS A 48 -4.80 2.03 16.97
N ARG A 49 -4.69 1.54 18.21
CA ARG A 49 -5.82 0.91 18.87
C ARG A 49 -6.97 1.88 19.07
N GLN A 50 -6.67 3.11 19.52
CA GLN A 50 -7.75 4.06 19.73
C GLN A 50 -8.34 4.54 18.41
N LEU A 51 -7.53 4.67 17.36
CA LEU A 51 -8.07 5.05 16.06
C LEU A 51 -9.01 3.97 15.54
N GLU A 52 -8.62 2.71 15.66
CA GLU A 52 -9.51 1.62 15.27
C GLU A 52 -10.76 1.57 16.14
N TYR A 53 -10.65 1.90 17.43
CA TYR A 53 -11.82 1.97 18.29
C TYR A 53 -12.81 3.01 17.80
N LYS A 54 -12.33 4.20 17.42
CA LYS A 54 -13.22 5.21 16.87
C LYS A 54 -13.80 4.76 15.52
N ILE A 55 -12.99 4.10 14.69
CA ILE A 55 -13.53 3.59 13.42
C ILE A 55 -14.67 2.61 13.69
N HIS A 56 -14.51 1.75 14.71
CA HIS A 56 -15.61 0.90 15.15
C HIS A 56 -16.81 1.73 15.58
N GLN A 57 -16.57 2.85 16.29
CA GLN A 57 -17.68 3.69 16.72
C GLN A 57 -18.50 4.20 15.55
N ILE A 58 -17.84 4.77 14.54
CA ILE A 58 -18.59 5.30 13.40
C ILE A 58 -19.21 4.19 12.56
N ILE A 59 -18.56 3.02 12.45
CA ILE A 59 -19.21 1.98 11.66
C ILE A 59 -20.39 1.39 12.40
N LYS A 60 -20.40 1.45 13.74
CA LYS A 60 -21.62 1.13 14.48
C LYS A 60 -22.68 2.20 14.25
N GLN A 61 -22.26 3.46 14.16
CA GLN A 61 -23.18 4.55 13.84
C GLN A 61 -23.84 4.34 12.49
N SER A 62 -23.08 3.83 11.51
CA SER A 62 -23.59 3.66 10.16
C SER A 62 -24.62 2.54 10.09
N ASN A 63 -24.53 1.57 11.01
CA ASN A 63 -25.39 0.39 11.03
C ASN A 63 -25.34 -0.35 9.69
N THR A 64 -24.13 -0.54 9.18
CA THR A 64 -23.91 -1.22 7.90
C THR A 64 -22.94 -2.39 7.99
N GLU A 65 -22.13 -2.45 9.07
CA GLU A 65 -21.10 -3.46 9.23
C GLU A 65 -20.12 -3.48 8.05
N GLU A 66 -19.46 -2.35 7.82
CA GLU A 66 -18.51 -2.26 6.73
C GLU A 66 -17.13 -2.71 7.21
N ASN A 67 -16.65 -3.81 6.66
CA ASN A 67 -15.29 -4.27 6.86
C ASN A 67 -14.35 -3.79 5.76
N ASN A 68 -14.80 -2.86 4.94
CA ASN A 68 -14.04 -2.40 3.78
C ASN A 68 -13.15 -1.22 4.15
N ILE A 69 -12.40 -1.43 5.23
CA ILE A 69 -11.32 -0.55 5.67
C ILE A 69 -10.04 -1.39 5.73
N ARG A 70 -9.01 -0.96 5.02
CA ARG A 70 -7.82 -1.77 4.83
C ARG A 70 -6.58 -0.95 5.17
N PHE A 71 -5.73 -1.53 6.02
CA PHE A 71 -4.49 -0.90 6.45
C PHE A 71 -3.34 -1.70 5.87
N TYR A 72 -2.40 -1.00 5.23
CA TYR A 72 -1.18 -1.63 4.74
C TYR A 72 0.03 -0.99 5.42
N ASN A 73 1.14 -1.72 5.46
CA ASN A 73 2.37 -1.18 6.01
C ASN A 73 3.20 -0.58 4.88
N LEU A 74 4.13 0.33 5.25
CA LEU A 74 5.06 0.94 4.30
C LEU A 74 6.42 1.00 4.99
N ASN A 75 7.30 0.07 4.61
CA ASN A 75 8.62 -0.05 5.23
C ASN A 75 9.55 1.01 4.63
N LYS A 76 10.82 0.98 5.04
CA LYS A 76 11.76 1.99 4.59
C LYS A 76 12.20 1.73 3.15
N ASP A 77 12.28 0.46 2.75
CA ASP A 77 12.66 0.11 1.39
C ASP A 77 11.45 -0.20 0.51
N THR A 78 10.32 -0.56 1.12
CA THR A 78 9.06 -0.61 0.39
C THR A 78 8.72 0.77 -0.19
N ILE A 79 9.08 1.83 0.52
CA ILE A 79 8.95 3.18 -0.01
C ILE A 79 9.84 3.37 -1.23
N LYS A 80 11.02 2.76 -1.22
CA LYS A 80 12.04 3.04 -2.23
C LYS A 80 11.59 2.64 -3.62
N HIS A 81 10.92 1.49 -3.74
CA HIS A 81 10.39 1.05 -5.03
C HIS A 81 8.99 1.56 -5.31
N SER A 82 8.41 2.33 -4.40
CA SER A 82 7.09 2.92 -4.62
C SER A 82 7.22 4.19 -5.43
N HIS A 83 6.26 4.42 -6.32
CA HIS A 83 6.31 5.59 -7.18
C HIS A 83 4.97 5.88 -7.84
N ASP A 84 4.96 6.82 -8.75
CA ASP A 84 3.79 7.24 -9.51
C ASP A 84 3.94 6.67 -10.91
N ILE A 85 2.99 6.96 -11.80
CA ILE A 85 3.12 6.51 -13.17
C ILE A 85 4.22 7.27 -13.90
N ASN A 86 4.40 8.55 -13.59
CA ASN A 86 5.45 9.34 -14.22
C ASN A 86 6.80 9.18 -13.56
N GLY A 87 6.98 8.19 -12.70
CA GLY A 87 8.26 7.93 -12.08
C GLY A 87 8.53 8.70 -10.81
N ASN A 88 7.65 9.62 -10.43
CA ASN A 88 7.87 10.43 -9.24
C ASN A 88 7.86 9.56 -7.99
N PRO A 89 8.89 9.62 -7.16
CA PRO A 89 8.83 8.91 -5.88
C PRO A 89 7.75 9.49 -4.99
N ILE A 90 7.12 8.61 -4.20
CA ILE A 90 5.99 8.98 -3.36
C ILE A 90 6.20 8.40 -1.96
N ALA A 91 5.51 9.00 -0.99
CA ALA A 91 5.55 8.58 0.42
C ALA A 91 6.97 8.58 0.98
N GLN A 92 7.74 9.62 0.65
CA GLN A 92 9.13 9.74 1.16
C GLN A 92 9.12 10.72 2.35
N LEU A 93 9.54 10.26 3.53
CA LEU A 93 9.48 11.13 4.74
C LEU A 93 10.85 11.75 4.99
N PRO A 94 10.94 13.09 5.19
CA PRO A 94 12.23 13.78 5.36
C PRO A 94 13.02 13.34 6.60
N ALA A 95 14.35 13.48 6.55
CA ALA A 95 15.17 13.18 7.72
C ALA A 95 15.42 14.38 8.60
N ALA A 96 15.63 15.55 8.01
CA ALA A 96 15.89 16.77 8.77
C ALA A 96 15.45 17.96 7.95
N ILE A 97 14.39 18.62 8.37
CA ILE A 97 13.87 19.79 7.68
C ILE A 97 14.64 21.01 8.17
N VAL A 98 15.19 21.80 7.24
CA VAL A 98 16.04 22.92 7.61
C VAL A 98 15.26 24.17 7.24
N LEU A 99 13.97 24.14 7.55
CA LEU A 99 12.99 25.22 7.39
C LEU A 99 13.54 26.64 7.26
N MET B 4 10.64 -11.28 -7.90
CA MET B 4 9.31 -10.78 -8.22
C MET B 4 8.90 -9.68 -7.26
N LYS B 5 8.04 -8.78 -7.70
CA LYS B 5 7.61 -7.63 -6.93
C LYS B 5 6.10 -7.58 -6.88
N HIS B 6 5.56 -7.27 -5.70
CA HIS B 6 4.12 -7.16 -5.48
C HIS B 6 3.76 -5.69 -5.33
N TYR B 7 2.81 -5.21 -6.14
CA TYR B 7 2.36 -3.84 -6.07
C TYR B 7 0.85 -3.83 -5.84
N LEU B 8 0.36 -2.73 -5.29
CA LEU B 8 -1.07 -2.49 -5.32
C LEU B 8 -1.30 -1.16 -6.02
N ILE B 9 -2.27 -1.18 -6.94
CA ILE B 9 -2.56 -0.05 -7.80
C ILE B 9 -3.86 0.59 -7.31
N CYS B 10 -3.77 1.88 -7.01
CA CYS B 10 -4.93 2.64 -6.57
C CYS B 10 -5.09 3.88 -7.43
N PHE B 11 -6.26 4.04 -8.04
CA PHE B 11 -6.48 5.10 -9.00
C PHE B 11 -7.79 5.82 -8.71
N ASP B 12 -7.84 7.11 -9.05
CA ASP B 12 -9.01 7.95 -8.84
C ASP B 12 -9.14 8.87 -10.06
N VAL B 13 -10.05 8.52 -10.97
CA VAL B 13 -10.27 9.26 -12.22
C VAL B 13 -11.76 9.57 -12.31
N GLN B 14 -12.09 10.78 -12.78
CA GLN B 14 -13.46 11.25 -12.79
C GLN B 14 -14.18 11.05 -14.12
N HIS B 15 -13.46 10.92 -15.24
CA HIS B 15 -14.11 10.65 -16.52
C HIS B 15 -14.85 9.32 -16.45
N ASP B 16 -16.16 9.35 -16.74
CA ASP B 16 -17.03 8.22 -16.44
C ASP B 16 -16.71 7.01 -17.33
N LYS B 17 -16.13 7.26 -18.51
CA LYS B 17 -15.81 6.15 -19.41
C LYS B 17 -14.37 5.70 -19.24
N THR B 18 -13.46 6.64 -18.96
CA THR B 18 -12.05 6.28 -18.78
C THR B 18 -11.88 5.41 -17.53
N ARG B 19 -12.59 5.73 -16.45
CA ARG B 19 -12.58 4.88 -15.27
C ARG B 19 -13.07 3.48 -15.61
N ALA B 20 -14.09 3.39 -16.46
CA ALA B 20 -14.60 2.09 -16.88
C ALA B 20 -13.55 1.30 -17.66
N LYS B 21 -12.80 1.98 -18.53
CA LYS B 21 -11.81 1.26 -19.33
C LYS B 21 -10.62 0.80 -18.48
N LEU B 22 -10.16 1.62 -17.52
CA LEU B 22 -9.13 1.12 -16.60
C LEU B 22 -9.66 -0.03 -15.74
N SER B 23 -10.92 0.03 -15.33
CA SER B 23 -11.50 -1.07 -14.58
C SER B 23 -11.51 -2.34 -15.41
N ARG B 24 -11.89 -2.23 -16.69
CA ARG B 24 -11.89 -3.39 -17.57
C ARG B 24 -10.48 -3.89 -17.89
N LEU B 25 -9.46 -3.04 -17.80
CA LEU B 25 -8.11 -3.53 -18.06
C LEU B 25 -7.49 -4.23 -16.87
N LEU B 26 -7.51 -3.61 -15.68
CA LEU B 26 -6.67 -4.13 -14.60
C LEU B 26 -7.24 -5.38 -13.93
N GLU B 27 -8.45 -5.83 -14.25
CA GLU B 27 -8.98 -7.01 -13.59
C GLU B 27 -8.29 -8.28 -14.01
N LYS B 28 -7.58 -8.29 -15.15
CA LYS B 28 -6.95 -9.51 -15.64
C LYS B 28 -5.70 -9.86 -14.84
N TYR B 29 -4.88 -8.86 -14.53
CA TYR B 29 -3.57 -9.14 -13.94
C TYR B 29 -3.68 -9.47 -12.46
N GLY B 30 -4.70 -8.96 -11.78
CA GLY B 30 -4.86 -9.22 -10.37
C GLY B 30 -6.29 -9.02 -9.91
N PRO B 31 -6.61 -9.53 -8.72
CA PRO B 31 -7.99 -9.47 -8.23
C PRO B 31 -8.44 -8.07 -7.89
N ARG B 32 -9.72 -7.79 -8.15
CA ARG B 32 -10.34 -6.53 -7.76
C ARG B 32 -10.62 -6.58 -6.26
N VAL B 33 -9.58 -6.28 -5.49
CA VAL B 33 -9.63 -6.50 -4.04
C VAL B 33 -10.58 -5.52 -3.37
N GLN B 34 -10.53 -4.26 -3.79
CA GLN B 34 -11.37 -3.21 -3.24
C GLN B 34 -12.29 -2.71 -4.36
N GLY B 35 -13.09 -1.69 -4.08
CA GLY B 35 -13.93 -1.11 -5.11
C GLY B 35 -13.12 -0.61 -6.29
N SER B 36 -12.04 0.13 -6.01
CA SER B 36 -11.19 0.67 -7.06
C SER B 36 -9.71 0.56 -6.70
N VAL B 37 -9.34 -0.49 -5.97
CA VAL B 37 -7.94 -0.77 -5.64
C VAL B 37 -7.67 -2.22 -6.03
N PHE B 38 -6.62 -2.43 -6.82
CA PHE B 38 -6.26 -3.76 -7.28
C PHE B 38 -4.90 -4.14 -6.71
N GLU B 39 -4.62 -5.43 -6.67
CA GLU B 39 -3.30 -5.93 -6.33
C GLU B 39 -2.74 -6.69 -7.53
N VAL B 40 -1.49 -6.41 -7.89
CA VAL B 40 -0.86 -7.01 -9.04
C VAL B 40 0.52 -7.50 -8.62
N SER B 41 1.06 -8.43 -9.42
CA SER B 41 2.38 -9.00 -9.15
C SER B 41 3.12 -9.17 -10.46
N PHE B 42 4.42 -8.90 -10.46
CA PHE B 42 5.23 -9.04 -11.66
C PHE B 42 6.51 -9.79 -11.32
N LYS B 43 7.12 -10.42 -12.32
CA LYS B 43 8.39 -11.10 -12.12
C LYS B 43 9.56 -10.40 -12.79
N THR B 44 9.33 -9.71 -13.91
CA THR B 44 10.36 -8.93 -14.57
C THR B 44 9.83 -7.52 -14.80
N PRO B 45 10.65 -6.49 -14.55
CA PRO B 45 10.12 -5.10 -14.62
C PRO B 45 9.66 -4.67 -16.00
N ASP B 46 10.07 -5.34 -17.08
CA ASP B 46 9.55 -5.00 -18.39
C ASP B 46 8.06 -5.31 -18.48
N ARG B 47 7.60 -6.33 -17.75
CA ARG B 47 6.17 -6.59 -17.70
C ARG B 47 5.43 -5.48 -16.96
N LYS B 48 6.07 -4.89 -15.96
CA LYS B 48 5.48 -3.72 -15.31
C LYS B 48 5.41 -2.55 -16.28
N ARG B 49 6.47 -2.35 -17.06
CA ARG B 49 6.48 -1.26 -18.04
C ARG B 49 5.41 -1.42 -19.09
N GLN B 50 5.15 -2.66 -19.53
CA GLN B 50 4.10 -2.90 -20.52
C GLN B 50 2.73 -2.50 -19.97
N LEU B 51 2.45 -2.87 -18.72
CA LEU B 51 1.20 -2.47 -18.08
C LEU B 51 1.10 -0.96 -17.93
N GLU B 52 2.20 -0.31 -17.54
CA GLU B 52 2.18 1.15 -17.42
C GLU B 52 1.87 1.81 -18.75
N TYR B 53 2.45 1.29 -19.84
CA TYR B 53 2.18 1.87 -21.14
C TYR B 53 0.72 1.66 -21.55
N LYS B 54 0.15 0.49 -21.24
CA LYS B 54 -1.27 0.28 -21.53
C LYS B 54 -2.14 1.26 -20.77
N ILE B 55 -1.82 1.50 -19.50
CA ILE B 55 -2.57 2.46 -18.69
C ILE B 55 -2.49 3.86 -19.29
N HIS B 56 -1.29 4.27 -19.71
CA HIS B 56 -1.13 5.59 -20.32
C HIS B 56 -1.95 5.70 -21.60
N GLN B 57 -1.90 4.67 -22.45
CA GLN B 57 -2.69 4.67 -23.67
C GLN B 57 -4.17 4.84 -23.38
N ILE B 58 -4.66 4.19 -22.33
CA ILE B 58 -6.08 4.31 -22.00
C ILE B 58 -6.40 5.72 -21.50
N ILE B 59 -5.53 6.29 -20.67
CA ILE B 59 -5.88 7.57 -20.03
C ILE B 59 -5.69 8.75 -20.98
N LYS B 60 -5.07 8.55 -22.15
CA LYS B 60 -5.06 9.65 -23.12
C LYS B 60 -6.45 10.03 -23.63
N GLN B 61 -7.41 9.12 -23.64
CA GLN B 61 -8.72 9.47 -24.19
C GLN B 61 -9.53 10.35 -23.24
N SER B 62 -9.06 10.53 -22.01
CA SER B 62 -9.76 11.39 -21.07
C SER B 62 -9.78 12.84 -21.55
N ASN B 63 -8.66 13.31 -22.10
CA ASN B 63 -8.40 14.67 -22.58
C ASN B 63 -8.39 15.66 -21.41
N THR B 64 -8.23 15.21 -20.18
CA THR B 64 -8.17 16.06 -19.01
C THR B 64 -6.90 15.83 -18.19
N GLU B 65 -6.10 14.81 -18.56
CA GLU B 65 -4.78 14.57 -17.98
C GLU B 65 -4.85 14.26 -16.48
N GLU B 66 -5.52 13.17 -16.15
CA GLU B 66 -5.55 12.69 -14.77
C GLU B 66 -4.31 11.88 -14.45
N ASN B 67 -3.77 12.05 -13.25
CA ASN B 67 -2.50 11.45 -12.86
C ASN B 67 -2.49 10.91 -11.44
N ASN B 68 -3.65 10.56 -10.87
CA ASN B 68 -3.72 10.06 -9.49
C ASN B 68 -3.81 8.53 -9.49
N ILE B 69 -2.75 7.90 -9.99
CA ILE B 69 -2.66 6.44 -10.06
C ILE B 69 -1.36 6.02 -9.41
N ARG B 70 -1.44 5.31 -8.28
CA ARG B 70 -0.27 5.05 -7.46
C ARG B 70 0.00 3.56 -7.34
N PHE B 71 1.29 3.22 -7.36
CA PHE B 71 1.79 1.85 -7.29
C PHE B 71 2.52 1.69 -5.96
N TYR B 72 1.83 1.24 -4.93
CA TYR B 72 2.47 1.06 -3.63
C TYR B 72 3.05 -0.34 -3.53
N ASN B 73 4.34 -0.42 -3.20
CA ASN B 73 5.00 -1.72 -3.12
C ASN B 73 4.51 -2.49 -1.89
N LEU B 74 4.79 -3.80 -1.88
CA LEU B 74 4.47 -4.65 -0.74
C LEU B 74 5.57 -5.69 -0.60
N ASN B 75 6.17 -5.75 0.58
CA ASN B 75 7.29 -6.64 0.87
C ASN B 75 6.75 -7.94 1.46
N LYS B 76 7.64 -8.77 2.02
CA LYS B 76 7.17 -9.96 2.73
C LYS B 76 6.79 -9.62 4.16
N ASP B 77 7.67 -8.91 4.88
CA ASP B 77 7.38 -8.51 6.25
C ASP B 77 6.30 -7.42 6.30
N THR B 78 6.25 -6.56 5.30
CA THR B 78 5.17 -5.58 5.21
C THR B 78 3.83 -6.27 5.11
N ILE B 79 3.73 -7.29 4.25
CA ILE B 79 2.51 -8.11 4.19
C ILE B 79 2.27 -8.80 5.52
N LYS B 80 3.34 -9.25 6.18
CA LYS B 80 3.20 -9.93 7.46
C LYS B 80 2.57 -9.05 8.53
N HIS B 81 2.93 -7.77 8.58
CA HIS B 81 2.38 -6.86 9.57
C HIS B 81 1.02 -6.28 9.20
N SER B 82 0.60 -6.41 7.94
CA SER B 82 -0.63 -5.79 7.49
C SER B 82 -1.85 -6.56 8.01
N HIS B 83 -2.95 -5.83 8.22
CA HIS B 83 -4.19 -6.40 8.71
C HIS B 83 -5.31 -5.40 8.49
N ASP B 84 -6.55 -5.88 8.58
CA ASP B 84 -7.71 -5.01 8.67
C ASP B 84 -8.05 -4.79 10.15
N ILE B 85 -9.21 -4.21 10.44
CA ILE B 85 -9.57 -3.93 11.83
C ILE B 85 -9.83 -5.21 12.60
N ASN B 86 -10.41 -6.22 11.94
CA ASN B 86 -10.76 -7.46 12.63
C ASN B 86 -9.51 -8.23 13.05
N GLY B 87 -8.38 -7.97 12.41
CA GLY B 87 -7.16 -8.66 12.73
C GLY B 87 -6.80 -9.70 11.69
N ASN B 88 -7.64 -9.81 10.66
CA ASN B 88 -7.38 -10.77 9.60
C ASN B 88 -6.18 -10.34 8.77
N PRO B 89 -5.17 -11.19 8.63
CA PRO B 89 -4.05 -10.88 7.73
C PRO B 89 -4.55 -10.73 6.30
N ILE B 90 -3.93 -9.78 5.59
CA ILE B 90 -4.43 -9.40 4.27
C ILE B 90 -3.25 -9.34 3.30
N ALA B 91 -3.59 -9.44 2.01
CA ALA B 91 -2.63 -9.48 0.91
C ALA B 91 -1.63 -10.61 1.07
N GLN B 92 -2.10 -11.74 1.60
CA GLN B 92 -1.26 -12.90 1.87
C GLN B 92 -1.29 -13.82 0.66
N LEU B 93 -0.18 -14.53 0.42
CA LEU B 93 -0.03 -15.40 -0.71
C LEU B 93 0.43 -16.79 -0.27
N PRO B 94 0.02 -17.85 -0.96
CA PRO B 94 0.35 -19.20 -0.52
C PRO B 94 1.70 -19.66 -1.05
N ALA B 95 2.33 -20.57 -0.31
CA ALA B 95 3.60 -21.12 -0.72
C ALA B 95 3.45 -22.36 -1.58
N ALA B 96 2.49 -23.23 -1.27
CA ALA B 96 2.29 -24.45 -2.04
C ALA B 96 0.83 -24.85 -1.91
N ILE B 97 0.09 -24.75 -2.99
CA ILE B 97 -1.32 -25.12 -3.00
C ILE B 97 -1.41 -26.61 -3.27
N VAL B 98 -2.14 -27.33 -2.43
CA VAL B 98 -2.19 -28.79 -2.52
C VAL B 98 -3.61 -29.12 -2.95
N LEU B 99 -4.11 -28.34 -3.90
CA LEU B 99 -5.41 -28.47 -4.57
C LEU B 99 -6.09 -29.83 -4.51
N MET C 4 -14.78 47.13 -64.26
CA MET C 4 -15.73 47.95 -63.53
C MET C 4 -15.29 48.08 -62.06
N ILE C 5 -14.52 47.10 -61.60
CA ILE C 5 -13.97 47.18 -60.25
C ILE C 5 -13.04 48.37 -60.10
N LEU C 6 -12.22 48.63 -61.12
CA LEU C 6 -11.37 49.82 -61.17
C LEU C 6 -11.72 50.58 -62.43
N PRO C 7 -12.47 51.68 -62.36
CA PRO C 7 -12.80 52.42 -63.58
C PRO C 7 -11.61 53.15 -64.22
N SER C 8 -10.49 53.23 -63.51
CA SER C 8 -9.28 53.83 -64.07
C SER C 8 -8.06 53.36 -63.27
N PHE C 9 -6.89 53.47 -63.90
CA PHE C 9 -5.64 53.16 -63.25
C PHE C 9 -4.50 53.77 -64.04
N PRO C 10 -3.39 54.11 -63.39
CA PRO C 10 -2.22 54.60 -64.13
C PRO C 10 -1.54 53.50 -64.93
N ASP C 11 -0.70 53.92 -65.87
CA ASP C 11 0.01 53.00 -66.77
C ASP C 11 1.38 52.69 -66.19
N LEU C 12 1.51 51.50 -65.58
CA LEU C 12 2.78 51.10 -64.99
C LEU C 12 3.85 50.92 -66.05
N THR C 13 5.08 51.29 -65.70
CA THR C 13 6.22 51.15 -66.58
C THR C 13 7.42 50.80 -65.71
N GLY C 14 8.46 50.22 -66.30
CA GLY C 14 9.57 49.76 -65.49
C GLY C 14 10.90 49.78 -66.20
N LEU C 15 11.95 49.74 -65.40
CA LEU C 15 13.33 49.64 -65.86
C LEU C 15 14.07 48.62 -65.00
N VAL C 16 14.86 47.77 -65.65
CA VAL C 16 15.74 46.84 -64.98
C VAL C 16 17.14 47.38 -65.16
N VAL C 17 17.82 47.70 -64.06
CA VAL C 17 19.17 48.23 -64.13
C VAL C 17 20.13 47.19 -63.58
N ASN C 18 21.18 46.90 -64.35
CA ASN C 18 22.27 46.01 -63.96
C ASN C 18 23.53 46.85 -63.88
N LEU C 19 24.19 46.81 -62.73
CA LEU C 19 25.36 47.66 -62.49
C LEU C 19 26.48 46.82 -61.88
N LYS C 20 27.71 47.23 -62.13
CA LYS C 20 28.90 46.50 -61.70
C LYS C 20 29.45 47.10 -60.41
N PHE C 21 30.07 46.26 -59.59
CA PHE C 21 30.76 46.71 -58.39
C PHE C 21 32.25 46.76 -58.64
N THR C 22 32.85 47.91 -58.33
CA THR C 22 34.29 48.11 -58.44
C THR C 22 34.97 48.20 -57.08
N ALA C 23 34.22 47.98 -56.00
CA ALA C 23 34.77 48.11 -54.66
C ALA C 23 34.19 47.01 -53.78
N ARG C 24 34.84 46.80 -52.64
CA ARG C 24 34.38 45.83 -51.65
C ARG C 24 33.22 46.45 -50.88
N ALA C 25 32.00 45.99 -51.16
CA ALA C 25 30.79 46.54 -50.57
C ALA C 25 30.06 45.45 -49.80
N GLU C 26 29.44 45.83 -48.69
CA GLU C 26 28.65 44.94 -47.85
C GLU C 26 27.28 45.54 -47.63
N PHE C 27 26.24 44.73 -47.81
CA PHE C 27 24.86 45.16 -47.62
C PHE C 27 24.29 44.60 -46.32
N SER C 28 23.11 45.08 -45.97
CA SER C 28 22.33 44.43 -44.92
C SER C 28 21.59 43.23 -45.51
N LEU C 29 20.72 42.63 -44.70
CA LEU C 29 20.01 41.44 -45.16
C LEU C 29 18.88 41.80 -46.11
N ASN C 30 18.21 42.93 -45.86
CA ASN C 30 17.23 43.49 -46.79
C ASN C 30 17.82 44.72 -47.43
N HIS C 31 17.69 44.84 -48.75
CA HIS C 31 18.40 45.86 -49.50
C HIS C 31 17.52 47.02 -49.93
N GLU C 32 16.25 47.06 -49.52
CA GLU C 32 15.37 48.11 -50.02
C GLU C 32 15.71 49.46 -49.41
N MET C 33 16.27 49.46 -48.21
CA MET C 33 16.63 50.72 -47.55
C MET C 33 17.78 51.41 -48.27
N ALA C 34 18.85 50.67 -48.57
CA ALA C 34 20.03 51.26 -49.18
C ALA C 34 19.73 51.76 -50.59
N VAL C 35 18.98 50.98 -51.37
CA VAL C 35 18.63 51.38 -52.72
C VAL C 35 17.65 52.56 -52.69
N ASP C 36 16.72 52.56 -51.74
CA ASP C 36 15.82 53.69 -51.58
C ASP C 36 16.59 54.97 -51.26
N ALA C 37 17.55 54.88 -50.34
CA ALA C 37 18.37 56.05 -50.02
C ALA C 37 19.21 56.48 -51.21
N PHE C 38 19.70 55.52 -51.99
CA PHE C 38 20.45 55.84 -53.21
C PHE C 38 19.61 56.66 -54.18
N LEU C 39 18.39 56.19 -54.47
CA LEU C 39 17.54 56.96 -55.38
C LEU C 39 17.13 58.30 -54.78
N ARG C 40 16.99 58.39 -53.46
CA ARG C 40 16.57 59.66 -52.88
C ARG C 40 17.69 60.69 -52.91
N HIS C 41 18.92 60.28 -52.57
CA HIS C 41 20.06 61.18 -52.66
C HIS C 41 20.48 61.45 -54.09
N SER C 42 20.08 60.61 -55.04
CA SER C 42 20.42 60.83 -56.45
C SER C 42 19.41 61.73 -57.14
N LEU C 43 18.14 61.33 -57.15
CA LEU C 43 17.13 62.05 -57.92
C LEU C 43 16.76 63.37 -57.27
N ASN C 44 16.54 63.36 -55.95
CA ASN C 44 16.12 64.54 -55.18
C ASN C 44 14.83 65.14 -55.76
N LEU C 45 13.75 64.36 -55.72
CA LEU C 45 12.47 64.81 -56.25
C LEU C 45 11.56 65.41 -55.18
N GLY C 46 11.78 65.09 -53.92
CA GLY C 46 10.98 65.66 -52.84
C GLY C 46 9.81 64.81 -52.43
N GLU C 47 8.59 65.33 -52.63
CA GLU C 47 7.40 64.60 -52.21
C GLU C 47 6.90 63.66 -53.30
N SER C 48 6.96 64.09 -54.56
CA SER C 48 6.34 63.35 -55.66
C SER C 48 6.97 61.99 -55.89
N TYR C 49 8.18 61.76 -55.40
CA TYR C 49 8.79 60.44 -55.52
C TYR C 49 7.98 59.39 -54.78
N SER C 50 7.22 59.80 -53.76
CA SER C 50 6.36 58.85 -53.07
C SER C 50 5.18 58.44 -53.94
N HIS C 51 4.77 59.32 -54.85
CA HIS C 51 3.51 59.10 -55.56
C HIS C 51 3.71 58.29 -56.84
N HIS C 52 4.91 58.35 -57.43
CA HIS C 52 5.12 57.83 -58.78
C HIS C 52 6.03 56.60 -58.84
N LEU C 53 6.85 56.34 -57.85
CA LEU C 53 7.92 55.37 -58.03
C LEU C 53 7.87 54.28 -56.96
N SER C 54 8.45 53.13 -57.32
CA SER C 54 8.59 52.01 -56.39
C SER C 54 9.78 51.15 -56.83
N ILE C 55 10.26 50.33 -55.89
CA ILE C 55 11.53 49.63 -56.01
C ILE C 55 11.33 48.13 -55.79
N ILE C 56 11.88 47.31 -56.69
CA ILE C 56 12.01 45.87 -56.46
C ILE C 56 13.50 45.55 -56.42
N THR C 57 13.94 44.87 -55.36
CA THR C 57 15.32 44.43 -55.26
C THR C 57 15.35 42.92 -55.27
N PRO C 58 15.67 42.26 -56.38
CA PRO C 58 15.72 40.80 -56.40
C PRO C 58 16.74 40.20 -55.45
N GLU C 59 17.89 40.84 -55.24
CA GLU C 59 18.91 40.27 -54.37
C GLU C 59 18.56 40.56 -52.92
N ASN C 60 18.38 39.51 -52.13
CA ASN C 60 18.21 39.66 -50.69
C ASN C 60 18.93 38.50 -50.03
N GLY C 61 19.42 38.72 -48.83
CA GLY C 61 20.08 37.67 -48.09
C GLY C 61 21.52 37.39 -48.47
N ARG C 62 22.07 38.11 -49.44
CA ARG C 62 23.50 38.03 -49.75
C ARG C 62 24.17 39.23 -49.08
N LEU C 63 24.96 38.95 -48.04
CA LEU C 63 25.55 40.04 -47.27
C LEU C 63 26.82 40.57 -47.91
N PHE C 64 27.84 39.73 -48.04
CA PHE C 64 29.19 40.18 -48.43
C PHE C 64 29.35 40.07 -49.94
N TYR C 65 29.29 41.22 -50.61
CA TYR C 65 29.58 41.28 -52.04
C TYR C 65 31.08 41.40 -52.27
N ARG C 66 31.48 41.50 -53.54
CA ARG C 66 32.88 41.54 -53.91
C ARG C 66 33.05 42.20 -55.28
N GLU C 67 34.30 42.54 -55.59
CA GLU C 67 34.66 43.10 -56.88
C GLU C 67 34.40 42.08 -57.99
N GLY C 68 33.86 42.56 -59.10
CA GLY C 68 33.46 41.67 -60.18
C GLY C 68 32.06 41.13 -60.08
N ASP C 69 31.36 41.38 -58.97
CA ASP C 69 30.00 40.91 -58.78
C ASP C 69 29.04 42.02 -59.20
N THR C 70 27.98 41.65 -59.90
CA THR C 70 27.05 42.65 -60.39
C THR C 70 25.90 42.87 -59.40
N TYR C 71 24.90 43.61 -59.85
CA TYR C 71 23.72 43.91 -59.06
C TYR C 71 22.59 44.32 -59.99
N ARG C 72 21.39 43.83 -59.72
CA ARG C 72 20.23 44.06 -60.57
C ARG C 72 19.05 44.50 -59.73
N PHE C 73 18.38 45.57 -60.14
CA PHE C 73 17.12 45.92 -59.47
C PHE C 73 16.19 46.64 -60.44
N VAL C 74 14.92 46.72 -60.07
CA VAL C 74 13.87 47.20 -60.95
C VAL C 74 13.23 48.45 -60.33
N VAL C 75 13.03 49.47 -61.15
CA VAL C 75 12.35 50.71 -60.77
C VAL C 75 11.05 50.77 -61.54
N ILE C 76 9.94 51.01 -60.85
CA ILE C 76 8.61 51.03 -61.46
C ILE C 76 8.01 52.42 -61.30
N ALA C 77 7.49 52.95 -62.40
CA ALA C 77 6.95 54.31 -62.46
C ALA C 77 5.50 54.26 -62.88
N MET C 78 4.71 55.23 -62.43
CA MET C 78 3.27 55.29 -62.67
C MET C 78 2.92 56.68 -63.19
N GLY C 79 1.95 56.74 -64.08
CA GLY C 79 1.44 58.01 -64.54
C GLY C 79 1.43 58.08 -66.05
N ASN C 80 0.98 59.23 -66.56
CA ASN C 80 0.87 59.48 -67.99
C ASN C 80 1.72 60.69 -68.35
N GLN C 81 2.53 60.56 -69.41
CA GLN C 81 3.45 61.59 -69.87
C GLN C 81 4.37 62.07 -68.75
N GLN C 82 5.05 61.12 -68.10
CA GLN C 82 6.02 61.49 -67.09
C GLN C 82 7.41 61.62 -67.73
N GLN C 83 8.23 62.49 -67.15
CA GLN C 83 9.60 62.68 -67.60
C GLN C 83 10.61 62.25 -66.54
N THR C 84 10.14 61.55 -65.49
CA THR C 84 11.04 61.01 -64.48
C THR C 84 12.04 60.04 -65.10
N ASN C 85 11.58 59.22 -66.03
CA ASN C 85 12.47 58.24 -66.67
C ASN C 85 13.53 58.94 -67.53
N SER C 86 13.19 60.08 -68.12
CA SER C 86 14.14 60.80 -68.97
C SER C 86 15.33 61.32 -68.17
N ILE C 87 15.06 62.05 -67.09
CA ILE C 87 16.14 62.57 -66.26
C ILE C 87 16.84 61.43 -65.54
N TRP C 88 16.11 60.35 -65.25
CA TRP C 88 16.72 59.18 -64.65
C TRP C 88 17.74 58.55 -65.60
N HIS C 89 17.37 58.41 -66.87
CA HIS C 89 18.29 57.91 -67.89
C HIS C 89 19.52 58.79 -67.99
N THR C 90 19.30 60.10 -68.13
CA THR C 90 20.39 61.04 -68.34
C THR C 90 21.36 61.06 -67.16
N LEU C 91 20.84 60.98 -65.94
CA LEU C 91 21.71 60.97 -64.78
C LEU C 91 22.36 59.61 -64.58
N ILE C 92 21.67 58.53 -64.98
CA ILE C 92 22.16 57.19 -64.67
C ILE C 92 23.27 56.78 -65.64
N ASN C 93 23.26 57.35 -66.85
CA ASN C 93 24.26 56.97 -67.85
C ASN C 93 25.67 57.30 -67.38
N HIS C 94 25.83 58.44 -66.71
CA HIS C 94 27.14 58.89 -66.27
C HIS C 94 27.52 58.35 -64.90
N LEU C 95 26.74 57.44 -64.33
CA LEU C 95 27.02 56.89 -63.01
C LEU C 95 28.18 55.91 -63.15
N ARG C 96 29.39 56.46 -63.13
CA ARG C 96 30.61 55.66 -63.12
C ARG C 96 31.42 56.07 -61.88
N LYS C 97 31.28 55.27 -60.82
CA LYS C 97 31.90 55.53 -59.52
C LYS C 97 31.51 56.92 -58.99
N ASN C 114 31.91 51.64 -54.47
CA ASN C 114 31.49 52.49 -55.57
C ASN C 114 30.61 51.70 -56.54
N ILE C 115 30.17 52.36 -57.61
CA ILE C 115 29.19 51.78 -58.53
C ILE C 115 29.56 52.04 -59.98
N LYS C 116 29.64 50.98 -60.78
CA LYS C 116 29.80 51.11 -62.22
C LYS C 116 28.45 50.89 -62.89
N LEU C 117 28.41 50.77 -64.21
CA LEU C 117 27.16 50.50 -64.93
C LEU C 117 27.42 49.42 -65.98
N GLU C 118 26.58 48.38 -65.98
CA GLU C 118 26.62 47.40 -67.06
C GLU C 118 25.58 47.71 -68.13
N SER C 119 24.30 47.70 -67.76
CA SER C 119 23.27 47.91 -68.77
C SER C 119 21.93 48.27 -68.14
N LEU C 120 21.00 48.70 -68.99
CA LEU C 120 19.62 48.98 -68.64
C LEU C 120 18.71 48.30 -69.64
N ASN C 121 17.59 47.75 -69.16
CA ASN C 121 16.68 47.01 -70.02
C ASN C 121 15.24 47.40 -69.69
N ASP C 122 14.43 47.65 -70.71
CA ASP C 122 13.02 47.94 -70.50
C ASP C 122 12.33 46.72 -69.91
N LEU C 123 11.36 46.95 -69.02
CA LEU C 123 10.79 45.86 -68.24
C LEU C 123 9.84 45.00 -69.05
N PHE C 124 9.05 45.62 -69.93
CA PHE C 124 8.00 44.87 -70.60
C PHE C 124 8.42 44.38 -71.97
N ASP C 125 8.96 45.25 -72.82
CA ASP C 125 9.42 44.82 -74.14
C ASP C 125 10.63 43.91 -74.03
N GLY C 126 11.55 44.21 -73.12
CA GLY C 126 12.77 43.45 -72.96
C GLY C 126 13.95 43.95 -73.75
N ILE C 127 13.72 44.84 -74.72
CA ILE C 127 14.79 45.42 -75.52
C ILE C 127 15.64 46.31 -74.62
N PRO C 128 16.90 46.56 -74.94
CA PRO C 128 17.70 47.45 -74.10
C PRO C 128 17.19 48.88 -74.14
N VAL C 129 17.77 49.71 -73.27
CA VAL C 129 17.23 51.03 -72.97
C VAL C 129 17.28 51.97 -74.16
N SER C 130 18.14 51.70 -75.14
CA SER C 130 18.26 52.58 -76.31
C SER C 130 16.96 52.60 -77.11
N SER C 131 16.78 53.68 -77.87
CA SER C 131 15.52 54.00 -78.54
C SER C 131 14.37 54.10 -77.52
N LYS C 132 14.50 55.07 -76.62
CA LYS C 132 13.61 55.21 -75.47
C LYS C 132 12.63 56.37 -75.62
N GLU C 133 12.12 56.58 -76.83
CA GLU C 133 11.13 57.64 -77.05
C GLU C 133 9.86 57.38 -76.26
N SER C 134 9.33 56.16 -76.36
CA SER C 134 8.17 55.76 -75.57
C SER C 134 8.34 54.30 -75.17
N LEU C 135 7.96 54.01 -73.93
CA LEU C 135 8.07 52.68 -73.36
C LEU C 135 6.69 52.03 -73.35
N ASP C 136 6.66 50.72 -73.11
CA ASP C 136 5.40 49.97 -73.19
C ASP C 136 4.54 50.26 -71.96
N ALA C 137 3.22 50.28 -72.18
CA ALA C 137 2.26 50.72 -71.18
C ALA C 137 1.41 49.53 -70.73
N TYR C 138 1.56 49.14 -69.46
CA TYR C 138 0.74 48.08 -68.88
C TYR C 138 -0.66 48.58 -68.59
N THR C 139 -1.44 48.78 -69.64
CA THR C 139 -2.77 49.36 -69.50
C THR C 139 -3.67 48.42 -68.72
N LEU C 140 -4.67 49.00 -68.02
CA LEU C 140 -5.64 48.24 -67.25
C LEU C 140 -6.30 47.13 -68.07
N GLN C 141 -6.63 47.41 -69.33
CA GLN C 141 -7.22 46.41 -70.19
C GLN C 141 -6.29 45.23 -70.39
N ARG C 142 -4.98 45.47 -70.42
CA ARG C 142 -4.03 44.37 -70.50
C ARG C 142 -4.04 43.53 -69.24
N ALA C 143 -4.23 44.16 -68.08
CA ALA C 143 -4.35 43.41 -66.83
C ALA C 143 -5.58 42.53 -66.85
N MET C 144 -6.71 43.09 -67.31
CA MET C 144 -7.94 42.30 -67.39
C MET C 144 -7.79 41.16 -68.38
N GLU C 145 -7.09 41.38 -69.49
CA GLU C 145 -6.85 40.31 -70.45
C GLU C 145 -6.00 39.20 -69.84
N GLN C 146 -4.87 39.57 -69.22
CA GLN C 146 -3.97 38.58 -68.66
C GLN C 146 -4.56 37.89 -67.44
N GLY C 147 -5.63 38.41 -66.87
CA GLY C 147 -6.35 37.68 -65.84
C GLY C 147 -7.45 36.78 -66.40
N LEU C 148 -8.24 37.31 -67.34
CA LEU C 148 -9.37 36.57 -67.87
C LEU C 148 -8.93 35.39 -68.71
N ALA C 149 -7.89 35.57 -69.55
CA ALA C 149 -7.39 34.46 -70.34
C ALA C 149 -6.80 33.38 -69.44
N TRP C 150 -6.14 33.78 -68.36
CA TRP C 150 -5.66 32.81 -67.38
C TRP C 150 -6.81 32.04 -66.76
N HIS C 151 -7.89 32.74 -66.42
CA HIS C 151 -9.07 32.07 -65.89
C HIS C 151 -9.65 31.07 -66.88
N LYS C 152 -9.71 31.47 -68.15
CA LYS C 152 -10.24 30.58 -69.20
C LYS C 152 -9.37 29.35 -69.36
N ALA C 153 -8.05 29.52 -69.32
CA ALA C 153 -7.13 28.41 -69.50
C ALA C 153 -6.84 27.65 -68.22
N ALA C 154 -7.46 28.01 -67.09
CA ALA C 154 -7.23 27.30 -65.85
C ALA C 154 -8.50 26.92 -65.09
N ASN C 155 -9.67 27.01 -65.70
CA ASN C 155 -10.93 26.72 -65.00
C ASN C 155 -11.44 25.33 -65.40
N LEU C 156 -11.53 24.43 -64.43
CA LEU C 156 -12.25 23.18 -64.58
C LEU C 156 -13.51 23.13 -63.72
N THR C 157 -13.70 24.11 -62.83
CA THR C 157 -14.81 24.28 -61.89
C THR C 157 -14.87 23.17 -60.85
N GLU C 158 -13.91 22.25 -60.81
CA GLU C 158 -13.82 21.22 -59.79
C GLU C 158 -12.37 21.06 -59.37
N GLN C 159 -11.65 22.18 -59.24
CA GLN C 159 -10.23 22.14 -58.95
C GLN C 159 -9.93 23.02 -57.76
N PRO C 160 -8.90 22.69 -56.97
CA PRO C 160 -8.56 23.53 -55.81
C PRO C 160 -7.66 24.69 -56.18
N LEU C 161 -6.95 24.57 -57.30
CA LEU C 161 -6.19 25.68 -57.92
C LEU C 161 -5.24 26.33 -56.92
N ASP C 162 -4.48 25.50 -56.21
CA ASP C 162 -3.57 26.03 -55.21
C ASP C 162 -2.41 26.75 -55.87
N ILE C 163 -2.09 27.95 -55.39
CA ILE C 163 -0.93 28.72 -55.84
C ILE C 163 -0.22 29.20 -54.58
N GLN C 164 1.10 29.15 -54.59
CA GLN C 164 1.83 29.47 -53.38
C GLN C 164 2.30 30.92 -53.40
N TRP C 165 2.24 31.56 -52.25
CA TRP C 165 2.46 32.98 -52.08
C TRP C 165 3.73 33.19 -51.28
N TYR C 166 4.73 33.81 -51.90
CA TYR C 166 6.00 34.11 -51.27
C TYR C 166 6.12 35.61 -51.05
N TRP C 167 6.56 36.00 -49.86
CA TRP C 167 6.76 37.41 -49.56
C TRP C 167 8.15 37.86 -50.01
N GLN C 168 8.31 39.18 -50.08
CA GLN C 168 9.61 39.80 -50.30
C GLN C 168 10.28 40.21 -48.98
N SER C 169 10.09 39.38 -47.95
CA SER C 169 10.68 39.44 -46.61
C SER C 169 10.05 40.48 -45.69
N THR C 170 9.17 41.35 -46.19
CA THR C 170 8.51 42.35 -45.36
C THR C 170 7.12 42.71 -45.86
N VAL C 171 6.17 42.82 -44.94
CA VAL C 171 4.90 43.49 -45.19
C VAL C 171 4.35 43.97 -43.85
N ARG C 172 3.58 45.04 -43.89
CA ARG C 172 3.04 45.70 -42.70
C ARG C 172 1.55 45.96 -42.92
N ILE C 173 0.69 45.11 -42.38
CA ILE C 173 -0.75 45.28 -42.48
C ILE C 173 -1.36 45.30 -41.09
N LEU C 174 -2.60 45.75 -41.02
CA LEU C 174 -3.34 45.92 -39.77
C LEU C 174 -4.46 44.89 -39.69
N HIS C 175 -4.48 44.11 -38.61
CA HIS C 175 -5.49 43.06 -38.49
C HIS C 175 -6.81 43.70 -38.06
N ALA C 176 -7.76 43.75 -38.99
CA ALA C 176 -9.06 44.40 -38.84
C ALA C 176 -8.94 45.89 -38.52
N ASP C 177 -7.77 46.48 -38.81
CA ASP C 177 -7.44 47.87 -38.45
C ASP C 177 -7.71 48.12 -36.97
N HIS C 178 -7.26 47.21 -36.12
CA HIS C 178 -7.56 47.28 -34.70
C HIS C 178 -6.94 48.52 -34.08
N LYS C 179 -7.80 49.37 -33.51
CA LYS C 179 -7.33 50.51 -32.74
C LYS C 179 -7.05 50.12 -31.29
N GLN C 180 -7.57 48.96 -30.87
CA GLN C 180 -7.52 48.57 -29.47
C GLN C 180 -6.09 48.30 -29.00
N HIS C 181 -5.31 47.60 -29.83
CA HIS C 181 -4.01 47.12 -29.39
C HIS C 181 -3.01 48.26 -29.23
N LYS C 182 -3.11 49.28 -30.08
CA LYS C 182 -2.52 50.60 -29.85
C LYS C 182 -0.99 50.54 -29.68
N GLY C 183 -0.30 50.19 -30.77
CA GLY C 183 1.15 50.26 -30.75
C GLY C 183 1.75 49.37 -31.82
N GLU C 184 2.94 48.86 -31.51
CA GLU C 184 3.63 47.93 -32.40
C GLU C 184 2.88 46.61 -32.54
N GLN C 185 2.06 46.25 -31.54
CA GLN C 185 1.25 45.04 -31.58
C GLN C 185 0.14 45.10 -32.60
N ARG C 186 -0.12 46.27 -33.19
CA ARG C 186 -1.28 46.45 -34.05
C ARG C 186 -1.11 45.73 -35.40
N TYR C 187 0.08 45.23 -35.71
CA TYR C 187 0.34 44.59 -36.99
C TYR C 187 0.18 43.08 -36.90
N CYS C 188 0.06 42.45 -38.07
CA CYS C 188 -0.07 41.00 -38.16
C CYS C 188 1.30 40.36 -38.00
N ARG C 189 1.38 39.28 -37.21
CA ARG C 189 2.65 38.63 -36.94
C ARG C 189 2.56 37.11 -36.85
N ASP C 190 1.47 36.50 -37.29
CA ASP C 190 1.29 35.06 -37.19
C ASP C 190 0.20 34.65 -38.17
N ALA C 191 -0.02 33.34 -38.30
CA ALA C 191 -0.93 32.81 -39.31
C ALA C 191 -2.39 33.11 -39.00
N VAL C 192 -2.76 33.14 -37.72
CA VAL C 192 -4.17 33.25 -37.34
C VAL C 192 -4.72 34.63 -37.70
N GLN C 193 -3.86 35.65 -37.72
CA GLN C 193 -4.33 36.99 -38.07
C GLN C 193 -4.51 37.16 -39.57
N LEU C 194 -4.05 36.20 -40.37
CA LEU C 194 -4.28 36.27 -41.82
C LEU C 194 -5.73 35.91 -42.12
N THR C 195 -6.53 36.90 -42.50
CA THR C 195 -7.90 36.69 -42.91
C THR C 195 -8.05 36.97 -44.40
N PRO C 196 -8.61 36.04 -45.17
CA PRO C 196 -8.76 36.27 -46.62
C PRO C 196 -9.52 37.55 -46.97
N LEU C 197 -10.57 37.85 -46.22
CA LEU C 197 -11.29 39.10 -46.44
C LEU C 197 -10.42 40.30 -46.06
N LEU C 198 -9.58 40.15 -45.03
CA LEU C 198 -8.68 41.23 -44.65
C LEU C 198 -7.66 41.52 -45.75
N LEU C 199 -7.07 40.48 -46.33
CA LEU C 199 -6.11 40.68 -47.41
C LEU C 199 -6.77 41.30 -48.63
N LEU C 200 -7.97 40.83 -48.99
CA LEU C 200 -8.63 41.40 -50.16
C LEU C 200 -9.03 42.85 -49.89
N LYS C 201 -9.41 43.15 -48.65
CA LYS C 201 -9.78 44.53 -48.30
C LYS C 201 -8.57 45.46 -48.36
N ARG C 202 -7.42 45.00 -47.87
CA ARG C 202 -6.21 45.82 -47.94
C ARG C 202 -5.78 46.04 -49.39
N ILE C 203 -5.89 45.01 -50.22
CA ILE C 203 -5.57 45.14 -51.64
C ILE C 203 -6.48 46.17 -52.30
N TYR C 204 -7.78 46.11 -52.01
CA TYR C 204 -8.71 47.08 -52.57
C TYR C 204 -8.39 48.49 -52.07
N GLU C 205 -7.98 48.61 -50.81
CA GLU C 205 -7.64 49.93 -50.27
C GLU C 205 -6.46 50.54 -51.01
N THR C 206 -5.39 49.76 -51.22
CA THR C 206 -4.22 50.30 -51.90
C THR C 206 -4.55 50.67 -53.35
N LEU C 207 -5.28 49.79 -54.05
CA LEU C 207 -5.60 50.08 -55.45
C LEU C 207 -6.51 51.31 -55.56
N ASN C 208 -7.48 51.45 -54.63
CA ASN C 208 -8.36 52.60 -54.68
C ASN C 208 -7.62 53.88 -54.32
N ASN C 209 -6.65 53.80 -53.41
CA ASN C 209 -5.84 54.97 -53.09
C ASN C 209 -5.06 55.45 -54.31
N VAL C 210 -4.40 54.51 -55.01
CA VAL C 210 -3.62 54.88 -56.18
C VAL C 210 -4.53 55.43 -57.28
N ALA C 211 -5.72 54.86 -57.43
CA ALA C 211 -6.65 55.36 -58.43
C ALA C 211 -7.17 56.75 -58.06
N THR C 212 -7.40 56.99 -56.77
CA THR C 212 -8.04 58.24 -56.35
C THR C 212 -7.04 59.38 -56.25
N TYR C 213 -5.74 59.07 -56.20
CA TYR C 213 -4.76 60.16 -56.24
C TYR C 213 -4.81 60.87 -57.59
N PHE C 214 -4.92 60.12 -58.67
CA PHE C 214 -4.95 60.69 -60.00
C PHE C 214 -6.35 61.19 -60.35
N ASN C 225 -19.96 53.44 -51.25
CA ASN C 225 -19.69 52.77 -52.52
C ASN C 225 -20.22 51.35 -52.52
N HIS C 226 -20.85 50.93 -53.62
CA HIS C 226 -21.41 49.60 -53.70
C HIS C 226 -20.31 48.54 -53.78
N GLN C 227 -19.19 48.87 -54.43
CA GLN C 227 -18.19 47.87 -54.79
C GLN C 227 -17.62 47.18 -53.56
N ALA C 228 -17.31 47.94 -52.51
CA ALA C 228 -16.71 47.36 -51.31
C ALA C 228 -17.63 46.37 -50.64
N TRP C 229 -18.91 46.38 -51.00
CA TRP C 229 -19.84 45.41 -50.47
C TRP C 229 -19.72 44.08 -51.19
N LEU C 230 -19.60 44.12 -52.53
CA LEU C 230 -19.59 42.89 -53.33
C LEU C 230 -18.41 42.00 -52.96
N LYS C 231 -17.24 42.60 -52.77
CA LYS C 231 -16.04 41.83 -52.45
C LYS C 231 -16.14 41.17 -51.08
N GLU C 232 -17.13 41.57 -50.26
CA GLU C 232 -17.32 40.86 -49.00
C GLU C 232 -18.00 39.52 -49.24
N GLN C 233 -18.92 39.46 -50.21
CA GLN C 233 -19.62 38.21 -50.48
C GLN C 233 -18.71 37.22 -51.21
N ALA C 234 -17.97 37.70 -52.21
CA ALA C 234 -17.17 36.83 -53.08
C ALA C 234 -15.81 36.50 -52.50
N GLN C 235 -15.74 36.03 -51.26
CA GLN C 235 -14.52 35.47 -50.71
C GLN C 235 -14.71 33.96 -50.66
N TYR C 236 -13.96 33.24 -51.49
CA TYR C 236 -13.93 31.80 -51.53
C TYR C 236 -12.55 31.26 -51.25
N ILE C 237 -11.54 32.15 -51.14
CA ILE C 237 -10.16 31.74 -51.05
C ILE C 237 -9.84 31.22 -49.66
N GLU C 238 -8.77 30.44 -49.56
CA GLU C 238 -8.37 29.89 -48.28
C GLU C 238 -6.85 29.94 -48.13
N ILE C 239 -6.41 30.02 -46.88
CA ILE C 239 -4.99 30.05 -46.54
C ILE C 239 -4.62 28.70 -45.97
N GLN C 240 -3.69 28.00 -46.61
CA GLN C 240 -3.33 26.64 -46.23
C GLN C 240 -1.85 26.57 -45.90
N HIS C 241 -1.54 25.70 -44.92
CA HIS C 241 -0.19 25.45 -44.44
C HIS C 241 0.70 26.69 -44.32
N PRO C 242 0.31 27.67 -43.51
CA PRO C 242 1.08 28.92 -43.45
C PRO C 242 2.43 28.70 -42.80
N ASP C 243 3.43 29.44 -43.27
CA ASP C 243 4.70 29.60 -42.56
C ASP C 243 5.05 31.07 -42.68
N LEU C 244 4.63 31.86 -41.68
CA LEU C 244 4.89 33.28 -41.65
C LEU C 244 5.42 33.62 -40.27
N TYR C 245 6.38 34.54 -40.20
CA TYR C 245 6.99 34.90 -38.92
C TYR C 245 7.38 36.37 -38.96
N TRP C 246 8.01 36.84 -37.88
CA TRP C 246 8.26 38.26 -37.67
C TRP C 246 9.77 38.53 -37.71
N ILE C 247 10.15 39.52 -38.52
CA ILE C 247 11.54 39.97 -38.66
C ILE C 247 11.57 41.46 -38.34
N ASP C 248 12.46 41.85 -37.43
CA ASP C 248 12.57 43.22 -36.96
C ASP C 248 13.89 43.82 -37.45
N THR C 249 13.80 44.67 -38.46
CA THR C 249 14.99 45.24 -39.08
C THR C 249 15.63 46.27 -38.15
N PRO C 250 16.93 46.16 -37.85
CA PRO C 250 17.65 47.11 -37.01
C PRO C 250 17.79 48.48 -37.67
N LEU C 261 12.51 48.84 -37.38
CA LEU C 261 11.26 48.74 -38.13
C LEU C 261 10.45 47.54 -37.66
N GLY C 262 9.86 46.85 -38.63
CA GLY C 262 9.16 45.61 -38.36
C GLY C 262 8.50 45.09 -39.61
N GLY C 263 8.41 43.77 -39.71
CA GLY C 263 7.73 43.15 -40.83
C GLY C 263 7.52 41.68 -40.59
N MET C 264 6.73 41.07 -41.45
CA MET C 264 6.46 39.65 -41.38
C MET C 264 6.81 39.01 -42.72
N ALA C 265 7.40 37.82 -42.68
CA ALA C 265 7.98 37.19 -43.85
C ALA C 265 7.61 35.71 -43.87
N GLY C 266 7.40 35.18 -45.07
CA GLY C 266 7.14 33.77 -45.21
C GLY C 266 6.30 33.49 -46.43
N ASN C 267 5.76 32.28 -46.46
CA ASN C 267 4.97 31.80 -47.58
C ASN C 267 3.72 31.09 -47.07
N PHE C 268 2.70 31.04 -47.91
CA PHE C 268 1.48 30.30 -47.60
C PHE C 268 0.80 29.85 -48.89
N THR C 269 0.07 28.74 -48.82
CA THR C 269 -0.61 28.20 -49.99
C THR C 269 -1.99 28.83 -50.10
N LEU C 270 -2.15 29.79 -51.02
CA LEU C 270 -3.47 30.35 -51.25
C LEU C 270 -4.24 29.46 -52.20
N SER C 271 -5.42 29.03 -51.78
CA SER C 271 -6.23 28.05 -52.51
C SER C 271 -7.50 28.72 -53.00
N LEU C 272 -7.90 28.38 -54.22
CA LEU C 272 -8.93 29.09 -54.96
C LEU C 272 -10.12 28.16 -55.21
N LYS C 273 -11.32 28.61 -54.86
CA LYS C 273 -12.51 27.81 -55.12
C LYS C 273 -13.10 28.23 -56.46
N PRO C 274 -13.93 27.39 -57.11
CA PRO C 274 -14.25 27.64 -58.53
C PRO C 274 -15.16 28.83 -58.79
N GLY C 275 -15.90 29.32 -57.80
CA GLY C 275 -16.86 30.38 -58.05
C GLY C 275 -16.26 31.75 -58.27
N ILE C 276 -14.94 31.87 -58.18
CA ILE C 276 -14.29 33.17 -58.32
C ILE C 276 -14.30 33.62 -59.78
N GLU C 277 -14.46 34.92 -59.98
CA GLU C 277 -14.52 35.53 -61.29
C GLU C 277 -13.16 36.15 -61.63
N PRO C 278 -12.88 36.46 -62.91
CA PRO C 278 -11.57 37.05 -63.25
C PRO C 278 -11.34 38.43 -62.65
N GLY C 279 -12.39 39.12 -62.21
CA GLY C 279 -12.20 40.45 -61.63
C GLY C 279 -11.30 40.44 -60.42
N LEU C 280 -11.45 39.44 -59.55
CA LEU C 280 -10.56 39.31 -58.39
C LEU C 280 -9.14 39.03 -58.83
N LEU C 281 -8.98 38.24 -59.88
CA LEU C 281 -7.64 37.91 -60.38
C LEU C 281 -6.94 39.16 -60.92
N ALA C 282 -7.69 40.07 -61.54
CA ALA C 282 -7.08 41.31 -62.03
C ALA C 282 -6.47 42.11 -60.88
N MET C 283 -7.19 42.20 -59.76
CA MET C 283 -6.66 42.88 -58.58
C MET C 283 -5.42 42.18 -58.05
N LEU C 284 -5.45 40.85 -57.99
CA LEU C 284 -4.26 40.10 -57.57
C LEU C 284 -3.06 40.45 -58.43
N ILE C 285 -3.23 40.45 -59.74
CA ILE C 285 -2.08 40.61 -60.63
C ILE C 285 -1.56 42.05 -60.60
N LEU C 286 -2.46 43.03 -60.51
CA LEU C 286 -2.00 44.43 -60.43
C LEU C 286 -1.31 44.72 -59.10
N THR C 287 -1.82 44.15 -58.00
CA THR C 287 -1.19 44.32 -56.70
C THR C 287 0.11 43.54 -56.59
N GLN C 288 0.36 42.58 -57.49
CA GLN C 288 1.69 41.97 -57.55
C GLN C 288 2.78 43.01 -57.81
N MET C 289 2.43 44.12 -58.45
CA MET C 289 3.40 45.18 -58.75
C MET C 289 3.19 46.44 -57.92
N VAL C 290 1.95 46.86 -57.70
CA VAL C 290 1.73 48.09 -56.93
C VAL C 290 2.10 47.90 -55.47
N GLY C 291 1.64 46.83 -54.85
CA GLY C 291 2.00 46.52 -53.48
C GLY C 291 0.79 46.56 -52.55
N VAL C 292 0.99 46.01 -51.36
CA VAL C 292 -0.02 45.99 -50.31
C VAL C 292 0.67 46.29 -48.99
N GLY C 293 0.03 47.07 -48.13
CA GLY C 293 0.52 47.32 -46.79
C GLY C 293 0.90 48.76 -46.58
N GLN C 294 1.40 49.03 -45.37
CA GLN C 294 1.81 50.38 -45.01
C GLN C 294 3.20 50.68 -45.56
N ARG C 295 3.35 51.91 -46.06
CA ARG C 295 4.63 52.43 -46.57
C ARG C 295 5.18 51.54 -47.67
N ARG C 296 4.46 51.49 -48.79
CA ARG C 296 4.94 50.79 -49.96
C ARG C 296 5.91 51.63 -50.77
N THR C 297 6.08 52.91 -50.42
CA THR C 297 7.03 53.76 -51.12
C THR C 297 8.47 53.30 -50.88
N SER C 298 8.78 52.83 -49.68
CA SER C 298 10.08 52.25 -49.38
C SER C 298 10.24 50.85 -49.95
N GLY C 299 9.34 50.42 -50.84
CA GLY C 299 9.45 49.13 -51.48
C GLY C 299 8.90 47.97 -50.69
N LEU C 300 8.41 48.20 -49.48
CA LEU C 300 7.86 47.13 -48.67
C LEU C 300 6.51 46.71 -49.23
N GLY C 301 6.14 45.47 -48.93
CA GLY C 301 4.81 44.99 -49.21
C GLY C 301 4.56 44.44 -50.58
N LYS C 302 5.57 43.88 -51.24
CA LYS C 302 5.35 43.19 -52.49
C LYS C 302 5.64 41.71 -52.32
N TYR C 303 5.20 40.93 -53.30
CA TYR C 303 5.18 39.48 -53.18
C TYR C 303 5.36 38.89 -54.56
N TRP C 304 5.38 37.56 -54.62
CA TRP C 304 5.23 36.88 -55.89
C TRP C 304 4.48 35.58 -55.67
N LEU C 305 3.93 35.06 -56.76
CA LEU C 305 3.08 33.87 -56.73
C LEU C 305 3.50 32.95 -57.87
N LYS C 306 3.76 31.70 -57.53
CA LYS C 306 4.16 30.69 -58.50
C LYS C 306 3.01 29.71 -58.70
N HIS C 307 2.38 29.75 -59.87
CA HIS C 307 1.19 28.95 -60.08
C HIS C 307 1.54 27.46 -60.13
N SER C 308 0.49 26.64 -60.14
CA SER C 308 0.67 25.20 -60.19
C SER C 308 1.38 24.80 -61.48
N LEU C 309 2.21 23.76 -61.39
CA LEU C 309 3.00 23.33 -62.53
C LEU C 309 2.11 22.67 -63.59
N LYS C 310 2.76 22.19 -64.64
CA LYS C 310 2.18 21.51 -65.83
C LYS C 310 1.08 22.32 -66.50
N HIS C 311 0.96 23.61 -66.19
CA HIS C 311 0.03 24.48 -66.90
C HIS C 311 0.56 24.80 -68.28
N ALA C 312 -0.34 25.17 -69.18
CA ALA C 312 0.07 25.73 -70.45
C ALA C 312 0.85 27.02 -70.20
N HIS C 313 1.95 27.18 -70.92
CA HIS C 313 2.85 28.30 -70.63
C HIS C 313 2.18 29.63 -70.95
N LEU C 314 1.77 30.33 -69.89
CA LEU C 314 1.20 31.66 -70.02
C LEU C 314 1.86 32.54 -68.98
N ILE C 315 2.73 33.45 -69.43
CA ILE C 315 3.44 34.37 -68.55
C ILE C 315 2.79 35.73 -68.69
N LEU C 316 2.34 36.27 -67.57
CA LEU C 316 1.52 37.47 -67.53
C LEU C 316 2.17 38.53 -66.65
N GLY C 317 2.09 39.78 -67.09
CA GLY C 317 2.62 40.89 -66.29
C GLY C 317 4.12 40.80 -66.16
N LEU C 318 4.57 40.42 -64.96
CA LEU C 318 6.00 40.37 -64.67
C LEU C 318 6.54 38.97 -64.90
N LYS C 319 7.67 38.89 -65.61
CA LYS C 319 8.27 37.62 -66.00
C LYS C 319 9.22 37.11 -64.93
N PRO C 320 9.08 35.85 -64.54
CA PRO C 320 9.91 35.31 -63.45
C PRO C 320 11.40 35.26 -63.75
N ASN C 321 11.79 35.31 -65.01
CA ASN C 321 13.21 35.28 -65.37
C ASN C 321 13.81 36.68 -65.48
N ARG C 322 13.01 37.74 -65.37
CA ARG C 322 13.56 39.08 -65.39
C ARG C 322 13.91 39.57 -63.99
N VAL C 323 12.98 39.45 -63.05
CA VAL C 323 13.21 39.87 -61.67
C VAL C 323 13.87 38.70 -60.93
N THR C 324 15.19 38.59 -61.11
CA THR C 324 15.96 37.50 -60.55
C THR C 324 17.39 38.00 -60.39
N ARG C 325 18.08 37.43 -59.40
CA ARG C 325 19.45 37.82 -59.06
C ARG C 325 20.35 37.71 -60.27
N SER C 326 21.19 38.73 -60.49
CA SER C 326 21.99 38.79 -61.71
C SER C 326 23.06 37.70 -61.72
N GLN C 327 23.80 37.56 -60.63
CA GLN C 327 24.71 36.44 -60.45
C GLN C 327 24.06 35.46 -59.50
N THR C 328 23.64 34.31 -60.03
CA THR C 328 22.90 33.35 -59.21
C THR C 328 23.80 32.74 -58.14
N LEU C 329 23.19 31.93 -57.28
CA LEU C 329 23.92 31.34 -56.16
C LEU C 329 24.96 30.33 -56.63
N LEU C 330 24.66 29.60 -57.70
CA LEU C 330 25.56 28.53 -58.13
C LEU C 330 26.87 29.09 -58.67
N ASP C 331 26.81 30.24 -59.35
CA ASP C 331 28.04 30.90 -59.77
C ASP C 331 28.90 31.28 -58.56
N CYS C 332 28.25 31.72 -57.48
CA CYS C 332 29.00 32.02 -56.26
C CYS C 332 29.57 30.76 -55.65
N ILE C 333 28.89 29.62 -55.82
CA ILE C 333 29.44 28.35 -55.35
C ILE C 333 30.72 28.03 -56.10
N ILE C 334 30.72 28.22 -57.43
CA ILE C 334 31.86 27.78 -58.24
C ILE C 334 32.97 28.82 -58.32
N GLN C 335 32.91 29.89 -57.54
CA GLN C 335 33.99 30.87 -57.54
C GLN C 335 35.22 30.30 -56.83
N PRO C 336 36.41 30.45 -57.40
CA PRO C 336 37.57 29.63 -56.97
C PRO C 336 38.01 29.82 -55.51
N HIS C 337 37.97 31.03 -54.97
CA HIS C 337 38.52 31.25 -53.64
C HIS C 337 37.66 30.60 -52.58
N ILE C 338 36.34 30.57 -52.79
CA ILE C 338 35.45 29.86 -51.86
C ILE C 338 35.75 28.37 -51.88
N ILE C 339 36.04 27.81 -53.06
CA ILE C 339 36.36 26.39 -53.15
C ILE C 339 37.67 26.08 -52.44
N SER C 340 38.67 26.96 -52.60
CA SER C 340 39.92 26.78 -51.87
C SER C 340 39.70 26.88 -50.36
N GLN C 341 38.83 27.80 -49.94
CA GLN C 341 38.48 27.91 -48.53
C GLN C 341 37.83 26.62 -48.03
N ALA C 342 36.94 26.05 -48.82
CA ALA C 342 36.29 24.80 -48.43
C ALA C 342 37.28 23.65 -48.33
N ILE C 343 38.22 23.58 -49.28
CA ILE C 343 39.27 22.56 -49.24
C ILE C 343 40.09 22.72 -47.96
N ALA C 344 40.42 23.96 -47.60
CA ALA C 344 41.16 24.19 -46.36
C ALA C 344 40.33 23.80 -45.14
N GLU C 345 39.00 23.94 -45.23
CA GLU C 345 38.16 23.67 -44.07
C GLU C 345 37.95 22.18 -43.84
N ILE C 346 37.79 21.40 -44.92
CA ILE C 346 37.38 19.99 -44.78
C ILE C 346 38.56 19.06 -44.50
N GLU C 347 39.80 19.50 -44.79
CA GLU C 347 40.93 18.58 -44.84
C GLU C 347 41.37 18.09 -43.47
N LYS C 348 40.76 18.59 -42.38
CA LYS C 348 41.21 18.23 -41.04
C LYS C 348 40.80 16.81 -40.67
N LYS C 349 39.57 16.42 -40.98
CA LYS C 349 39.09 15.05 -40.76
C LYS C 349 38.81 14.45 -42.14
N THR C 350 39.76 14.61 -43.04
CA THR C 350 39.54 14.18 -44.42
C THR C 350 39.69 12.67 -44.57
N ASN C 351 40.59 12.06 -43.78
CA ASN C 351 41.00 10.66 -43.94
C ASN C 351 41.26 10.33 -45.41
N ILE C 352 42.09 11.16 -46.05
CA ILE C 352 42.43 10.98 -47.46
C ILE C 352 43.33 9.76 -47.60
N ASP C 353 43.06 8.96 -48.64
CA ASP C 353 43.85 7.77 -48.92
C ASP C 353 44.31 7.66 -50.37
N THR C 354 43.81 8.49 -51.27
CA THR C 354 44.13 8.41 -52.68
C THR C 354 44.97 9.61 -53.12
N LEU C 355 45.28 9.65 -54.41
CA LEU C 355 46.06 10.75 -54.97
C LEU C 355 45.22 12.03 -55.02
N ASN C 356 45.87 13.16 -54.75
CA ASN C 356 45.13 14.41 -54.57
C ASN C 356 44.99 15.18 -55.88
N GLU C 357 45.91 14.97 -56.82
CA GLU C 357 45.81 15.67 -58.10
C GLU C 357 44.56 15.22 -58.86
N ARG C 358 44.18 13.95 -58.71
CA ARG C 358 42.93 13.50 -59.31
C ARG C 358 41.74 14.11 -58.62
N THR C 359 41.81 14.32 -57.29
CA THR C 359 40.72 14.99 -56.60
C THR C 359 40.56 16.42 -57.11
N LEU C 360 41.67 17.13 -57.30
CA LEU C 360 41.57 18.51 -57.76
C LEU C 360 41.11 18.58 -59.22
N SER C 361 41.57 17.64 -60.05
CA SER C 361 41.05 17.57 -61.41
C SER C 361 39.56 17.23 -61.42
N GLN C 362 39.12 16.38 -60.49
CA GLN C 362 37.72 16.02 -60.42
C GLN C 362 36.86 17.18 -59.97
N VAL C 363 37.32 17.96 -58.99
CA VAL C 363 36.52 19.11 -58.55
C VAL C 363 36.50 20.16 -59.65
N GLN C 364 37.59 20.33 -60.39
CA GLN C 364 37.58 21.29 -61.49
C GLN C 364 36.67 20.84 -62.62
N SER C 365 36.69 19.54 -62.95
CA SER C 365 35.78 19.02 -63.95
C SER C 365 34.33 19.14 -63.51
N ALA C 366 34.05 18.89 -62.23
CA ALA C 366 32.70 19.03 -61.71
C ALA C 366 32.27 20.49 -61.70
N ILE C 367 33.21 21.41 -61.50
CA ILE C 367 32.92 22.84 -61.64
C ILE C 367 32.52 23.16 -63.06
N GLY C 368 33.25 22.60 -64.03
CA GLY C 368 32.85 22.76 -65.42
C GLY C 368 31.47 22.19 -65.70
N GLN C 369 31.16 21.03 -65.11
CA GLN C 369 29.85 20.41 -65.32
C GLN C 369 28.74 21.26 -64.69
N LEU C 370 28.97 21.78 -63.49
CA LEU C 370 27.98 22.63 -62.83
C LEU C 370 27.73 23.89 -63.63
N ARG C 371 28.79 24.50 -64.16
CA ARG C 371 28.62 25.65 -65.06
C ARG C 371 27.88 25.24 -66.32
N LYS C 372 28.07 23.98 -66.75
CA LYS C 372 27.34 23.50 -67.92
C LYS C 372 25.90 23.09 -67.58
N HIS C 373 25.56 23.06 -66.29
CA HIS C 373 24.26 22.60 -65.79
C HIS C 373 23.98 21.16 -66.19
N GLN C 374 24.98 20.29 -66.03
CA GLN C 374 24.83 18.87 -66.36
C GLN C 374 25.32 17.93 -65.27
N TYR C 375 25.59 18.43 -64.06
CA TYR C 375 26.17 17.61 -63.01
C TYR C 375 25.18 16.59 -62.48
N GLN C 376 25.70 15.47 -61.99
CA GLN C 376 24.89 14.41 -61.40
C GLN C 376 25.65 13.83 -60.21
N ALA C 377 25.05 13.91 -59.03
CA ALA C 377 25.77 13.63 -57.80
C ALA C 377 26.05 12.13 -57.65
N PRO C 378 27.19 11.78 -57.04
CA PRO C 378 27.44 10.37 -56.74
C PRO C 378 26.56 9.86 -55.61
N LYS C 379 26.36 8.55 -55.59
CA LYS C 379 25.62 7.91 -54.52
C LYS C 379 26.55 7.59 -53.33
N LEU C 380 25.95 7.45 -52.16
CA LEU C 380 26.73 7.35 -50.93
C LEU C 380 27.48 6.01 -50.87
N GLN C 381 28.48 5.96 -49.99
CA GLN C 381 29.26 4.75 -49.76
C GLN C 381 29.44 4.54 -48.26
N GLY C 382 29.31 3.30 -47.82
CA GLY C 382 29.40 3.03 -46.39
C GLY C 382 30.75 2.51 -45.93
N PHE C 383 31.47 3.31 -45.15
CA PHE C 383 32.81 2.97 -44.69
C PHE C 383 32.78 2.73 -43.19
N THR C 384 33.58 1.77 -42.73
CA THR C 384 33.81 1.62 -41.31
C THR C 384 34.78 2.70 -40.83
N ILE C 385 34.67 3.08 -39.56
CA ILE C 385 35.52 4.13 -39.03
C ILE C 385 36.78 3.52 -38.40
N GLU C 392 34.99 -0.15 -35.71
CA GLU C 392 33.93 0.31 -34.82
C GLU C 392 32.65 0.59 -35.59
N ARG C 393 32.07 1.77 -35.38
CA ARG C 393 30.81 2.11 -36.00
C ARG C 393 30.97 2.28 -37.52
N LEU C 394 29.87 2.07 -38.24
CA LEU C 394 29.84 2.19 -39.69
C LEU C 394 29.13 3.49 -40.05
N LEU C 395 29.77 4.31 -40.87
CA LEU C 395 29.23 5.60 -41.26
C LEU C 395 29.17 5.69 -42.78
N ALA C 396 28.10 6.27 -43.30
CA ALA C 396 27.90 6.35 -44.74
C ALA C 396 28.20 7.77 -45.20
N VAL C 397 29.23 7.92 -46.03
CA VAL C 397 29.67 9.21 -46.51
C VAL C 397 29.84 9.15 -48.02
N SER C 398 29.82 10.32 -48.64
CA SER C 398 30.04 10.46 -50.07
C SER C 398 31.53 10.51 -50.38
N PRO C 399 31.92 10.37 -51.65
CA PRO C 399 33.31 10.62 -52.01
C PRO C 399 33.72 12.05 -51.70
N LEU C 400 35.02 12.24 -51.46
CA LEU C 400 35.49 13.44 -50.76
C LEU C 400 35.31 14.69 -51.60
N TYR C 401 35.32 14.58 -52.93
CA TYR C 401 35.17 15.77 -53.76
C TYR C 401 33.75 16.32 -53.71
N ASP C 402 32.75 15.43 -53.66
CA ASP C 402 31.38 15.90 -53.47
C ASP C 402 31.19 16.49 -52.08
N ARG C 403 31.88 15.91 -51.09
CA ARG C 403 31.88 16.51 -49.75
C ARG C 403 32.48 17.91 -49.77
N ILE C 404 33.50 18.12 -50.60
CA ILE C 404 34.10 19.44 -50.74
C ILE C 404 33.10 20.41 -51.35
N LEU C 405 32.37 19.98 -52.38
CA LEU C 405 31.36 20.86 -52.98
C LEU C 405 30.25 21.22 -51.98
N GLN C 406 29.83 20.24 -51.16
CA GLN C 406 28.82 20.51 -50.15
C GLN C 406 29.33 21.49 -49.09
N LYS C 407 30.58 21.33 -48.66
CA LYS C 407 31.15 22.27 -47.70
C LYS C 407 31.25 23.66 -48.30
N ALA C 408 31.55 23.76 -49.60
CA ALA C 408 31.57 25.06 -50.25
C ALA C 408 30.20 25.72 -50.24
N ALA C 409 29.15 24.94 -50.51
CA ALA C 409 27.80 25.49 -50.47
C ALA C 409 27.43 25.94 -49.05
N ALA C 410 27.85 25.18 -48.04
CA ALA C 410 27.59 25.58 -46.66
C ALA C 410 28.30 26.89 -46.31
N ILE C 411 29.57 27.03 -46.73
CA ILE C 411 30.32 28.24 -46.49
C ILE C 411 29.64 29.44 -47.14
N VAL C 412 29.10 29.25 -48.34
CA VAL C 412 28.38 30.34 -48.99
C VAL C 412 27.10 30.69 -48.23
N LEU C 413 26.34 29.67 -47.81
CA LEU C 413 25.02 29.93 -47.22
C LEU C 413 25.06 30.40 -45.78
N THR C 414 26.16 30.18 -45.05
CA THR C 414 26.18 30.46 -43.62
C THR C 414 25.86 31.91 -43.22
N PRO C 415 26.46 32.95 -43.81
CA PRO C 415 26.22 34.31 -43.26
C PRO C 415 24.78 34.79 -43.34
N GLY C 416 24.09 34.57 -44.47
CA GLY C 416 22.71 34.99 -44.58
C GLY C 416 21.79 34.28 -43.61
N LEU C 417 21.98 32.97 -43.45
CA LEU C 417 21.14 32.21 -42.52
C LEU C 417 21.41 32.61 -41.08
N ASP C 418 22.68 32.88 -40.75
CA ASP C 418 22.99 33.35 -39.39
C ASP C 418 22.35 34.70 -39.12
N ALA C 419 22.40 35.62 -40.09
CA ALA C 419 21.80 36.93 -39.91
C ALA C 419 20.29 36.85 -39.83
N ILE C 420 19.68 35.86 -40.51
CA ILE C 420 18.22 35.76 -40.46
C ILE C 420 17.77 35.03 -39.20
N MET C 421 18.64 34.22 -38.61
CA MET C 421 18.27 33.62 -37.33
C MET C 421 18.44 34.61 -36.20
N SER C 422 19.42 35.51 -36.32
CA SER C 422 19.58 36.54 -35.29
C SER C 422 18.41 37.52 -35.27
N GLN C 423 17.90 37.88 -36.45
CA GLN C 423 16.88 38.92 -36.59
C GLN C 423 15.46 38.38 -36.64
N ALA C 424 15.17 37.20 -36.10
CA ALA C 424 13.85 36.62 -36.24
C ALA C 424 13.36 36.08 -34.91
N SER C 425 12.07 35.78 -34.86
CA SER C 425 11.42 35.34 -33.63
C SER C 425 11.96 33.99 -33.16
N TYR C 426 12.25 33.08 -34.08
CA TYR C 426 12.76 31.75 -33.74
C TYR C 426 14.29 31.80 -33.57
N GLY C 427 14.74 32.78 -32.79
CA GLY C 427 16.15 33.13 -32.74
C GLY C 427 16.83 32.54 -31.52
N TYR C 428 18.04 32.04 -31.72
CA TYR C 428 18.92 31.72 -30.61
C TYR C 428 19.27 32.99 -29.86
N ARG C 429 19.42 32.90 -28.55
CA ARG C 429 19.81 34.05 -27.73
C ARG C 429 21.21 33.79 -27.19
N LYS C 430 22.21 34.42 -27.81
CA LYS C 430 23.60 34.18 -27.44
C LYS C 430 23.90 34.71 -26.04
N GLY C 431 23.55 35.96 -25.76
CA GLY C 431 23.74 36.48 -24.43
C GLY C 431 22.53 36.19 -23.59
N LEU C 432 22.59 35.10 -22.83
CA LEU C 432 21.48 34.65 -22.01
C LEU C 432 21.49 35.40 -20.68
N SER C 433 20.34 35.93 -20.30
CA SER C 433 20.19 36.44 -18.94
C SER C 433 20.03 35.28 -17.99
N ARG C 434 21.03 35.08 -17.12
CA ARG C 434 21.09 33.86 -16.33
C ARG C 434 19.91 33.76 -15.38
N GLN C 435 19.51 34.88 -14.78
CA GLN C 435 18.32 34.88 -13.93
C GLN C 435 17.07 34.53 -14.76
N GLN C 436 16.97 35.09 -15.96
CA GLN C 436 15.83 34.79 -16.83
C GLN C 436 15.83 33.32 -17.25
N VAL C 437 17.01 32.76 -17.53
CA VAL C 437 17.05 31.37 -17.99
C VAL C 437 16.71 30.41 -16.85
N ARG C 438 17.24 30.65 -15.65
CA ARG C 438 16.84 29.84 -14.50
C ARG C 438 15.36 30.01 -14.21
N TYR C 439 14.83 31.22 -14.40
CA TYR C 439 13.40 31.43 -14.22
C TYR C 439 12.57 30.64 -15.22
N GLU C 440 13.05 30.56 -16.47
CA GLU C 440 12.35 29.76 -17.47
C GLU C 440 12.37 28.28 -17.11
N ILE C 441 13.52 27.79 -16.61
CA ILE C 441 13.60 26.39 -16.19
C ILE C 441 12.66 26.12 -15.03
N GLN C 442 12.62 27.02 -14.04
CA GLN C 442 11.75 26.80 -12.89
C GLN C 442 10.28 26.93 -13.28
N ASN C 443 9.95 27.82 -14.21
CA ASN C 443 8.59 27.94 -14.71
C ASN C 443 8.17 26.67 -15.44
N ALA C 444 9.09 26.07 -16.21
CA ALA C 444 8.76 24.82 -16.89
C ALA C 444 8.61 23.68 -15.89
N TYR C 445 9.42 23.68 -14.83
CA TYR C 445 9.23 22.71 -13.75
C TYR C 445 7.85 22.88 -13.12
N ARG C 446 7.40 24.13 -12.95
CA ARG C 446 6.05 24.40 -12.47
C ARG C 446 5.01 23.90 -13.45
N GLN C 447 5.33 23.90 -14.74
CA GLN C 447 4.40 23.38 -15.73
C GLN C 447 4.22 21.86 -15.60
N GLY C 448 5.26 21.17 -15.15
CA GLY C 448 5.19 19.72 -15.00
C GLY C 448 6.37 18.98 -15.63
N TYR C 449 7.16 19.69 -16.44
CA TYR C 449 8.28 19.08 -17.16
C TYR C 449 9.39 18.81 -16.16
N HIS C 450 9.36 17.62 -15.55
CA HIS C 450 10.29 17.29 -14.49
C HIS C 450 11.57 16.60 -14.97
N TRP C 451 11.67 16.21 -16.24
CA TRP C 451 12.84 15.49 -16.72
C TRP C 451 13.52 16.26 -17.84
N VAL C 452 14.86 16.20 -17.88
CA VAL C 452 15.63 16.87 -18.92
C VAL C 452 16.44 15.83 -19.67
N TYR C 453 16.87 16.21 -20.88
CA TYR C 453 17.65 15.35 -21.74
C TYR C 453 18.92 16.08 -22.17
N GLU C 454 19.96 15.31 -22.48
CA GLU C 454 21.12 15.88 -23.14
C GLU C 454 20.74 16.37 -24.52
N SER C 455 21.20 17.57 -24.86
CA SER C 455 20.80 18.24 -26.09
C SER C 455 21.82 17.96 -27.20
N ASP C 456 21.36 17.30 -28.25
CA ASP C 456 22.16 17.06 -29.44
C ASP C 456 21.26 17.22 -30.66
N ILE C 457 21.75 17.96 -31.66
CA ILE C 457 20.95 18.18 -32.85
C ILE C 457 20.86 16.91 -33.70
N GLU C 458 21.77 15.95 -33.49
CA GLU C 458 21.80 14.72 -34.29
C GLU C 458 20.46 14.00 -34.26
N ASP C 459 19.82 13.98 -33.09
CA ASP C 459 18.57 13.25 -32.94
C ASP C 459 17.47 13.77 -33.86
N PHE C 460 17.61 15.00 -34.34
CA PHE C 460 16.60 15.60 -35.19
C PHE C 460 16.96 15.54 -36.67
N PHE C 461 17.93 14.70 -37.06
CA PHE C 461 18.25 14.57 -38.48
C PHE C 461 17.27 13.67 -39.23
N ASP C 462 16.56 12.78 -38.56
CA ASP C 462 15.73 11.82 -39.25
C ASP C 462 14.27 12.27 -39.40
N ALA C 463 13.92 13.46 -38.92
CA ALA C 463 12.53 13.91 -38.93
C ALA C 463 12.27 15.10 -39.84
N VAL C 464 13.29 15.62 -40.51
CA VAL C 464 13.13 16.87 -41.26
C VAL C 464 12.35 16.60 -42.55
N TYR C 465 11.31 17.39 -42.77
CA TYR C 465 10.52 17.32 -43.99
C TYR C 465 11.05 18.37 -44.95
N ARG C 466 11.69 17.92 -46.02
CA ARG C 466 12.49 18.82 -46.87
C ARG C 466 11.72 19.91 -47.61
N PRO C 467 10.53 19.67 -48.21
CA PRO C 467 9.89 20.75 -48.97
C PRO C 467 9.60 22.01 -48.16
N GLN C 468 9.31 21.89 -46.87
CA GLN C 468 9.16 23.07 -46.03
C GLN C 468 10.46 23.86 -45.94
N LEU C 469 11.59 23.16 -45.78
CA LEU C 469 12.89 23.81 -45.72
C LEU C 469 13.22 24.50 -47.03
N ILE C 470 12.97 23.83 -48.16
CA ILE C 470 13.25 24.44 -49.45
C ILE C 470 12.35 25.64 -49.69
N ASN C 471 11.10 25.57 -49.23
CA ASN C 471 10.19 26.71 -49.36
C ASN C 471 10.67 27.90 -48.53
N ARG C 472 11.14 27.65 -47.32
CA ARG C 472 11.63 28.74 -46.48
C ARG C 472 12.86 29.40 -47.11
N LEU C 473 13.79 28.61 -47.62
CA LEU C 473 14.96 29.18 -48.29
C LEU C 473 14.55 29.93 -49.55
N LYS C 474 13.58 29.41 -50.30
CA LYS C 474 13.12 30.08 -51.51
C LYS C 474 12.43 31.39 -51.19
N SER C 475 11.83 31.49 -50.01
CA SER C 475 11.23 32.76 -49.60
C SER C 475 12.29 33.76 -49.16
N LEU C 476 13.34 33.29 -48.47
CA LEU C 476 14.36 34.20 -47.98
C LEU C 476 15.29 34.67 -49.09
N LEU C 477 15.98 33.75 -49.76
CA LEU C 477 16.99 34.10 -50.75
C LEU C 477 16.44 34.29 -52.16
N GLY C 478 15.19 33.93 -52.41
CA GLY C 478 14.61 34.09 -53.73
C GLY C 478 14.77 32.85 -54.59
N ASN C 479 14.08 32.86 -55.73
CA ASN C 479 14.11 31.73 -56.65
C ASN C 479 15.51 31.57 -57.23
N ASP C 480 16.00 30.33 -57.26
CA ASP C 480 17.39 30.09 -57.62
C ASP C 480 17.55 28.68 -58.16
N PRO C 481 18.51 28.45 -59.04
CA PRO C 481 18.75 27.08 -59.51
C PRO C 481 19.58 26.22 -58.57
N LEU C 482 20.05 26.76 -57.44
CA LEU C 482 20.83 25.94 -56.52
C LEU C 482 19.95 24.95 -55.74
N TRP C 483 18.69 25.31 -55.48
CA TRP C 483 17.88 24.54 -54.54
C TRP C 483 17.66 23.12 -55.01
N GLU C 484 17.38 22.94 -56.31
CA GLU C 484 17.29 21.60 -56.87
C GLU C 484 18.54 20.79 -56.56
N GLN C 485 19.71 21.37 -56.82
CA GLN C 485 20.97 20.70 -56.52
C GLN C 485 21.04 20.29 -55.06
N ILE C 486 20.56 21.16 -54.16
CA ILE C 486 20.61 20.85 -52.73
C ILE C 486 19.84 19.58 -52.44
N GLU C 487 18.66 19.43 -53.05
CA GLU C 487 17.87 18.22 -52.83
C GLU C 487 18.63 16.99 -53.32
N SER C 488 19.34 17.12 -54.45
CA SER C 488 20.04 15.97 -55.00
C SER C 488 21.22 15.58 -54.13
N TRP C 489 21.64 16.46 -53.22
CA TRP C 489 22.71 16.10 -52.31
C TRP C 489 22.17 15.42 -51.06
N LEU C 490 20.88 15.65 -50.75
CA LEU C 490 20.35 15.23 -49.47
C LEU C 490 19.57 13.93 -49.57
N GLY C 491 19.05 13.62 -50.74
CA GLY C 491 18.25 12.44 -50.96
C GLY C 491 18.93 11.29 -51.65
N GLN C 492 20.16 10.96 -51.30
CA GLN C 492 20.88 9.89 -51.99
C GLN C 492 20.73 8.58 -51.24
N ASP C 493 21.26 7.52 -51.84
CA ASP C 493 21.05 6.14 -51.40
C ASP C 493 22.38 5.50 -51.02
N ILE C 494 22.39 4.74 -49.94
CA ILE C 494 23.64 4.16 -49.44
C ILE C 494 23.87 2.80 -50.05
N HIS C 495 25.12 2.52 -50.45
CA HIS C 495 25.52 1.20 -50.92
C HIS C 495 26.36 0.54 -49.84
N ILE C 496 25.90 -0.61 -49.35
CA ILE C 496 26.66 -1.43 -48.41
C ILE C 496 26.55 -2.88 -48.84
N LYS C 497 27.67 -3.44 -49.30
CA LYS C 497 27.79 -4.87 -49.62
C LYS C 497 26.71 -5.33 -50.59
N ASP C 498 26.61 -4.61 -51.71
CA ASP C 498 25.60 -4.86 -52.74
C ASP C 498 24.18 -4.80 -52.19
N THR C 499 23.95 -3.91 -51.22
CA THR C 499 22.61 -3.65 -50.71
C THR C 499 22.38 -2.15 -50.75
N ILE C 500 21.25 -1.75 -51.34
CA ILE C 500 20.89 -0.34 -51.49
C ILE C 500 19.95 0.01 -50.35
N ILE C 501 20.43 0.81 -49.40
CA ILE C 501 19.61 1.31 -48.31
C ILE C 501 19.11 2.68 -48.73
N GLU C 502 17.80 2.79 -48.93
CA GLU C 502 17.19 4.05 -49.32
C GLU C 502 16.63 4.77 -48.09
N ARG C 503 15.86 5.81 -48.36
CA ARG C 503 15.14 6.53 -47.33
C ARG C 503 13.80 6.98 -47.89
N THR C 504 12.84 7.22 -46.99
CA THR C 504 11.51 7.62 -47.40
C THR C 504 11.58 8.93 -48.16
N PRO C 505 10.87 9.05 -49.29
CA PRO C 505 10.95 10.30 -50.08
C PRO C 505 10.47 11.51 -49.29
N ASN C 506 11.18 12.63 -49.50
CA ASN C 506 10.87 13.91 -48.86
C ASN C 506 10.87 13.80 -47.34
N LEU C 507 11.92 13.21 -46.77
CA LEU C 507 12.01 13.06 -45.33
C LEU C 507 13.45 12.73 -44.95
N GLY C 508 14.01 13.53 -44.08
CA GLY C 508 15.29 13.22 -43.49
C GLY C 508 16.43 14.07 -44.02
N LEU C 509 17.50 14.14 -43.25
CA LEU C 509 18.74 14.78 -43.65
C LEU C 509 19.87 13.80 -43.39
N PRO C 510 20.79 13.60 -44.34
CA PRO C 510 21.84 12.60 -44.14
C PRO C 510 22.83 13.02 -43.08
N GLN C 511 23.08 12.13 -42.12
CA GLN C 511 24.15 12.35 -41.16
C GLN C 511 25.50 12.27 -41.85
N GLY C 512 26.48 12.94 -41.28
CA GLY C 512 27.80 12.94 -41.87
C GLY C 512 27.96 13.80 -43.10
N SER C 513 27.20 14.88 -43.22
CA SER C 513 27.27 15.84 -44.30
C SER C 513 27.45 17.24 -43.73
N PRO C 514 28.07 18.17 -44.46
CA PRO C 514 28.32 19.50 -43.86
C PRO C 514 27.11 20.40 -43.85
N LEU C 515 26.18 20.26 -44.80
CA LEU C 515 25.00 21.13 -44.83
C LEU C 515 24.00 20.77 -43.73
N SER C 516 24.03 19.54 -43.24
CA SER C 516 23.00 19.08 -42.33
C SER C 516 22.98 19.78 -40.98
N PRO C 517 24.10 19.94 -40.24
CA PRO C 517 23.98 20.65 -38.96
C PRO C 517 23.57 22.10 -39.12
N LEU C 518 23.94 22.74 -40.23
CA LEU C 518 23.52 24.12 -40.46
C LEU C 518 22.02 24.19 -40.75
N LEU C 519 21.51 23.30 -41.60
CA LEU C 519 20.11 23.38 -42.02
C LEU C 519 19.16 22.68 -41.05
N ALA C 520 19.67 21.96 -40.06
CA ALA C 520 18.78 21.30 -39.12
C ALA C 520 18.24 22.28 -38.08
N ASN C 521 19.13 23.03 -37.42
CA ASN C 521 18.71 24.00 -36.43
C ASN C 521 18.17 25.28 -37.05
N PHE C 522 18.26 25.42 -38.37
CA PHE C 522 17.62 26.54 -39.04
C PHE C 522 16.11 26.40 -39.04
N ILE C 523 15.60 25.17 -39.02
CA ILE C 523 14.16 24.94 -39.12
C ILE C 523 13.73 24.04 -37.95
N LEU C 524 14.45 24.16 -36.84
CA LEU C 524 14.13 23.34 -35.66
C LEU C 524 12.80 23.75 -35.04
N ASP C 525 12.48 25.06 -35.07
CA ASP C 525 11.29 25.56 -34.38
C ASP C 525 10.02 24.91 -34.88
N ASP C 526 10.00 24.45 -36.13
CA ASP C 526 8.82 23.83 -36.72
C ASP C 526 8.43 22.54 -36.03
N PHE C 527 9.30 21.97 -35.19
CA PHE C 527 8.94 20.78 -34.44
C PHE C 527 8.17 21.09 -33.16
N ASP C 528 8.00 22.37 -32.80
CA ASP C 528 7.50 22.71 -31.47
C ASP C 528 6.11 22.13 -31.23
N SER C 529 5.21 22.27 -32.22
CA SER C 529 3.89 21.67 -32.10
C SER C 529 3.97 20.17 -31.95
N ASP C 530 4.86 19.54 -32.73
CA ASP C 530 5.03 18.09 -32.62
C ASP C 530 5.74 17.72 -31.33
N LEU C 531 6.40 18.68 -30.67
CA LEU C 531 6.88 18.42 -29.33
C LEU C 531 5.84 18.78 -28.28
N GLU C 532 4.88 19.63 -28.65
CA GLU C 532 3.87 20.05 -27.69
C GLU C 532 2.85 18.93 -27.45
N THR C 533 2.42 18.25 -28.51
CA THR C 533 1.44 17.19 -28.38
C THR C 533 1.98 16.03 -27.56
N HIS C 534 3.28 15.78 -27.62
CA HIS C 534 3.88 14.67 -26.90
C HIS C 534 4.50 15.08 -25.58
N GLY C 535 4.26 16.31 -25.12
CA GLY C 535 4.76 16.74 -23.83
C GLY C 535 6.25 17.01 -23.79
N PHE C 536 6.80 17.64 -24.82
CA PHE C 536 8.20 18.01 -24.87
C PHE C 536 8.34 19.51 -25.11
N LYS C 537 9.38 20.11 -24.55
CA LYS C 537 9.63 21.53 -24.66
C LYS C 537 11.13 21.74 -24.86
N ILE C 538 11.49 22.75 -25.64
CA ILE C 538 12.89 23.08 -25.88
C ILE C 538 13.13 24.53 -25.47
N ILE C 539 14.20 24.74 -24.71
CA ILE C 539 14.58 26.06 -24.23
C ILE C 539 15.91 26.43 -24.88
N ARG C 540 15.94 27.56 -25.56
CA ARG C 540 17.11 27.97 -26.34
C ARG C 540 17.89 29.06 -25.60
N PHE C 541 19.22 28.96 -25.68
CA PHE C 541 20.13 29.92 -25.07
C PHE C 541 21.52 29.67 -25.64
N ALA C 542 22.22 30.76 -25.98
CA ALA C 542 23.65 30.74 -26.31
C ALA C 542 23.99 29.67 -27.35
N ASP C 543 23.44 29.84 -28.55
CA ASP C 543 23.51 28.92 -29.69
C ASP C 543 23.32 27.46 -29.30
N ASP C 544 22.46 27.22 -28.33
CA ASP C 544 22.26 25.89 -27.76
C ASP C 544 20.81 25.80 -27.31
N PHE C 545 20.41 24.60 -26.88
CA PHE C 545 19.08 24.41 -26.34
C PHE C 545 19.11 23.28 -25.32
N ILE C 546 17.95 23.00 -24.75
CA ILE C 546 17.79 21.95 -23.75
C ILE C 546 16.39 21.38 -23.86
N ILE C 547 16.25 20.08 -23.60
CA ILE C 547 15.02 19.33 -23.84
C ILE C 547 14.38 18.97 -22.51
N LEU C 548 13.09 19.25 -22.39
CA LEU C 548 12.31 19.09 -21.18
C LEU C 548 11.12 18.19 -21.49
N CYS C 549 10.83 17.24 -20.61
CA CYS C 549 9.75 16.30 -20.84
C CYS C 549 9.06 15.90 -19.56
N LYS C 550 7.79 15.51 -19.68
CA LYS C 550 6.99 15.11 -18.54
C LYS C 550 7.28 13.67 -18.13
N SER C 551 7.32 12.75 -19.09
CA SER C 551 7.52 11.34 -18.80
C SER C 551 8.31 10.67 -19.91
N GLN C 552 8.82 9.48 -19.60
CA GLN C 552 9.75 8.76 -20.45
C GLN C 552 9.21 7.44 -21.00
N HIS C 553 7.91 7.35 -21.31
CA HIS C 553 7.37 6.07 -21.76
C HIS C 553 7.30 6.01 -23.29
N GLU C 554 6.90 7.11 -23.94
CA GLU C 554 6.85 7.11 -25.39
C GLU C 554 8.23 6.95 -26.01
N ALA C 555 9.24 7.52 -25.35
CA ALA C 555 10.62 7.35 -25.82
C ALA C 555 11.02 5.88 -25.81
N GLN C 556 10.70 5.17 -24.73
CA GLN C 556 11.10 3.76 -24.64
C GLN C 556 10.28 2.91 -25.60
N GLN C 557 9.00 3.24 -25.80
CA GLN C 557 8.24 2.49 -26.80
C GLN C 557 8.75 2.73 -28.21
N ALA C 558 9.15 3.96 -28.53
CA ALA C 558 9.73 4.21 -29.85
C ALA C 558 11.05 3.46 -30.03
N ALA C 559 11.89 3.44 -28.98
CA ALA C 559 13.14 2.70 -29.07
C ALA C 559 12.91 1.21 -29.26
N HIS C 560 11.94 0.65 -28.53
CA HIS C 560 11.66 -0.77 -28.65
C HIS C 560 11.03 -1.11 -30.00
N ALA C 561 10.22 -0.22 -30.56
CA ALA C 561 9.69 -0.44 -31.90
C ALA C 561 10.81 -0.43 -32.93
N VAL C 562 11.74 0.51 -32.81
CA VAL C 562 12.86 0.58 -33.75
C VAL C 562 13.74 -0.66 -33.66
N GLU C 563 14.02 -1.14 -32.45
CA GLU C 563 14.84 -2.33 -32.30
C GLU C 563 14.19 -3.55 -32.94
N GLN C 564 12.88 -3.73 -32.72
CA GLN C 564 12.18 -4.86 -33.34
C GLN C 564 12.20 -4.74 -34.85
N SER C 565 11.97 -3.53 -35.37
CA SER C 565 11.97 -3.36 -36.82
C SER C 565 13.33 -3.70 -37.43
N LEU C 566 14.41 -3.29 -36.75
CA LEU C 566 15.74 -3.63 -37.27
C LEU C 566 16.01 -5.12 -37.21
N LYS C 567 15.51 -5.80 -36.17
CA LYS C 567 15.68 -7.26 -36.10
C LYS C 567 14.94 -7.97 -37.23
N GLU C 568 13.70 -7.53 -37.52
CA GLU C 568 12.97 -8.13 -38.64
C GLU C 568 13.65 -7.83 -39.97
N VAL C 569 14.24 -6.64 -40.12
CA VAL C 569 14.92 -6.32 -41.37
C VAL C 569 16.16 -7.20 -41.55
N LYS C 570 16.91 -7.44 -40.47
CA LYS C 570 18.06 -8.33 -40.58
C LYS C 570 17.64 -9.76 -40.90
N LEU C 571 16.54 -10.23 -40.29
CA LEU C 571 16.03 -11.56 -40.61
C LEU C 571 15.64 -11.66 -42.08
N SER C 572 14.97 -10.64 -42.61
CA SER C 572 14.55 -10.69 -44.00
C SER C 572 15.69 -10.38 -44.96
N ILE C 573 16.81 -9.87 -44.46
CA ILE C 573 18.03 -9.88 -45.25
C ILE C 573 18.52 -11.31 -45.42
N ASN C 574 18.63 -12.03 -44.30
CA ASN C 574 19.34 -13.31 -44.33
C ASN C 574 18.47 -14.43 -44.87
N VAL C 575 17.15 -14.26 -44.89
CA VAL C 575 16.27 -15.36 -45.26
C VAL C 575 15.74 -15.20 -46.69
N GLU C 576 15.03 -14.11 -46.96
CA GLU C 576 14.35 -13.96 -48.25
C GLU C 576 15.21 -13.30 -49.31
N LYS C 577 16.48 -13.03 -49.01
CA LYS C 577 17.45 -12.49 -49.96
C LYS C 577 16.98 -11.17 -50.57
N THR C 578 16.52 -10.27 -49.71
CA THR C 578 16.12 -8.94 -50.14
C THR C 578 17.36 -8.12 -50.49
N HIS C 579 17.21 -7.18 -51.43
CA HIS C 579 18.35 -6.43 -51.93
C HIS C 579 18.18 -4.92 -51.88
N ILE C 580 16.96 -4.39 -51.94
CA ILE C 580 16.70 -2.97 -51.77
C ILE C 580 15.92 -2.80 -50.48
N ILE C 581 16.53 -2.13 -49.50
CA ILE C 581 15.94 -1.97 -48.18
C ILE C 581 15.62 -0.50 -47.99
N GLN C 582 14.38 -0.19 -47.66
CA GLN C 582 13.96 1.18 -47.40
C GLN C 582 13.72 1.34 -45.90
N LEU C 583 14.56 2.13 -45.25
CA LEU C 583 14.41 2.41 -43.83
C LEU C 583 13.80 3.78 -43.65
N ASN C 584 12.91 3.92 -42.66
CA ASN C 584 12.42 5.24 -42.29
C ASN C 584 13.20 5.80 -41.12
N GLN C 585 13.55 4.95 -40.15
CA GLN C 585 14.25 5.37 -38.94
C GLN C 585 15.42 4.43 -38.68
N GLY C 586 16.20 4.76 -37.67
CA GLY C 586 17.21 3.84 -37.16
C GLY C 586 18.54 3.85 -37.89
N PHE C 587 18.89 4.93 -38.58
CA PHE C 587 20.14 4.95 -39.35
C PHE C 587 21.37 4.90 -38.45
N ARG C 588 21.25 5.36 -37.20
CA ARG C 588 22.40 5.36 -36.30
C ARG C 588 22.91 3.95 -36.04
N PHE C 589 21.99 2.98 -36.00
CA PHE C 589 22.35 1.57 -35.86
C PHE C 589 22.40 0.86 -37.20
N LEU C 590 22.75 1.58 -38.27
CA LEU C 590 22.86 0.99 -39.59
C LEU C 590 23.95 -0.07 -39.66
N GLY C 591 24.89 -0.08 -38.72
CA GLY C 591 25.88 -1.14 -38.69
C GLY C 591 25.30 -2.45 -38.20
N TYR C 592 24.19 -2.39 -37.45
CA TYR C 592 23.65 -3.59 -36.82
C TYR C 592 23.22 -4.61 -37.87
N LEU C 593 22.74 -4.15 -39.02
CA LEU C 593 22.29 -5.07 -40.06
C LEU C 593 23.44 -5.91 -40.60
N PHE C 594 24.69 -5.44 -40.46
CA PHE C 594 25.80 -6.08 -41.13
C PHE C 594 26.87 -6.61 -40.19
N ARG C 595 26.92 -6.16 -38.95
CA ARG C 595 27.94 -6.63 -38.02
C ARG C 595 27.42 -6.66 -36.59
N THR C 620 0.94 2.06 -33.70
CA THR C 620 0.87 3.45 -34.15
C THR C 620 2.26 4.00 -34.43
N ASN C 621 2.34 5.08 -35.20
CA ASN C 621 3.60 5.69 -35.57
C ASN C 621 3.98 6.78 -34.58
N LEU C 622 5.20 6.72 -34.10
CA LEU C 622 5.76 7.80 -33.32
C LEU C 622 6.81 8.53 -34.15
N PRO C 623 6.96 9.84 -33.97
CA PRO C 623 7.89 10.59 -34.79
C PRO C 623 9.32 10.10 -34.59
N PRO C 624 10.15 10.16 -35.63
CA PRO C 624 11.45 9.48 -35.57
C PRO C 624 12.43 10.10 -34.59
N TRP C 625 12.20 11.31 -34.09
CA TRP C 625 13.10 11.85 -33.08
C TRP C 625 12.85 11.24 -31.70
N LEU C 626 11.66 10.68 -31.48
CA LEU C 626 11.37 10.03 -30.20
C LEU C 626 12.28 8.84 -29.97
N ALA C 627 12.55 8.05 -31.01
CA ALA C 627 13.45 6.92 -30.85
C ALA C 627 14.86 7.37 -30.48
N ASN C 628 15.36 8.41 -31.16
CA ASN C 628 16.71 8.87 -30.90
C ASN C 628 16.83 9.47 -29.50
N LEU C 629 15.76 10.09 -29.01
CA LEU C 629 15.75 10.50 -27.60
C LEU C 629 15.71 9.28 -26.69
N GLY C 630 14.98 8.24 -27.08
CA GLY C 630 14.79 7.10 -26.20
C GLY C 630 16.02 6.23 -26.08
N THR C 631 16.97 6.37 -27.01
CA THR C 631 18.24 5.66 -26.87
C THR C 631 19.05 6.23 -25.71
N LYS C 632 18.71 7.42 -25.23
CA LYS C 632 19.41 8.01 -24.10
C LYS C 632 18.65 7.73 -22.80
N SER C 633 19.32 8.04 -21.67
CA SER C 633 18.70 7.97 -20.36
C SER C 633 18.61 9.37 -19.76
N PRO C 634 17.41 9.86 -19.44
CA PRO C 634 17.29 11.26 -19.02
C PRO C 634 17.79 11.48 -17.61
N GLN C 635 17.75 12.74 -17.21
CA GLN C 635 18.12 13.16 -15.86
C GLN C 635 17.03 14.07 -15.31
N PRO C 636 16.77 14.05 -14.01
CA PRO C 636 15.91 15.07 -13.42
C PRO C 636 16.67 16.38 -13.29
N LEU C 637 15.94 17.44 -12.97
CA LEU C 637 16.53 18.78 -12.87
C LEU C 637 17.59 18.87 -11.79
N LYS C 644 11.66 24.51 2.80
CA LYS C 644 11.62 23.31 3.64
C LYS C 644 12.52 22.22 3.08
N LYS C 645 13.76 22.56 2.79
CA LYS C 645 14.68 21.67 2.07
C LYS C 645 14.97 20.45 2.94
N SER C 646 14.37 19.33 2.59
CA SER C 646 14.57 18.08 3.32
C SER C 646 15.94 17.50 3.02
N TYR C 647 16.40 16.57 3.87
CA TYR C 647 17.80 16.16 3.83
C TYR C 647 18.01 14.66 4.03
N GLY C 648 17.04 13.82 3.71
CA GLY C 648 17.29 12.40 3.75
C GLY C 648 16.07 11.63 4.21
N GLN C 649 16.24 10.33 4.35
CA GLN C 649 15.15 9.42 4.71
C GLN C 649 14.99 9.34 6.22
N ILE C 650 13.73 9.30 6.67
CA ILE C 650 13.42 9.33 8.09
C ILE C 650 14.10 8.18 8.81
N GLU C 651 14.39 8.38 10.09
CA GLU C 651 15.07 7.39 10.89
C GLU C 651 14.07 6.57 11.71
N THR C 652 14.61 5.76 12.62
CA THR C 652 13.77 4.91 13.44
C THR C 652 12.89 5.72 14.38
N GLN C 653 13.43 6.82 14.94
CA GLN C 653 12.73 7.55 15.97
C GLN C 653 11.90 8.70 15.40
N GLY C 654 12.34 9.28 14.29
CA GLY C 654 11.56 10.30 13.62
C GLY C 654 12.46 11.32 12.95
N THR C 655 11.84 12.44 12.58
CA THR C 655 12.53 13.52 11.87
C THR C 655 12.87 14.65 12.83
N HIS C 656 14.01 15.29 12.58
CA HIS C 656 14.56 16.29 13.50
C HIS C 656 14.37 17.68 12.89
N LEU C 657 13.25 18.30 13.22
CA LEU C 657 12.93 19.63 12.69
C LEU C 657 13.93 20.66 13.20
N VAL C 658 14.31 21.58 12.32
CA VAL C 658 15.20 22.68 12.66
C VAL C 658 14.56 23.97 12.17
N LEU C 659 14.72 25.05 12.93
CA LEU C 659 14.25 26.37 12.52
C LEU C 659 15.41 27.35 12.62
N ALA C 660 16.24 27.39 11.58
CA ALA C 660 17.33 28.36 11.49
C ALA C 660 17.00 29.53 10.60
N GLY C 661 15.73 29.71 10.24
CA GLY C 661 15.32 30.71 9.28
C GLY C 661 15.22 32.10 9.88
N ASP C 662 14.13 32.78 9.56
CA ASP C 662 13.90 34.16 9.98
C ASP C 662 12.48 34.32 10.52
N ALA C 663 12.36 34.38 11.84
CA ALA C 663 11.16 34.85 12.53
C ALA C 663 9.94 33.97 12.27
N GLN C 664 10.07 32.67 12.51
CA GLN C 664 8.92 31.78 12.40
C GLN C 664 8.09 31.80 13.68
N ILE C 665 6.85 31.33 13.57
CA ILE C 665 5.92 31.31 14.71
C ILE C 665 5.24 29.95 14.79
N ILE C 666 5.72 29.08 15.67
CA ILE C 666 5.17 27.74 15.79
C ILE C 666 3.85 27.79 16.54
N THR C 667 2.83 27.11 16.01
CA THR C 667 1.55 26.93 16.68
C THR C 667 1.13 25.48 16.54
N THR C 668 0.00 25.13 17.15
CA THR C 668 -0.39 23.72 17.25
C THR C 668 -1.80 23.50 16.73
N ASP C 669 -2.12 22.22 16.54
CA ASP C 669 -3.41 21.77 16.06
C ASP C 669 -4.08 20.88 17.10
N ASN C 670 -3.32 20.47 18.12
CA ASN C 670 -3.49 19.38 19.08
C ASN C 670 -3.15 18.04 18.44
N GLN C 671 -2.84 18.02 17.14
CA GLN C 671 -2.46 16.79 16.46
C GLN C 671 -1.23 17.07 15.59
N ASN C 672 -1.07 18.32 15.18
CA ASN C 672 -0.03 18.71 14.24
C ASN C 672 0.66 19.98 14.71
N LEU C 673 1.86 20.20 14.19
CA LEU C 673 2.65 21.39 14.46
C LEU C 673 2.74 22.22 13.20
N ILE C 674 2.27 23.46 13.27
CA ILE C 674 2.13 24.34 12.11
C ILE C 674 3.10 25.51 12.27
N VAL C 675 3.87 25.79 11.22
CA VAL C 675 4.87 26.85 11.27
C VAL C 675 4.44 27.95 10.32
N LYS C 676 3.99 29.08 10.88
CA LYS C 676 3.46 30.18 10.09
C LYS C 676 4.41 31.37 10.15
N LYS C 677 4.81 31.86 8.99
CA LYS C 677 5.58 33.10 8.87
C LYS C 677 4.68 34.15 8.24
N ASP C 678 4.36 35.19 9.02
CA ASP C 678 3.50 36.29 8.56
C ASP C 678 2.17 35.77 8.01
N ASP C 679 1.54 34.87 8.76
CA ASP C 679 0.28 34.23 8.40
C ASP C 679 0.36 33.44 7.10
N LYS C 680 1.55 32.94 6.77
CA LYS C 680 1.77 32.03 5.66
C LYS C 680 2.23 30.70 6.22
N ILE C 681 1.49 29.63 5.93
CA ILE C 681 1.82 28.33 6.49
C ILE C 681 3.02 27.75 5.74
N THR C 682 4.04 27.33 6.49
CA THR C 682 5.24 26.77 5.90
C THR C 682 5.36 25.26 6.12
N HIS C 683 4.77 24.72 7.18
CA HIS C 683 4.85 23.29 7.41
C HIS C 683 3.75 22.90 8.40
N LYS C 684 3.27 21.65 8.27
CA LYS C 684 2.18 21.11 9.08
C LYS C 684 2.54 19.69 9.55
N ILE C 685 3.70 19.57 10.19
CA ILE C 685 4.26 18.24 10.51
C ILE C 685 3.40 17.56 11.57
N SER C 686 3.22 16.24 11.42
CA SER C 686 2.45 15.50 12.41
C SER C 686 3.27 15.24 13.66
N LEU C 687 2.59 15.16 14.80
CA LEU C 687 3.28 14.94 16.07
C LEU C 687 3.75 13.51 16.24
N GLU C 688 3.32 12.59 15.39
CA GLU C 688 3.75 11.20 15.47
C GLU C 688 5.08 10.94 14.78
N GLN C 689 5.58 11.90 14.00
CA GLN C 689 6.84 11.73 13.29
C GLN C 689 7.93 12.66 13.81
N LEU C 690 7.59 13.61 14.67
CA LEU C 690 8.55 14.58 15.16
C LEU C 690 9.43 13.94 16.23
N HIS C 691 10.72 14.28 16.20
CA HIS C 691 11.70 13.69 17.10
C HIS C 691 12.30 14.69 18.08
N ALA C 692 12.63 15.87 17.60
CA ALA C 692 13.12 16.98 18.42
C ALA C 692 12.80 18.26 17.66
N VAL C 693 13.27 19.39 18.16
CA VAL C 693 13.21 20.65 17.43
C VAL C 693 14.19 21.66 18.02
N THR C 694 14.91 22.35 17.15
CA THR C 694 15.91 23.34 17.51
C THR C 694 15.46 24.71 17.03
N LEU C 695 15.63 25.72 17.88
CA LEU C 695 15.17 27.08 17.57
C LEU C 695 16.36 28.03 17.65
N ILE C 696 16.98 28.30 16.51
CA ILE C 696 18.09 29.23 16.41
C ILE C 696 17.53 30.53 15.84
N GLY C 697 17.59 31.60 16.63
CA GLY C 697 17.06 32.88 16.19
C GLY C 697 16.05 33.48 17.15
N LEU C 698 14.99 34.10 16.61
CA LEU C 698 13.96 34.79 17.37
C LEU C 698 12.60 34.16 17.13
N HIS C 699 12.53 32.84 17.22
CA HIS C 699 11.33 32.10 16.93
C HIS C 699 10.43 32.00 18.16
N THR C 700 9.13 32.01 17.92
CA THR C 700 8.12 31.96 18.97
C THR C 700 7.61 30.54 19.14
N MET C 701 7.00 30.24 20.28
CA MET C 701 6.31 28.98 20.48
C MET C 701 5.14 29.22 21.42
N THR C 702 3.92 29.07 20.92
CA THR C 702 2.74 29.30 21.72
C THR C 702 2.69 28.31 22.88
N LEU C 703 2.11 28.73 24.00
CA LEU C 703 2.15 27.91 25.21
C LEU C 703 1.41 26.58 25.07
N PRO C 704 0.21 26.48 24.46
CA PRO C 704 -0.36 25.14 24.24
C PRO C 704 0.52 24.22 23.40
N ALA C 705 1.30 24.77 22.47
CA ALA C 705 2.28 23.94 21.79
C ALA C 705 3.32 23.42 22.78
N LYS C 706 3.71 24.23 23.76
CA LYS C 706 4.62 23.75 24.80
C LYS C 706 3.96 22.66 25.62
N HIS C 707 2.67 22.78 25.92
CA HIS C 707 1.97 21.71 26.64
C HIS C 707 1.99 20.41 25.84
N ARG C 708 1.73 20.49 24.53
CA ARG C 708 1.71 19.28 23.70
C ARG C 708 3.10 18.64 23.56
N LEU C 709 4.14 19.46 23.38
CA LEU C 709 5.47 18.87 23.25
C LEU C 709 6.02 18.42 24.60
N LEU C 710 5.47 18.92 25.71
CA LEU C 710 5.91 18.43 27.01
C LEU C 710 5.15 17.17 27.41
N GLU C 711 3.95 16.98 26.86
CA GLU C 711 3.24 15.72 27.10
C GLU C 711 3.89 14.57 26.34
N HIS C 712 4.21 14.78 25.06
CA HIS C 712 4.81 13.74 24.23
C HIS C 712 6.30 13.56 24.48
N LYS C 713 6.87 14.33 25.39
CA LYS C 713 8.29 14.23 25.76
C LYS C 713 9.20 14.43 24.55
N ILE C 714 8.91 15.48 23.78
CA ILE C 714 9.73 15.87 22.64
C ILE C 714 10.64 17.02 23.08
N PRO C 715 11.95 16.85 23.05
CA PRO C 715 12.83 17.95 23.45
C PRO C 715 12.75 19.11 22.47
N VAL C 716 12.99 20.31 22.99
CA VAL C 716 13.22 21.50 22.18
C VAL C 716 14.37 22.30 22.76
N HIS C 717 15.33 22.65 21.92
CA HIS C 717 16.50 23.41 22.34
C HIS C 717 16.45 24.81 21.77
N ILE C 718 16.98 25.76 22.52
CA ILE C 718 16.86 27.16 22.15
C ILE C 718 18.26 27.75 22.01
N ALA C 719 18.40 28.73 21.12
CA ALA C 719 19.64 29.49 21.01
C ALA C 719 19.29 30.86 20.48
N ASP C 720 20.31 31.68 20.24
CA ASP C 720 20.13 33.02 19.72
C ASP C 720 20.89 33.19 18.41
N ARG C 721 20.67 34.34 17.77
CA ARG C 721 21.20 34.59 16.44
C ARG C 721 22.73 34.54 16.41
N THR C 722 23.38 34.92 17.50
CA THR C 722 24.82 34.80 17.58
C THR C 722 25.26 33.33 17.55
N GLY C 723 24.42 32.43 18.04
CA GLY C 723 24.68 31.01 18.02
C GLY C 723 25.01 30.40 19.37
N ARG C 724 25.27 31.21 20.39
CA ARG C 724 25.53 30.65 21.72
C ARG C 724 24.30 29.96 22.26
N TYR C 725 24.50 28.97 23.11
CA TYR C 725 23.40 28.17 23.60
C TYR C 725 22.71 28.87 24.75
N LEU C 726 21.40 28.65 24.88
CA LEU C 726 20.61 29.25 25.95
C LEU C 726 20.05 28.20 26.90
N GLY C 727 19.27 27.24 26.41
CA GLY C 727 18.64 26.28 27.29
C GLY C 727 17.77 25.32 26.52
N ALA C 728 16.94 24.60 27.27
CA ALA C 728 16.11 23.55 26.71
C ALA C 728 14.81 23.46 27.47
N VAL C 729 13.78 22.93 26.82
CA VAL C 729 12.49 22.68 27.47
C VAL C 729 12.37 21.17 27.61
N THR C 730 12.78 20.63 28.77
CA THR C 730 12.78 19.20 29.00
C THR C 730 11.92 18.88 30.20
N SER C 731 11.45 17.63 30.25
CA SER C 731 10.65 17.13 31.35
C SER C 731 11.46 16.14 32.16
N PHE C 732 11.13 16.01 33.45
CA PHE C 732 11.86 15.16 34.36
C PHE C 732 11.08 13.92 34.79
N GLN C 733 9.97 13.63 34.15
CA GLN C 733 9.35 12.33 34.36
C GLN C 733 9.88 11.34 33.33
N PRO C 734 10.16 10.10 33.72
CA PRO C 734 10.81 9.17 32.80
C PRO C 734 9.87 8.68 31.71
N ALA C 735 10.34 7.73 30.91
CA ALA C 735 9.62 7.29 29.73
C ALA C 735 8.26 6.72 30.08
N GLN C 736 8.22 5.63 30.85
CA GLN C 736 6.98 4.99 31.23
C GLN C 736 6.79 4.99 32.74
N ASN C 737 7.38 5.99 33.40
CA ASN C 737 7.50 6.18 34.85
C ASN C 737 8.50 5.19 35.46
N ASN C 738 9.21 4.41 34.66
CA ASN C 738 10.21 3.49 35.18
C ASN C 738 11.48 4.27 35.47
N TYR C 739 11.75 4.51 36.75
CA TYR C 739 12.95 5.23 37.18
C TYR C 739 14.18 4.33 37.26
N LYS C 740 14.17 3.18 36.60
CA LYS C 740 15.26 2.23 36.75
C LYS C 740 16.54 2.75 36.14
N ASN C 741 16.53 3.04 34.84
CA ASN C 741 17.75 3.41 34.13
C ASN C 741 18.31 4.72 34.63
N TRP C 742 17.45 5.67 35.00
CA TRP C 742 17.94 6.93 35.55
C TRP C 742 18.67 6.71 36.86
N PHE C 743 18.12 5.88 37.75
CA PHE C 743 18.78 5.60 39.01
C PHE C 743 20.10 4.88 38.79
N ILE C 744 20.14 3.95 37.83
CA ILE C 744 21.39 3.27 37.50
C ILE C 744 22.44 4.27 37.04
N GLN C 745 22.04 5.20 36.17
CA GLN C 745 22.99 6.19 35.64
C GLN C 745 23.49 7.12 36.75
N LEU C 746 22.59 7.57 37.61
CA LEU C 746 22.99 8.50 38.66
C LEU C 746 23.88 7.83 39.69
N GLN C 747 23.69 6.53 39.93
CA GLN C 747 24.66 5.80 40.74
C GLN C 747 26.00 5.72 40.03
N MET C 748 26.00 5.30 38.77
CA MET C 748 27.24 4.89 38.13
C MET C 748 28.12 6.06 37.77
N CYS C 749 27.52 7.24 37.53
CA CYS C 749 28.31 8.35 37.01
C CYS C 749 29.26 8.93 38.05
N ASP C 750 28.97 8.74 39.35
CA ASP C 750 29.85 9.32 40.36
C ASP C 750 30.80 8.30 40.97
N ARG C 751 30.72 7.03 40.54
CA ARG C 751 31.75 6.07 40.91
C ARG C 751 33.08 6.50 40.31
N GLU C 752 34.14 6.48 41.12
CA GLU C 752 35.36 7.14 40.68
C GLU C 752 36.15 6.34 39.65
N PRO C 753 36.43 5.04 39.83
CA PRO C 753 37.24 4.34 38.80
C PRO C 753 36.55 4.24 37.45
N PHE C 754 35.26 3.93 37.43
CA PHE C 754 34.50 3.82 36.20
C PHE C 754 34.48 5.14 35.43
N ALA C 755 34.09 6.22 36.12
CA ALA C 755 34.03 7.53 35.47
C ALA C 755 35.42 8.00 35.04
N HIS C 756 36.45 7.68 35.83
CA HIS C 756 37.80 8.04 35.44
C HIS C 756 38.24 7.30 34.19
N ALA C 757 37.90 6.03 34.07
CA ALA C 757 38.27 5.27 32.87
C ALA C 757 37.60 5.84 31.64
N ILE C 758 36.29 6.12 31.72
CA ILE C 758 35.62 6.69 30.56
C ILE C 758 36.10 8.11 30.23
N ALA C 759 36.36 8.94 31.23
CA ALA C 759 36.91 10.27 30.94
C ALA C 759 38.31 10.19 30.32
N GLN C 760 39.13 9.24 30.76
CA GLN C 760 40.44 9.03 30.13
C GLN C 760 40.28 8.62 28.68
N GLN C 761 39.32 7.73 28.40
CA GLN C 761 39.06 7.33 27.02
C GLN C 761 38.64 8.53 26.16
N ILE C 762 37.74 9.36 26.68
CA ILE C 762 37.24 10.49 25.89
C ILE C 762 38.35 11.50 25.63
N VAL C 763 39.20 11.76 26.63
CA VAL C 763 40.30 12.70 26.44
C VAL C 763 41.32 12.15 25.45
N ILE C 764 41.61 10.85 25.53
CA ILE C 764 42.61 10.29 24.61
C ILE C 764 42.06 10.31 23.18
N SER C 765 40.76 10.09 23.02
CA SER C 765 40.14 10.16 21.69
C SER C 765 40.21 11.56 21.13
N ARG C 766 39.90 12.56 21.96
CA ARG C 766 39.92 13.95 21.50
C ARG C 766 41.32 14.38 21.07
N ILE C 767 42.33 14.02 21.86
CA ILE C 767 43.69 14.45 21.51
C ILE C 767 44.20 13.71 20.27
N HIS C 768 43.83 12.43 20.12
CA HIS C 768 44.21 11.72 18.90
C HIS C 768 43.55 12.33 17.67
N ASN C 769 42.27 12.69 17.77
CA ASN C 769 41.57 13.32 16.65
C ASN C 769 42.18 14.67 16.28
N GLN C 770 42.56 15.46 17.30
CA GLN C 770 43.19 16.75 17.02
C GLN C 770 44.55 16.57 16.33
N ARG C 771 45.35 15.63 16.81
CA ARG C 771 46.63 15.35 16.14
C ARG C 771 46.40 14.92 14.71
N GLN C 772 45.37 14.13 14.45
CA GLN C 772 45.13 13.65 13.10
C GLN C 772 44.69 14.78 12.18
N THR C 773 43.79 15.63 12.64
CA THR C 773 43.34 16.76 11.83
C THR C 773 44.48 17.75 11.54
N LEU C 774 45.43 17.92 12.46
CA LEU C 774 46.61 18.72 12.14
C LEU C 774 47.61 17.98 11.26
N LEU C 775 47.31 16.74 10.87
CA LEU C 775 48.28 15.91 10.16
C LEU C 775 47.98 15.79 8.68
N LYS C 776 46.80 16.22 8.23
CA LYS C 776 46.41 16.09 6.83
C LYS C 776 46.59 17.37 6.03
N ARG C 777 47.31 18.35 6.56
CA ARG C 777 47.68 19.55 5.80
C ARG C 777 49.14 19.42 5.39
N LYS C 778 49.34 18.86 4.19
CA LYS C 778 50.70 18.53 3.74
C LYS C 778 51.54 19.79 3.57
N ALA C 779 50.99 20.82 2.93
CA ALA C 779 51.81 21.95 2.47
C ALA C 779 52.41 22.72 3.63
N HIS C 780 51.86 22.56 4.83
CA HIS C 780 52.34 23.27 6.00
C HIS C 780 53.08 22.37 6.99
N ARG C 781 53.56 21.21 6.53
CA ARG C 781 54.14 20.22 7.44
C ARG C 781 55.33 20.79 8.20
N LYS C 782 56.22 21.52 7.51
CA LYS C 782 57.37 22.12 8.18
C LYS C 782 56.93 23.08 9.29
N GLN C 783 55.81 23.78 9.07
CA GLN C 783 55.34 24.70 10.09
C GLN C 783 54.68 23.96 11.25
N LEU C 784 54.24 22.73 11.00
CA LEU C 784 53.41 22.01 11.96
C LEU C 784 54.09 20.79 12.55
N GLN C 785 55.41 20.70 12.49
CA GLN C 785 56.07 19.52 13.06
C GLN C 785 56.08 19.59 14.58
N GLN C 786 56.73 20.63 15.13
CA GLN C 786 56.95 20.71 16.58
C GLN C 786 55.64 20.64 17.35
N THR C 787 54.64 21.41 16.93
CA THR C 787 53.33 21.39 17.59
C THR C 787 52.79 19.98 17.69
N LEU C 788 52.84 19.22 16.59
CA LEU C 788 52.35 17.85 16.63
C LEU C 788 53.09 17.05 17.69
N SER C 789 54.42 17.18 17.74
CA SER C 789 55.20 16.45 18.73
C SER C 789 54.74 16.83 20.14
N ASN C 790 54.48 18.12 20.38
CA ASN C 790 54.03 18.54 21.70
C ASN C 790 52.69 17.91 22.04
N LEU C 791 51.77 17.84 21.07
CA LEU C 791 50.50 17.16 21.33
C LEU C 791 50.75 15.71 21.69
N LYS C 792 51.71 15.06 21.01
CA LYS C 792 52.06 13.69 21.36
C LYS C 792 52.48 13.61 22.81
N LYS C 793 53.31 14.55 23.26
CA LYS C 793 53.75 14.55 24.65
C LYS C 793 52.57 14.68 25.60
N LEU C 794 51.61 15.55 25.26
CA LEU C 794 50.42 15.67 26.10
C LEU C 794 49.65 14.36 26.12
N GLN C 795 49.53 13.71 24.97
CA GLN C 795 48.88 12.40 24.95
C GLN C 795 49.68 11.41 25.77
N TYR C 796 51.01 11.53 25.74
CA TYR C 796 51.87 10.64 26.51
C TYR C 796 51.65 10.79 28.01
N LYS C 797 50.99 11.87 28.44
CA LYS C 797 50.74 12.04 29.86
C LYS C 797 49.31 11.70 30.22
N VAL C 798 48.40 11.63 29.24
CA VAL C 798 47.00 11.40 29.55
C VAL C 798 46.81 9.99 30.09
N THR C 799 47.60 9.03 29.62
CA THR C 799 47.56 7.68 30.20
C THR C 799 48.07 7.67 31.63
N ALA C 800 48.99 8.57 31.98
CA ALA C 800 49.55 8.60 33.33
C ALA C 800 48.78 9.49 34.28
N ALA C 801 47.67 10.09 33.84
CA ALA C 801 46.84 10.89 34.73
C ALA C 801 46.03 9.97 35.63
N THR C 802 46.19 10.15 36.95
CA THR C 802 45.62 9.24 37.92
C THR C 802 44.42 9.81 38.67
N LYS C 803 44.07 11.07 38.43
CA LYS C 803 42.92 11.70 39.07
C LYS C 803 42.10 12.44 38.02
N ARG C 804 40.78 12.46 38.22
CA ARG C 804 39.88 13.07 37.24
C ARG C 804 40.06 14.58 37.17
N SER C 805 40.73 15.19 38.14
CA SER C 805 40.85 16.65 38.14
C SER C 805 41.92 17.14 37.18
N SER C 806 42.81 16.25 36.72
CA SER C 806 43.92 16.68 35.87
C SER C 806 43.51 16.69 34.40
N LEU C 807 42.46 15.94 34.06
CA LEU C 807 42.06 15.80 32.66
C LEU C 807 41.60 17.11 32.07
N ASN C 808 40.92 17.93 32.87
CA ASN C 808 40.46 19.23 32.38
C ASN C 808 41.63 20.12 31.98
N GLY C 809 42.67 20.17 32.81
CA GLY C 809 43.84 20.97 32.48
C GLY C 809 44.59 20.46 31.27
N LEU C 810 44.77 19.14 31.18
CA LEU C 810 45.47 18.58 30.03
C LEU C 810 44.72 18.83 28.73
N GLU C 811 43.40 18.62 28.73
CA GLU C 811 42.63 18.87 27.52
C GLU C 811 42.62 20.35 27.18
N GLY C 812 42.60 21.23 28.18
CA GLY C 812 42.65 22.66 27.90
C GLY C 812 43.95 23.07 27.23
N SER C 813 45.08 22.54 27.71
CA SER C 813 46.35 22.86 27.08
C SER C 813 46.42 22.31 25.66
N ALA C 814 45.90 21.10 25.44
CA ALA C 814 45.88 20.53 24.10
C ALA C 814 45.06 21.38 23.15
N THR C 815 43.86 21.78 23.57
CA THR C 815 43.00 22.60 22.72
C THR C 815 43.65 23.95 22.43
N ARG C 816 44.36 24.52 23.40
CA ARG C 816 45.03 25.80 23.17
C ARG C 816 46.10 25.68 22.10
N GLU C 817 46.99 24.69 22.24
CA GLU C 817 48.07 24.54 21.26
C GLU C 817 47.54 24.09 19.91
N TYR C 818 46.34 23.51 19.88
CA TYR C 818 45.72 23.15 18.61
C TYR C 818 45.15 24.37 17.91
N PHE C 819 44.31 25.14 18.61
CA PHE C 819 43.69 26.32 18.02
C PHE C 819 44.67 27.43 17.68
N GLN C 820 45.87 27.42 18.28
CA GLN C 820 46.81 28.47 17.90
C GLN C 820 47.36 28.28 16.49
N GLN C 821 47.12 27.13 15.86
CA GLN C 821 47.72 26.85 14.56
C GLN C 821 46.78 27.15 13.39
N PHE C 822 45.52 27.53 13.65
CA PHE C 822 44.61 27.82 12.56
C PHE C 822 44.91 29.13 11.86
N ASN C 823 45.84 29.94 12.40
CA ASN C 823 46.17 31.20 11.74
C ASN C 823 46.97 30.96 10.47
N LEU C 824 47.44 29.73 10.27
CA LEU C 824 48.25 29.43 9.09
C LEU C 824 47.38 29.07 7.90
N PHE C 825 46.23 28.44 8.13
CA PHE C 825 45.38 28.00 7.04
C PHE C 825 44.45 29.12 6.61
N LEU C 826 43.85 29.79 7.60
CA LEU C 826 42.75 30.71 7.35
C LEU C 826 43.24 31.99 6.68
N PRO C 827 42.33 32.69 5.99
CA PRO C 827 42.68 34.01 5.45
C PRO C 827 42.97 35.03 6.56
N GLU C 828 43.49 36.18 6.13
CA GLU C 828 43.93 37.21 7.07
C GLU C 828 42.75 37.90 7.73
N TRP C 829 41.59 37.94 7.06
CA TRP C 829 40.44 38.63 7.63
C TRP C 829 39.73 37.80 8.68
N ALA C 830 40.06 36.52 8.82
CA ALA C 830 39.40 35.63 9.76
C ALA C 830 40.33 35.11 10.84
N HIS C 831 41.48 35.75 11.05
CA HIS C 831 42.43 35.27 12.04
C HIS C 831 41.86 35.41 13.45
N PHE C 832 42.36 34.57 14.35
CA PHE C 832 41.94 34.56 15.75
C PHE C 832 42.99 33.81 16.54
N SER C 833 43.06 34.06 17.84
CA SER C 833 44.03 33.40 18.69
C SER C 833 43.42 32.70 19.90
N LYS C 834 42.15 32.95 20.20
CA LYS C 834 41.52 32.40 21.38
C LYS C 834 40.07 32.08 21.08
N ARG C 835 39.62 30.92 21.54
CA ARG C 835 38.23 30.53 21.40
C ARG C 835 37.40 31.32 22.42
N THR C 836 36.68 32.33 21.94
CA THR C 836 35.85 33.18 22.78
C THR C 836 34.44 32.58 22.76
N ARG C 837 33.98 32.11 23.92
CA ARG C 837 32.83 31.22 23.92
C ARG C 837 31.52 31.96 24.15
N ARG C 838 31.36 32.62 25.29
CA ARG C 838 30.05 33.14 25.65
C ARG C 838 29.62 34.32 24.78
N PRO C 839 30.37 35.43 24.67
CA PRO C 839 30.15 36.37 23.56
C PRO C 839 31.09 36.10 22.40
N PRO C 840 30.72 35.27 21.40
CA PRO C 840 31.58 35.14 20.22
C PRO C 840 31.89 36.48 19.56
N LYS C 841 33.17 36.89 19.53
CA LYS C 841 33.53 38.19 18.97
C LYS C 841 34.57 38.08 17.87
N ASP C 842 34.49 37.08 17.01
CA ASP C 842 35.38 36.96 15.87
C ASP C 842 34.61 36.43 14.69
N PRO C 843 35.06 36.69 13.45
CA PRO C 843 34.39 36.11 12.29
C PRO C 843 34.42 34.60 12.25
N PHE C 844 35.53 33.98 12.64
CA PHE C 844 35.65 32.54 12.59
C PHE C 844 34.91 31.84 13.71
N ASN C 845 34.82 32.45 14.89
CA ASN C 845 34.25 31.77 16.04
C ASN C 845 32.76 31.57 15.94
N VAL C 846 32.06 32.42 15.18
CA VAL C 846 30.61 32.27 15.03
C VAL C 846 30.28 30.97 14.31
N LEU C 847 31.12 30.58 13.35
CA LEU C 847 30.92 29.33 12.64
C LEU C 847 30.98 28.15 13.60
N LEU C 848 32.02 28.11 14.45
CA LEU C 848 32.16 27.01 15.39
C LEU C 848 31.03 27.02 16.41
N SER C 849 30.69 28.19 16.94
CA SER C 849 29.66 28.27 17.96
C SER C 849 28.25 28.09 17.41
N LEU C 850 28.09 28.10 16.08
CA LEU C 850 26.81 27.76 15.48
C LEU C 850 26.74 26.31 15.01
N GLY C 851 27.88 25.68 14.75
CA GLY C 851 27.87 24.25 14.46
C GLY C 851 27.80 23.37 15.69
N TYR C 852 28.42 23.82 16.79
CA TYR C 852 28.42 23.01 18.00
C TYR C 852 27.03 22.81 18.56
N THR C 853 26.13 23.78 18.37
CA THR C 853 24.79 23.63 18.94
C THR C 853 23.94 22.66 18.13
N ILE C 854 24.13 22.61 16.80
CA ILE C 854 23.46 21.59 16.00
C ILE C 854 23.97 20.20 16.38
N LEU C 855 25.29 20.06 16.52
CA LEU C 855 25.85 18.78 16.92
C LEU C 855 25.35 18.36 18.30
N TYR C 856 25.32 19.30 19.24
CA TYR C 856 24.86 19.02 20.58
C TYR C 856 23.39 18.64 20.60
N SER C 857 22.56 19.33 19.81
CA SER C 857 21.14 19.01 19.79
C SER C 857 20.91 17.62 19.22
N HIS C 858 21.67 17.23 18.20
CA HIS C 858 21.54 15.87 17.67
C HIS C 858 21.89 14.83 18.72
N THR C 859 23.06 14.96 19.35
CA THR C 859 23.46 13.93 20.31
C THR C 859 22.56 13.93 21.54
N ASP C 860 22.03 15.09 21.91
CA ASP C 860 21.16 15.18 23.09
C ASP C 860 19.82 14.50 22.81
N ALA C 861 19.24 14.74 21.63
CA ALA C 861 17.98 14.08 21.31
C ALA C 861 18.15 12.57 21.23
N ILE C 862 19.27 12.12 20.65
CA ILE C 862 19.54 10.67 20.58
C ILE C 862 19.67 10.08 21.98
N LEU C 863 20.45 10.74 22.85
CA LEU C 863 20.65 10.23 24.20
C LEU C 863 19.34 10.19 24.99
N GLN C 864 18.53 11.23 24.89
CA GLN C 864 17.28 11.25 25.62
C GLN C 864 16.29 10.21 25.07
N SER C 865 16.37 9.91 23.77
CA SER C 865 15.54 8.83 23.24
C SER C 865 16.04 7.47 23.68
N ALA C 866 17.35 7.34 23.94
CA ALA C 866 17.89 6.06 24.40
C ALA C 866 17.33 5.67 25.76
N GLY C 867 17.17 6.62 26.67
CA GLY C 867 16.64 6.36 27.99
C GLY C 867 17.42 7.04 29.10
N PHE C 868 18.43 7.82 28.71
CA PHE C 868 19.32 8.49 29.64
C PHE C 868 18.66 9.74 30.23
N ILE C 869 19.37 10.36 31.17
CA ILE C 869 19.08 11.72 31.62
C ILE C 869 20.35 12.51 31.31
N THR C 870 20.25 13.44 30.36
CA THR C 870 21.44 14.07 29.81
C THR C 870 22.09 15.08 30.73
N TRP C 871 21.43 15.48 31.82
CA TRP C 871 21.93 16.60 32.60
C TRP C 871 23.17 16.25 33.41
N LYS C 872 23.36 14.99 33.77
CA LYS C 872 24.50 14.58 34.58
C LYS C 872 25.59 13.99 33.70
N GLY C 873 26.84 14.41 33.92
CA GLY C 873 27.93 14.03 33.06
C GLY C 873 29.02 13.28 33.80
N ILE C 874 29.89 12.64 33.01
CA ILE C 874 30.99 11.84 33.51
C ILE C 874 32.24 12.69 33.64
N TYR C 875 32.65 13.31 32.53
CA TYR C 875 33.88 14.07 32.47
C TYR C 875 33.68 15.56 32.66
N HIS C 876 32.51 16.09 32.27
CA HIS C 876 32.20 17.51 32.43
C HIS C 876 31.38 17.68 33.70
N GLN C 877 32.06 18.03 34.79
CA GLN C 877 31.38 18.21 36.06
C GLN C 877 30.64 19.54 36.11
N GLN C 878 31.37 20.64 35.95
CA GLN C 878 30.80 21.98 36.00
C GLN C 878 30.69 22.52 34.57
N SER C 879 29.47 22.78 34.14
CA SER C 879 29.21 23.25 32.78
C SER C 879 28.42 24.56 32.85
N ALA C 880 28.34 25.25 31.72
CA ALA C 880 27.62 26.51 31.61
C ALA C 880 26.56 26.36 30.53
N ALA C 881 25.37 25.94 30.95
CA ALA C 881 24.13 25.86 30.18
C ALA C 881 24.10 24.71 29.16
N HIS C 882 25.21 24.02 28.95
CA HIS C 882 25.19 22.77 28.19
C HIS C 882 24.90 21.61 29.12
N ALA C 883 24.00 20.73 28.69
CA ALA C 883 23.84 19.45 29.38
C ALA C 883 25.17 18.71 29.36
N ALA C 884 25.56 18.15 30.50
CA ALA C 884 26.93 17.69 30.65
C ALA C 884 27.20 16.42 29.86
N LEU C 885 26.21 15.53 29.75
CA LEU C 885 26.46 14.24 29.12
C LEU C 885 26.52 14.36 27.61
N ALA C 886 25.62 15.16 27.02
CA ALA C 886 25.67 15.36 25.57
C ALA C 886 26.94 16.09 25.17
N SER C 887 27.30 17.14 25.91
CA SER C 887 28.55 17.86 25.72
C SER C 887 29.77 17.06 26.14
N ASP C 888 29.57 15.90 26.74
CA ASP C 888 30.64 14.96 27.05
C ASP C 888 30.87 13.99 25.90
N ILE C 889 29.79 13.42 25.37
CA ILE C 889 29.93 12.47 24.26
C ILE C 889 30.37 13.17 22.98
N MET C 890 29.88 14.39 22.72
CA MET C 890 30.25 14.99 21.45
C MET C 890 31.70 15.47 21.39
N GLU C 891 32.53 15.14 22.38
CA GLU C 891 33.92 15.57 22.36
C GLU C 891 34.69 14.93 21.20
N SER C 892 34.43 13.66 20.91
CA SER C 892 35.19 12.99 19.86
C SER C 892 34.75 13.44 18.48
N TYR C 893 33.47 13.81 18.34
CA TYR C 893 32.89 14.14 17.05
C TYR C 893 32.95 15.61 16.71
N ARG C 894 33.78 16.39 17.38
CA ARG C 894 33.82 17.83 17.14
C ARG C 894 35.06 18.26 16.35
N HIS C 895 35.56 17.40 15.47
CA HIS C 895 36.41 17.83 14.37
C HIS C 895 35.65 17.89 13.05
N LEU C 896 34.43 17.34 13.00
CA LEU C 896 33.55 17.53 11.85
C LEU C 896 33.02 18.95 11.76
N VAL C 897 33.19 19.76 12.81
CA VAL C 897 32.79 21.15 12.79
C VAL C 897 33.99 22.09 12.67
N GLU C 898 35.18 21.62 13.02
CA GLU C 898 36.41 22.38 12.85
C GLU C 898 37.15 22.04 11.58
N ARG C 899 36.59 21.18 10.74
CA ARG C 899 37.06 20.97 9.37
C ARG C 899 36.11 21.56 8.33
N TYR C 900 34.81 21.44 8.58
CA TYR C 900 33.83 22.05 7.69
C TYR C 900 33.96 23.55 7.67
N ALA C 901 34.27 24.16 8.82
CA ALA C 901 34.44 25.60 8.87
C ALA C 901 35.63 26.05 8.02
N ILE C 902 36.75 25.33 8.11
CA ILE C 902 37.91 25.65 7.29
C ILE C 902 37.57 25.48 5.82
N TYR C 903 36.84 24.42 5.48
CA TYR C 903 36.46 24.17 4.09
C TYR C 903 35.55 25.28 3.57
N ILE C 904 34.60 25.73 4.38
CA ILE C 904 33.68 26.77 3.96
C ILE C 904 34.40 28.10 3.77
N ILE C 905 35.28 28.45 4.69
CA ILE C 905 35.98 29.73 4.59
C ILE C 905 36.95 29.72 3.41
N ASN C 906 37.72 28.64 3.26
CA ASN C 906 38.74 28.61 2.21
C ASN C 906 38.12 28.53 0.83
N HIS C 907 37.13 27.68 0.63
CA HIS C 907 36.60 27.44 -0.70
C HIS C 907 35.53 28.45 -1.10
N GLY C 908 35.49 29.62 -0.47
CA GLY C 908 34.74 30.73 -0.99
C GLY C 908 33.23 30.64 -0.88
N GLN C 909 32.71 29.72 -0.07
CA GLN C 909 31.26 29.66 0.10
C GLN C 909 30.75 30.77 1.01
N ILE C 910 31.51 31.11 2.05
CA ILE C 910 31.14 32.18 2.97
C ILE C 910 32.30 33.15 3.08
N LYS C 911 32.03 34.43 2.87
CA LYS C 911 33.03 35.48 2.83
C LYS C 911 32.53 36.61 3.73
N GLN C 912 33.42 37.56 4.05
CA GLN C 912 33.15 38.50 5.14
C GLN C 912 32.01 39.47 4.83
N ASP C 913 31.34 39.33 3.68
CA ASP C 913 30.22 40.21 3.37
C ASP C 913 28.92 39.73 4.01
N ASP C 914 28.97 38.58 4.69
CA ASP C 914 27.75 38.01 5.25
C ASP C 914 27.54 38.42 6.70
N PHE C 915 28.61 38.65 7.45
CA PHE C 915 28.50 38.92 8.87
C PHE C 915 27.88 40.28 9.13
N ARG C 916 26.97 40.33 10.11
CA ARG C 916 26.33 41.56 10.56
C ARG C 916 26.82 41.87 11.97
N GLN C 917 27.22 43.11 12.21
CA GLN C 917 27.80 43.52 13.48
C GLN C 917 26.88 44.51 14.19
N GLU C 918 26.61 44.27 15.47
CA GLU C 918 25.69 45.11 16.23
C GLU C 918 26.18 45.26 17.67
N LYS C 919 25.43 46.03 18.45
CA LYS C 919 25.59 46.14 19.89
C LYS C 919 24.29 45.69 20.54
N ASP C 920 24.39 44.76 21.49
CA ASP C 920 23.20 44.05 21.99
C ASP C 920 22.95 44.35 23.47
N HIS C 921 21.81 44.97 23.74
CA HIS C 921 21.15 45.00 25.04
C HIS C 921 21.86 45.81 26.11
N LEU C 922 23.16 46.05 25.95
CA LEU C 922 23.85 47.05 26.75
C LEU C 922 24.90 47.76 25.91
N GLY C 923 25.31 47.12 24.83
CA GLY C 923 26.39 47.56 23.97
C GLY C 923 27.57 46.62 24.07
N GLN C 924 27.63 45.66 23.16
CA GLN C 924 28.75 44.73 23.02
C GLN C 924 28.89 44.40 21.55
N ASP C 925 30.13 44.38 21.08
CA ASP C 925 30.41 44.14 19.66
C ASP C 925 30.11 42.68 19.34
N THR C 926 28.94 42.42 18.73
CA THR C 926 28.50 41.06 18.44
C THR C 926 28.41 40.87 16.95
N ILE C 927 29.02 39.78 16.45
CA ILE C 927 29.04 39.43 15.05
C ILE C 927 28.14 38.22 14.86
N ARG C 928 27.27 38.27 13.86
CA ARG C 928 26.31 37.20 13.60
C ARG C 928 26.17 36.99 12.10
N LEU C 929 25.41 35.96 11.74
CA LEU C 929 25.13 35.67 10.34
C LEU C 929 23.72 36.14 9.99
N SER C 930 23.56 36.67 8.78
CA SER C 930 22.23 36.93 8.28
C SER C 930 21.50 35.61 8.07
N ALA C 931 20.18 35.69 7.85
CA ALA C 931 19.36 34.49 7.85
C ALA C 931 19.76 33.52 6.75
N GLU C 932 20.06 34.04 5.57
CA GLU C 932 20.34 33.17 4.43
C GLU C 932 21.67 32.43 4.61
N ALA C 933 22.70 33.13 5.09
CA ALA C 933 23.95 32.45 5.39
C ALA C 933 23.81 31.43 6.50
N ARG C 934 22.97 31.69 7.50
CA ARG C 934 22.70 30.70 8.53
C ARG C 934 22.03 29.47 7.95
N ARG C 935 21.05 29.65 7.06
CA ARG C 935 20.39 28.51 6.45
C ARG C 935 21.36 27.70 5.61
N ARG C 936 22.21 28.36 4.83
CA ARG C 936 23.20 27.64 4.02
C ARG C 936 24.16 26.86 4.89
N TYR C 937 24.66 27.49 5.97
CA TYR C 937 25.63 26.83 6.83
C TYR C 937 25.02 25.61 7.53
N VAL C 938 23.83 25.77 8.10
CA VAL C 938 23.19 24.68 8.82
C VAL C 938 22.81 23.54 7.87
N GLY C 939 22.28 23.88 6.69
CA GLY C 939 21.96 22.85 5.72
C GLY C 939 23.18 22.08 5.27
N GLY C 940 24.28 22.77 5.01
CA GLY C 940 25.50 22.08 4.64
C GLY C 940 26.03 21.19 5.76
N LEU C 941 25.92 21.66 7.01
CA LEU C 941 26.39 20.85 8.14
C LEU C 941 25.56 19.58 8.28
N ILE C 942 24.24 19.69 8.15
CA ILE C 942 23.41 18.50 8.29
C ILE C 942 23.65 17.54 7.12
N ASN C 943 23.89 18.09 5.92
CA ASN C 943 24.24 17.26 4.78
C ASN C 943 25.53 16.49 5.01
N ARG C 944 26.53 17.14 5.62
CA ARG C 944 27.79 16.45 5.89
C ARG C 944 27.62 15.45 7.03
N PHE C 945 26.67 15.69 7.93
CA PHE C 945 26.34 14.69 8.94
C PHE C 945 25.78 13.42 8.29
N GLN C 946 24.89 13.60 7.31
CA GLN C 946 24.29 12.45 6.63
C GLN C 946 25.34 11.60 5.92
N LYS C 947 26.27 12.25 5.22
CA LYS C 947 27.32 11.51 4.53
C LYS C 947 28.44 11.13 5.47
N PHE C 948 28.09 10.46 6.57
CA PHE C 948 29.09 9.88 7.46
C PHE C 948 29.75 8.69 6.74
N SER C 949 30.61 7.97 7.44
CA SER C 949 31.21 6.77 6.86
C SER C 949 30.12 5.81 6.41
N LYS C 950 30.34 5.21 5.24
CA LYS C 950 29.26 4.60 4.47
C LYS C 950 28.58 3.47 5.23
N ASP C 951 27.30 3.27 4.90
CA ASP C 951 26.31 2.37 5.48
C ASP C 951 25.73 2.91 6.79
N LYS C 952 26.23 4.03 7.32
CA LYS C 952 25.72 4.53 8.60
C LYS C 952 25.79 6.05 8.63
N THR C 953 24.64 6.69 8.83
CA THR C 953 24.62 8.12 9.09
C THR C 953 25.06 8.39 10.53
N LEU C 954 25.17 9.67 10.88
CA LEU C 954 25.67 10.01 12.21
C LEU C 954 24.65 9.65 13.29
N HIS C 955 23.36 9.79 13.00
CA HIS C 955 22.35 9.39 13.99
C HIS C 955 22.43 7.90 14.29
N GLN C 956 22.63 7.08 13.25
CA GLN C 956 22.71 5.64 13.40
C GLN C 956 24.05 5.17 13.91
N HIS C 957 25.02 6.07 14.06
CA HIS C 957 26.24 5.77 14.80
C HIS C 957 26.14 6.21 16.25
N LEU C 958 25.51 7.35 16.53
CA LEU C 958 25.30 7.79 17.89
C LEU C 958 24.32 6.91 18.65
N TYR C 959 23.30 6.36 18.00
CA TYR C 959 22.46 5.40 18.73
C TYR C 959 23.20 4.13 19.07
N GLN C 960 24.07 3.65 18.16
CA GLN C 960 24.93 2.51 18.47
C GLN C 960 25.83 2.79 19.66
N GLN C 961 26.46 3.97 19.68
CA GLN C 961 27.36 4.29 20.78
C GLN C 961 26.61 4.48 22.09
N ALA C 962 25.38 5.01 22.03
CA ALA C 962 24.58 5.12 23.24
C ALA C 962 24.20 3.75 23.78
N GLN C 963 23.86 2.81 22.90
CA GLN C 963 23.56 1.46 23.37
C GLN C 963 24.81 0.80 23.97
N GLN C 964 25.96 1.02 23.36
CA GLN C 964 27.20 0.46 23.89
C GLN C 964 27.54 1.04 25.26
N LEU C 965 27.31 2.35 25.44
CA LEU C 965 27.52 2.98 26.74
C LEU C 965 26.54 2.45 27.79
N LYS C 966 25.28 2.28 27.41
CA LYS C 966 24.30 1.73 28.35
C LYS C 966 24.69 0.33 28.78
N ASN C 967 25.16 -0.50 27.85
CA ASN C 967 25.58 -1.85 28.20
C ASN C 967 26.85 -1.83 29.04
N ALA C 968 27.70 -0.83 28.84
CA ALA C 968 28.87 -0.68 29.71
C ALA C 968 28.46 -0.33 31.13
N MET C 969 27.46 0.53 31.28
CA MET C 969 27.06 0.96 32.61
C MET C 969 26.25 -0.10 33.34
N HIS C 970 25.39 -0.83 32.64
CA HIS C 970 24.55 -1.84 33.29
C HIS C 970 25.38 -3.02 33.78
N ASN C 971 26.33 -3.48 32.97
CA ASN C 971 27.20 -4.59 33.35
C ASN C 971 28.37 -4.17 34.22
N GLN C 972 28.50 -2.87 34.51
CA GLN C 972 29.52 -2.33 35.39
C GLN C 972 30.93 -2.64 34.88
N GLN C 973 31.10 -2.62 33.56
CA GLN C 973 32.40 -2.80 32.93
C GLN C 973 32.70 -1.58 32.08
N SER C 974 33.86 -0.98 32.31
CA SER C 974 34.25 0.22 31.56
C SER C 974 34.89 -0.13 30.22
N SER C 975 35.06 -1.42 29.93
CA SER C 975 35.79 -1.80 28.72
C SER C 975 34.87 -2.02 27.53
N GLN C 976 33.55 -2.12 27.77
CA GLN C 976 32.63 -2.38 26.67
C GLN C 976 32.45 -1.15 25.80
N PHE C 977 32.45 0.04 26.40
CA PHE C 977 32.28 1.28 25.65
C PHE C 977 33.61 1.67 24.99
N GLN C 978 33.59 1.83 23.67
CA GLN C 978 34.78 2.12 22.90
C GLN C 978 34.61 3.46 22.19
N VAL C 979 35.54 4.38 22.46
CA VAL C 979 35.50 5.71 21.85
C VAL C 979 35.72 5.59 20.36
N TRP C 980 35.35 6.63 19.62
CA TRP C 980 35.30 6.53 18.17
C TRP C 980 36.70 6.41 17.58
N LYS C 981 37.60 7.34 17.91
CA LYS C 981 39.01 7.30 17.53
C LYS C 981 39.22 7.22 16.02
N GLU C 982 38.92 8.28 15.27
CA GLU C 982 39.09 8.35 13.82
C GLU C 982 40.41 7.73 13.34
N LEU C 983 40.33 7.08 12.17
CA LEU C 983 41.34 6.16 11.64
C LEU C 983 42.74 6.73 11.66
N LYS C 984 43.73 5.87 11.86
CA LYS C 984 45.13 6.25 11.90
C LYS C 984 45.59 6.92 10.62
N GLN D 653 14.82 -47.97 -35.32
CA GLN D 653 14.07 -46.74 -35.05
C GLN D 653 12.58 -46.96 -35.25
N GLY D 654 12.03 -46.33 -36.27
CA GLY D 654 10.62 -46.45 -36.57
C GLY D 654 10.11 -45.18 -37.21
N THR D 655 8.79 -45.11 -37.33
CA THR D 655 8.18 -43.93 -37.91
C THR D 655 8.25 -42.75 -36.94
N HIS D 656 8.65 -41.59 -37.46
CA HIS D 656 8.65 -40.34 -36.71
C HIS D 656 7.48 -39.53 -37.24
N LEU D 657 6.34 -39.63 -36.58
CA LEU D 657 5.09 -39.08 -37.09
C LEU D 657 5.05 -37.57 -36.85
N VAL D 658 4.71 -36.81 -37.88
CA VAL D 658 4.66 -35.35 -37.82
C VAL D 658 3.26 -34.90 -38.20
N LEU D 659 2.65 -34.07 -37.36
CA LEU D 659 1.33 -33.51 -37.61
C LEU D 659 1.50 -32.01 -37.80
N ALA D 660 1.43 -31.55 -39.04
CA ALA D 660 1.53 -30.14 -39.35
C ALA D 660 0.33 -29.63 -40.12
N GLY D 661 -0.74 -30.41 -40.19
CA GLY D 661 -1.93 -30.04 -40.92
C GLY D 661 -2.78 -29.07 -40.14
N ASP D 662 -4.08 -29.35 -40.10
CA ASP D 662 -5.04 -28.48 -39.44
C ASP D 662 -5.95 -29.30 -38.53
N ALA D 663 -5.63 -29.33 -37.24
CA ALA D 663 -6.52 -29.81 -36.18
C ALA D 663 -6.91 -31.27 -36.37
N GLN D 664 -5.91 -32.15 -36.32
CA GLN D 664 -6.17 -33.57 -36.19
C GLN D 664 -6.48 -33.90 -34.73
N ILE D 665 -6.98 -35.11 -34.50
CA ILE D 665 -7.32 -35.58 -33.17
C ILE D 665 -6.64 -36.92 -32.93
N ILE D 666 -5.88 -37.02 -31.85
CA ILE D 666 -5.09 -38.20 -31.54
C ILE D 666 -5.80 -38.98 -30.44
N THR D 667 -5.83 -40.31 -30.58
CA THR D 667 -6.52 -41.21 -29.67
C THR D 667 -5.68 -42.47 -29.60
N THR D 668 -5.84 -43.26 -28.53
CA THR D 668 -5.13 -44.52 -28.44
C THR D 668 -6.13 -45.66 -28.25
N ASP D 669 -5.79 -46.82 -28.80
CA ASP D 669 -6.54 -48.04 -28.57
C ASP D 669 -5.84 -48.98 -27.61
N ASN D 670 -4.85 -48.47 -26.88
CA ASN D 670 -4.02 -49.12 -25.87
C ASN D 670 -2.99 -50.05 -26.50
N GLN D 671 -3.00 -50.25 -27.82
CA GLN D 671 -1.93 -50.98 -28.48
C GLN D 671 -1.57 -50.32 -29.81
N ASN D 672 -2.27 -49.24 -30.15
CA ASN D 672 -2.00 -48.46 -31.35
C ASN D 672 -2.25 -46.99 -31.07
N LEU D 673 -1.71 -46.15 -31.95
CA LEU D 673 -1.95 -44.70 -31.92
C LEU D 673 -2.75 -44.36 -33.17
N ILE D 674 -3.92 -43.74 -33.00
CA ILE D 674 -4.83 -43.45 -34.09
C ILE D 674 -5.01 -41.95 -34.21
N VAL D 675 -4.66 -41.41 -35.37
CA VAL D 675 -4.85 -39.99 -35.68
C VAL D 675 -5.98 -39.89 -36.69
N LYS D 676 -7.06 -39.23 -36.29
CA LYS D 676 -8.24 -39.06 -37.12
C LYS D 676 -8.40 -37.59 -37.49
N LYS D 677 -8.86 -37.34 -38.71
CA LYS D 677 -9.19 -36.00 -39.18
C LYS D 677 -10.61 -36.03 -39.71
N ASP D 678 -11.51 -35.32 -39.04
CA ASP D 678 -12.95 -35.35 -39.33
C ASP D 678 -13.50 -36.78 -39.30
N ASP D 679 -13.09 -37.54 -38.29
CA ASP D 679 -13.49 -38.92 -38.03
C ASP D 679 -13.09 -39.89 -39.13
N LYS D 680 -12.20 -39.49 -40.03
CA LYS D 680 -11.59 -40.38 -41.01
C LYS D 680 -10.18 -40.70 -40.54
N ILE D 681 -9.90 -41.98 -40.33
CA ILE D 681 -8.62 -42.40 -39.78
C ILE D 681 -7.51 -42.09 -40.77
N THR D 682 -6.63 -41.17 -40.40
CA THR D 682 -5.52 -40.77 -41.26
C THR D 682 -4.24 -41.52 -40.93
N HIS D 683 -3.99 -41.80 -39.66
CA HIS D 683 -2.84 -42.63 -39.28
C HIS D 683 -3.27 -43.65 -38.23
N LYS D 684 -2.64 -44.82 -38.26
CA LYS D 684 -2.82 -45.85 -37.24
C LYS D 684 -1.51 -46.61 -37.14
N ILE D 685 -0.71 -46.26 -36.14
CA ILE D 685 0.66 -46.77 -36.02
C ILE D 685 0.79 -47.54 -34.72
N SER D 686 1.37 -48.74 -34.81
CA SER D 686 1.64 -49.51 -33.61
C SER D 686 2.70 -48.81 -32.75
N LEU D 687 2.59 -49.00 -31.45
CA LEU D 687 3.49 -48.32 -30.51
C LEU D 687 4.90 -48.91 -30.51
N GLU D 688 5.11 -50.03 -31.21
CA GLU D 688 6.47 -50.59 -31.28
C GLU D 688 7.23 -50.05 -32.47
N GLN D 689 6.54 -49.46 -33.44
CA GLN D 689 7.16 -48.88 -34.62
C GLN D 689 7.12 -47.36 -34.61
N LEU D 690 6.76 -46.75 -33.49
CA LEU D 690 6.72 -45.31 -33.35
C LEU D 690 7.96 -44.86 -32.59
N HIS D 691 8.56 -43.75 -33.02
CA HIS D 691 9.80 -43.28 -32.41
C HIS D 691 9.66 -41.90 -31.78
N ALA D 692 8.81 -41.05 -32.33
CA ALA D 692 8.58 -39.73 -31.76
C ALA D 692 7.30 -39.17 -32.38
N VAL D 693 6.86 -38.03 -31.86
CA VAL D 693 5.71 -37.30 -32.37
C VAL D 693 6.09 -35.84 -32.44
N THR D 694 5.69 -35.15 -33.50
CA THR D 694 5.89 -33.71 -33.61
C THR D 694 4.57 -33.03 -33.88
N LEU D 695 4.22 -32.06 -33.05
CA LEU D 695 2.92 -31.40 -33.09
C LEU D 695 3.15 -29.94 -33.45
N ILE D 696 2.88 -29.57 -34.69
CA ILE D 696 3.05 -28.19 -35.13
C ILE D 696 1.68 -27.54 -35.23
N GLY D 697 1.32 -26.75 -34.22
CA GLY D 697 0.03 -26.10 -34.16
C GLY D 697 -0.81 -26.57 -32.98
N LEU D 698 -2.11 -26.64 -33.22
CA LEU D 698 -3.09 -27.05 -32.22
C LEU D 698 -3.67 -28.40 -32.60
N HIS D 699 -3.34 -29.43 -31.83
CA HIS D 699 -3.83 -30.78 -32.06
C HIS D 699 -4.24 -31.39 -30.73
N THR D 700 -5.52 -31.69 -30.58
CA THR D 700 -6.03 -32.24 -29.33
C THR D 700 -5.50 -33.65 -29.12
N MET D 701 -5.08 -33.95 -27.90
CA MET D 701 -4.48 -35.23 -27.58
C MET D 701 -5.17 -35.82 -26.37
N THR D 702 -5.87 -36.94 -26.57
CA THR D 702 -6.63 -37.56 -25.50
C THR D 702 -5.68 -38.11 -24.44
N LEU D 703 -6.07 -37.96 -23.17
CA LEU D 703 -5.17 -38.23 -22.06
C LEU D 703 -4.62 -39.66 -21.99
N PRO D 704 -5.41 -40.71 -22.24
CA PRO D 704 -4.80 -42.05 -22.32
C PRO D 704 -3.68 -42.15 -23.34
N ALA D 705 -3.78 -41.44 -24.47
CA ALA D 705 -2.70 -41.44 -25.45
C ALA D 705 -1.42 -40.89 -24.84
N LYS D 706 -1.54 -39.75 -24.14
CA LYS D 706 -0.35 -39.13 -23.54
C LYS D 706 0.28 -40.03 -22.48
N HIS D 707 -0.56 -40.67 -21.66
CA HIS D 707 -0.01 -41.56 -20.65
C HIS D 707 0.65 -42.79 -21.29
N ARG D 708 0.03 -43.34 -22.34
CA ARG D 708 0.60 -44.51 -23.01
C ARG D 708 1.92 -44.19 -23.66
N LEU D 709 2.03 -43.00 -24.27
CA LEU D 709 3.29 -42.60 -24.87
C LEU D 709 4.37 -42.39 -23.83
N LEU D 710 4.05 -41.69 -22.73
CA LEU D 710 5.04 -41.46 -21.69
C LEU D 710 5.50 -42.77 -21.04
N GLU D 711 4.62 -43.77 -20.99
CA GLU D 711 5.00 -45.03 -20.38
C GLU D 711 5.94 -45.82 -21.30
N HIS D 712 5.88 -45.58 -22.60
CA HIS D 712 6.69 -46.29 -23.57
C HIS D 712 7.96 -45.54 -23.98
N LYS D 713 8.25 -44.42 -23.34
CA LYS D 713 9.43 -43.59 -23.63
C LYS D 713 9.41 -43.14 -25.09
N ILE D 714 8.36 -42.43 -25.47
CA ILE D 714 8.21 -41.84 -26.79
C ILE D 714 8.03 -40.34 -26.60
N PRO D 715 9.03 -39.53 -26.94
CA PRO D 715 8.92 -38.09 -26.69
C PRO D 715 7.86 -37.44 -27.57
N VAL D 716 7.26 -36.38 -27.05
CA VAL D 716 6.32 -35.58 -27.83
C VAL D 716 6.89 -34.18 -27.96
N HIS D 717 7.27 -33.78 -29.17
CA HIS D 717 7.91 -32.50 -29.41
C HIS D 717 6.85 -31.48 -29.79
N ILE D 718 6.74 -30.41 -29.00
CA ILE D 718 5.67 -29.44 -29.14
C ILE D 718 6.23 -28.19 -29.79
N ALA D 719 5.57 -27.71 -30.84
CA ALA D 719 6.01 -26.53 -31.54
C ALA D 719 4.82 -25.64 -31.84
N ASP D 720 5.09 -24.36 -32.02
CA ASP D 720 4.07 -23.34 -32.21
C ASP D 720 3.46 -23.43 -33.60
N ARG D 721 2.43 -22.63 -33.83
CA ARG D 721 1.76 -22.60 -35.14
C ARG D 721 2.70 -22.12 -36.24
N THR D 722 3.48 -21.08 -35.97
CA THR D 722 4.42 -20.58 -36.97
C THR D 722 5.56 -21.57 -37.20
N GLY D 723 6.05 -22.19 -36.13
CA GLY D 723 7.10 -23.17 -36.27
C GLY D 723 8.18 -23.06 -35.22
N ARG D 724 8.01 -22.15 -34.27
CA ARG D 724 8.98 -22.03 -33.18
C ARG D 724 8.95 -23.27 -32.31
N TYR D 725 10.12 -23.75 -31.93
CA TYR D 725 10.25 -24.94 -31.11
C TYR D 725 10.25 -24.55 -29.65
N LEU D 726 9.34 -25.12 -28.87
CA LEU D 726 9.18 -24.80 -27.46
C LEU D 726 9.82 -25.82 -26.53
N GLY D 727 9.39 -27.07 -26.61
CA GLY D 727 9.86 -28.07 -25.68
C GLY D 727 9.33 -29.44 -26.04
N ALA D 728 9.30 -30.33 -25.07
CA ALA D 728 8.90 -31.69 -25.33
C ALA D 728 8.49 -32.39 -24.04
N VAL D 729 7.40 -33.16 -24.12
CA VAL D 729 7.01 -34.07 -23.07
C VAL D 729 7.90 -35.29 -23.19
N THR D 730 8.81 -35.49 -22.23
CA THR D 730 9.83 -36.51 -22.32
C THR D 730 10.01 -37.20 -20.97
N SER D 731 11.03 -38.06 -20.91
CA SER D 731 11.54 -38.63 -19.68
C SER D 731 13.06 -38.65 -19.84
N PHE D 732 13.75 -39.43 -19.00
CA PHE D 732 15.20 -39.41 -19.03
C PHE D 732 15.76 -39.90 -20.36
N GLN D 733 15.32 -41.08 -20.81
CA GLN D 733 15.94 -41.71 -21.97
C GLN D 733 15.70 -40.95 -23.27
N PRO D 734 14.47 -40.53 -23.61
CA PRO D 734 14.33 -39.73 -24.84
C PRO D 734 14.91 -38.33 -24.75
N ALA D 735 15.18 -37.82 -23.55
CA ALA D 735 15.77 -36.50 -23.42
C ALA D 735 17.27 -36.53 -23.27
N GLN D 736 17.89 -37.70 -23.25
CA GLN D 736 19.35 -37.75 -23.31
C GLN D 736 19.85 -37.40 -24.71
N ASN D 737 19.01 -37.58 -25.73
CA ASN D 737 19.42 -37.30 -27.10
C ASN D 737 19.47 -35.80 -27.38
N ASN D 738 18.79 -35.00 -26.57
CA ASN D 738 18.74 -33.56 -26.83
C ASN D 738 20.01 -32.86 -26.34
N TYR D 739 20.84 -33.55 -25.56
CA TYR D 739 22.08 -32.92 -25.11
C TYR D 739 23.31 -33.81 -25.24
N LYS D 740 23.19 -35.06 -25.70
CA LYS D 740 24.39 -35.89 -25.75
C LYS D 740 25.25 -35.55 -26.97
N ASN D 741 24.78 -34.68 -27.85
CA ASN D 741 25.53 -34.30 -29.05
C ASN D 741 25.68 -32.79 -29.20
N TRP D 742 25.94 -32.05 -28.13
CA TRP D 742 26.16 -30.62 -28.25
C TRP D 742 27.63 -30.28 -28.47
N PHE D 743 28.52 -30.94 -27.74
CA PHE D 743 29.94 -30.58 -27.80
C PHE D 743 30.55 -30.89 -29.16
N ILE D 744 30.20 -32.05 -29.72
CA ILE D 744 30.81 -32.48 -30.97
C ILE D 744 30.37 -31.59 -32.12
N GLN D 745 29.15 -31.06 -32.06
CA GLN D 745 28.72 -30.11 -33.07
C GLN D 745 29.55 -28.84 -33.04
N LEU D 746 29.83 -28.32 -31.84
CA LEU D 746 30.62 -27.10 -31.74
C LEU D 746 32.06 -27.35 -32.15
N GLN D 747 32.56 -28.56 -31.93
CA GLN D 747 33.89 -28.90 -32.46
C GLN D 747 33.89 -28.92 -33.98
N MET D 748 32.95 -29.65 -34.57
CA MET D 748 33.03 -30.00 -35.98
C MET D 748 32.37 -28.98 -36.90
N CYS D 749 31.81 -27.91 -36.35
CA CYS D 749 31.31 -26.80 -37.16
C CYS D 749 32.37 -25.72 -37.36
N ASP D 750 33.55 -25.90 -36.78
CA ASP D 750 34.65 -24.95 -36.93
C ASP D 750 35.84 -25.53 -37.68
N ARG D 751 36.01 -26.85 -37.70
CA ARG D 751 37.11 -27.46 -38.42
C ARG D 751 36.90 -27.27 -39.92
N GLU D 752 37.83 -26.59 -40.57
CA GLU D 752 37.60 -26.11 -41.92
C GLU D 752 37.51 -27.18 -43.01
N PRO D 753 38.30 -28.27 -43.00
CA PRO D 753 38.06 -29.30 -44.04
C PRO D 753 36.65 -29.87 -44.05
N PHE D 754 36.14 -30.25 -42.87
CA PHE D 754 34.79 -30.80 -42.76
C PHE D 754 33.75 -29.79 -43.18
N ALA D 755 33.80 -28.59 -42.61
CA ALA D 755 32.79 -27.57 -42.89
C ALA D 755 32.80 -27.19 -44.37
N HIS D 756 34.00 -27.12 -44.96
CA HIS D 756 34.06 -26.69 -46.35
C HIS D 756 33.63 -27.81 -47.29
N ALA D 757 33.84 -29.07 -46.91
CA ALA D 757 33.29 -30.16 -47.70
C ALA D 757 31.76 -30.10 -47.73
N ILE D 758 31.14 -29.89 -46.56
CA ILE D 758 29.68 -29.85 -46.53
C ILE D 758 29.16 -28.61 -47.26
N ALA D 759 29.85 -27.48 -47.11
CA ALA D 759 29.42 -26.25 -47.76
C ALA D 759 29.67 -26.27 -49.26
N GLN D 760 30.57 -27.13 -49.73
CA GLN D 760 30.66 -27.38 -51.16
C GLN D 760 29.49 -28.21 -51.65
N GLN D 761 29.14 -29.26 -50.89
CA GLN D 761 28.05 -30.14 -51.31
C GLN D 761 26.71 -29.42 -51.36
N ILE D 762 26.46 -28.53 -50.40
CA ILE D 762 25.18 -27.82 -50.34
C ILE D 762 24.98 -26.95 -51.58
N VAL D 763 26.01 -26.18 -51.94
CA VAL D 763 25.89 -25.31 -53.11
C VAL D 763 25.83 -26.11 -54.40
N ILE D 764 26.57 -27.22 -54.48
CA ILE D 764 26.44 -28.12 -55.63
C ILE D 764 24.98 -28.55 -55.79
N SER D 765 24.35 -28.97 -54.69
CA SER D 765 22.97 -29.44 -54.75
C SER D 765 22.01 -28.32 -55.13
N ARG D 766 22.24 -27.11 -54.61
CA ARG D 766 21.36 -26.00 -54.94
C ARG D 766 21.40 -25.68 -56.43
N ILE D 767 22.61 -25.59 -57.00
CA ILE D 767 22.71 -25.27 -58.42
C ILE D 767 22.14 -26.40 -59.27
N HIS D 768 22.36 -27.65 -58.84
CA HIS D 768 21.76 -28.78 -59.56
C HIS D 768 20.24 -28.68 -59.59
N ASN D 769 19.62 -28.40 -58.44
CA ASN D 769 18.17 -28.36 -58.39
C ASN D 769 17.60 -27.20 -59.20
N GLN D 770 18.28 -26.06 -59.19
CA GLN D 770 17.77 -24.94 -59.97
C GLN D 770 18.09 -25.07 -61.46
N ARG D 771 18.97 -26.00 -61.83
CA ARG D 771 19.00 -26.44 -63.23
C ARG D 771 17.79 -27.32 -63.54
N GLN D 772 17.48 -28.26 -62.65
CA GLN D 772 16.38 -29.20 -62.88
C GLN D 772 15.05 -28.47 -63.01
N THR D 773 14.88 -27.36 -62.28
CA THR D 773 13.63 -26.61 -62.35
C THR D 773 13.37 -26.08 -63.76
N LEU D 774 14.43 -25.59 -64.43
CA LEU D 774 14.24 -25.11 -65.81
C LEU D 774 14.17 -26.26 -66.78
N LEU D 775 14.79 -27.41 -66.46
CA LEU D 775 14.74 -28.55 -67.39
C LEU D 775 13.31 -29.06 -67.59
N LYS D 776 12.44 -28.88 -66.59
CA LYS D 776 11.13 -29.50 -66.62
C LYS D 776 10.08 -28.69 -67.38
N ARG D 777 10.43 -27.51 -67.88
CA ARG D 777 9.44 -26.70 -68.60
C ARG D 777 9.10 -27.31 -69.95
N LYS D 778 10.13 -27.67 -70.73
CA LYS D 778 10.02 -28.36 -72.01
C LYS D 778 9.18 -27.63 -73.05
N ALA D 779 8.86 -26.36 -72.83
CA ALA D 779 8.13 -25.57 -73.81
C ALA D 779 8.88 -24.36 -74.29
N HIS D 780 9.82 -23.83 -73.51
CA HIS D 780 10.71 -22.74 -73.91
C HIS D 780 12.16 -23.18 -73.82
N ARG D 781 12.46 -24.41 -74.28
CA ARG D 781 13.80 -24.97 -74.09
C ARG D 781 14.84 -24.21 -74.91
N LYS D 782 14.47 -23.76 -76.12
CA LYS D 782 15.44 -23.15 -77.02
C LYS D 782 15.96 -21.83 -76.47
N GLN D 783 15.11 -21.08 -75.76
CA GLN D 783 15.56 -19.83 -75.16
C GLN D 783 16.40 -20.09 -73.93
N LEU D 784 16.30 -21.28 -73.34
CA LEU D 784 16.96 -21.59 -72.09
C LEU D 784 18.19 -22.49 -72.25
N GLN D 785 18.54 -22.89 -73.48
CA GLN D 785 19.76 -23.67 -73.66
C GLN D 785 20.99 -22.90 -73.20
N GLN D 786 21.07 -21.62 -73.54
CA GLN D 786 22.19 -20.79 -73.12
C GLN D 786 22.25 -20.69 -71.60
N THR D 787 21.10 -20.47 -70.96
CA THR D 787 21.08 -20.32 -69.50
C THR D 787 21.48 -21.61 -68.81
N LEU D 788 21.02 -22.76 -69.33
CA LEU D 788 21.39 -24.03 -68.71
C LEU D 788 22.88 -24.33 -68.89
N SER D 789 23.44 -24.01 -70.06
CA SER D 789 24.88 -24.19 -70.23
C SER D 789 25.67 -23.27 -69.30
N ASN D 790 25.21 -22.04 -69.14
CA ASN D 790 25.87 -21.13 -68.20
C ASN D 790 25.81 -21.65 -66.77
N LEU D 791 24.66 -22.18 -66.37
CA LEU D 791 24.54 -22.71 -65.01
C LEU D 791 25.42 -23.94 -64.82
N LYS D 792 25.58 -24.76 -65.86
CA LYS D 792 26.53 -25.87 -65.78
C LYS D 792 27.95 -25.36 -65.61
N LYS D 793 28.32 -24.31 -66.36
CA LYS D 793 29.66 -23.74 -66.23
C LYS D 793 29.90 -23.18 -64.82
N LEU D 794 28.89 -22.54 -64.25
CA LEU D 794 29.04 -22.04 -62.88
C LEU D 794 29.07 -23.18 -61.86
N GLN D 795 28.32 -24.25 -62.10
CA GLN D 795 28.31 -25.37 -61.16
C GLN D 795 29.65 -26.07 -61.12
N TYR D 796 30.30 -26.22 -62.28
CA TYR D 796 31.57 -26.93 -62.31
C TYR D 796 32.69 -26.20 -61.55
N LYS D 797 32.55 -24.90 -61.29
CA LYS D 797 33.56 -24.15 -60.56
C LYS D 797 33.46 -24.33 -59.05
N VAL D 798 32.33 -24.84 -58.54
CA VAL D 798 32.15 -24.98 -57.10
C VAL D 798 33.00 -26.13 -56.56
N THR D 799 33.35 -27.08 -57.43
CA THR D 799 34.13 -28.23 -57.01
C THR D 799 35.56 -27.88 -56.61
N ALA D 800 36.02 -26.65 -56.88
CA ALA D 800 37.40 -26.27 -56.65
C ALA D 800 37.59 -25.08 -55.72
N ALA D 801 36.57 -24.25 -55.51
CA ALA D 801 36.74 -23.03 -54.73
C ALA D 801 37.02 -23.35 -53.27
N THR D 802 38.17 -22.87 -52.78
CA THR D 802 38.64 -23.23 -51.45
C THR D 802 38.50 -22.06 -50.47
N LYS D 803 37.40 -21.33 -50.53
CA LYS D 803 37.09 -20.28 -49.58
C LYS D 803 35.59 -20.02 -49.58
N ARG D 804 35.11 -19.38 -48.51
CA ARG D 804 33.67 -19.15 -48.37
C ARG D 804 33.18 -18.03 -49.28
N SER D 805 33.99 -16.98 -49.46
CA SER D 805 33.54 -15.84 -50.27
C SER D 805 33.39 -16.22 -51.74
N SER D 806 34.25 -17.13 -52.22
CA SER D 806 34.09 -17.64 -53.58
C SER D 806 32.78 -18.38 -53.74
N LEU D 807 32.40 -19.18 -52.73
CA LEU D 807 31.12 -19.87 -52.75
C LEU D 807 29.98 -18.87 -52.78
N ASN D 808 30.07 -17.82 -51.97
CA ASN D 808 29.03 -16.80 -51.94
C ASN D 808 28.89 -16.12 -53.30
N GLY D 809 30.01 -15.79 -53.94
CA GLY D 809 29.94 -15.17 -55.26
C GLY D 809 29.35 -16.08 -56.31
N LEU D 810 29.76 -17.35 -56.32
CA LEU D 810 29.22 -18.29 -57.29
C LEU D 810 27.72 -18.48 -57.11
N GLU D 811 27.26 -18.65 -55.87
CA GLU D 811 25.85 -18.87 -55.63
C GLU D 811 25.03 -17.62 -55.99
N GLY D 812 25.57 -16.43 -55.69
CA GLY D 812 24.88 -15.22 -56.07
C GLY D 812 24.73 -15.06 -57.57
N SER D 813 25.80 -15.37 -58.32
CA SER D 813 25.72 -15.28 -59.77
C SER D 813 24.73 -16.30 -60.33
N ALA D 814 24.74 -17.52 -59.78
CA ALA D 814 23.80 -18.55 -60.24
C ALA D 814 22.36 -18.15 -59.96
N THR D 815 22.10 -17.58 -58.79
CA THR D 815 20.74 -17.15 -58.45
C THR D 815 20.25 -16.03 -59.35
N ARG D 816 21.13 -15.06 -59.64
CA ARG D 816 20.74 -13.99 -60.55
C ARG D 816 20.44 -14.53 -61.94
N GLU D 817 21.28 -15.46 -62.43
CA GLU D 817 21.07 -16.03 -63.75
C GLU D 817 19.84 -16.92 -63.79
N TYR D 818 19.41 -17.40 -62.61
CA TYR D 818 18.21 -18.22 -62.55
C TYR D 818 16.94 -17.37 -62.52
N PHE D 819 16.95 -16.26 -61.78
CA PHE D 819 15.77 -15.38 -61.73
C PHE D 819 15.66 -14.45 -62.93
N GLN D 820 16.69 -14.31 -63.76
CA GLN D 820 16.55 -13.37 -64.88
C GLN D 820 15.54 -13.85 -65.91
N GLN D 821 15.09 -15.11 -65.83
CA GLN D 821 14.34 -15.69 -66.94
C GLN D 821 12.85 -15.89 -66.67
N PHE D 822 12.34 -15.59 -65.47
CA PHE D 822 10.95 -15.93 -65.17
C PHE D 822 9.93 -15.08 -65.90
N ASN D 823 10.35 -14.04 -66.63
CA ASN D 823 9.36 -13.21 -67.31
C ASN D 823 8.72 -13.93 -68.49
N LEU D 824 9.33 -15.03 -68.93
CA LEU D 824 8.70 -15.85 -69.98
C LEU D 824 7.54 -16.66 -69.43
N PHE D 825 7.58 -16.97 -68.13
CA PHE D 825 6.60 -17.88 -67.56
C PHE D 825 5.36 -17.13 -67.09
N LEU D 826 5.55 -16.07 -66.31
CA LEU D 826 4.46 -15.38 -65.66
C LEU D 826 3.61 -14.62 -66.68
N PRO D 827 2.35 -14.35 -66.36
CA PRO D 827 1.51 -13.57 -67.27
C PRO D 827 1.91 -12.09 -67.28
N GLU D 828 1.12 -11.30 -68.01
CA GLU D 828 1.48 -9.92 -68.30
C GLU D 828 1.52 -9.07 -67.04
N TRP D 829 0.51 -9.20 -66.18
CA TRP D 829 0.40 -8.30 -65.03
C TRP D 829 1.43 -8.63 -63.97
N ALA D 830 1.92 -9.87 -63.94
CA ALA D 830 2.83 -10.33 -62.89
C ALA D 830 4.29 -10.19 -63.27
N HIS D 831 4.61 -9.61 -64.42
CA HIS D 831 6.00 -9.47 -64.85
C HIS D 831 6.78 -8.58 -63.89
N PHE D 832 7.87 -9.12 -63.35
CA PHE D 832 8.71 -8.41 -62.40
C PHE D 832 10.12 -8.32 -62.96
N SER D 833 10.80 -7.20 -62.71
CA SER D 833 12.12 -6.94 -63.28
C SER D 833 13.21 -6.77 -62.22
N LYS D 834 13.03 -5.87 -61.28
CA LYS D 834 14.10 -5.49 -60.37
C LYS D 834 14.21 -6.51 -59.24
N ARG D 835 15.37 -6.55 -58.59
CA ARG D 835 15.63 -7.45 -57.49
C ARG D 835 14.66 -7.20 -56.33
N THR D 836 14.65 -8.14 -55.39
CA THR D 836 13.67 -8.13 -54.31
C THR D 836 13.93 -6.97 -53.34
N ARG D 837 12.84 -6.27 -53.00
CA ARG D 837 12.89 -5.17 -52.05
C ARG D 837 12.29 -5.62 -50.72
N ARG D 838 12.84 -5.09 -49.62
CA ARG D 838 12.33 -5.45 -48.31
C ARG D 838 10.88 -5.02 -48.11
N PRO D 839 10.46 -3.80 -48.43
CA PRO D 839 9.04 -3.58 -48.66
C PRO D 839 8.70 -3.89 -50.11
N PRO D 840 7.86 -4.90 -50.34
CA PRO D 840 7.62 -5.34 -51.73
C PRO D 840 6.79 -4.31 -52.50
N LYS D 841 7.00 -4.27 -53.82
CA LYS D 841 6.20 -3.46 -54.72
C LYS D 841 5.67 -4.26 -55.89
N ASP D 842 5.90 -5.57 -55.93
CA ASP D 842 5.44 -6.49 -56.94
C ASP D 842 4.92 -7.78 -56.32
N PRO D 843 3.99 -8.48 -56.97
CA PRO D 843 3.36 -9.66 -56.34
C PRO D 843 4.30 -10.84 -56.11
N PHE D 844 5.18 -11.11 -57.08
CA PHE D 844 5.93 -12.35 -57.05
C PHE D 844 6.90 -12.39 -55.88
N ASN D 845 7.47 -11.25 -55.52
CA ASN D 845 8.32 -11.20 -54.34
C ASN D 845 7.52 -11.48 -53.08
N VAL D 846 6.26 -11.04 -53.03
CA VAL D 846 5.41 -11.32 -51.88
C VAL D 846 5.20 -12.82 -51.74
N LEU D 847 4.86 -13.49 -52.85
CA LEU D 847 4.63 -14.93 -52.80
C LEU D 847 5.89 -15.67 -52.37
N LEU D 848 7.03 -15.29 -52.93
CA LEU D 848 8.28 -15.93 -52.57
C LEU D 848 8.62 -15.71 -51.10
N SER D 849 8.33 -14.51 -50.59
CA SER D 849 8.64 -14.20 -49.19
C SER D 849 7.83 -15.07 -48.24
N LEU D 850 6.53 -15.21 -48.49
CA LEU D 850 5.73 -16.11 -47.66
C LEU D 850 6.26 -17.53 -47.71
N GLY D 851 6.58 -18.02 -48.90
CA GLY D 851 7.10 -19.37 -49.01
C GLY D 851 8.41 -19.58 -48.26
N TYR D 852 9.33 -18.63 -48.40
CA TYR D 852 10.64 -18.76 -47.75
C TYR D 852 10.49 -18.75 -46.24
N THR D 853 9.63 -17.89 -45.71
CA THR D 853 9.43 -17.86 -44.25
C THR D 853 8.84 -19.17 -43.73
N ILE D 854 7.85 -19.72 -44.44
CA ILE D 854 7.24 -20.98 -43.98
C ILE D 854 8.27 -22.10 -43.99
N LEU D 855 9.03 -22.21 -45.08
CA LEU D 855 10.02 -23.28 -45.18
C LEU D 855 11.11 -23.13 -44.13
N TYR D 856 11.53 -21.89 -43.86
CA TYR D 856 12.56 -21.66 -42.86
C TYR D 856 12.08 -22.07 -41.47
N SER D 857 10.84 -21.70 -41.12
CA SER D 857 10.33 -22.04 -39.79
C SER D 857 10.23 -23.55 -39.60
N HIS D 858 9.70 -24.26 -40.61
CA HIS D 858 9.52 -25.69 -40.45
C HIS D 858 10.86 -26.43 -40.43
N THR D 859 11.81 -26.00 -41.27
CA THR D 859 13.15 -26.58 -41.24
C THR D 859 13.81 -26.36 -39.88
N ASP D 860 13.60 -25.18 -39.30
CA ASP D 860 14.18 -24.87 -38.00
C ASP D 860 13.63 -25.79 -36.91
N ALA D 861 12.31 -25.97 -36.89
CA ALA D 861 11.71 -26.84 -35.88
C ALA D 861 12.19 -28.28 -36.02
N ILE D 862 12.20 -28.80 -37.26
CA ILE D 862 12.63 -30.19 -37.46
C ILE D 862 14.11 -30.37 -37.17
N LEU D 863 14.93 -29.35 -37.39
CA LEU D 863 16.34 -29.46 -37.00
C LEU D 863 16.51 -29.47 -35.50
N GLN D 864 15.76 -28.61 -34.78
CA GLN D 864 15.87 -28.58 -33.33
C GLN D 864 15.40 -29.87 -32.69
N SER D 865 14.40 -30.51 -33.30
CA SER D 865 13.85 -31.74 -32.71
C SER D 865 14.86 -32.87 -32.72
N ALA D 866 15.79 -32.86 -33.68
CA ALA D 866 16.75 -33.96 -33.80
C ALA D 866 17.88 -33.87 -32.80
N GLY D 867 18.02 -32.75 -32.10
CA GLY D 867 19.05 -32.58 -31.11
C GLY D 867 20.15 -31.60 -31.44
N PHE D 868 19.89 -30.62 -32.31
CA PHE D 868 20.92 -29.72 -32.80
C PHE D 868 20.84 -28.37 -32.13
N ILE D 869 21.94 -27.64 -32.17
CA ILE D 869 21.97 -26.23 -31.78
C ILE D 869 21.97 -25.42 -33.07
N THR D 870 20.88 -24.70 -33.33
CA THR D 870 20.68 -24.16 -34.66
C THR D 870 21.30 -22.78 -34.88
N TRP D 871 22.06 -22.23 -33.92
CA TRP D 871 22.74 -20.98 -34.22
C TRP D 871 24.18 -21.21 -34.66
N LYS D 872 24.74 -22.38 -34.38
CA LYS D 872 26.06 -22.72 -34.88
C LYS D 872 25.93 -23.30 -36.28
N GLY D 873 26.32 -22.52 -37.28
CA GLY D 873 26.17 -22.93 -38.67
C GLY D 873 27.49 -23.35 -39.27
N ILE D 874 27.43 -24.12 -40.36
CA ILE D 874 28.64 -24.61 -41.00
C ILE D 874 29.05 -23.73 -42.17
N TYR D 875 28.09 -23.02 -42.78
CA TYR D 875 28.36 -22.24 -43.98
C TYR D 875 27.90 -20.79 -43.85
N HIS D 876 26.96 -20.49 -42.96
CA HIS D 876 26.51 -19.12 -42.75
C HIS D 876 27.09 -18.56 -41.46
N GLN D 877 26.85 -17.26 -41.25
CA GLN D 877 27.44 -16.56 -40.12
C GLN D 877 26.66 -16.84 -38.85
N GLN D 878 27.37 -17.23 -37.79
CA GLN D 878 26.76 -17.38 -36.48
C GLN D 878 26.28 -16.01 -35.99
N SER D 879 24.97 -15.85 -35.88
CA SER D 879 24.42 -14.54 -35.59
C SER D 879 23.07 -14.68 -34.91
N ALA D 880 22.65 -13.59 -34.28
CA ALA D 880 21.28 -13.50 -33.80
C ALA D 880 20.38 -13.06 -34.94
N ALA D 881 19.08 -12.98 -34.64
CA ALA D 881 17.96 -12.62 -35.52
C ALA D 881 17.63 -13.73 -36.52
N HIS D 882 18.43 -14.79 -36.61
CA HIS D 882 18.10 -15.94 -37.43
C HIS D 882 18.93 -17.12 -36.97
N ALA D 883 18.49 -18.32 -37.36
CA ALA D 883 19.19 -19.56 -37.06
C ALA D 883 20.06 -19.91 -38.26
N ALA D 884 21.34 -20.16 -38.00
CA ALA D 884 22.29 -20.36 -39.10
C ALA D 884 22.09 -21.71 -39.76
N LEU D 885 21.92 -22.77 -38.96
CA LEU D 885 21.82 -24.11 -39.52
C LEU D 885 20.53 -24.31 -40.30
N ALA D 886 19.45 -23.69 -39.85
CA ALA D 886 18.17 -23.84 -40.54
C ALA D 886 18.19 -23.14 -41.90
N SER D 887 18.70 -21.90 -41.94
CA SER D 887 18.84 -21.21 -43.21
C SER D 887 19.98 -21.80 -44.02
N ASP D 888 20.77 -22.69 -43.42
CA ASP D 888 21.86 -23.34 -44.13
C ASP D 888 21.37 -24.57 -44.89
N ILE D 889 20.68 -25.48 -44.20
CA ILE D 889 20.21 -26.72 -44.83
C ILE D 889 19.04 -26.49 -45.77
N MET D 890 18.23 -25.46 -45.54
CA MET D 890 17.05 -25.21 -46.35
C MET D 890 17.36 -24.77 -47.78
N GLU D 891 18.64 -24.59 -48.13
CA GLU D 891 18.95 -24.09 -49.47
C GLU D 891 18.68 -25.14 -50.53
N SER D 892 18.90 -26.41 -50.22
CA SER D 892 18.73 -27.46 -51.21
C SER D 892 17.27 -27.60 -51.63
N TYR D 893 16.35 -27.26 -50.74
CA TYR D 893 14.92 -27.47 -50.96
C TYR D 893 14.18 -26.20 -51.37
N ARG D 894 14.89 -25.13 -51.74
CA ARG D 894 14.22 -23.87 -52.04
C ARG D 894 13.43 -23.90 -53.35
N HIS D 895 13.61 -24.91 -54.19
CA HIS D 895 12.97 -24.89 -55.50
C HIS D 895 11.49 -25.20 -55.40
N LEU D 896 11.05 -25.82 -54.30
CA LEU D 896 9.65 -26.16 -54.14
C LEU D 896 8.78 -24.92 -54.09
N VAL D 897 9.23 -23.90 -53.35
CA VAL D 897 8.47 -22.65 -53.22
C VAL D 897 8.35 -21.97 -54.58
N GLU D 898 9.43 -21.94 -55.34
CA GLU D 898 9.44 -21.24 -56.63
C GLU D 898 8.56 -21.96 -57.64
N ARG D 899 8.67 -23.29 -57.70
CA ARG D 899 7.83 -24.07 -58.60
C ARG D 899 6.36 -23.91 -58.25
N TYR D 900 6.04 -23.95 -56.94
CA TYR D 900 4.66 -23.79 -56.51
C TYR D 900 4.12 -22.40 -56.82
N ALA D 901 4.94 -21.36 -56.64
CA ALA D 901 4.49 -20.00 -56.93
C ALA D 901 4.18 -19.82 -58.40
N ILE D 902 5.05 -20.36 -59.28
CA ILE D 902 4.78 -20.31 -60.71
C ILE D 902 3.49 -21.05 -61.04
N TYR D 903 3.29 -22.22 -60.40
CA TYR D 903 2.08 -23.00 -60.64
C TYR D 903 0.83 -22.23 -60.24
N ILE D 904 0.85 -21.62 -59.05
CA ILE D 904 -0.34 -20.90 -58.56
C ILE D 904 -0.67 -19.73 -59.46
N ILE D 905 0.33 -18.94 -59.85
CA ILE D 905 0.02 -17.78 -60.68
C ILE D 905 -0.45 -18.21 -62.06
N ASN D 906 0.15 -19.27 -62.63
CA ASN D 906 -0.25 -19.68 -63.97
C ASN D 906 -1.63 -20.31 -64.02
N HIS D 907 -1.98 -21.11 -63.03
CA HIS D 907 -3.25 -21.84 -63.10
C HIS D 907 -4.44 -21.06 -62.56
N GLY D 908 -4.24 -19.81 -62.13
CA GLY D 908 -5.34 -18.91 -61.87
C GLY D 908 -5.99 -19.00 -60.51
N GLN D 909 -5.37 -19.69 -59.55
CA GLN D 909 -5.95 -19.72 -58.20
C GLN D 909 -5.71 -18.41 -57.48
N ILE D 910 -4.81 -17.57 -57.99
CA ILE D 910 -4.58 -16.23 -57.47
C ILE D 910 -4.53 -15.27 -58.64
N LYS D 911 -5.36 -14.23 -58.58
CA LYS D 911 -5.46 -13.24 -59.64
C LYS D 911 -5.04 -11.87 -59.10
N GLN D 912 -5.19 -10.86 -59.95
CA GLN D 912 -4.80 -9.51 -59.57
C GLN D 912 -5.73 -8.94 -58.51
N ASP D 913 -6.92 -9.52 -58.37
CA ASP D 913 -7.92 -9.00 -57.44
C ASP D 913 -7.47 -9.17 -56.00
N ASP D 914 -6.69 -10.21 -55.72
CA ASP D 914 -6.42 -10.60 -54.34
C ASP D 914 -5.37 -9.73 -53.67
N PHE D 915 -4.59 -8.98 -54.45
CA PHE D 915 -3.56 -8.14 -53.87
C PHE D 915 -4.12 -6.78 -53.50
N ARG D 916 -3.72 -6.28 -52.33
CA ARG D 916 -4.25 -5.06 -51.76
C ARG D 916 -3.15 -4.03 -51.61
N GLN D 917 -3.38 -2.84 -52.17
CA GLN D 917 -2.43 -1.73 -52.06
C GLN D 917 -2.76 -0.90 -50.83
N GLU D 918 -1.76 -0.61 -50.00
CA GLU D 918 -2.03 0.13 -48.78
C GLU D 918 -0.77 0.81 -48.29
N LYS D 919 -0.91 1.52 -47.17
CA LYS D 919 0.21 2.16 -46.49
C LYS D 919 0.21 1.68 -45.04
N ASP D 920 1.36 1.24 -44.56
CA ASP D 920 1.46 0.72 -43.20
C ASP D 920 1.43 1.87 -42.20
N HIS D 921 1.47 1.50 -40.91
CA HIS D 921 1.52 2.49 -39.84
C HIS D 921 2.79 3.33 -39.93
N LEU D 922 3.87 2.73 -40.44
CA LEU D 922 5.09 3.49 -40.65
C LEU D 922 4.94 4.47 -41.80
N GLY D 923 3.88 4.31 -42.61
CA GLY D 923 3.59 5.19 -43.71
C GLY D 923 4.16 4.76 -45.04
N GLN D 924 5.06 3.78 -45.05
CA GLN D 924 5.67 3.35 -46.29
C GLN D 924 4.67 2.55 -47.14
N ASP D 925 4.68 2.80 -48.45
CA ASP D 925 3.76 2.14 -49.35
C ASP D 925 4.07 0.64 -49.44
N THR D 926 3.04 -0.18 -49.34
CA THR D 926 3.18 -1.62 -49.48
C THR D 926 2.04 -2.18 -50.33
N ILE D 927 2.28 -3.36 -50.89
CA ILE D 927 1.24 -4.18 -51.49
C ILE D 927 1.30 -5.52 -50.79
N ARG D 928 0.15 -6.02 -50.34
CA ARG D 928 0.12 -7.25 -49.57
C ARG D 928 -0.96 -8.18 -50.11
N LEU D 929 -1.01 -9.36 -49.52
CA LEU D 929 -1.96 -10.39 -49.95
C LEU D 929 -3.12 -10.44 -48.97
N SER D 930 -4.34 -10.53 -49.51
CA SER D 930 -5.53 -10.50 -48.67
C SER D 930 -5.62 -11.75 -47.81
N ALA D 931 -6.42 -11.66 -46.74
CA ALA D 931 -6.42 -12.70 -45.71
C ALA D 931 -6.90 -14.04 -46.25
N GLU D 932 -7.97 -14.04 -47.05
CA GLU D 932 -8.45 -15.27 -47.65
C GLU D 932 -7.41 -15.88 -48.57
N ALA D 933 -6.81 -15.04 -49.42
CA ALA D 933 -5.79 -15.51 -50.33
C ALA D 933 -4.56 -16.02 -49.59
N ARG D 934 -4.17 -15.35 -48.50
CA ARG D 934 -3.03 -15.81 -47.72
C ARG D 934 -3.30 -17.16 -47.09
N ARG D 935 -4.49 -17.35 -46.52
CA ARG D 935 -4.83 -18.65 -45.94
C ARG D 935 -4.84 -19.74 -47.01
N ARG D 936 -5.40 -19.44 -48.18
CA ARG D 936 -5.43 -20.41 -49.28
C ARG D 936 -4.02 -20.79 -49.71
N TYR D 937 -3.14 -19.79 -49.86
CA TYR D 937 -1.78 -20.06 -50.31
C TYR D 937 -1.00 -20.87 -49.29
N VAL D 938 -1.13 -20.55 -48.00
CA VAL D 938 -0.40 -21.28 -46.97
C VAL D 938 -0.88 -22.73 -46.91
N GLY D 939 -2.19 -22.94 -47.01
CA GLY D 939 -2.70 -24.31 -47.04
C GLY D 939 -2.20 -25.11 -48.23
N GLY D 940 -2.19 -24.49 -49.42
CA GLY D 940 -1.67 -25.17 -50.60
C GLY D 940 -0.20 -25.52 -50.47
N LEU D 941 0.58 -24.60 -49.89
CA LEU D 941 2.02 -24.86 -49.76
C LEU D 941 2.28 -25.98 -48.77
N ILE D 942 1.54 -26.03 -47.66
CA ILE D 942 1.70 -27.15 -46.74
C ILE D 942 1.25 -28.46 -47.40
N ASN D 943 0.24 -28.40 -48.27
CA ASN D 943 -0.15 -29.59 -49.02
C ASN D 943 0.99 -30.08 -49.90
N ARG D 944 1.67 -29.16 -50.60
CA ARG D 944 2.82 -29.56 -51.40
C ARG D 944 3.94 -30.14 -50.53
N PHE D 945 4.11 -29.60 -49.31
CA PHE D 945 5.06 -30.20 -48.38
C PHE D 945 4.68 -31.63 -48.02
N GLN D 946 3.40 -31.91 -47.88
CA GLN D 946 2.93 -33.25 -47.56
C GLN D 946 3.03 -34.20 -48.74
N LYS D 947 2.96 -33.69 -49.97
CA LYS D 947 3.04 -34.52 -51.18
C LYS D 947 4.47 -34.68 -51.67
N PHE D 948 5.44 -34.69 -50.76
CA PHE D 948 6.85 -34.72 -51.15
C PHE D 948 7.22 -36.04 -51.83
N SER D 949 6.84 -37.15 -51.21
CA SER D 949 7.09 -38.47 -51.77
C SER D 949 6.08 -39.46 -51.22
N LYS D 950 5.93 -40.58 -51.94
CA LYS D 950 5.00 -41.60 -51.51
C LYS D 950 5.41 -42.20 -50.17
N ASP D 951 6.71 -42.44 -49.99
CA ASP D 951 7.17 -43.07 -48.76
C ASP D 951 7.25 -42.06 -47.62
N LYS D 952 8.07 -41.03 -47.77
CA LYS D 952 8.30 -40.03 -46.73
C LYS D 952 7.60 -38.73 -47.10
N THR D 953 7.14 -38.01 -46.10
CA THR D 953 6.84 -36.61 -46.26
C THR D 953 8.09 -35.80 -45.99
N LEU D 954 8.01 -34.49 -46.20
CA LEU D 954 9.22 -33.67 -46.14
C LEU D 954 9.81 -33.64 -44.74
N HIS D 955 8.97 -33.62 -43.70
CA HIS D 955 9.47 -33.49 -42.34
C HIS D 955 10.22 -34.74 -41.90
N GLN D 956 9.70 -35.91 -42.25
CA GLN D 956 10.39 -37.16 -41.95
C GLN D 956 11.70 -37.25 -42.73
N HIS D 957 11.71 -36.73 -43.95
CA HIS D 957 12.92 -36.69 -44.76
C HIS D 957 13.98 -35.81 -44.13
N LEU D 958 13.59 -34.64 -43.63
CA LEU D 958 14.54 -33.76 -42.96
C LEU D 958 15.03 -34.36 -41.65
N TYR D 959 14.19 -35.10 -40.95
CA TYR D 959 14.66 -35.78 -39.75
C TYR D 959 15.71 -36.84 -40.09
N GLN D 960 15.48 -37.59 -41.16
CA GLN D 960 16.48 -38.57 -41.61
C GLN D 960 17.78 -37.90 -42.01
N GLN D 961 17.69 -36.77 -42.70
CA GLN D 961 18.88 -36.01 -43.07
C GLN D 961 19.65 -35.52 -41.85
N ALA D 962 18.93 -35.03 -40.83
CA ALA D 962 19.59 -34.60 -39.60
C ALA D 962 20.29 -35.76 -38.91
N GLN D 963 19.68 -36.94 -38.93
CA GLN D 963 20.35 -38.11 -38.36
C GLN D 963 21.61 -38.47 -39.14
N GLN D 964 21.56 -38.35 -40.47
CA GLN D 964 22.75 -38.61 -41.28
C GLN D 964 23.87 -37.63 -40.95
N LEU D 965 23.54 -36.34 -40.82
CA LEU D 965 24.55 -35.34 -40.47
C LEU D 965 25.10 -35.58 -39.08
N LYS D 966 24.26 -36.03 -38.15
CA LYS D 966 24.73 -36.35 -36.82
C LYS D 966 25.74 -37.49 -36.86
N ASN D 967 25.47 -38.52 -37.65
CA ASN D 967 26.43 -39.62 -37.77
C ASN D 967 27.72 -39.14 -38.43
N ALA D 968 27.61 -38.26 -39.43
CA ALA D 968 28.80 -37.75 -40.12
C ALA D 968 29.69 -36.97 -39.17
N MET D 969 29.10 -36.12 -38.32
CA MET D 969 29.89 -35.43 -37.32
C MET D 969 30.50 -36.40 -36.32
N HIS D 970 29.73 -37.42 -35.92
CA HIS D 970 30.19 -38.33 -34.89
C HIS D 970 31.40 -39.14 -35.34
N ASN D 971 31.40 -39.60 -36.59
CA ASN D 971 32.49 -40.44 -37.09
C ASN D 971 33.58 -39.66 -37.82
N GLN D 972 33.46 -38.32 -37.89
CA GLN D 972 34.47 -37.40 -38.43
C GLN D 972 34.60 -37.47 -39.95
N GLN D 973 33.91 -38.42 -40.60
CA GLN D 973 34.00 -38.54 -42.05
C GLN D 973 33.04 -37.56 -42.71
N SER D 974 33.56 -36.76 -43.63
CA SER D 974 32.83 -35.63 -44.17
C SER D 974 32.02 -35.96 -45.41
N SER D 975 32.00 -37.21 -45.86
CA SER D 975 31.28 -37.58 -47.06
C SER D 975 30.22 -38.65 -46.83
N GLN D 976 30.01 -39.07 -45.58
CA GLN D 976 28.88 -39.94 -45.29
C GLN D 976 27.56 -39.19 -45.36
N PHE D 977 27.59 -37.86 -45.28
CA PHE D 977 26.41 -37.03 -45.37
C PHE D 977 26.17 -36.68 -46.83
N GLN D 978 25.27 -37.42 -47.48
CA GLN D 978 24.93 -37.16 -48.87
C GLN D 978 23.70 -36.27 -48.92
N VAL D 979 23.77 -35.20 -49.73
CA VAL D 979 22.74 -34.18 -49.72
C VAL D 979 21.69 -34.54 -50.76
N TRP D 980 20.47 -34.05 -50.58
CA TRP D 980 19.38 -34.25 -51.52
C TRP D 980 19.65 -33.47 -52.81
N LYS D 981 19.56 -34.15 -53.96
CA LYS D 981 19.93 -33.56 -55.23
C LYS D 981 18.84 -33.62 -56.30
N GLU D 982 17.67 -34.18 -55.98
CA GLU D 982 16.58 -34.36 -56.94
C GLU D 982 17.04 -35.13 -58.18
N LEU D 983 17.71 -36.25 -57.95
CA LEU D 983 18.05 -37.14 -59.06
C LEU D 983 16.79 -37.77 -59.62
N LYS D 984 16.66 -37.76 -60.93
CA LYS D 984 15.47 -38.29 -61.59
C LYS D 984 15.40 -39.82 -61.49
N MET E 4 -74.76 -8.64 30.26
CA MET E 4 -75.35 -8.78 28.93
C MET E 4 -74.39 -9.51 28.00
N ILE E 5 -73.09 -9.43 28.32
CA ILE E 5 -72.09 -10.17 27.55
C ILE E 5 -72.32 -11.67 27.67
N LEU E 6 -72.65 -12.16 28.86
CA LEU E 6 -73.03 -13.54 29.09
C LEU E 6 -74.42 -13.56 29.70
N PRO E 7 -75.46 -13.88 28.94
CA PRO E 7 -76.82 -13.89 29.52
C PRO E 7 -77.05 -15.03 30.50
N SER E 8 -76.14 -16.00 30.57
CA SER E 8 -76.24 -17.09 31.54
C SER E 8 -74.88 -17.73 31.73
N PHE E 9 -74.71 -18.42 32.85
CA PHE E 9 -73.49 -19.18 33.13
C PHE E 9 -73.78 -20.17 34.24
N PRO E 10 -73.08 -21.30 34.27
CA PRO E 10 -73.22 -22.24 35.39
C PRO E 10 -72.62 -21.69 36.68
N ASP E 11 -73.01 -22.32 37.79
CA ASP E 11 -72.57 -21.91 39.13
C ASP E 11 -71.34 -22.71 39.52
N LEU E 12 -70.17 -22.09 39.43
CA LEU E 12 -68.93 -22.78 39.77
C LEU E 12 -68.88 -23.10 41.26
N THR E 13 -68.29 -24.25 41.59
CA THR E 13 -68.14 -24.69 42.96
C THR E 13 -66.81 -25.43 43.04
N GLY E 14 -66.25 -25.54 44.25
CA GLY E 14 -64.93 -26.13 44.35
C GLY E 14 -64.68 -26.84 45.66
N LEU E 15 -63.67 -27.71 45.63
CA LEU E 15 -63.17 -28.41 46.80
C LEU E 15 -61.66 -28.37 46.81
N VAL E 16 -61.07 -28.12 47.97
CA VAL E 16 -59.64 -28.19 48.18
C VAL E 16 -59.39 -29.45 48.98
N VAL E 17 -58.62 -30.39 48.42
CA VAL E 17 -58.34 -31.64 49.11
C VAL E 17 -56.86 -31.66 49.48
N ASN E 18 -56.59 -31.94 50.76
CA ASN E 18 -55.24 -32.10 51.28
C ASN E 18 -55.11 -33.55 51.74
N LEU E 19 -54.10 -34.24 51.22
CA LEU E 19 -53.92 -35.67 51.46
C LEU E 19 -52.47 -35.94 51.83
N LYS E 20 -52.25 -36.98 52.62
CA LYS E 20 -50.94 -37.34 53.14
C LYS E 20 -50.32 -38.44 52.29
N PHE E 21 -48.99 -38.43 52.21
CA PHE E 21 -48.25 -39.50 51.55
C PHE E 21 -47.68 -40.46 52.58
N THR E 22 -47.95 -41.74 52.39
CA THR E 22 -47.41 -42.80 53.23
C THR E 22 -46.36 -43.63 52.53
N ALA E 23 -45.97 -43.25 51.32
CA ALA E 23 -45.02 -44.02 50.54
C ALA E 23 -44.09 -43.07 49.79
N ARG E 24 -42.97 -43.62 49.33
CA ARG E 24 -42.02 -42.87 48.53
C ARG E 24 -42.56 -42.74 47.11
N ALA E 25 -43.03 -41.54 46.76
CA ALA E 25 -43.66 -41.29 45.47
C ALA E 25 -42.88 -40.22 44.73
N GLU E 26 -42.81 -40.36 43.40
CA GLU E 26 -42.14 -39.39 42.53
C GLU E 26 -43.10 -38.99 41.42
N PHE E 27 -43.21 -37.69 41.18
CA PHE E 27 -44.07 -37.14 40.14
C PHE E 27 -43.25 -36.69 38.95
N SER E 28 -43.95 -36.34 37.87
CA SER E 28 -43.32 -35.62 36.77
C SER E 28 -43.25 -34.13 37.11
N LEU E 29 -42.83 -33.32 36.13
CA LEU E 29 -42.68 -31.89 36.40
C LEU E 29 -44.03 -31.19 36.42
N ASN E 30 -44.95 -31.62 35.56
CA ASN E 30 -46.34 -31.15 35.58
C ASN E 30 -47.21 -32.28 36.12
N HIS E 31 -48.10 -31.95 37.05
CA HIS E 31 -48.84 -32.96 37.78
C HIS E 31 -50.28 -33.12 37.34
N GLU E 32 -50.71 -32.42 36.28
CA GLU E 32 -52.12 -32.47 35.91
C GLU E 32 -52.48 -33.81 35.29
N MET E 33 -51.51 -34.48 34.66
CA MET E 33 -51.77 -35.78 34.03
C MET E 33 -52.05 -36.85 35.07
N ALA E 34 -51.20 -36.94 36.10
CA ALA E 34 -51.34 -37.98 37.10
C ALA E 34 -52.63 -37.81 37.91
N VAL E 35 -52.93 -36.57 38.30
CA VAL E 35 -54.15 -36.30 39.06
C VAL E 35 -55.38 -36.51 38.19
N ASP E 36 -55.30 -36.13 36.91
CA ASP E 36 -56.40 -36.40 35.99
C ASP E 36 -56.67 -37.89 35.85
N ALA E 37 -55.61 -38.69 35.70
CA ALA E 37 -55.77 -40.14 35.61
C ALA E 37 -56.32 -40.70 36.91
N PHE E 38 -55.88 -40.15 38.05
CA PHE E 38 -56.40 -40.57 39.35
C PHE E 38 -57.91 -40.38 39.42
N LEU E 39 -58.39 -39.18 39.09
CA LEU E 39 -59.84 -38.96 39.12
C LEU E 39 -60.57 -39.79 38.08
N ARG E 40 -59.95 -40.08 36.94
CA ARG E 40 -60.66 -40.86 35.93
C ARG E 40 -60.77 -42.33 36.33
N HIS E 41 -59.70 -42.91 36.87
CA HIS E 41 -59.75 -44.28 37.36
C HIS E 41 -60.54 -44.40 38.66
N SER E 42 -60.74 -43.31 39.39
CA SER E 42 -61.51 -43.35 40.62
C SER E 42 -63.00 -43.17 40.37
N LEU E 43 -63.38 -42.05 39.76
CA LEU E 43 -64.80 -41.72 39.61
C LEU E 43 -65.47 -42.58 38.55
N ASN E 44 -64.83 -42.76 37.40
CA ASN E 44 -65.37 -43.51 36.26
C ASN E 44 -66.73 -42.96 35.84
N LEU E 45 -66.74 -41.70 35.39
CA LEU E 45 -67.98 -41.07 34.96
C LEU E 45 -68.21 -41.16 33.46
N GLY E 46 -67.17 -41.37 32.67
CA GLY E 46 -67.34 -41.53 31.23
C GLY E 46 -67.14 -40.24 30.45
N GLU E 47 -68.20 -39.77 29.80
CA GLU E 47 -68.09 -38.57 28.97
C GLU E 47 -68.35 -37.31 29.78
N SER E 48 -69.32 -37.35 30.69
CA SER E 48 -69.77 -36.16 31.39
C SER E 48 -68.70 -35.53 32.28
N TYR E 49 -67.66 -36.29 32.64
CA TYR E 49 -66.57 -35.70 33.40
C TYR E 49 -65.87 -34.59 32.62
N SER E 50 -65.94 -34.64 31.30
CA SER E 50 -65.36 -33.56 30.50
C SER E 50 -66.19 -32.29 30.62
N HIS E 51 -67.49 -32.43 30.88
CA HIS E 51 -68.37 -31.27 30.78
C HIS E 51 -68.48 -30.53 32.10
N HIS E 52 -68.25 -31.20 33.22
CA HIS E 52 -68.58 -30.64 34.53
C HIS E 52 -67.38 -30.34 35.41
N LEU E 53 -66.21 -30.93 35.16
CA LEU E 53 -65.16 -30.88 36.16
C LEU E 53 -63.86 -30.34 35.57
N SER E 54 -63.03 -29.80 36.46
CA SER E 54 -61.70 -29.31 36.09
C SER E 54 -60.78 -29.37 37.32
N ILE E 55 -59.48 -29.31 37.07
CA ILE E 55 -58.45 -29.62 38.07
C ILE E 55 -57.46 -28.46 38.15
N ILE E 56 -57.16 -28.00 39.37
CA ILE E 56 -56.02 -27.13 39.62
C ILE E 56 -55.05 -27.87 40.52
N THR E 57 -53.79 -27.94 40.11
CA THR E 57 -52.74 -28.54 40.92
C THR E 57 -51.75 -27.47 41.32
N PRO E 58 -51.80 -26.95 42.55
CA PRO E 58 -50.84 -25.92 42.96
C PRO E 58 -49.39 -26.39 42.93
N GLU E 59 -49.11 -27.64 43.25
CA GLU E 59 -47.74 -28.11 43.30
C GLU E 59 -47.27 -28.45 41.89
N ASN E 60 -46.22 -27.77 41.43
CA ASN E 60 -45.58 -28.10 40.17
C ASN E 60 -44.08 -27.90 40.35
N GLY E 61 -43.31 -28.68 39.63
CA GLY E 61 -41.87 -28.53 39.68
C GLY E 61 -41.19 -29.18 40.86
N ARG E 62 -41.93 -29.82 41.77
CA ARG E 62 -41.33 -30.62 42.83
C ARG E 62 -41.39 -32.08 42.39
N LEU E 63 -40.22 -32.65 42.09
CA LEU E 63 -40.19 -34.00 41.54
C LEU E 63 -40.27 -35.06 42.64
N PHE E 64 -39.29 -35.10 43.53
CA PHE E 64 -39.12 -36.20 44.48
C PHE E 64 -39.83 -35.87 45.78
N TYR E 65 -40.99 -36.48 45.99
CA TYR E 65 -41.69 -36.37 47.26
C TYR E 65 -41.14 -37.38 48.26
N ARG E 66 -41.74 -37.40 49.45
CA ARG E 66 -41.28 -38.26 50.53
C ARG E 66 -42.39 -38.52 51.53
N GLU E 67 -42.16 -39.50 52.40
CA GLU E 67 -43.09 -39.82 53.47
C GLU E 67 -43.18 -38.66 54.45
N GLY E 68 -44.40 -38.38 54.91
CA GLY E 68 -44.63 -37.23 55.76
C GLY E 68 -44.94 -35.94 55.01
N ASP E 69 -44.82 -35.93 53.69
CA ASP E 69 -45.09 -34.75 52.88
C ASP E 69 -46.52 -34.82 52.39
N THR E 70 -47.22 -33.70 52.43
CA THR E 70 -48.62 -33.69 52.03
C THR E 70 -48.78 -33.33 50.55
N TYR E 71 -50.02 -33.10 50.15
CA TYR E 71 -50.36 -32.74 48.78
C TYR E 71 -51.72 -32.06 48.77
N ARG E 72 -51.85 -30.99 48.00
CA ARG E 72 -53.07 -30.19 47.96
C ARG E 72 -53.46 -29.94 46.53
N PHE E 73 -54.74 -30.18 46.19
CA PHE E 73 -55.21 -29.77 44.88
C PHE E 73 -56.70 -29.45 44.92
N VAL E 74 -57.17 -28.76 43.89
CA VAL E 74 -58.53 -28.20 43.86
C VAL E 74 -59.29 -28.83 42.71
N VAL E 75 -60.53 -29.24 42.99
CA VAL E 75 -61.45 -29.77 41.98
C VAL E 75 -62.59 -28.78 41.84
N ILE E 76 -62.91 -28.40 40.60
CA ILE E 76 -63.93 -27.39 40.33
C ILE E 76 -65.05 -28.04 39.51
N ALA E 77 -66.29 -27.82 39.95
CA ALA E 77 -67.47 -28.42 39.35
C ALA E 77 -68.42 -27.33 38.87
N MET E 78 -69.18 -27.63 37.82
CA MET E 78 -70.08 -26.68 37.18
C MET E 78 -71.46 -27.31 37.05
N GLY E 79 -72.49 -26.50 37.18
CA GLY E 79 -73.84 -26.97 36.93
C GLY E 79 -74.74 -26.65 38.09
N ASN E 80 -76.00 -27.06 37.94
CA ASN E 80 -77.04 -26.83 38.94
C ASN E 80 -77.61 -28.17 39.40
N GLN E 81 -77.72 -28.33 40.73
CA GLN E 81 -78.19 -29.56 41.36
C GLN E 81 -77.40 -30.79 40.88
N GLN E 82 -76.08 -30.70 40.98
CA GLN E 82 -75.25 -31.85 40.65
C GLN E 82 -75.01 -32.70 41.90
N GLN E 83 -74.83 -34.00 41.70
CA GLN E 83 -74.51 -34.91 42.78
C GLN E 83 -73.12 -35.52 42.62
N THR E 84 -72.30 -34.97 41.73
CA THR E 84 -70.93 -35.41 41.57
C THR E 84 -70.14 -35.23 42.87
N ASN E 85 -70.37 -34.10 43.54
CA ASN E 85 -69.66 -33.83 44.79
C ASN E 85 -70.07 -34.81 45.89
N SER E 86 -71.32 -35.27 45.87
CA SER E 86 -71.78 -36.19 46.90
C SER E 86 -71.07 -37.55 46.81
N ILE E 87 -71.08 -38.16 45.62
CA ILE E 87 -70.39 -39.43 45.45
C ILE E 87 -68.88 -39.25 45.58
N TRP E 88 -68.39 -38.06 45.20
CA TRP E 88 -66.97 -37.76 45.38
C TRP E 88 -66.60 -37.75 46.86
N HIS E 89 -67.42 -37.10 47.69
CA HIS E 89 -67.21 -37.10 49.14
C HIS E 89 -67.22 -38.52 49.69
N THR E 90 -68.27 -39.28 49.33
CA THR E 90 -68.45 -40.61 49.89
C THR E 90 -67.30 -41.54 49.51
N LEU E 91 -66.82 -41.43 48.27
CA LEU E 91 -65.71 -42.28 47.85
C LEU E 91 -64.38 -41.77 48.41
N ILE E 92 -64.25 -40.45 48.60
CA ILE E 92 -62.96 -39.90 48.97
C ILE E 92 -62.70 -40.08 50.47
N ASN E 93 -63.77 -40.20 51.27
CA ASN E 93 -63.59 -40.34 52.71
C ASN E 93 -62.82 -41.61 53.06
N HIS E 94 -63.10 -42.69 52.34
CA HIS E 94 -62.47 -43.98 52.63
C HIS E 94 -61.15 -44.17 51.90
N LEU E 95 -60.64 -43.13 51.23
CA LEU E 95 -59.38 -43.25 50.51
C LEU E 95 -58.24 -43.27 51.52
N ARG E 96 -57.98 -44.46 52.05
CA ARG E 96 -56.83 -44.69 52.93
C ARG E 96 -55.99 -45.81 52.31
N LYS E 97 -54.94 -45.41 51.61
CA LYS E 97 -54.06 -46.31 50.86
C LYS E 97 -54.85 -47.17 49.88
N ASN E 114 -48.64 -44.74 47.89
CA ASN E 114 -50.03 -44.81 48.30
C ASN E 114 -50.52 -43.44 48.76
N ILE E 115 -51.78 -43.36 49.19
CA ILE E 115 -52.41 -42.09 49.50
C ILE E 115 -53.22 -42.17 50.78
N LYS E 116 -52.96 -41.26 51.72
CA LYS E 116 -53.77 -41.11 52.91
C LYS E 116 -54.70 -39.91 52.72
N LEU E 117 -55.39 -39.48 53.78
CA LEU E 117 -56.24 -38.29 53.69
C LEU E 117 -56.02 -37.44 54.94
N GLU E 118 -55.78 -36.14 54.72
CA GLU E 118 -55.73 -35.20 55.84
C GLU E 118 -57.06 -34.48 56.01
N SER E 119 -57.49 -33.72 55.00
CA SER E 119 -58.72 -32.96 55.15
C SER E 119 -59.26 -32.50 53.81
N LEU E 120 -60.49 -31.99 53.85
CA LEU E 120 -61.17 -31.39 52.71
C LEU E 120 -61.75 -30.06 53.15
N ASN E 121 -61.68 -29.04 52.28
CA ASN E 121 -62.15 -27.71 52.62
C ASN E 121 -62.94 -27.13 51.45
N ASP E 122 -64.09 -26.54 51.74
CA ASP E 122 -64.86 -25.88 50.69
C ASP E 122 -64.09 -24.69 50.16
N LEU E 123 -64.23 -24.43 48.84
CA LEU E 123 -63.35 -23.47 48.18
C LEU E 123 -63.74 -22.04 48.50
N PHE E 124 -65.04 -21.76 48.59
CA PHE E 124 -65.47 -20.36 48.70
C PHE E 124 -65.71 -19.95 50.15
N ASP E 125 -66.49 -20.73 50.89
CA ASP E 125 -66.73 -20.40 52.30
C ASP E 125 -65.47 -20.57 53.13
N GLY E 126 -64.68 -21.61 52.86
CA GLY E 126 -63.49 -21.89 53.61
C GLY E 126 -63.68 -22.83 54.78
N ILE E 127 -64.92 -23.09 55.18
CA ILE E 127 -65.22 -24.01 56.27
C ILE E 127 -64.86 -25.41 55.82
N PRO E 128 -64.55 -26.35 56.73
CA PRO E 128 -64.26 -27.71 56.30
C PRO E 128 -65.47 -28.39 55.68
N VAL E 129 -65.22 -29.57 55.12
CA VAL E 129 -66.17 -30.24 54.24
C VAL E 129 -67.44 -30.65 54.97
N SER E 130 -67.40 -30.79 56.30
CA SER E 130 -68.56 -31.21 57.05
C SER E 130 -69.69 -30.19 56.94
N SER E 131 -70.92 -30.66 57.17
CA SER E 131 -72.15 -29.91 56.90
C SER E 131 -72.20 -29.48 55.44
N LYS E 132 -72.25 -30.47 54.55
CA LYS E 132 -72.13 -30.28 53.11
C LYS E 132 -73.46 -30.43 52.38
N GLU E 133 -74.56 -29.95 52.99
CA GLU E 133 -75.86 -30.02 52.33
C GLU E 133 -75.88 -29.18 51.06
N SER E 134 -75.40 -27.95 51.14
CA SER E 134 -75.28 -27.09 49.97
C SER E 134 -74.02 -26.25 50.11
N LEU E 135 -73.32 -26.09 48.99
CA LEU E 135 -72.07 -25.34 48.94
C LEU E 135 -72.34 -23.97 48.32
N ASP E 136 -71.36 -23.08 48.44
CA ASP E 136 -71.56 -21.71 47.98
C ASP E 136 -71.49 -21.64 46.46
N ALA E 137 -72.28 -20.75 45.88
CA ALA E 137 -72.47 -20.68 44.44
C ALA E 137 -71.87 -19.38 43.90
N TYR E 138 -70.83 -19.50 43.09
CA TYR E 138 -70.21 -18.34 42.44
C TYR E 138 -71.08 -17.86 41.28
N THR E 139 -72.20 -17.24 41.62
CA THR E 139 -73.17 -16.82 40.61
C THR E 139 -72.56 -15.75 39.72
N LEU E 140 -73.03 -15.68 38.47
CA LEU E 140 -72.58 -14.68 37.51
C LEU E 140 -72.67 -13.25 38.04
N GLN E 141 -73.74 -12.95 38.78
CA GLN E 141 -73.88 -11.63 39.38
C GLN E 141 -72.75 -11.34 40.35
N ARG E 142 -72.27 -12.36 41.06
CA ARG E 142 -71.12 -12.17 41.94
C ARG E 142 -69.86 -11.86 41.14
N ALA E 143 -69.70 -12.48 39.97
CA ALA E 143 -68.56 -12.17 39.13
C ALA E 143 -68.63 -10.72 38.65
N MET E 144 -69.81 -10.28 38.23
CA MET E 144 -69.97 -8.89 37.80
C MET E 144 -69.71 -7.92 38.95
N GLU E 145 -70.14 -8.27 40.16
CA GLU E 145 -69.88 -7.42 41.33
C GLU E 145 -68.38 -7.34 41.61
N GLN E 146 -67.70 -8.49 41.67
CA GLN E 146 -66.28 -8.50 41.98
C GLN E 146 -65.42 -7.92 40.87
N GLY E 147 -65.99 -7.72 39.68
CA GLY E 147 -65.29 -6.98 38.65
C GLY E 147 -65.57 -5.49 38.69
N LEU E 148 -66.85 -5.13 38.85
CA LEU E 148 -67.24 -3.72 38.81
C LEU E 148 -66.73 -2.96 40.02
N ALA E 149 -66.81 -3.57 41.22
CA ALA E 149 -66.28 -2.89 42.39
C ALA E 149 -64.77 -2.73 42.30
N TRP E 150 -64.08 -3.71 41.72
CA TRP E 150 -62.65 -3.56 41.47
C TRP E 150 -62.37 -2.40 40.52
N HIS E 151 -63.19 -2.28 39.48
CA HIS E 151 -63.03 -1.17 38.55
C HIS E 151 -63.25 0.17 39.26
N LYS E 152 -64.27 0.23 40.11
CA LYS E 152 -64.54 1.46 40.85
C LYS E 152 -63.39 1.82 41.79
N ALA E 153 -62.82 0.83 42.45
CA ALA E 153 -61.75 1.07 43.40
C ALA E 153 -60.37 1.11 42.76
N ALA E 154 -60.28 0.99 41.43
CA ALA E 154 -58.99 1.05 40.76
C ALA E 154 -58.94 1.96 39.54
N ASN E 155 -59.94 2.81 39.33
CA ASN E 155 -59.98 3.68 38.15
C ASN E 155 -59.57 5.09 38.53
N LEU E 156 -58.48 5.57 37.93
CA LEU E 156 -58.11 6.97 37.95
C LEU E 156 -58.23 7.62 36.59
N THR E 157 -58.44 6.83 35.54
CA THR E 157 -58.58 7.20 34.13
C THR E 157 -57.29 7.78 33.55
N GLU E 158 -56.19 7.81 34.30
CA GLU E 158 -54.89 8.25 33.80
C GLU E 158 -53.81 7.31 34.34
N GLN E 159 -54.11 6.01 34.36
CA GLN E 159 -53.21 5.04 34.95
C GLN E 159 -52.95 3.92 33.96
N PRO E 160 -51.77 3.29 34.00
CA PRO E 160 -51.47 2.19 33.08
C PRO E 160 -52.00 0.86 33.59
N LEU E 161 -52.20 0.75 34.90
CA LEU E 161 -52.89 -0.39 35.54
C LEU E 161 -52.27 -1.72 35.12
N ASP E 162 -50.94 -1.80 35.20
CA ASP E 162 -50.25 -3.01 34.80
C ASP E 162 -50.52 -4.13 35.80
N ILE E 163 -50.88 -5.30 35.30
CA ILE E 163 -51.04 -6.50 36.11
C ILE E 163 -50.28 -7.62 35.41
N GLN E 164 -49.58 -8.45 36.18
CA GLN E 164 -48.73 -9.44 35.56
C GLN E 164 -49.45 -10.78 35.48
N TRP E 165 -49.23 -11.49 34.38
CA TRP E 165 -49.97 -12.69 34.01
C TRP E 165 -48.99 -13.87 34.05
N TYR E 166 -49.25 -14.81 34.95
CA TYR E 166 -48.44 -16.02 35.10
C TYR E 166 -49.23 -17.22 34.62
N TRP E 167 -48.59 -18.07 33.84
CA TRP E 167 -49.24 -19.28 33.36
C TRP E 167 -49.09 -20.41 34.38
N GLN E 168 -49.90 -21.44 34.20
CA GLN E 168 -49.77 -22.68 34.96
C GLN E 168 -48.95 -23.73 34.21
N SER E 169 -47.92 -23.27 33.49
CA SER E 169 -46.89 -24.01 32.75
C SER E 169 -47.37 -24.57 31.41
N THR E 170 -48.66 -24.51 31.10
CA THR E 170 -49.16 -25.00 29.82
C THR E 170 -50.38 -24.23 29.33
N VAL E 171 -50.40 -23.89 28.04
CA VAL E 171 -51.63 -23.50 27.35
C VAL E 171 -51.45 -23.80 25.87
N ARG E 172 -52.57 -24.05 25.19
CA ARG E 172 -52.58 -24.46 23.79
C ARG E 172 -53.62 -23.62 23.05
N ILE E 173 -53.19 -22.58 22.36
CA ILE E 173 -54.08 -21.74 21.58
C ILE E 173 -53.60 -21.69 20.13
N LEU E 174 -54.48 -21.22 19.25
CA LEU E 174 -54.25 -21.16 17.82
C LEU E 174 -54.09 -19.71 17.38
N HIS E 175 -52.99 -19.40 16.71
CA HIS E 175 -52.74 -18.02 16.31
C HIS E 175 -53.57 -17.71 15.07
N ALA E 176 -54.62 -16.90 15.25
CA ALA E 176 -55.62 -16.56 14.23
C ALA E 176 -56.33 -17.78 13.68
N ASP E 177 -56.29 -18.90 14.41
CA ASP E 177 -56.82 -20.19 13.97
C ASP E 177 -56.28 -20.57 12.59
N HIS E 178 -54.97 -20.41 12.41
CA HIS E 178 -54.37 -20.60 11.10
C HIS E 178 -54.50 -22.05 10.65
N LYS E 179 -55.16 -22.24 9.51
CA LYS E 179 -55.23 -23.56 8.88
C LYS E 179 -54.01 -23.80 8.00
N GLN E 180 -53.28 -22.73 7.67
CA GLN E 180 -52.19 -22.82 6.70
C GLN E 180 -51.04 -23.68 7.21
N HIS E 181 -50.66 -23.48 8.48
CA HIS E 181 -49.44 -24.11 8.98
C HIS E 181 -49.59 -25.61 9.15
N LYS E 182 -50.79 -26.06 9.51
CA LYS E 182 -51.22 -27.46 9.33
C LYS E 182 -50.31 -28.44 10.07
N GLY E 183 -50.36 -28.39 11.40
CA GLY E 183 -49.67 -29.38 12.20
C GLY E 183 -49.39 -28.88 13.60
N GLU E 184 -48.29 -29.37 14.16
CA GLU E 184 -47.85 -28.94 15.48
C GLU E 184 -47.44 -27.46 15.49
N GLN E 185 -47.06 -26.92 14.34
CA GLN E 185 -46.69 -25.52 14.22
C GLN E 185 -47.89 -24.58 14.37
N ARG E 186 -49.10 -25.11 14.39
CA ARG E 186 -50.29 -24.27 14.37
C ARG E 186 -50.52 -23.54 15.70
N TYR E 187 -49.77 -23.88 16.74
CA TYR E 187 -49.95 -23.29 18.06
C TYR E 187 -49.00 -22.12 18.27
N CYS E 188 -49.32 -21.30 19.28
CA CYS E 188 -48.49 -20.16 19.65
C CYS E 188 -47.29 -20.63 20.46
N ARG E 189 -46.11 -20.10 20.15
CA ARG E 189 -44.89 -20.53 20.82
C ARG E 189 -43.90 -19.40 21.09
N ASP E 190 -44.30 -18.15 20.96
CA ASP E 190 -43.40 -17.02 21.14
C ASP E 190 -44.24 -15.78 21.41
N ALA E 191 -43.57 -14.66 21.71
CA ALA E 191 -44.26 -13.44 22.12
C ALA E 191 -45.01 -12.77 20.97
N VAL E 192 -44.48 -12.87 19.74
CA VAL E 192 -45.05 -12.12 18.62
C VAL E 192 -46.43 -12.66 18.24
N GLN E 193 -46.67 -13.95 18.49
CA GLN E 193 -47.97 -14.52 18.17
C GLN E 193 -49.03 -14.16 19.20
N LEU E 194 -48.65 -13.59 20.33
CA LEU E 194 -49.63 -13.12 21.31
C LEU E 194 -50.29 -11.85 20.82
N THR E 195 -51.55 -11.94 20.42
CA THR E 195 -52.34 -10.80 20.01
C THR E 195 -53.44 -10.55 21.03
N PRO E 196 -53.57 -9.33 21.55
CA PRO E 196 -54.62 -9.05 22.55
C PRO E 196 -56.01 -9.39 22.07
N LEU E 197 -56.32 -9.08 20.81
CA LEU E 197 -57.62 -9.47 20.27
C LEU E 197 -57.75 -10.99 20.16
N LEU E 198 -56.64 -11.68 19.86
CA LEU E 198 -56.67 -13.13 19.80
C LEU E 198 -56.98 -13.74 21.18
N LEU E 199 -56.33 -13.24 22.23
CA LEU E 199 -56.61 -13.74 23.57
C LEU E 199 -58.04 -13.46 23.99
N LEU E 200 -58.53 -12.25 23.71
CA LEU E 200 -59.90 -11.96 24.12
C LEU E 200 -60.90 -12.79 23.31
N LYS E 201 -60.57 -13.08 22.05
CA LYS E 201 -61.45 -13.89 21.22
C LYS E 201 -61.48 -15.34 21.72
N ARG E 202 -60.33 -15.88 22.10
CA ARG E 202 -60.28 -17.24 22.64
C ARG E 202 -61.05 -17.33 23.96
N ILE E 203 -60.90 -16.31 24.81
CA ILE E 203 -61.64 -16.28 26.07
C ILE E 203 -63.15 -16.26 25.81
N TYR E 204 -63.59 -15.43 24.86
CA TYR E 204 -65.00 -15.40 24.54
C TYR E 204 -65.47 -16.73 23.97
N GLU E 205 -64.63 -17.39 23.17
CA GLU E 205 -65.01 -18.69 22.62
C GLU E 205 -65.23 -19.72 23.71
N THR E 206 -64.31 -19.80 24.68
CA THR E 206 -64.46 -20.79 25.74
C THR E 206 -65.69 -20.50 26.60
N LEU E 207 -65.89 -19.22 26.96
CA LEU E 207 -67.04 -18.89 27.79
C LEU E 207 -68.35 -19.13 27.06
N ASN E 208 -68.40 -18.83 25.75
CA ASN E 208 -69.62 -19.07 25.00
C ASN E 208 -69.87 -20.56 24.81
N ASN E 209 -68.81 -21.36 24.66
CA ASN E 209 -68.99 -22.81 24.58
C ASN E 209 -69.59 -23.36 25.86
N VAL E 210 -69.06 -22.95 27.02
CA VAL E 210 -69.58 -23.45 28.29
C VAL E 210 -71.01 -22.98 28.50
N ALA E 211 -71.33 -21.75 28.09
CA ALA E 211 -72.70 -21.27 28.22
C ALA E 211 -73.65 -22.01 27.29
N THR E 212 -73.19 -22.35 26.08
CA THR E 212 -74.08 -22.93 25.07
C THR E 212 -74.26 -24.42 25.27
N TYR E 213 -73.37 -25.06 26.04
CA TYR E 213 -73.61 -26.47 26.35
C TYR E 213 -74.86 -26.63 27.22
N PHE E 214 -75.05 -25.74 28.18
CA PHE E 214 -76.20 -25.81 29.07
C PHE E 214 -77.42 -25.18 28.43
N ASN E 225 -74.04 -12.93 15.53
CA ASN E 225 -74.20 -12.32 16.84
C ASN E 225 -73.53 -10.95 16.91
N HIS E 226 -74.22 -9.98 17.51
CA HIS E 226 -73.67 -8.63 17.60
C HIS E 226 -72.48 -8.57 18.55
N GLN E 227 -72.50 -9.39 19.60
CA GLN E 227 -71.54 -9.24 20.71
C GLN E 227 -70.10 -9.41 20.24
N ALA E 228 -69.85 -10.41 19.40
CA ALA E 228 -68.49 -10.68 18.95
C ALA E 228 -67.92 -9.53 18.14
N TRP E 229 -68.78 -8.62 17.69
CA TRP E 229 -68.32 -7.43 16.99
C TRP E 229 -67.81 -6.38 17.97
N LEU E 230 -68.52 -6.17 19.07
CA LEU E 230 -68.18 -5.09 20.01
C LEU E 230 -66.81 -5.32 20.62
N LYS E 231 -66.50 -6.56 20.98
CA LYS E 231 -65.21 -6.87 21.59
C LYS E 231 -64.05 -6.66 20.63
N GLU E 232 -64.34 -6.50 19.34
CA GLU E 232 -63.26 -6.17 18.41
C GLU E 232 -62.86 -4.70 18.55
N GLN E 233 -63.84 -3.83 18.81
CA GLN E 233 -63.53 -2.41 18.95
C GLN E 233 -62.86 -2.12 20.28
N ALA E 234 -63.36 -2.71 21.36
CA ALA E 234 -62.89 -2.39 22.70
C ALA E 234 -61.66 -3.19 23.12
N GLN E 235 -60.62 -3.19 22.30
CA GLN E 235 -59.32 -3.72 22.70
C GLN E 235 -58.41 -2.52 22.93
N TYR E 236 -58.04 -2.30 24.19
CA TYR E 236 -57.12 -1.27 24.60
C TYR E 236 -55.90 -1.86 25.29
N ILE E 237 -55.91 -3.17 25.55
CA ILE E 237 -54.90 -3.81 26.37
C ILE E 237 -53.62 -3.98 25.59
N GLU E 238 -52.52 -4.15 26.31
CA GLU E 238 -51.22 -4.32 25.67
C GLU E 238 -50.41 -5.38 26.41
N ILE E 239 -49.53 -6.04 25.65
CA ILE E 239 -48.63 -7.06 26.19
C ILE E 239 -47.24 -6.46 26.29
N GLN E 240 -46.68 -6.42 27.50
CA GLN E 240 -45.40 -5.78 27.73
C GLN E 240 -44.43 -6.77 28.34
N HIS E 241 -43.16 -6.58 27.96
CA HIS E 241 -42.03 -7.40 28.41
C HIS E 241 -42.32 -8.91 28.50
N PRO E 242 -42.70 -9.55 27.40
CA PRO E 242 -43.09 -10.96 27.48
C PRO E 242 -41.89 -11.85 27.79
N ASP E 243 -42.13 -12.91 28.55
CA ASP E 243 -41.21 -14.02 28.66
C ASP E 243 -42.06 -15.29 28.58
N LEU E 244 -42.20 -15.81 27.37
CA LEU E 244 -42.98 -17.02 27.14
C LEU E 244 -42.14 -17.93 26.26
N TYR E 245 -42.21 -19.24 26.52
CA TYR E 245 -41.43 -20.21 25.77
C TYR E 245 -42.19 -21.51 25.66
N TRP E 246 -41.57 -22.51 25.04
CA TRP E 246 -42.25 -23.76 24.67
C TRP E 246 -41.69 -24.92 25.48
N ILE E 247 -42.60 -25.68 26.09
CA ILE E 247 -42.27 -26.88 26.85
C ILE E 247 -43.04 -28.04 26.26
N ASP E 248 -42.33 -29.13 25.96
CA ASP E 248 -42.90 -30.30 25.30
C ASP E 248 -42.90 -31.47 26.28
N THR E 249 -44.08 -31.78 26.81
CA THR E 249 -44.20 -32.81 27.83
C THR E 249 -44.03 -34.20 27.20
N PRO E 250 -43.13 -35.03 27.73
CA PRO E 250 -42.90 -36.39 27.25
C PRO E 250 -44.09 -37.31 27.50
N LEU E 261 -46.82 -34.19 24.18
CA LEU E 261 -47.80 -33.12 24.08
C LEU E 261 -47.18 -31.84 23.57
N GLY E 262 -47.57 -30.72 24.18
CA GLY E 262 -46.96 -29.45 23.88
C GLY E 262 -47.68 -28.34 24.61
N GLY E 263 -46.92 -27.31 24.97
CA GLY E 263 -47.50 -26.15 25.61
C GLY E 263 -46.50 -25.02 25.68
N MET E 264 -47.00 -23.85 26.06
CA MET E 264 -46.16 -22.67 26.22
C MET E 264 -46.35 -22.12 27.63
N ALA E 265 -45.26 -21.66 28.21
CA ALA E 265 -45.21 -21.30 29.62
C ALA E 265 -44.46 -20.00 29.80
N GLY E 266 -44.90 -19.19 30.75
CA GLY E 266 -44.19 -17.97 31.08
C GLY E 266 -45.14 -16.92 31.62
N ASN E 267 -44.63 -15.70 31.65
CA ASN E 267 -45.36 -14.57 32.20
C ASN E 267 -45.23 -13.37 31.28
N PHE E 268 -46.20 -12.46 31.36
CA PHE E 268 -46.16 -11.21 30.62
C PHE E 268 -46.93 -10.13 31.35
N THR E 269 -46.54 -8.88 31.17
CA THR E 269 -47.21 -7.76 31.84
C THR E 269 -48.37 -7.29 30.98
N LEU E 270 -49.59 -7.65 31.37
CA LEU E 270 -50.75 -7.14 30.67
C LEU E 270 -51.10 -5.76 31.21
N SER E 271 -51.18 -4.78 30.31
CA SER E 271 -51.37 -3.38 30.67
C SER E 271 -52.72 -2.91 30.17
N LEU E 272 -53.39 -2.09 30.98
CA LEU E 272 -54.79 -1.76 30.80
C LEU E 272 -54.93 -0.26 30.56
N LYS E 273 -55.63 0.12 29.49
CA LYS E 273 -55.86 1.53 29.22
C LYS E 273 -57.19 1.95 29.83
N PRO E 274 -57.43 3.25 30.08
CA PRO E 274 -58.57 3.60 30.95
C PRO E 274 -59.94 3.41 30.35
N GLY E 275 -60.07 3.31 29.03
CA GLY E 275 -61.38 3.24 28.42
C GLY E 275 -62.09 1.92 28.59
N ILE E 276 -61.46 0.95 29.23
CA ILE E 276 -62.06 -0.38 29.38
C ILE E 276 -63.19 -0.35 30.40
N GLU E 277 -64.23 -1.12 30.15
CA GLU E 277 -65.40 -1.20 31.00
C GLU E 277 -65.31 -2.45 31.87
N PRO E 278 -66.10 -2.55 32.95
CA PRO E 278 -66.02 -3.75 33.81
C PRO E 278 -66.46 -5.04 33.13
N GLY E 279 -67.19 -4.95 32.01
CA GLY E 279 -67.62 -6.17 31.33
C GLY E 279 -66.46 -7.04 30.90
N LEU E 280 -65.39 -6.43 30.38
CA LEU E 280 -64.22 -7.20 30.01
C LEU E 280 -63.55 -7.83 31.22
N LEU E 281 -63.56 -7.10 32.35
CA LEU E 281 -62.98 -7.63 33.58
C LEU E 281 -63.74 -8.85 34.08
N ALA E 282 -65.06 -8.86 33.91
CA ALA E 282 -65.83 -10.03 34.33
C ALA E 282 -65.39 -11.28 33.57
N MET E 283 -65.18 -11.14 32.27
CA MET E 283 -64.67 -12.26 31.46
C MET E 283 -63.30 -12.70 31.93
N LEU E 284 -62.41 -11.74 32.20
CA LEU E 284 -61.10 -12.08 32.73
C LEU E 284 -61.20 -12.91 34.00
N ILE E 285 -62.04 -12.48 34.94
CA ILE E 285 -62.08 -13.14 36.24
C ILE E 285 -62.73 -14.52 36.15
N LEU E 286 -63.77 -14.66 35.31
CA LEU E 286 -64.39 -15.97 35.17
C LEU E 286 -63.47 -16.95 34.44
N THR E 287 -62.75 -16.48 33.44
CA THR E 287 -61.79 -17.32 32.72
C THR E 287 -60.57 -17.65 33.58
N GLN E 288 -60.33 -16.90 34.66
CA GLN E 288 -59.30 -17.32 35.62
C GLN E 288 -59.58 -18.71 36.17
N MET E 289 -60.85 -19.13 36.20
CA MET E 289 -61.21 -20.44 36.72
C MET E 289 -61.66 -21.42 35.63
N VAL E 290 -62.44 -20.97 34.65
CA VAL E 290 -62.91 -21.89 33.62
C VAL E 290 -61.76 -22.35 32.73
N GLY E 291 -60.95 -21.42 32.25
CA GLY E 291 -59.78 -21.76 31.46
C GLY E 291 -59.89 -21.23 30.03
N VAL E 292 -58.74 -21.25 29.34
CA VAL E 292 -58.64 -20.83 27.95
C VAL E 292 -57.72 -21.82 27.23
N GLY E 293 -58.08 -22.17 26.00
CA GLY E 293 -57.23 -22.99 25.16
C GLY E 293 -57.86 -24.33 24.85
N GLN E 294 -57.09 -25.14 24.12
CA GLN E 294 -57.55 -26.46 23.74
C GLN E 294 -57.36 -27.45 24.88
N ARG E 295 -58.37 -28.32 25.05
CA ARG E 295 -58.35 -29.40 26.02
C ARG E 295 -58.13 -28.85 27.44
N ARG E 296 -59.10 -28.07 27.91
CA ARG E 296 -59.07 -27.60 29.28
C ARG E 296 -59.59 -28.64 30.25
N THR E 297 -60.13 -29.75 29.76
CA THR E 297 -60.60 -30.82 30.64
C THR E 297 -59.45 -31.49 31.37
N SER E 298 -58.30 -31.64 30.72
CA SER E 298 -57.11 -32.15 31.37
C SER E 298 -56.44 -31.11 32.27
N GLY E 299 -57.11 -30.00 32.56
CA GLY E 299 -56.60 -28.99 33.45
C GLY E 299 -55.67 -27.99 32.81
N LEU E 300 -55.37 -28.14 31.53
CA LEU E 300 -54.50 -27.20 30.85
C LEU E 300 -55.21 -25.87 30.61
N GLY E 301 -54.41 -24.82 30.49
CA GLY E 301 -54.94 -23.54 30.07
C GLY E 301 -55.50 -22.65 31.15
N LYS E 302 -55.00 -22.75 32.37
CA LYS E 302 -55.37 -21.81 33.42
C LYS E 302 -54.16 -20.98 33.81
N TYR E 303 -54.43 -19.89 34.52
CA TYR E 303 -53.43 -18.87 34.79
C TYR E 303 -53.74 -18.22 36.12
N TRP E 304 -52.91 -17.28 36.51
CA TRP E 304 -53.28 -16.38 37.60
C TRP E 304 -52.67 -15.01 37.32
N LEU E 305 -53.23 -14.01 37.99
CA LEU E 305 -52.87 -12.61 37.79
C LEU E 305 -52.72 -11.95 39.15
N LYS E 306 -51.58 -11.30 39.35
CA LYS E 306 -51.27 -10.61 40.60
C LYS E 306 -51.32 -9.11 40.35
N HIS E 307 -52.34 -8.45 40.89
CA HIS E 307 -52.54 -7.04 40.59
C HIS E 307 -51.43 -6.18 41.20
N SER E 308 -51.42 -4.90 40.83
CA SER E 308 -50.43 -3.97 41.32
C SER E 308 -50.55 -3.84 42.84
N LEU E 309 -49.40 -3.65 43.49
CA LEU E 309 -49.37 -3.59 44.94
C LEU E 309 -50.00 -2.29 45.43
N LYS E 310 -49.96 -2.10 46.76
CA LYS E 310 -50.49 -0.96 47.53
C LYS E 310 -51.95 -0.66 47.24
N HIS E 311 -52.68 -1.58 46.59
CA HIS E 311 -54.11 -1.42 46.40
C HIS E 311 -54.84 -1.66 47.72
N ALA E 312 -56.05 -1.11 47.81
CA ALA E 312 -56.93 -1.49 48.91
C ALA E 312 -57.23 -2.98 48.82
N HIS E 313 -57.19 -3.65 49.97
CA HIS E 313 -57.30 -5.11 49.97
C HIS E 313 -58.68 -5.54 49.50
N LEU E 314 -58.74 -6.04 48.28
CA LEU E 314 -59.97 -6.59 47.72
C LEU E 314 -59.61 -7.90 47.05
N ILE E 315 -60.02 -9.01 47.66
CA ILE E 315 -59.76 -10.34 47.15
C ILE E 315 -61.05 -10.86 46.55
N LEU E 316 -60.99 -11.23 45.27
CA LEU E 316 -62.16 -11.57 44.48
C LEU E 316 -62.02 -12.97 43.89
N GLY E 317 -63.12 -13.70 43.87
CA GLY E 317 -63.12 -15.03 43.27
C GLY E 317 -62.23 -15.98 44.04
N LEU E 318 -61.07 -16.29 43.45
CA LEU E 318 -60.16 -17.26 44.05
C LEU E 318 -59.11 -16.56 44.89
N LYS E 319 -58.89 -17.07 46.10
CA LYS E 319 -57.99 -16.45 47.07
C LYS E 319 -56.57 -16.97 46.89
N PRO E 320 -55.59 -16.06 46.82
CA PRO E 320 -54.21 -16.47 46.57
C PRO E 320 -53.61 -17.34 47.66
N ASN E 321 -54.15 -17.34 48.87
CA ASN E 321 -53.63 -18.15 49.95
C ASN E 321 -54.28 -19.52 50.03
N ARG E 322 -55.33 -19.78 49.24
CA ARG E 322 -55.94 -21.10 49.22
C ARG E 322 -55.27 -22.02 48.20
N VAL E 323 -55.13 -21.54 46.96
CA VAL E 323 -54.50 -22.33 45.90
C VAL E 323 -52.99 -22.12 45.98
N THR E 324 -52.36 -22.85 46.89
CA THR E 324 -50.93 -22.70 47.18
C THR E 324 -50.45 -24.03 47.74
N ARG E 325 -49.17 -24.32 47.49
CA ARG E 325 -48.55 -25.57 47.91
C ARG E 325 -48.71 -25.79 49.40
N SER E 326 -49.08 -27.02 49.78
CA SER E 326 -49.41 -27.29 51.17
C SER E 326 -48.18 -27.21 52.06
N GLN E 327 -47.08 -27.84 51.66
CA GLN E 327 -45.80 -27.69 52.32
C GLN E 327 -44.95 -26.78 51.45
N THR E 328 -44.70 -25.56 51.91
CA THR E 328 -43.99 -24.58 51.10
C THR E 328 -42.53 -24.99 50.92
N LEU E 329 -41.82 -24.22 50.10
CA LEU E 329 -40.43 -24.55 49.79
C LEU E 329 -39.52 -24.38 50.99
N LEU E 330 -39.81 -23.41 51.85
CA LEU E 330 -38.90 -23.12 52.97
C LEU E 330 -38.92 -24.25 53.99
N ASP E 331 -40.08 -24.87 54.19
CA ASP E 331 -40.14 -26.05 55.06
C ASP E 331 -39.27 -27.17 54.50
N CYS E 332 -39.25 -27.33 53.18
CA CYS E 332 -38.38 -28.33 52.57
C CYS E 332 -36.91 -27.94 52.73
N ILE E 333 -36.63 -26.63 52.76
CA ILE E 333 -35.26 -26.20 53.02
C ILE E 333 -34.83 -26.62 54.42
N ILE E 334 -35.70 -26.44 55.41
CA ILE E 334 -35.32 -26.68 56.81
C ILE E 334 -35.48 -28.13 57.24
N GLN E 335 -35.75 -29.04 56.32
CA GLN E 335 -35.86 -30.45 56.70
C GLN E 335 -34.46 -31.01 56.97
N PRO E 336 -34.29 -31.77 58.06
CA PRO E 336 -32.93 -32.05 58.57
C PRO E 336 -32.00 -32.82 57.65
N HIS E 337 -32.50 -33.79 56.88
CA HIS E 337 -31.60 -34.63 56.09
C HIS E 337 -31.00 -33.84 54.93
N ILE E 338 -31.76 -32.91 54.36
CA ILE E 338 -31.22 -32.06 53.32
C ILE E 338 -30.11 -31.17 53.87
N ILE E 339 -30.28 -30.67 55.10
CA ILE E 339 -29.26 -29.84 55.71
C ILE E 339 -27.99 -30.66 55.98
N SER E 340 -28.15 -31.90 56.44
CA SER E 340 -26.98 -32.76 56.63
C SER E 340 -26.30 -33.05 55.30
N GLN E 341 -27.09 -33.24 54.24
CA GLN E 341 -26.53 -33.44 52.91
C GLN E 341 -25.74 -32.22 52.46
N ALA E 342 -26.26 -31.02 52.73
CA ALA E 342 -25.56 -29.79 52.36
C ALA E 342 -24.26 -29.65 53.14
N ILE E 343 -24.28 -29.98 54.44
CA ILE E 343 -23.07 -29.95 55.26
C ILE E 343 -22.02 -30.91 54.68
N ALA E 344 -22.45 -32.09 54.27
CA ALA E 344 -21.53 -33.04 53.65
C ALA E 344 -21.00 -32.52 52.33
N GLU E 345 -21.81 -31.73 51.60
CA GLU E 345 -21.40 -31.26 50.28
C GLU E 345 -20.40 -30.10 50.37
N ILE E 346 -20.58 -29.19 51.31
CA ILE E 346 -19.81 -27.95 51.33
C ILE E 346 -18.45 -28.11 52.01
N GLU E 347 -18.27 -29.17 52.82
CA GLU E 347 -17.14 -29.24 53.75
C GLU E 347 -15.81 -29.51 53.03
N LYS E 348 -15.83 -29.73 51.71
CA LYS E 348 -14.60 -30.09 51.00
C LYS E 348 -13.67 -28.89 50.84
N LYS E 349 -14.22 -27.73 50.48
CA LYS E 349 -13.45 -26.49 50.38
C LYS E 349 -13.98 -25.54 51.45
N THR E 350 -14.12 -26.06 52.67
CA THR E 350 -14.74 -25.27 53.73
C THR E 350 -13.77 -24.25 54.31
N ASN E 351 -12.47 -24.59 54.35
CA ASN E 351 -11.44 -23.81 55.06
C ASN E 351 -11.93 -23.40 56.45
N ILE E 352 -12.43 -24.38 57.21
CA ILE E 352 -12.93 -24.12 58.55
C ILE E 352 -11.78 -23.80 59.49
N ASP E 353 -11.98 -22.81 60.35
CA ASP E 353 -10.97 -22.40 61.31
C ASP E 353 -11.49 -22.27 62.74
N THR E 354 -12.80 -22.32 62.95
CA THR E 354 -13.40 -22.13 64.26
C THR E 354 -14.00 -23.43 64.77
N LEU E 355 -14.61 -23.36 65.96
CA LEU E 355 -15.25 -24.51 66.56
C LEU E 355 -16.52 -24.87 65.81
N ASN E 356 -16.79 -26.18 65.67
CA ASN E 356 -17.87 -26.62 64.80
C ASN E 356 -19.19 -26.78 65.55
N GLU E 357 -19.12 -27.00 66.87
CA GLU E 357 -20.36 -27.13 67.63
C GLU E 357 -21.13 -25.81 67.64
N ARG E 358 -20.41 -24.68 67.63
CA ARG E 358 -21.09 -23.40 67.52
C ARG E 358 -21.69 -23.23 66.13
N THR E 359 -21.03 -23.74 65.08
CA THR E 359 -21.61 -23.68 63.75
C THR E 359 -22.91 -24.46 63.70
N LEU E 360 -22.93 -25.66 64.30
CA LEU E 360 -24.14 -26.48 64.26
C LEU E 360 -25.24 -25.88 65.13
N SER E 361 -24.88 -25.30 66.28
CA SER E 361 -25.87 -24.58 67.07
C SER E 361 -26.40 -23.37 66.33
N GLN E 362 -25.54 -22.70 65.55
CA GLN E 362 -25.96 -21.53 64.79
C GLN E 362 -26.90 -21.91 63.66
N VAL E 363 -26.61 -23.00 62.95
CA VAL E 363 -27.51 -23.42 61.87
C VAL E 363 -28.84 -23.90 62.45
N GLN E 364 -28.82 -24.55 63.63
CA GLN E 364 -30.08 -24.97 64.23
C GLN E 364 -30.89 -23.77 64.72
N SER E 365 -30.22 -22.77 65.30
CA SER E 365 -30.92 -21.56 65.71
C SER E 365 -31.47 -20.80 64.52
N ALA E 366 -30.71 -20.76 63.41
CA ALA E 366 -31.20 -20.11 62.20
C ALA E 366 -32.35 -20.87 61.59
N ILE E 367 -32.36 -22.20 61.73
CA ILE E 367 -33.50 -23.00 61.31
C ILE E 367 -34.74 -22.62 62.13
N GLY E 368 -34.57 -22.46 63.44
CA GLY E 368 -35.65 -21.98 64.27
C GLY E 368 -36.14 -20.61 63.85
N GLN E 369 -35.21 -19.71 63.51
CA GLN E 369 -35.57 -18.37 63.08
C GLN E 369 -36.33 -18.39 61.75
N LEU E 370 -35.87 -19.21 60.79
CA LEU E 370 -36.54 -19.33 59.50
C LEU E 370 -37.94 -19.89 59.67
N ARG E 371 -38.11 -20.89 60.54
CA ARG E 371 -39.44 -21.37 60.86
C ARG E 371 -40.27 -20.30 61.54
N LYS E 372 -39.62 -19.41 62.30
CA LYS E 372 -40.33 -18.30 62.92
C LYS E 372 -40.59 -17.16 61.94
N HIS E 373 -40.00 -17.22 60.74
CA HIS E 373 -40.08 -16.17 59.73
C HIS E 373 -39.51 -14.86 60.26
N GLN E 374 -38.35 -14.92 60.91
CA GLN E 374 -37.69 -13.73 61.44
C GLN E 374 -36.21 -13.64 61.10
N TYR E 375 -35.72 -14.46 60.17
CA TYR E 375 -34.29 -14.52 59.89
C TYR E 375 -33.83 -13.25 59.16
N GLN E 376 -32.55 -12.91 59.35
CA GLN E 376 -31.94 -11.77 58.70
C GLN E 376 -30.51 -12.13 58.34
N ALA E 377 -30.18 -12.08 57.06
CA ALA E 377 -28.94 -12.65 56.58
C ALA E 377 -27.74 -11.79 56.99
N PRO E 378 -26.58 -12.42 57.24
CA PRO E 378 -25.37 -11.66 57.50
C PRO E 378 -24.84 -11.00 56.24
N LYS E 379 -24.07 -9.93 56.44
CA LYS E 379 -23.42 -9.24 55.34
C LYS E 379 -22.07 -9.90 55.03
N LEU E 380 -21.61 -9.70 53.79
CA LEU E 380 -20.45 -10.43 53.29
C LEU E 380 -19.18 -9.98 54.01
N GLN E 381 -18.13 -10.81 53.89
CA GLN E 381 -16.82 -10.49 54.46
C GLN E 381 -15.75 -10.83 53.44
N GLY E 382 -14.74 -9.96 53.33
CA GLY E 382 -13.72 -10.17 52.34
C GLY E 382 -12.44 -10.79 52.87
N PHE E 383 -12.15 -12.03 52.46
CA PHE E 383 -11.00 -12.76 52.95
C PHE E 383 -10.00 -12.94 51.81
N THR E 384 -8.71 -12.87 52.14
CA THR E 384 -7.69 -13.28 51.19
C THR E 384 -7.63 -14.79 51.09
N ILE E 385 -7.21 -15.30 49.95
CA ILE E 385 -7.15 -16.75 49.74
C ILE E 385 -5.77 -17.27 50.12
N GLU E 392 -2.75 -14.13 47.91
CA GLU E 392 -3.07 -13.98 46.50
C GLU E 392 -4.33 -13.15 46.31
N ARG E 393 -5.27 -13.67 45.52
CA ARG E 393 -6.49 -12.94 45.21
C ARG E 393 -7.38 -12.80 46.44
N LEU E 394 -8.20 -11.75 46.45
CA LEU E 394 -9.13 -11.48 47.54
C LEU E 394 -10.52 -11.85 47.09
N LEU E 395 -11.22 -12.66 47.89
CA LEU E 395 -12.54 -13.15 47.56
C LEU E 395 -13.50 -12.81 48.70
N ALA E 396 -14.71 -12.39 48.36
CA ALA E 396 -15.70 -11.97 49.35
C ALA E 396 -16.72 -13.08 49.54
N VAL E 397 -16.77 -13.66 50.73
CA VAL E 397 -17.67 -14.75 51.02
C VAL E 397 -18.41 -14.46 52.33
N SER E 398 -19.52 -15.14 52.51
CA SER E 398 -20.32 -15.02 53.72
C SER E 398 -19.78 -15.96 54.79
N PRO E 399 -20.22 -15.81 56.04
CA PRO E 399 -19.88 -16.82 57.06
C PRO E 399 -20.43 -18.19 56.69
N LEU E 400 -19.77 -19.22 57.18
CA LEU E 400 -19.91 -20.56 56.60
C LEU E 400 -21.30 -21.15 56.84
N TYR E 401 -21.97 -20.74 57.91
CA TYR E 401 -23.29 -21.31 58.18
C TYR E 401 -24.34 -20.78 57.19
N ASP E 402 -24.23 -19.50 56.82
CA ASP E 402 -25.11 -18.99 55.78
C ASP E 402 -24.79 -19.62 54.43
N ARG E 403 -23.52 -19.90 54.18
CA ARG E 403 -23.14 -20.65 52.98
C ARG E 403 -23.77 -22.03 53.00
N ILE E 404 -23.85 -22.66 54.17
CA ILE E 404 -24.49 -23.96 54.28
C ILE E 404 -25.97 -23.87 53.95
N LEU E 405 -26.65 -22.82 54.45
CA LEU E 405 -28.06 -22.65 54.13
C LEU E 405 -28.28 -22.42 52.63
N GLN E 406 -27.41 -21.65 52.00
CA GLN E 406 -27.51 -21.42 50.56
C GLN E 406 -27.28 -22.72 49.78
N LYS E 407 -26.30 -23.52 50.18
CA LYS E 407 -26.09 -24.80 49.52
C LYS E 407 -27.28 -25.73 49.70
N ALA E 408 -27.93 -25.68 50.86
CA ALA E 408 -29.14 -26.47 51.05
C ALA E 408 -30.24 -26.05 50.10
N ALA E 409 -30.43 -24.73 49.93
CA ALA E 409 -31.43 -24.26 48.98
C ALA E 409 -31.10 -24.68 47.55
N ALA E 410 -29.82 -24.66 47.18
CA ALA E 410 -29.43 -25.11 45.85
C ALA E 410 -29.71 -26.59 45.65
N ILE E 411 -29.42 -27.41 46.67
CA ILE E 411 -29.68 -28.85 46.59
C ILE E 411 -31.17 -29.10 46.42
N VAL E 412 -32.01 -28.33 47.12
CA VAL E 412 -33.46 -28.48 46.93
C VAL E 412 -33.88 -28.07 45.52
N LEU E 413 -33.36 -26.94 45.02
CA LEU E 413 -33.87 -26.42 43.75
C LEU E 413 -33.32 -27.13 42.51
N THR E 414 -32.22 -27.86 42.63
CA THR E 414 -31.57 -28.41 41.44
C THR E 414 -32.43 -29.35 40.59
N PRO E 415 -33.17 -30.35 41.12
CA PRO E 415 -33.85 -31.29 40.21
C PRO E 415 -34.92 -30.67 39.34
N GLY E 416 -35.77 -29.80 39.90
CA GLY E 416 -36.80 -29.18 39.09
C GLY E 416 -36.25 -28.30 37.99
N LEU E 417 -35.22 -27.52 38.30
CA LEU E 417 -34.61 -26.66 37.29
C LEU E 417 -33.92 -27.47 36.21
N ASP E 418 -33.26 -28.57 36.59
CA ASP E 418 -32.64 -29.44 35.59
C ASP E 418 -33.68 -30.06 34.67
N ALA E 419 -34.80 -30.51 35.24
CA ALA E 419 -35.86 -31.10 34.42
C ALA E 419 -36.52 -30.07 33.53
N ILE E 420 -36.57 -28.80 33.96
CA ILE E 420 -37.21 -27.79 33.13
C ILE E 420 -36.25 -27.28 32.06
N MET E 421 -34.94 -27.40 32.29
CA MET E 421 -34.01 -27.04 31.23
C MET E 421 -33.92 -28.14 30.19
N SER E 422 -34.09 -29.39 30.61
CA SER E 422 -34.08 -30.48 29.64
C SER E 422 -35.30 -30.43 28.72
N GLN E 423 -36.47 -30.07 29.26
CA GLN E 423 -37.73 -30.12 28.53
C GLN E 423 -38.12 -28.79 27.90
N ALA E 424 -37.19 -27.88 27.62
CA ALA E 424 -37.55 -26.56 27.12
C ALA E 424 -36.69 -26.19 25.93
N SER E 425 -37.12 -25.12 25.25
CA SER E 425 -36.46 -24.69 24.01
C SER E 425 -35.04 -24.21 24.29
N TYR E 426 -34.84 -23.50 25.41
CA TYR E 426 -33.51 -22.97 25.76
C TYR E 426 -32.69 -24.04 26.49
N GLY E 427 -32.65 -25.23 25.88
CA GLY E 427 -32.14 -26.42 26.55
C GLY E 427 -30.71 -26.73 26.12
N TYR E 428 -29.90 -27.12 27.10
CA TYR E 428 -28.61 -27.73 26.80
C TYR E 428 -28.84 -29.05 26.09
N ARG E 429 -27.95 -29.39 25.17
CA ARG E 429 -28.03 -30.67 24.46
C ARG E 429 -26.85 -31.54 24.90
N LYS E 430 -27.12 -32.49 25.79
CA LYS E 430 -26.06 -33.32 26.35
C LYS E 430 -25.45 -34.23 25.29
N GLY E 431 -26.27 -34.96 24.56
CA GLY E 431 -25.76 -35.78 23.49
C GLY E 431 -25.70 -34.99 22.20
N LEU E 432 -24.53 -34.44 21.92
CA LEU E 432 -24.32 -33.58 20.77
C LEU E 432 -24.05 -34.45 19.55
N SER E 433 -24.75 -34.17 18.45
CA SER E 433 -24.39 -34.77 17.18
C SER E 433 -23.17 -34.05 16.63
N ARG E 434 -22.05 -34.77 16.57
CA ARG E 434 -20.77 -34.14 16.28
C ARG E 434 -20.75 -33.51 14.89
N GLN E 435 -21.34 -34.21 13.91
CA GLN E 435 -21.46 -33.63 12.59
C GLN E 435 -22.32 -32.37 12.61
N GLN E 436 -23.42 -32.40 13.35
CA GLN E 436 -24.29 -31.24 13.46
C GLN E 436 -23.59 -30.09 14.16
N VAL E 437 -22.79 -30.38 15.20
CA VAL E 437 -22.12 -29.31 15.93
C VAL E 437 -21.03 -28.66 15.08
N ARG E 438 -20.23 -29.48 14.37
CA ARG E 438 -19.25 -28.92 13.46
C ARG E 438 -19.93 -28.14 12.34
N TYR E 439 -21.10 -28.61 11.90
CA TYR E 439 -21.86 -27.87 10.88
C TYR E 439 -22.33 -26.52 11.40
N GLU E 440 -22.75 -26.47 12.67
CA GLU E 440 -23.15 -25.20 13.26
C GLU E 440 -21.97 -24.24 13.36
N ILE E 441 -20.79 -24.76 13.75
CA ILE E 441 -19.61 -23.91 13.81
C ILE E 441 -19.24 -23.38 12.43
N GLN E 442 -19.28 -24.24 11.40
CA GLN E 442 -18.92 -23.79 10.07
C GLN E 442 -19.96 -22.83 9.51
N ASN E 443 -21.23 -23.04 9.84
CA ASN E 443 -22.28 -22.12 9.42
C ASN E 443 -22.07 -20.75 10.08
N ALA E 444 -21.68 -20.74 11.35
CA ALA E 444 -21.41 -19.46 12.01
C ALA E 444 -20.18 -18.78 11.43
N TYR E 445 -19.16 -19.56 11.05
CA TYR E 445 -18.03 -19.01 10.33
C TYR E 445 -18.46 -18.38 9.02
N ARG E 446 -19.40 -19.02 8.32
CA ARG E 446 -19.98 -18.46 7.12
C ARG E 446 -20.74 -17.17 7.42
N GLN E 447 -21.32 -17.07 8.61
CA GLN E 447 -22.01 -15.85 8.99
C GLN E 447 -21.03 -14.69 9.18
N GLY E 448 -19.80 -14.97 9.57
CA GLY E 448 -18.81 -13.93 9.80
C GLY E 448 -18.10 -14.01 11.13
N TYR E 449 -18.62 -14.83 12.03
CA TYR E 449 -18.08 -14.96 13.38
C TYR E 449 -16.77 -15.73 13.30
N HIS E 450 -15.67 -15.01 13.11
CA HIS E 450 -14.38 -15.63 12.89
C HIS E 450 -13.57 -15.85 14.15
N TRP E 451 -13.98 -15.32 15.31
CA TRP E 451 -13.20 -15.47 16.53
C TRP E 451 -14.00 -16.20 17.61
N VAL E 452 -13.32 -17.02 18.41
CA VAL E 452 -13.95 -17.74 19.50
C VAL E 452 -13.29 -17.34 20.81
N TYR E 453 -14.02 -17.61 21.89
CA TYR E 453 -13.55 -17.30 23.24
C TYR E 453 -13.64 -18.54 24.11
N GLU E 454 -12.80 -18.59 25.14
CA GLU E 454 -12.95 -19.61 26.16
C GLU E 454 -14.26 -19.38 26.91
N SER E 455 -14.99 -20.46 27.15
CA SER E 455 -16.33 -20.37 27.71
C SER E 455 -16.28 -20.57 29.22
N ASP E 456 -16.67 -19.54 29.96
CA ASP E 456 -16.79 -19.60 31.41
C ASP E 456 -18.04 -18.84 31.81
N ILE E 457 -18.85 -19.44 32.68
CA ILE E 457 -20.08 -18.79 33.11
C ILE E 457 -19.79 -17.62 34.04
N GLU E 458 -18.59 -17.58 34.64
CA GLU E 458 -18.23 -16.53 35.59
C GLU E 458 -18.42 -15.14 34.99
N ASP E 459 -18.06 -14.98 33.72
CA ASP E 459 -18.12 -13.68 33.07
C ASP E 459 -19.53 -13.12 33.04
N PHE E 460 -20.54 -13.97 33.19
CA PHE E 460 -21.93 -13.54 33.14
C PHE E 460 -22.55 -13.38 34.51
N PHE E 461 -21.74 -13.31 35.58
CA PHE E 461 -22.30 -13.08 36.91
C PHE E 461 -22.64 -11.62 37.17
N ASP E 462 -22.03 -10.67 36.46
CA ASP E 462 -22.23 -9.27 36.78
C ASP E 462 -23.33 -8.61 35.97
N ALA E 463 -24.01 -9.35 35.09
CA ALA E 463 -25.00 -8.76 34.20
C ALA E 463 -26.42 -9.22 34.45
N VAL E 464 -26.64 -10.11 35.43
CA VAL E 464 -27.95 -10.71 35.62
C VAL E 464 -28.90 -9.70 36.24
N TYR E 465 -30.07 -9.53 35.63
CA TYR E 465 -31.11 -8.67 36.16
C TYR E 465 -32.08 -9.54 36.95
N ARG E 466 -32.08 -9.38 38.28
CA ARG E 466 -32.74 -10.34 39.16
C ARG E 466 -34.26 -10.43 39.03
N PRO E 467 -35.04 -9.35 38.90
CA PRO E 467 -36.51 -9.52 38.86
C PRO E 467 -37.00 -10.43 37.74
N GLN E 468 -36.32 -10.46 36.59
CA GLN E 468 -36.71 -11.42 35.55
C GLN E 468 -36.51 -12.85 36.03
N LEU E 469 -35.39 -13.13 36.71
CA LEU E 469 -35.13 -14.45 37.24
C LEU E 469 -36.17 -14.86 38.28
N ILE E 470 -36.50 -13.94 39.19
CA ILE E 470 -37.49 -14.24 40.21
C ILE E 470 -38.86 -14.46 39.58
N ASN E 471 -39.17 -13.70 38.52
CA ASN E 471 -40.44 -13.90 37.84
C ASN E 471 -40.50 -15.26 37.15
N ARG E 472 -39.41 -15.69 36.53
CA ARG E 472 -39.40 -17.00 35.89
C ARG E 472 -39.57 -18.12 36.90
N LEU E 473 -38.88 -18.03 38.03
CA LEU E 473 -39.04 -19.04 39.07
C LEU E 473 -40.45 -19.01 39.64
N LYS E 474 -41.03 -17.82 39.81
CA LYS E 474 -42.38 -17.71 40.34
C LYS E 474 -43.40 -18.28 39.36
N SER E 475 -43.09 -18.24 38.07
CA SER E 475 -43.99 -18.86 37.10
C SER E 475 -43.85 -20.37 37.10
N LEU E 476 -42.63 -20.88 37.27
CA LEU E 476 -42.43 -22.33 37.23
C LEU E 476 -42.90 -23.00 38.51
N LEU E 477 -42.34 -22.64 39.66
CA LEU E 477 -42.63 -23.31 40.92
C LEU E 477 -43.82 -22.74 41.67
N GLY E 478 -44.37 -21.61 41.24
CA GLY E 478 -45.51 -21.02 41.91
C GLY E 478 -45.11 -20.02 42.99
N ASN E 479 -46.12 -19.30 43.49
CA ASN E 479 -45.90 -18.31 44.52
C ASN E 479 -45.42 -18.96 45.80
N ASP E 480 -44.39 -18.39 46.42
CA ASP E 480 -43.74 -19.04 47.55
C ASP E 480 -43.04 -18.00 48.40
N PRO E 481 -42.92 -18.24 49.72
CA PRO E 481 -42.17 -17.29 50.56
C PRO E 481 -40.66 -17.46 50.50
N LEU E 482 -40.14 -18.42 49.75
CA LEU E 482 -38.69 -18.56 49.68
C LEU E 482 -38.04 -17.47 48.82
N TRP E 483 -38.76 -16.97 47.81
CA TRP E 483 -38.12 -16.11 46.80
C TRP E 483 -37.58 -14.83 47.40
N GLU E 484 -38.35 -14.21 48.31
CA GLU E 484 -37.84 -13.05 49.03
C GLU E 484 -36.51 -13.37 49.70
N GLN E 485 -36.44 -14.49 50.43
CA GLN E 485 -35.20 -14.90 51.07
C GLN E 485 -34.07 -15.01 50.07
N ILE E 486 -34.37 -15.52 48.87
CA ILE E 486 -33.33 -15.69 47.85
C ILE E 486 -32.72 -14.34 47.51
N GLU E 487 -33.56 -13.31 47.35
CA GLU E 487 -33.05 -11.98 47.04
C GLU E 487 -32.15 -11.48 48.17
N SER E 488 -32.52 -11.77 49.42
CA SER E 488 -31.74 -11.26 50.54
C SER E 488 -30.38 -11.95 50.62
N TRP E 489 -30.24 -13.09 49.92
CA TRP E 489 -28.94 -13.75 49.91
C TRP E 489 -28.06 -13.21 48.78
N LEU E 490 -28.68 -12.60 47.76
CA LEU E 490 -27.94 -12.28 46.55
C LEU E 490 -27.54 -10.80 46.52
N GLY E 491 -28.28 -9.95 47.23
CA GLY E 491 -28.03 -8.53 47.24
C GLY E 491 -27.35 -7.98 48.46
N GLN E 492 -26.31 -8.65 48.97
CA GLN E 492 -25.65 -8.18 50.18
C GLN E 492 -24.43 -7.31 49.83
N ASP E 493 -23.83 -6.75 50.88
CA ASP E 493 -22.79 -5.74 50.75
C ASP E 493 -21.49 -6.24 51.37
N ILE E 494 -20.37 -5.97 50.72
CA ILE E 494 -19.09 -6.49 51.18
C ILE E 494 -18.43 -5.50 52.13
N HIS E 495 -17.85 -6.02 53.21
CA HIS E 495 -17.06 -5.23 54.14
C HIS E 495 -15.59 -5.55 53.95
N ILE E 496 -14.79 -4.55 53.58
CA ILE E 496 -13.35 -4.70 53.48
C ILE E 496 -12.71 -3.48 54.13
N LYS E 497 -12.04 -3.69 55.26
CA LYS E 497 -11.23 -2.67 55.94
C LYS E 497 -12.03 -1.40 56.21
N ASP E 498 -13.19 -1.57 56.84
CA ASP E 498 -14.13 -0.49 57.15
C ASP E 498 -14.56 0.26 55.89
N THR E 499 -14.70 -0.45 54.78
CA THR E 499 -15.25 0.09 53.55
C THR E 499 -16.37 -0.81 53.07
N ILE E 500 -17.53 -0.22 52.80
CA ILE E 500 -18.70 -0.96 52.37
C ILE E 500 -18.76 -0.87 50.84
N ILE E 501 -18.50 -1.99 50.17
CA ILE E 501 -18.61 -2.08 48.72
C ILE E 501 -20.00 -2.63 48.43
N GLU E 502 -20.83 -1.82 47.82
CA GLU E 502 -22.18 -2.22 47.45
C GLU E 502 -22.23 -2.67 46.01
N ARG E 503 -23.45 -2.85 45.52
CA ARG E 503 -23.69 -3.13 44.11
C ARG E 503 -24.98 -2.45 43.67
N THR E 504 -25.10 -2.22 42.37
CA THR E 504 -26.26 -1.53 41.83
C THR E 504 -27.52 -2.33 42.14
N PRO E 505 -28.60 -1.69 42.60
CA PRO E 505 -29.81 -2.44 42.95
C PRO E 505 -30.39 -3.20 41.76
N ASN E 506 -30.88 -4.40 42.05
CA ASN E 506 -31.50 -5.29 41.05
C ASN E 506 -30.56 -5.56 39.87
N LEU E 507 -29.34 -5.96 40.18
CA LEU E 507 -28.36 -6.26 39.13
C LEU E 507 -27.21 -7.05 39.73
N GLY E 508 -26.95 -8.22 39.16
CA GLY E 508 -25.76 -8.97 39.51
C GLY E 508 -26.06 -10.19 40.35
N LEU E 509 -25.11 -11.13 40.34
CA LEU E 509 -25.14 -12.31 41.19
C LEU E 509 -23.78 -12.40 41.87
N PRO E 510 -23.74 -12.63 43.19
CA PRO E 510 -22.45 -12.65 43.88
C PRO E 510 -21.62 -13.86 43.50
N GLN E 511 -20.37 -13.61 43.12
CA GLN E 511 -19.43 -14.69 42.91
C GLN E 511 -19.10 -15.35 44.24
N GLY E 512 -18.71 -16.62 44.18
CA GLY E 512 -18.37 -17.33 45.40
C GLY E 512 -19.56 -17.76 46.23
N SER E 513 -20.71 -18.00 45.63
CA SER E 513 -21.92 -18.48 46.27
C SER E 513 -22.41 -19.73 45.57
N PRO E 514 -23.11 -20.64 46.26
CA PRO E 514 -23.51 -21.88 45.60
C PRO E 514 -24.71 -21.76 44.67
N LEU E 515 -25.61 -20.80 44.92
CA LEU E 515 -26.79 -20.67 44.07
C LEU E 515 -26.45 -20.02 42.73
N SER E 516 -25.34 -19.27 42.67
CA SER E 516 -25.04 -18.49 41.48
C SER E 516 -24.74 -19.31 40.24
N PRO E 517 -23.86 -20.32 40.26
CA PRO E 517 -23.64 -21.07 39.00
C PRO E 517 -24.88 -21.80 38.53
N LEU E 518 -25.74 -22.23 39.46
CA LEU E 518 -26.98 -22.89 39.05
C LEU E 518 -27.95 -21.90 38.42
N LEU E 519 -28.12 -20.72 39.02
CA LEU E 519 -29.11 -19.77 38.53
C LEU E 519 -28.59 -18.87 37.41
N ALA E 520 -27.29 -18.92 37.10
CA ALA E 520 -26.77 -18.10 36.01
C ALA E 520 -27.08 -18.70 34.66
N ASN E 521 -26.75 -19.98 34.46
CA ASN E 521 -27.03 -20.65 33.19
C ASN E 521 -28.49 -21.05 33.05
N PHE E 522 -29.29 -20.90 34.10
CA PHE E 522 -30.72 -21.13 33.98
C PHE E 522 -31.39 -20.03 33.16
N ILE E 523 -30.83 -18.83 33.16
CA ILE E 523 -31.45 -17.69 32.49
C ILE E 523 -30.42 -17.06 31.55
N LEU E 524 -29.50 -17.88 31.05
CA LEU E 524 -28.46 -17.37 30.17
C LEU E 524 -29.04 -16.95 28.81
N ASP E 525 -30.06 -17.66 28.33
CA ASP E 525 -30.59 -17.42 26.99
C ASP E 525 -31.10 -15.98 26.82
N ASP E 526 -31.53 -15.35 27.93
CA ASP E 526 -32.06 -14.00 27.86
C ASP E 526 -31.02 -12.98 27.43
N PHE E 527 -29.73 -13.35 27.40
CA PHE E 527 -28.71 -12.45 26.90
C PHE E 527 -28.57 -12.46 25.39
N ASP E 528 -29.28 -13.36 24.68
CA ASP E 528 -28.99 -13.59 23.27
C ASP E 528 -29.19 -12.32 22.44
N SER E 529 -30.28 -11.60 22.67
CA SER E 529 -30.50 -10.33 21.98
C SER E 529 -29.38 -9.35 22.29
N ASP E 530 -28.97 -9.29 23.57
CA ASP E 530 -27.89 -8.39 23.94
C ASP E 530 -26.55 -8.90 23.42
N LEU E 531 -26.48 -10.17 23.03
CA LEU E 531 -25.29 -10.63 22.32
C LEU E 531 -25.46 -10.46 20.82
N GLU E 532 -26.70 -10.36 20.35
CA GLU E 532 -26.93 -10.22 18.91
C GLU E 532 -26.58 -8.82 18.43
N THR E 533 -26.96 -7.79 19.20
CA THR E 533 -26.69 -6.42 18.81
C THR E 533 -25.20 -6.14 18.75
N HIS E 534 -24.42 -6.79 19.60
CA HIS E 534 -22.98 -6.56 19.65
C HIS E 534 -22.19 -7.59 18.87
N GLY E 535 -22.84 -8.42 18.06
CA GLY E 535 -22.13 -9.37 17.23
C GLY E 535 -21.53 -10.55 17.97
N PHE E 536 -22.26 -11.11 18.93
CA PHE E 536 -21.82 -12.28 19.67
C PHE E 536 -22.87 -13.38 19.56
N LYS E 537 -22.40 -14.62 19.55
CA LYS E 537 -23.26 -15.78 19.43
C LYS E 537 -22.77 -16.86 20.38
N ILE E 538 -23.68 -17.63 20.95
CA ILE E 538 -23.33 -18.72 21.85
C ILE E 538 -23.91 -20.01 21.29
N ILE E 539 -23.09 -21.06 21.25
CA ILE E 539 -23.49 -22.37 20.76
C ILE E 539 -23.42 -23.34 21.93
N ARG E 540 -24.53 -24.02 22.21
CA ARG E 540 -24.65 -24.89 23.37
C ARG E 540 -24.54 -26.35 22.96
N PHE E 541 -23.85 -27.13 23.79
CA PHE E 541 -23.67 -28.57 23.60
C PHE E 541 -23.15 -29.15 24.89
N ALA E 542 -23.69 -30.31 25.28
CA ALA E 542 -23.15 -31.15 26.35
C ALA E 542 -22.86 -30.35 27.63
N ASP E 543 -23.94 -29.83 28.22
CA ASP E 543 -23.97 -28.93 29.38
C ASP E 543 -22.89 -27.86 29.35
N ASP E 544 -22.61 -27.35 28.15
CA ASP E 544 -21.52 -26.41 27.93
C ASP E 544 -21.93 -25.50 26.77
N PHE E 545 -21.11 -24.49 26.52
CA PHE E 545 -21.35 -23.62 25.37
C PHE E 545 -20.02 -23.06 24.89
N ILE E 546 -20.10 -22.25 23.84
CA ILE E 546 -18.92 -21.63 23.24
C ILE E 546 -19.32 -20.28 22.67
N ILE E 547 -18.39 -19.32 22.71
CA ILE E 547 -18.67 -17.93 22.40
C ILE E 547 -17.98 -17.57 21.08
N LEU E 548 -18.75 -16.95 20.18
CA LEU E 548 -18.35 -16.63 18.83
C LEU E 548 -18.55 -15.13 18.62
N CYS E 549 -17.56 -14.47 18.01
CA CYS E 549 -17.64 -13.03 17.82
C CYS E 549 -16.98 -12.61 16.52
N LYS E 550 -17.44 -11.47 15.99
CA LYS E 550 -16.93 -10.92 14.74
C LYS E 550 -15.61 -10.19 14.94
N SER E 551 -15.55 -9.32 15.95
CA SER E 551 -14.36 -8.51 16.19
C SER E 551 -14.17 -8.28 17.68
N GLN E 552 -12.96 -7.83 18.03
CA GLN E 552 -12.51 -7.72 19.41
C GLN E 552 -12.24 -6.29 19.85
N HIS E 553 -13.01 -5.29 19.39
CA HIS E 553 -12.72 -3.91 19.76
C HIS E 553 -13.58 -3.45 20.93
N GLU E 554 -14.86 -3.83 20.95
CA GLU E 554 -15.73 -3.44 22.06
C GLU E 554 -15.27 -4.09 23.36
N ALA E 555 -14.75 -5.31 23.28
CA ALA E 555 -14.23 -5.97 24.46
C ALA E 555 -13.06 -5.18 25.05
N GLN E 556 -12.14 -4.73 24.20
CA GLN E 556 -10.98 -4.00 24.71
C GLN E 556 -11.38 -2.62 25.22
N GLN E 557 -12.35 -1.97 24.57
CA GLN E 557 -12.82 -0.69 25.10
C GLN E 557 -13.52 -0.86 26.44
N ALA E 558 -14.30 -1.92 26.62
CA ALA E 558 -14.93 -2.16 27.92
C ALA E 558 -13.88 -2.45 28.98
N ALA E 559 -12.85 -3.23 28.65
CA ALA E 559 -11.79 -3.50 29.61
C ALA E 559 -11.04 -2.23 29.99
N HIS E 560 -10.75 -1.37 29.01
CA HIS E 560 -10.04 -0.14 29.32
C HIS E 560 -10.91 0.84 30.11
N ALA E 561 -12.21 0.86 29.85
CA ALA E 561 -13.09 1.69 30.67
C ALA E 561 -13.13 1.20 32.11
N VAL E 562 -13.21 -0.11 32.30
CA VAL E 562 -13.22 -0.67 33.66
C VAL E 562 -11.93 -0.37 34.40
N GLU E 563 -10.78 -0.50 33.72
CA GLU E 563 -9.50 -0.22 34.38
C GLU E 563 -9.41 1.24 34.81
N GLN E 564 -9.81 2.17 33.95
CA GLN E 564 -9.80 3.58 34.31
C GLN E 564 -10.73 3.86 35.48
N SER E 565 -11.93 3.26 35.47
CA SER E 565 -12.87 3.48 36.56
C SER E 565 -12.31 2.99 37.88
N LEU E 566 -11.65 1.83 37.87
CA LEU E 566 -11.05 1.33 39.11
C LEU E 566 -9.91 2.21 39.59
N LYS E 567 -9.12 2.77 38.66
CA LYS E 567 -8.05 3.69 39.08
C LYS E 567 -8.62 4.96 39.71
N GLU E 568 -9.68 5.52 39.13
CA GLU E 568 -10.30 6.69 39.75
C GLU E 568 -10.90 6.35 41.11
N VAL E 569 -11.47 5.16 41.25
CA VAL E 569 -12.05 4.78 42.54
C VAL E 569 -10.97 4.64 43.60
N LYS E 570 -9.82 4.07 43.24
CA LYS E 570 -8.72 3.99 44.20
C LYS E 570 -8.19 5.37 44.57
N LEU E 571 -8.09 6.27 43.60
CA LEU E 571 -7.67 7.63 43.89
C LEU E 571 -8.63 8.32 44.85
N SER E 572 -9.94 8.15 44.62
CA SER E 572 -10.90 8.80 45.49
C SER E 572 -11.08 8.06 46.81
N ILE E 573 -10.56 6.85 46.92
CA ILE E 573 -10.39 6.24 48.25
C ILE E 573 -9.31 6.99 49.01
N ASN E 574 -8.14 7.16 48.38
CA ASN E 574 -6.99 7.62 49.12
C ASN E 574 -6.99 9.14 49.33
N VAL E 575 -7.79 9.88 48.56
CA VAL E 575 -7.73 11.34 48.63
C VAL E 575 -8.90 11.90 49.41
N GLU E 576 -10.13 11.65 48.95
CA GLU E 576 -11.30 12.30 49.53
C GLU E 576 -11.90 11.52 50.69
N LYS E 577 -11.27 10.43 51.11
CA LYS E 577 -11.68 9.63 52.27
C LYS E 577 -13.12 9.15 52.14
N THR E 578 -13.44 8.59 50.97
CA THR E 578 -14.75 8.00 50.77
C THR E 578 -14.86 6.68 51.53
N HIS E 579 -16.08 6.33 51.95
CA HIS E 579 -16.28 5.17 52.79
C HIS E 579 -17.33 4.19 52.29
N ILE E 580 -18.31 4.63 51.52
CA ILE E 580 -19.27 3.73 50.87
C ILE E 580 -19.03 3.80 49.38
N ILE E 581 -18.60 2.69 48.78
CA ILE E 581 -18.25 2.64 47.36
C ILE E 581 -19.26 1.74 46.67
N GLN E 582 -19.89 2.25 45.62
CA GLN E 582 -20.85 1.47 44.84
C GLN E 582 -20.22 1.17 43.50
N LEU E 583 -19.94 -0.10 43.24
CA LEU E 583 -19.38 -0.56 41.98
C LEU E 583 -20.48 -1.19 41.15
N ASN E 584 -20.45 -0.94 39.84
CA ASN E 584 -21.35 -1.64 38.94
C ASN E 584 -20.65 -2.85 38.31
N GLN E 585 -19.37 -2.70 37.97
CA GLN E 585 -18.60 -3.75 37.32
C GLN E 585 -17.26 -3.91 38.01
N GLY E 586 -16.49 -4.90 37.58
CA GLY E 586 -15.11 -5.03 37.99
C GLY E 586 -14.85 -5.72 39.30
N PHE E 587 -15.78 -6.55 39.77
CA PHE E 587 -15.59 -7.19 41.07
C PHE E 587 -14.44 -8.18 41.08
N ARG E 588 -14.08 -8.74 39.92
CA ARG E 588 -12.99 -9.71 39.87
C ARG E 588 -11.67 -9.10 40.29
N PHE E 589 -11.48 -7.81 40.01
CA PHE E 589 -10.30 -7.07 40.44
C PHE E 589 -10.58 -6.26 41.70
N LEU E 590 -11.48 -6.75 42.56
CA LEU E 590 -11.79 -6.08 43.81
C LEU E 590 -10.60 -6.01 44.74
N GLY E 591 -9.58 -6.85 44.53
CA GLY E 591 -8.38 -6.74 45.34
C GLY E 591 -7.55 -5.54 44.96
N TYR E 592 -7.71 -5.04 43.73
CA TYR E 592 -6.86 -3.97 43.23
C TYR E 592 -6.99 -2.71 44.06
N LEU E 593 -8.19 -2.45 44.58
CA LEU E 593 -8.41 -1.24 45.37
C LEU E 593 -7.59 -1.27 46.66
N PHE E 594 -7.20 -2.44 47.13
CA PHE E 594 -6.61 -2.55 48.45
C PHE E 594 -5.18 -3.10 48.46
N ARG E 595 -4.75 -3.76 47.39
CA ARG E 595 -3.40 -4.30 47.36
C ARG E 595 -2.82 -4.29 45.96
N THR E 620 -20.15 6.05 26.50
CA THR E 620 -21.34 5.20 26.45
C THR E 620 -21.16 3.97 27.33
N ASN E 621 -22.26 3.34 27.71
CA ASN E 621 -22.23 2.16 28.56
C ASN E 621 -22.18 0.88 27.72
N LEU E 622 -21.26 0.02 28.05
CA LEU E 622 -21.23 -1.31 27.49
C LEU E 622 -21.65 -2.32 28.55
N PRO E 623 -22.33 -3.40 28.16
CA PRO E 623 -22.82 -4.35 29.15
C PRO E 623 -21.67 -4.97 29.92
N PRO E 624 -21.89 -5.31 31.19
CA PRO E 624 -20.76 -5.69 32.05
C PRO E 624 -20.10 -7.01 31.68
N TRP E 625 -20.72 -7.85 30.86
CA TRP E 625 -20.05 -9.07 30.42
C TRP E 625 -18.99 -8.80 29.37
N LEU E 626 -19.09 -7.67 28.66
CA LEU E 626 -18.09 -7.33 27.66
C LEU E 626 -16.72 -7.13 28.28
N ALA E 627 -16.66 -6.49 29.46
CA ALA E 627 -15.39 -6.30 30.14
C ALA E 627 -14.77 -7.63 30.52
N ASN E 628 -15.57 -8.54 31.07
CA ASN E 628 -15.05 -9.83 31.52
C ASN E 628 -14.58 -10.67 30.34
N LEU E 629 -15.24 -10.53 29.19
CA LEU E 629 -14.71 -11.15 27.98
C LEU E 629 -13.41 -10.47 27.54
N GLY E 630 -13.33 -9.16 27.69
CA GLY E 630 -12.18 -8.43 27.18
C GLY E 630 -10.92 -8.64 28.01
N THR E 631 -11.08 -9.12 29.24
CA THR E 631 -9.90 -9.49 30.03
C THR E 631 -9.19 -10.70 29.44
N LYS E 632 -9.86 -11.45 28.57
CA LYS E 632 -9.25 -12.60 27.92
C LYS E 632 -8.71 -12.24 26.54
N SER E 633 -7.94 -13.16 25.96
CA SER E 633 -7.44 -13.02 24.60
C SER E 633 -8.06 -14.11 23.73
N PRO E 634 -8.80 -13.76 22.67
CA PRO E 634 -9.53 -14.78 21.92
C PRO E 634 -8.61 -15.61 21.03
N GLN E 635 -9.23 -16.59 20.39
CA GLN E 635 -8.55 -17.45 19.43
C GLN E 635 -9.38 -17.53 18.16
N PRO E 636 -8.74 -17.65 16.99
CA PRO E 636 -9.51 -17.96 15.79
C PRO E 636 -9.90 -19.44 15.78
N LEU E 637 -10.78 -19.80 14.85
CA LEU E 637 -11.29 -21.17 14.77
C LEU E 637 -10.19 -22.19 14.50
N LYS E 644 -8.46 -25.91 -1.54
CA LYS E 644 -7.22 -25.24 -1.92
C LYS E 644 -6.37 -24.89 -0.69
N LYS E 645 -6.15 -25.88 0.16
CA LYS E 645 -5.51 -25.66 1.46
C LYS E 645 -4.08 -25.19 1.25
N SER E 646 -3.84 -23.90 1.46
CA SER E 646 -2.51 -23.33 1.30
C SER E 646 -1.62 -23.72 2.47
N TYR E 647 -0.31 -23.57 2.30
CA TYR E 647 0.64 -24.17 3.24
C TYR E 647 1.84 -23.29 3.57
N GLY E 648 1.72 -21.97 3.47
CA GLY E 648 2.81 -21.13 3.93
C GLY E 648 2.94 -19.90 3.06
N GLN E 649 3.97 -19.11 3.37
CA GLN E 649 4.21 -17.84 2.69
C GLN E 649 5.05 -18.06 1.44
N ILE E 650 4.72 -17.32 0.38
CA ILE E 650 5.35 -17.50 -0.92
C ILE E 650 6.84 -17.29 -0.82
N GLU E 651 7.59 -17.95 -1.70
CA GLU E 651 9.04 -17.89 -1.69
C GLU E 651 9.53 -16.85 -2.70
N THR E 652 10.85 -16.86 -2.91
CA THR E 652 11.46 -15.89 -3.82
C THR E 652 11.02 -16.15 -5.25
N GLN E 653 10.90 -17.42 -5.64
CA GLN E 653 10.65 -17.74 -7.05
C GLN E 653 9.17 -17.89 -7.35
N GLY E 654 8.38 -18.32 -6.38
CA GLY E 654 6.94 -18.37 -6.55
C GLY E 654 6.34 -19.51 -5.77
N THR E 655 5.08 -19.82 -6.10
CA THR E 655 4.33 -20.86 -5.42
C THR E 655 4.30 -22.14 -6.25
N HIS E 656 4.32 -23.29 -5.57
CA HIS E 656 4.45 -24.59 -6.22
C HIS E 656 3.11 -25.30 -6.19
N LEU E 657 2.32 -25.10 -7.24
CA LEU E 657 1.00 -25.71 -7.34
C LEU E 657 1.11 -27.23 -7.43
N VAL E 658 0.21 -27.93 -6.74
CA VAL E 658 0.12 -29.37 -6.77
C VAL E 658 -1.32 -29.75 -7.07
N LEU E 659 -1.51 -30.82 -7.83
CA LEU E 659 -2.84 -31.35 -8.10
C LEU E 659 -2.83 -32.84 -7.76
N ALA E 660 -3.04 -33.15 -6.49
CA ALA E 660 -3.17 -34.53 -6.03
C ALA E 660 -4.63 -34.94 -5.81
N GLY E 661 -5.57 -34.15 -6.31
CA GLY E 661 -6.98 -34.35 -6.05
C GLY E 661 -7.59 -35.44 -6.90
N ASP E 662 -8.77 -35.14 -7.46
CA ASP E 662 -9.54 -36.08 -8.24
C ASP E 662 -10.04 -35.41 -9.51
N ALA E 663 -9.38 -35.70 -10.63
CA ALA E 663 -9.90 -35.42 -11.98
C ALA E 663 -10.09 -33.94 -12.25
N GLN E 664 -9.03 -33.15 -12.06
CA GLN E 664 -9.09 -31.74 -12.39
C GLN E 664 -8.78 -31.53 -13.88
N ILE E 665 -9.16 -30.36 -14.39
CA ILE E 665 -8.96 -30.02 -15.80
C ILE E 665 -8.36 -28.63 -15.93
N ILE E 666 -7.05 -28.54 -16.13
CA ILE E 666 -6.40 -27.25 -16.21
C ILE E 666 -6.66 -26.61 -17.56
N THR E 667 -7.02 -25.33 -17.56
CA THR E 667 -7.16 -24.54 -18.77
C THR E 667 -6.50 -23.18 -18.54
N THR E 668 -6.48 -22.35 -19.58
CA THR E 668 -5.71 -21.12 -19.54
C THR E 668 -6.56 -19.91 -19.88
N ASP E 669 -6.00 -18.74 -19.60
CA ASP E 669 -6.63 -17.45 -19.85
C ASP E 669 -5.78 -16.64 -20.84
N ASN E 670 -4.56 -17.10 -21.09
CA ASN E 670 -3.39 -16.44 -21.67
C ASN E 670 -2.71 -15.55 -20.64
N GLN E 671 -3.27 -15.40 -19.44
CA GLN E 671 -2.67 -14.61 -18.38
C GLN E 671 -2.73 -15.38 -17.08
N ASN E 672 -3.71 -16.28 -16.96
CA ASN E 672 -3.97 -17.00 -15.74
C ASN E 672 -4.19 -18.48 -16.02
N LEU E 673 -4.04 -19.29 -14.99
CA LEU E 673 -4.25 -20.73 -15.04
C LEU E 673 -5.48 -21.05 -14.21
N ILE E 674 -6.48 -21.66 -14.83
CA ILE E 674 -7.78 -21.91 -14.21
C ILE E 674 -7.98 -23.41 -14.08
N VAL E 675 -8.38 -23.86 -12.90
CA VAL E 675 -8.53 -25.28 -12.62
C VAL E 675 -10.01 -25.56 -12.39
N LYS E 676 -10.65 -26.21 -13.36
CA LYS E 676 -12.08 -26.46 -13.33
C LYS E 676 -12.35 -27.94 -13.12
N LYS E 677 -13.13 -28.26 -12.10
CA LYS E 677 -13.63 -29.62 -11.88
C LYS E 677 -15.12 -29.63 -12.16
N ASP E 678 -15.52 -30.36 -13.21
CA ASP E 678 -16.93 -30.48 -13.61
C ASP E 678 -17.57 -29.11 -13.81
N ASP E 679 -16.86 -28.23 -14.53
CA ASP E 679 -17.29 -26.87 -14.82
C ASP E 679 -17.46 -26.03 -13.56
N LYS E 680 -16.73 -26.37 -12.50
CA LYS E 680 -16.67 -25.57 -11.28
C LYS E 680 -15.24 -25.07 -11.13
N ILE E 681 -15.08 -23.74 -11.07
CA ILE E 681 -13.75 -23.16 -10.98
C ILE E 681 -13.20 -23.33 -9.57
N THR E 682 -12.00 -23.89 -9.47
CA THR E 682 -11.36 -24.12 -8.18
C THR E 682 -10.19 -23.18 -7.91
N HIS E 683 -9.52 -22.67 -8.95
CA HIS E 683 -8.42 -21.75 -8.74
C HIS E 683 -8.16 -21.01 -10.04
N LYS E 684 -7.65 -19.77 -9.91
CA LYS E 684 -7.39 -18.86 -11.03
C LYS E 684 -6.01 -18.21 -10.84
N ILE E 685 -4.98 -19.04 -10.65
CA ILE E 685 -3.66 -18.53 -10.26
C ILE E 685 -3.04 -17.74 -11.40
N SER E 686 -2.35 -16.65 -11.07
CA SER E 686 -1.69 -15.85 -12.09
C SER E 686 -0.39 -16.52 -12.55
N LEU E 687 -0.04 -16.30 -13.81
CA LEU E 687 1.17 -16.92 -14.35
C LEU E 687 2.44 -16.23 -13.87
N GLU E 688 2.34 -15.08 -13.22
CA GLU E 688 3.51 -14.39 -12.69
C GLU E 688 3.94 -14.91 -11.34
N GLN E 689 3.13 -15.72 -10.67
CA GLN E 689 3.46 -16.24 -9.36
C GLN E 689 3.70 -17.74 -9.36
N LEU E 690 3.39 -18.42 -10.46
CA LEU E 690 3.53 -19.87 -10.53
C LEU E 690 4.99 -20.25 -10.71
N HIS E 691 5.40 -21.32 -10.04
CA HIS E 691 6.78 -21.76 -10.03
C HIS E 691 6.99 -23.11 -10.70
N ALA E 692 6.11 -24.06 -10.43
CA ALA E 692 6.09 -25.37 -11.06
C ALA E 692 4.67 -25.89 -10.95
N VAL E 693 4.46 -27.13 -11.37
CA VAL E 693 3.18 -27.82 -11.13
C VAL E 693 3.36 -29.33 -11.29
N THR E 694 2.75 -30.07 -10.36
CA THR E 694 2.82 -31.53 -10.31
C THR E 694 1.43 -32.10 -10.55
N LEU E 695 1.33 -33.14 -11.36
CA LEU E 695 0.05 -33.74 -11.71
C LEU E 695 0.07 -35.20 -11.33
N ILE E 696 -0.46 -35.52 -10.14
CA ILE E 696 -0.57 -36.88 -9.67
C ILE E 696 -2.01 -37.31 -9.87
N GLY E 697 -2.24 -38.31 -10.71
CA GLY E 697 -3.59 -38.77 -10.99
C GLY E 697 -3.93 -38.79 -12.46
N LEU E 698 -5.17 -38.41 -12.79
CA LEU E 698 -5.70 -38.42 -14.14
C LEU E 698 -6.11 -37.03 -14.59
N HIS E 699 -5.22 -36.05 -14.37
CA HIS E 699 -5.52 -34.66 -14.65
C HIS E 699 -5.20 -34.32 -16.10
N THR E 700 -5.99 -33.42 -16.66
CA THR E 700 -5.87 -32.99 -18.05
C THR E 700 -5.09 -31.69 -18.11
N MET E 701 -4.54 -31.36 -19.28
CA MET E 701 -3.96 -30.06 -19.53
C MET E 701 -4.16 -29.71 -20.99
N THR E 702 -4.96 -28.67 -21.26
CA THR E 702 -5.23 -28.26 -22.63
C THR E 702 -3.95 -27.81 -23.31
N LEU E 703 -3.88 -28.03 -24.62
CA LEU E 703 -2.64 -27.76 -25.34
C LEU E 703 -2.21 -26.29 -25.33
N PRO E 704 -3.10 -25.29 -25.51
CA PRO E 704 -2.64 -23.90 -25.34
C PRO E 704 -2.07 -23.61 -23.95
N ALA E 705 -2.57 -24.27 -22.91
CA ALA E 705 -1.93 -24.16 -21.62
C ALA E 705 -0.51 -24.69 -21.67
N LYS E 706 -0.28 -25.78 -22.40
CA LYS E 706 1.07 -26.28 -22.58
C LYS E 706 1.93 -25.28 -23.33
N HIS E 707 1.38 -24.59 -24.33
CA HIS E 707 2.13 -23.56 -25.03
C HIS E 707 2.54 -22.44 -24.07
N ARG E 708 1.61 -22.01 -23.21
CA ARG E 708 1.92 -20.91 -22.29
C ARG E 708 2.94 -21.32 -21.23
N LEU E 709 2.83 -22.53 -20.69
CA LEU E 709 3.80 -22.97 -19.69
C LEU E 709 5.14 -23.33 -20.31
N LEU E 710 5.17 -23.61 -21.61
CA LEU E 710 6.45 -23.87 -22.26
C LEU E 710 7.12 -22.57 -22.70
N GLU E 711 6.33 -21.51 -22.91
CA GLU E 711 6.93 -20.20 -23.19
C GLU E 711 7.58 -19.61 -21.94
N HIS E 712 6.88 -19.65 -20.81
CA HIS E 712 7.37 -19.09 -19.56
C HIS E 712 8.38 -19.99 -18.86
N LYS E 713 8.69 -21.15 -19.43
CA LYS E 713 9.67 -22.09 -18.89
C LYS E 713 9.30 -22.53 -17.47
N ILE E 714 8.04 -22.90 -17.29
CA ILE E 714 7.52 -23.43 -16.03
C ILE E 714 7.49 -24.95 -16.13
N PRO E 715 8.24 -25.67 -15.32
CA PRO E 715 8.19 -27.13 -15.39
C PRO E 715 6.83 -27.67 -14.96
N VAL E 716 6.47 -28.82 -15.53
CA VAL E 716 5.34 -29.62 -15.06
C VAL E 716 5.73 -31.09 -15.05
N HIS E 717 5.49 -31.75 -13.94
CA HIS E 717 5.83 -33.15 -13.78
C HIS E 717 4.56 -33.98 -13.70
N ILE E 718 4.63 -35.20 -14.21
CA ILE E 718 3.45 -36.04 -14.35
C ILE E 718 3.69 -37.34 -13.58
N ALA E 719 2.61 -37.91 -13.05
CA ALA E 719 2.66 -39.22 -12.44
C ALA E 719 1.29 -39.85 -12.55
N ASP E 720 1.13 -41.04 -11.99
CA ASP E 720 -0.13 -41.76 -12.03
C ASP E 720 -0.61 -42.05 -10.61
N ARG E 721 -1.83 -42.57 -10.51
CA ARG E 721 -2.48 -42.76 -9.22
C ARG E 721 -1.72 -43.71 -8.32
N THR E 722 -1.01 -44.68 -8.90
CA THR E 722 -0.17 -45.55 -8.10
C THR E 722 0.98 -44.77 -7.46
N GLY E 723 1.43 -43.71 -8.11
CA GLY E 723 2.48 -42.85 -7.60
C GLY E 723 3.81 -42.97 -8.31
N ARG E 724 4.00 -43.97 -9.17
CA ARG E 724 5.24 -44.07 -9.91
C ARG E 724 5.38 -42.91 -10.87
N TYR E 725 6.63 -42.55 -11.17
CA TYR E 725 6.88 -41.37 -11.99
C TYR E 725 6.73 -41.72 -13.47
N LEU E 726 6.30 -40.73 -14.25
CA LEU E 726 6.12 -40.92 -15.70
C LEU E 726 7.07 -40.05 -16.50
N GLY E 727 7.02 -38.73 -16.32
CA GLY E 727 7.83 -37.85 -17.13
C GLY E 727 7.60 -36.40 -16.79
N ALA E 728 8.08 -35.53 -17.68
CA ALA E 728 8.02 -34.10 -17.44
C ALA E 728 7.87 -33.38 -18.78
N VAL E 729 7.33 -32.17 -18.73
CA VAL E 729 7.24 -31.32 -19.91
C VAL E 729 8.23 -30.18 -19.72
N THR E 730 9.44 -30.35 -20.25
CA THR E 730 10.50 -29.39 -20.07
C THR E 730 10.97 -28.90 -21.44
N SER E 731 11.59 -27.72 -21.43
CA SER E 731 12.15 -27.11 -22.62
C SER E 731 13.66 -27.13 -22.55
N PHE E 732 14.31 -27.14 -23.71
CA PHE E 732 15.75 -27.23 -23.80
C PHE E 732 16.42 -25.95 -24.28
N GLN E 733 15.68 -24.85 -24.34
CA GLN E 733 16.34 -23.57 -24.55
C GLN E 733 16.66 -22.94 -23.19
N PRO E 734 17.84 -22.34 -23.03
CA PRO E 734 18.24 -21.86 -21.71
C PRO E 734 17.47 -20.63 -21.28
N ALA E 735 17.87 -20.06 -20.13
CA ALA E 735 17.12 -18.98 -19.51
C ALA E 735 17.01 -17.77 -20.44
N GLN E 736 18.14 -17.15 -20.78
CA GLN E 736 18.17 -15.98 -21.63
C GLN E 736 18.93 -16.25 -22.92
N ASN E 737 18.95 -17.50 -23.36
CA ASN E 737 19.71 -18.09 -24.47
C ASN E 737 21.20 -18.18 -24.13
N ASN E 738 21.61 -17.88 -22.91
CA ASN E 738 23.01 -18.01 -22.51
C ASN E 738 23.30 -19.47 -22.21
N TYR E 739 24.00 -20.13 -23.11
CA TYR E 739 24.38 -21.53 -22.94
C TYR E 739 25.63 -21.71 -22.08
N LYS E 740 26.00 -20.70 -21.28
CA LYS E 740 27.25 -20.77 -20.55
C LYS E 740 27.20 -21.84 -19.45
N ASN E 741 26.26 -21.70 -18.52
CA ASN E 741 26.22 -22.58 -17.36
C ASN E 741 25.93 -24.03 -17.75
N TRP E 742 25.09 -24.24 -18.76
CA TRP E 742 24.82 -25.59 -19.23
C TRP E 742 26.09 -26.24 -19.78
N PHE E 743 26.86 -25.50 -20.58
CA PHE E 743 28.10 -26.05 -21.12
C PHE E 743 29.09 -26.35 -20.01
N ILE E 744 29.16 -25.46 -19.01
CA ILE E 744 30.05 -25.70 -17.88
C ILE E 744 29.66 -26.99 -17.16
N GLN E 745 28.36 -27.18 -16.93
CA GLN E 745 27.90 -28.38 -16.23
C GLN E 745 28.16 -29.64 -17.03
N LEU E 746 27.91 -29.60 -18.35
CA LEU E 746 28.09 -30.79 -19.17
C LEU E 746 29.57 -31.15 -19.30
N GLN E 747 30.46 -30.15 -19.26
CA GLN E 747 31.87 -30.45 -19.17
C GLN E 747 32.20 -31.10 -17.82
N MET E 748 31.75 -30.48 -16.73
CA MET E 748 32.28 -30.83 -15.42
C MET E 748 31.74 -32.16 -14.92
N CYS E 749 30.54 -32.55 -15.37
CA CYS E 749 29.91 -33.73 -14.79
C CYS E 749 30.60 -35.03 -15.20
N ASP E 750 31.32 -35.02 -16.33
CA ASP E 750 31.95 -36.26 -16.77
C ASP E 750 33.44 -36.30 -16.44
N ARG E 751 33.99 -35.24 -15.85
CA ARG E 751 35.34 -35.31 -15.31
C ARG E 751 35.38 -36.33 -14.19
N GLU E 752 36.38 -37.21 -14.21
CA GLU E 752 36.30 -38.38 -13.33
C GLU E 752 36.63 -38.05 -11.87
N PRO E 753 37.74 -37.35 -11.53
CA PRO E 753 38.00 -37.12 -10.10
C PRO E 753 36.96 -36.26 -9.40
N PHE E 754 36.51 -35.19 -10.05
CA PHE E 754 35.49 -34.31 -9.49
C PHE E 754 34.18 -35.05 -9.24
N ALA E 755 33.67 -35.74 -10.26
CA ALA E 755 32.42 -36.48 -10.11
C ALA E 755 32.57 -37.61 -9.10
N HIS E 756 33.74 -38.25 -9.04
CA HIS E 756 33.96 -39.29 -8.06
C HIS E 756 33.94 -38.74 -6.64
N ALA E 757 34.54 -37.56 -6.42
CA ALA E 757 34.53 -36.97 -5.09
C ALA E 757 33.11 -36.63 -4.65
N ILE E 758 32.34 -36.01 -5.53
CA ILE E 758 30.96 -35.68 -5.15
C ILE E 758 30.09 -36.92 -4.96
N ALA E 759 30.24 -37.95 -5.80
CA ALA E 759 29.50 -39.18 -5.59
C ALA E 759 29.88 -39.88 -4.29
N GLN E 760 31.16 -39.85 -3.93
CA GLN E 760 31.59 -40.39 -2.64
C GLN E 760 30.96 -39.62 -1.48
N GLN E 761 30.89 -38.30 -1.60
CA GLN E 761 30.23 -37.49 -0.56
C GLN E 761 28.76 -37.86 -0.43
N ILE E 762 28.06 -38.00 -1.55
CA ILE E 762 26.63 -38.29 -1.51
C ILE E 762 26.38 -39.67 -0.92
N VAL E 763 27.19 -40.66 -1.28
CA VAL E 763 27.02 -42.00 -0.73
C VAL E 763 27.32 -42.02 0.76
N ILE E 764 28.36 -41.31 1.20
CA ILE E 764 28.69 -41.32 2.61
C ILE E 764 27.60 -40.62 3.42
N SER E 765 27.00 -39.57 2.85
CA SER E 765 25.89 -38.88 3.51
C SER E 765 24.70 -39.80 3.65
N ARG E 766 24.36 -40.53 2.59
CA ARG E 766 23.20 -41.41 2.61
C ARG E 766 23.37 -42.53 3.63
N ILE E 767 24.56 -43.14 3.69
CA ILE E 767 24.76 -44.23 4.64
C ILE E 767 24.79 -43.72 6.07
N HIS E 768 25.36 -42.53 6.30
CA HIS E 768 25.31 -41.97 7.65
C HIS E 768 23.87 -41.67 8.08
N ASN E 769 23.06 -41.11 7.18
CA ASN E 769 21.67 -40.82 7.51
C ASN E 769 20.89 -42.11 7.80
N GLN E 770 21.14 -43.17 7.04
CA GLN E 770 20.45 -44.43 7.30
C GLN E 770 20.84 -45.01 8.65
N ARG E 771 22.14 -44.98 8.98
CA ARG E 771 22.58 -45.44 10.29
C ARG E 771 21.92 -44.64 11.40
N GLN E 772 21.79 -43.33 11.20
CA GLN E 772 21.20 -42.49 12.24
C GLN E 772 19.73 -42.79 12.43
N THR E 773 18.97 -42.92 11.33
CA THR E 773 17.56 -43.24 11.44
C THR E 773 17.32 -44.62 12.07
N LEU E 774 18.21 -45.59 11.85
CA LEU E 774 18.09 -46.85 12.58
C LEU E 774 18.56 -46.75 14.02
N LEU E 775 19.00 -45.58 14.47
CA LEU E 775 19.62 -45.43 15.78
C LEU E 775 18.70 -44.78 16.80
N LYS E 776 17.58 -44.21 16.37
CA LYS E 776 16.68 -43.50 17.27
C LYS E 776 15.47 -44.34 17.68
N ARG E 777 15.49 -45.65 17.44
CA ARG E 777 14.46 -46.55 17.95
C ARG E 777 15.04 -47.31 19.14
N LYS E 778 14.83 -46.74 20.33
CA LYS E 778 15.45 -47.28 21.54
C LYS E 778 14.97 -48.68 21.85
N ALA E 779 13.66 -48.91 21.78
CA ALA E 779 13.06 -50.13 22.32
C ALA E 779 13.51 -51.36 21.57
N HIS E 780 14.03 -51.20 20.36
CA HIS E 780 14.48 -52.30 19.54
C HIS E 780 16.00 -52.38 19.41
N ARG E 781 16.73 -51.75 20.35
CA ARG E 781 18.18 -51.65 20.20
C ARG E 781 18.85 -53.03 20.15
N LYS E 782 18.41 -53.95 21.00
CA LYS E 782 18.98 -55.30 20.99
C LYS E 782 18.76 -55.97 19.65
N GLN E 783 17.63 -55.70 19.00
CA GLN E 783 17.37 -56.31 17.70
C GLN E 783 18.18 -55.64 16.60
N LEU E 784 18.62 -54.40 16.84
CA LEU E 784 19.22 -53.59 15.80
C LEU E 784 20.70 -53.29 16.03
N GLN E 785 21.39 -54.08 16.86
CA GLN E 785 22.80 -53.81 17.08
C GLN E 785 23.63 -54.25 15.87
N GLN E 786 23.60 -55.55 15.56
CA GLN E 786 24.48 -56.12 14.53
C GLN E 786 24.31 -55.41 13.20
N THR E 787 23.07 -55.20 12.77
CA THR E 787 22.82 -54.51 11.50
C THR E 787 23.51 -53.17 11.46
N LEU E 788 23.40 -52.37 12.54
CA LEU E 788 24.08 -51.09 12.56
C LEU E 788 25.57 -51.26 12.35
N SER E 789 26.18 -52.22 13.06
CA SER E 789 27.61 -52.47 12.89
C SER E 789 27.94 -52.79 11.44
N ASN E 790 27.10 -53.60 10.79
CA ASN E 790 27.36 -53.94 9.39
C ASN E 790 27.30 -52.70 8.52
N LEU E 791 26.32 -51.81 8.77
CA LEU E 791 26.30 -50.57 8.01
C LEU E 791 27.58 -49.78 8.22
N LYS E 792 28.08 -49.77 9.46
CA LYS E 792 29.35 -49.10 9.74
C LYS E 792 30.44 -49.68 8.86
N LYS E 793 30.49 -51.01 8.75
CA LYS E 793 31.51 -51.63 7.91
C LYS E 793 31.37 -51.19 6.46
N LEU E 794 30.13 -51.11 5.96
CA LEU E 794 29.94 -50.64 4.60
C LEU E 794 30.42 -49.20 4.46
N GLN E 795 30.14 -48.37 5.46
CA GLN E 795 30.64 -47.01 5.42
C GLN E 795 32.17 -47.02 5.48
N TYR E 796 32.73 -47.97 6.22
CA TYR E 796 34.18 -48.08 6.34
C TYR E 796 34.82 -48.42 5.01
N LYS E 797 34.04 -48.87 4.02
CA LYS E 797 34.62 -49.18 2.73
C LYS E 797 34.32 -48.10 1.71
N VAL E 798 33.35 -47.22 1.99
CA VAL E 798 32.99 -46.21 0.99
C VAL E 798 34.12 -45.21 0.81
N THR E 799 34.88 -44.93 1.87
CA THR E 799 36.06 -44.08 1.73
C THR E 799 37.15 -44.76 0.89
N ALA E 800 37.21 -46.09 0.92
CA ALA E 800 38.24 -46.81 0.19
C ALA E 800 37.81 -47.19 -1.22
N ALA E 801 36.62 -46.79 -1.66
CA ALA E 801 36.20 -47.04 -3.03
C ALA E 801 36.91 -46.08 -3.97
N THR E 802 37.62 -46.64 -4.95
CA THR E 802 38.49 -45.86 -5.81
C THR E 802 37.94 -45.68 -7.22
N LYS E 803 36.81 -46.29 -7.55
CA LYS E 803 36.18 -46.16 -8.87
C LYS E 803 34.70 -45.88 -8.70
N ARG E 804 34.14 -45.09 -9.62
CA ARG E 804 32.74 -44.71 -9.51
C ARG E 804 31.79 -45.88 -9.73
N SER E 805 32.28 -47.00 -10.25
CA SER E 805 31.39 -48.13 -10.55
C SER E 805 31.06 -48.93 -9.29
N SER E 806 31.83 -48.76 -8.22
CA SER E 806 31.61 -49.58 -7.02
C SER E 806 30.56 -48.95 -6.10
N LEU E 807 30.33 -47.64 -6.25
CA LEU E 807 29.43 -46.92 -5.35
C LEU E 807 28.00 -47.42 -5.48
N ASN E 808 27.58 -47.76 -6.70
CA ASN E 808 26.23 -48.28 -6.90
C ASN E 808 26.02 -49.57 -6.13
N GLY E 809 26.97 -50.50 -6.20
CA GLY E 809 26.84 -51.74 -5.47
C GLY E 809 26.86 -51.56 -3.96
N LEU E 810 27.76 -50.71 -3.46
CA LEU E 810 27.82 -50.48 -2.02
C LEU E 810 26.53 -49.85 -1.50
N GLU E 811 26.02 -48.84 -2.21
CA GLU E 811 24.78 -48.21 -1.76
C GLU E 811 23.61 -49.18 -1.87
N GLY E 812 23.60 -50.05 -2.88
CA GLY E 812 22.54 -51.04 -2.99
C GLY E 812 22.53 -52.01 -1.82
N SER E 813 23.72 -52.49 -1.42
CA SER E 813 23.78 -53.39 -0.27
C SER E 813 23.36 -52.69 1.02
N ALA E 814 23.76 -51.42 1.18
CA ALA E 814 23.36 -50.66 2.36
C ALA E 814 21.85 -50.49 2.43
N THR E 815 21.24 -50.12 1.31
CA THR E 815 19.79 -49.93 1.29
C THR E 815 19.07 -51.24 1.55
N ARG E 816 19.61 -52.36 1.06
CA ARG E 816 18.97 -53.65 1.31
C ARG E 816 18.97 -54.01 2.78
N GLU E 817 20.15 -53.89 3.43
CA GLU E 817 20.22 -54.26 4.84
C GLU E 817 19.48 -53.24 5.72
N TYR E 818 19.24 -52.04 5.19
CA TYR E 818 18.45 -51.05 5.93
C TYR E 818 16.96 -51.39 5.84
N PHE E 819 16.44 -51.57 4.63
CA PHE E 819 15.02 -51.86 4.43
C PHE E 819 14.61 -53.21 4.99
N GLN E 820 15.54 -54.13 5.21
CA GLN E 820 15.11 -55.41 5.78
C GLN E 820 14.71 -55.28 7.25
N GLN E 821 14.98 -54.13 7.89
CA GLN E 821 14.72 -54.00 9.31
C GLN E 821 13.39 -53.32 9.62
N PHE E 822 12.66 -52.83 8.61
CA PHE E 822 11.39 -52.17 8.86
C PHE E 822 10.29 -53.14 9.27
N ASN E 823 10.53 -54.44 9.17
CA ASN E 823 9.50 -55.41 9.56
C ASN E 823 9.33 -55.43 11.07
N LEU E 824 10.24 -54.81 11.81
CA LEU E 824 10.18 -54.83 13.26
C LEU E 824 9.30 -53.70 13.79
N PHE E 825 9.28 -52.56 13.10
CA PHE E 825 8.51 -51.41 13.58
C PHE E 825 7.07 -51.50 13.10
N LEU E 826 6.89 -51.86 11.83
CA LEU E 826 5.62 -51.74 11.17
C LEU E 826 4.63 -52.79 11.66
N PRO E 827 3.33 -52.54 11.49
CA PRO E 827 2.33 -53.59 11.79
C PRO E 827 2.45 -54.77 10.85
N GLU E 828 1.71 -55.82 11.19
CA GLU E 828 1.80 -57.08 10.45
C GLU E 828 1.13 -56.98 9.09
N TRP E 829 0.15 -56.09 8.94
CA TRP E 829 -0.55 -55.98 7.67
C TRP E 829 0.24 -55.17 6.65
N ALA E 830 1.31 -54.51 7.04
CA ALA E 830 2.10 -53.68 6.14
C ALA E 830 3.53 -54.18 5.97
N HIS E 831 3.80 -55.44 6.30
CA HIS E 831 5.14 -55.97 6.19
C HIS E 831 5.58 -56.05 4.73
N PHE E 832 6.90 -56.00 4.52
CA PHE E 832 7.47 -56.06 3.19
C PHE E 832 8.95 -56.40 3.35
N SER E 833 9.56 -56.96 2.31
CA SER E 833 10.97 -57.33 2.36
C SER E 833 11.80 -56.73 1.24
N LYS E 834 11.17 -56.16 0.23
CA LYS E 834 11.89 -55.65 -0.93
C LYS E 834 11.21 -54.40 -1.44
N ARG E 835 12.01 -53.39 -1.78
CA ARG E 835 11.48 -52.18 -2.38
C ARG E 835 11.14 -52.46 -3.83
N THR E 836 9.85 -52.58 -4.12
CA THR E 836 9.35 -52.86 -5.47
C THR E 836 9.03 -51.52 -6.10
N ARG E 837 9.76 -51.17 -7.16
CA ARG E 837 9.78 -49.78 -7.60
C ARG E 837 8.77 -49.51 -8.71
N ARG E 838 8.91 -50.18 -9.85
CA ARG E 838 8.13 -49.78 -11.02
C ARG E 838 6.64 -50.13 -10.86
N PRO E 839 6.24 -51.38 -10.63
CA PRO E 839 4.88 -51.64 -10.12
C PRO E 839 4.86 -51.77 -8.60
N PRO E 840 4.64 -50.69 -7.83
CA PRO E 840 4.48 -50.86 -6.38
C PRO E 840 3.39 -51.86 -6.02
N LYS E 841 3.74 -52.97 -5.37
CA LYS E 841 2.76 -53.99 -5.05
C LYS E 841 2.71 -54.33 -3.56
N ASP E 842 2.84 -53.34 -2.69
CA ASP E 842 2.72 -53.54 -1.26
C ASP E 842 2.00 -52.35 -0.63
N PRO E 843 1.35 -52.54 0.52
CA PRO E 843 0.73 -51.40 1.19
C PRO E 843 1.70 -50.32 1.61
N PHE E 844 2.88 -50.70 2.09
CA PHE E 844 3.86 -49.73 2.56
C PHE E 844 4.59 -49.03 1.42
N ASN E 845 4.81 -49.70 0.30
CA ASN E 845 5.64 -49.13 -0.76
C ASN E 845 4.95 -47.99 -1.48
N VAL E 846 3.61 -47.96 -1.49
CA VAL E 846 2.91 -46.87 -2.18
C VAL E 846 3.19 -45.54 -1.48
N LEU E 847 3.30 -45.57 -0.15
CA LEU E 847 3.63 -44.36 0.59
C LEU E 847 4.98 -43.80 0.18
N LEU E 848 5.99 -44.66 0.12
CA LEU E 848 7.32 -44.20 -0.27
C LEU E 848 7.34 -43.72 -1.71
N SER E 849 6.70 -44.46 -2.61
CA SER E 849 6.73 -44.10 -4.02
C SER E 849 5.82 -42.93 -4.35
N LEU E 850 4.97 -42.50 -3.41
CA LEU E 850 4.22 -41.27 -3.58
C LEU E 850 4.87 -40.08 -2.90
N GLY E 851 5.70 -40.29 -1.89
CA GLY E 851 6.45 -39.19 -1.32
C GLY E 851 7.69 -38.82 -2.11
N TYR E 852 8.33 -39.82 -2.72
CA TYR E 852 9.56 -39.55 -3.47
C TYR E 852 9.31 -38.64 -4.65
N THR E 853 8.13 -38.70 -5.26
CA THR E 853 7.88 -37.86 -6.43
C THR E 853 7.63 -36.41 -6.04
N ILE E 854 7.00 -36.17 -4.88
CA ILE E 854 6.87 -34.80 -4.38
C ILE E 854 8.24 -34.23 -4.06
N LEU E 855 9.07 -35.03 -3.37
CA LEU E 855 10.42 -34.57 -3.04
C LEU E 855 11.23 -34.29 -4.31
N TYR E 856 11.13 -35.18 -5.29
CA TYR E 856 11.85 -35.02 -6.55
C TYR E 856 11.37 -33.79 -7.30
N SER E 857 10.07 -33.55 -7.33
CA SER E 857 9.55 -32.39 -8.04
C SER E 857 10.02 -31.09 -7.40
N HIS E 858 10.07 -31.06 -6.06
CA HIS E 858 10.59 -29.87 -5.39
C HIS E 858 12.04 -29.61 -5.76
N THR E 859 12.91 -30.63 -5.60
CA THR E 859 14.33 -30.38 -5.88
C THR E 859 14.57 -30.11 -7.35
N ASP E 860 13.77 -30.69 -8.24
CA ASP E 860 13.95 -30.48 -9.67
C ASP E 860 13.56 -29.05 -10.05
N ALA E 861 12.44 -28.56 -9.51
CA ALA E 861 12.06 -27.18 -9.82
C ALA E 861 13.08 -26.19 -9.28
N ILE E 862 13.61 -26.46 -8.09
CA ILE E 862 14.65 -25.58 -7.52
C ILE E 862 15.90 -25.58 -8.39
N LEU E 863 16.35 -26.78 -8.80
CA LEU E 863 17.56 -26.89 -9.62
C LEU E 863 17.38 -26.20 -10.96
N GLN E 864 16.24 -26.39 -11.61
CA GLN E 864 16.02 -25.76 -12.90
C GLN E 864 15.89 -24.26 -12.78
N SER E 865 15.38 -23.76 -11.65
CA SER E 865 15.37 -22.32 -11.44
C SER E 865 16.76 -21.78 -11.16
N ALA E 866 17.65 -22.59 -10.59
CA ALA E 866 19.01 -22.14 -10.33
C ALA E 866 19.76 -21.84 -11.62
N GLY E 867 19.57 -22.66 -12.64
CA GLY E 867 20.24 -22.45 -13.91
C GLY E 867 20.82 -23.72 -14.51
N PHE E 868 20.60 -24.85 -13.82
CA PHE E 868 21.13 -26.13 -14.20
C PHE E 868 20.33 -26.75 -15.34
N ILE E 869 20.81 -27.88 -15.83
CA ILE E 869 20.03 -28.79 -16.68
C ILE E 869 19.97 -30.10 -15.90
N THR E 870 18.78 -30.47 -15.45
CA THR E 870 18.65 -31.55 -14.49
C THR E 870 18.84 -32.94 -15.09
N TRP E 871 18.87 -33.06 -16.42
CA TRP E 871 18.83 -34.38 -17.02
C TRP E 871 20.14 -35.15 -16.85
N LYS E 872 21.26 -34.46 -16.72
CA LYS E 872 22.56 -35.11 -16.60
C LYS E 872 22.98 -35.17 -15.15
N GLY E 873 23.46 -36.34 -14.71
CA GLY E 873 23.76 -36.57 -13.31
C GLY E 873 25.22 -36.92 -13.08
N ILE E 874 25.61 -36.83 -11.81
CA ILE E 874 26.98 -37.09 -11.38
C ILE E 874 27.12 -38.56 -10.97
N TYR E 875 26.29 -38.98 -10.02
CA TYR E 875 26.37 -40.32 -9.46
C TYR E 875 25.39 -41.30 -10.10
N HIS E 876 24.25 -40.83 -10.58
CA HIS E 876 23.26 -41.67 -11.23
C HIS E 876 23.46 -41.58 -12.74
N GLN E 877 24.21 -42.54 -13.29
CA GLN E 877 24.47 -42.55 -14.72
C GLN E 877 23.26 -43.04 -15.51
N GLN E 878 22.81 -44.26 -15.24
CA GLN E 878 21.68 -44.86 -15.92
C GLN E 878 20.47 -44.83 -15.01
N SER E 879 19.44 -44.11 -15.42
CA SER E 879 18.22 -43.94 -14.64
C SER E 879 17.02 -44.37 -15.46
N ALA E 880 15.88 -44.54 -14.80
CA ALA E 880 14.64 -44.94 -15.43
C ALA E 880 13.60 -43.86 -15.15
N ALA E 881 13.51 -42.90 -16.07
CA ALA E 881 12.49 -41.85 -16.14
C ALA E 881 12.66 -40.76 -15.09
N HIS E 882 13.54 -40.92 -14.12
CA HIS E 882 13.91 -39.83 -13.22
C HIS E 882 15.06 -39.04 -13.83
N ALA E 883 14.95 -37.72 -13.80
CA ALA E 883 16.09 -36.87 -14.10
C ALA E 883 17.22 -37.19 -13.15
N ALA E 884 18.43 -37.33 -13.69
CA ALA E 884 19.50 -37.93 -12.90
C ALA E 884 20.01 -37.00 -11.82
N LEU E 885 20.04 -35.70 -12.08
CA LEU E 885 20.65 -34.78 -11.13
C LEU E 885 19.73 -34.51 -9.93
N ALA E 886 18.43 -34.35 -10.18
CA ALA E 886 17.49 -34.18 -9.08
C ALA E 886 17.42 -35.42 -8.21
N SER E 887 17.35 -36.59 -8.84
CA SER E 887 17.39 -37.88 -8.16
C SER E 887 18.75 -38.20 -7.59
N ASP E 888 19.76 -37.38 -7.90
CA ASP E 888 21.08 -37.50 -7.29
C ASP E 888 21.17 -36.66 -6.02
N ILE E 889 20.70 -35.41 -6.08
CA ILE E 889 20.76 -34.54 -4.90
C ILE E 889 19.79 -35.02 -3.83
N MET E 890 18.60 -35.51 -4.20
CA MET E 890 17.67 -35.86 -3.14
C MET E 890 18.04 -37.13 -2.39
N GLU E 891 19.24 -37.68 -2.60
CA GLU E 891 19.64 -38.89 -1.89
C GLU E 891 19.78 -38.64 -0.40
N SER E 892 20.31 -37.49 0.00
CA SER E 892 20.54 -37.24 1.42
C SER E 892 19.23 -36.93 2.13
N TYR E 893 18.28 -36.33 1.43
CA TYR E 893 17.04 -35.86 2.02
C TYR E 893 15.91 -36.87 1.96
N ARG E 894 16.20 -38.15 1.72
CA ARG E 894 15.14 -39.14 1.58
C ARG E 894 15.04 -40.05 2.79
N HIS E 895 15.33 -39.54 3.98
CA HIS E 895 14.85 -40.13 5.22
C HIS E 895 13.68 -39.34 5.81
N LEU E 896 13.40 -38.15 5.28
CA LEU E 896 12.18 -37.42 5.62
C LEU E 896 10.94 -38.08 5.04
N VAL E 897 11.10 -39.03 4.12
CA VAL E 897 9.97 -39.76 3.56
C VAL E 897 9.90 -41.17 4.12
N GLU E 898 10.99 -41.71 4.65
CA GLU E 898 11.02 -43.02 5.28
C GLU E 898 10.88 -42.93 6.79
N ARG E 899 10.68 -41.73 7.34
CA ARG E 899 10.28 -41.54 8.73
C ARG E 899 8.83 -41.10 8.85
N TYR E 900 8.40 -40.22 7.95
CA TYR E 900 7.01 -39.79 7.93
C TYR E 900 6.07 -40.95 7.64
N ALA E 901 6.50 -41.88 6.79
CA ALA E 901 5.66 -43.05 6.48
C ALA E 901 5.48 -43.93 7.71
N ILE E 902 6.56 -44.16 8.46
CA ILE E 902 6.46 -44.94 9.69
C ILE E 902 5.56 -44.22 10.69
N TYR E 903 5.70 -42.90 10.80
CA TYR E 903 4.88 -42.14 11.73
C TYR E 903 3.40 -42.20 11.34
N ILE E 904 3.10 -42.11 10.05
CA ILE E 904 1.72 -42.14 9.60
C ILE E 904 1.11 -43.52 9.84
N ILE E 905 1.84 -44.58 9.53
CA ILE E 905 1.30 -45.93 9.70
C ILE E 905 1.10 -46.26 11.18
N ASN E 906 2.11 -45.96 12.00
CA ASN E 906 2.04 -46.33 13.41
C ASN E 906 0.99 -45.53 14.17
N HIS E 907 0.95 -44.22 13.95
CA HIS E 907 0.08 -43.37 14.75
C HIS E 907 -1.34 -43.29 14.21
N GLY E 908 -1.76 -44.27 13.40
CA GLY E 908 -3.16 -44.45 13.10
C GLY E 908 -3.78 -43.43 12.17
N GLN E 909 -2.99 -42.63 11.46
CA GLN E 909 -3.58 -41.69 10.52
C GLN E 909 -4.03 -42.37 9.24
N ILE E 910 -3.29 -43.38 8.79
CA ILE E 910 -3.64 -44.12 7.58
C ILE E 910 -3.63 -45.61 7.93
N LYS E 911 -4.72 -46.29 7.62
CA LYS E 911 -4.93 -47.68 7.97
C LYS E 911 -5.40 -48.40 6.70
N GLN E 912 -5.40 -49.74 6.72
CA GLN E 912 -5.53 -50.51 5.48
C GLN E 912 -6.92 -50.38 4.83
N ASP E 913 -7.81 -49.56 5.38
CA ASP E 913 -9.11 -49.39 4.77
C ASP E 913 -9.07 -48.35 3.65
N ASP E 914 -7.92 -47.74 3.42
CA ASP E 914 -7.83 -46.67 2.42
C ASP E 914 -7.38 -47.19 1.06
N PHE E 915 -6.57 -48.24 1.05
CA PHE E 915 -5.99 -48.72 -0.20
C PHE E 915 -7.05 -49.36 -1.10
N ARG E 916 -6.98 -49.04 -2.39
CA ARG E 916 -7.83 -49.62 -3.42
C ARG E 916 -6.97 -50.51 -4.32
N GLN E 917 -7.46 -51.72 -4.58
CA GLN E 917 -6.71 -52.71 -5.34
C GLN E 917 -7.41 -52.99 -6.66
N GLU E 918 -6.66 -52.96 -7.77
CA GLU E 918 -7.23 -53.16 -9.10
C GLU E 918 -6.26 -53.95 -9.97
N LYS E 919 -6.70 -54.21 -11.20
CA LYS E 919 -5.87 -54.76 -12.27
C LYS E 919 -5.86 -53.75 -13.41
N ASP E 920 -4.66 -53.37 -13.87
CA ASP E 920 -4.50 -52.24 -14.76
C ASP E 920 -3.97 -52.65 -16.12
N HIS E 921 -4.80 -52.42 -17.15
CA HIS E 921 -4.41 -52.33 -18.56
C HIS E 921 -3.96 -53.66 -19.19
N LEU E 922 -3.57 -54.63 -18.37
CA LEU E 922 -3.42 -55.99 -18.85
C LEU E 922 -3.84 -56.98 -17.77
N GLY E 923 -3.84 -56.51 -16.53
CA GLY E 923 -4.07 -57.32 -15.35
C GLY E 923 -2.81 -57.44 -14.53
N GLN E 924 -2.67 -56.55 -13.54
CA GLN E 924 -1.59 -56.58 -12.56
C GLN E 924 -2.14 -56.07 -11.24
N ASP E 925 -1.78 -56.74 -10.16
CA ASP E 925 -2.29 -56.40 -8.84
C ASP E 925 -1.68 -55.07 -8.40
N THR E 926 -2.43 -53.98 -8.53
CA THR E 926 -1.92 -52.65 -8.22
C THR E 926 -2.70 -52.07 -7.04
N ILE E 927 -1.97 -51.58 -6.05
CA ILE E 927 -2.53 -50.98 -4.84
C ILE E 927 -2.29 -49.48 -4.92
N ARG E 928 -3.34 -48.69 -4.65
CA ARG E 928 -3.26 -47.24 -4.72
C ARG E 928 -4.05 -46.63 -3.59
N LEU E 929 -3.97 -45.31 -3.47
CA LEU E 929 -4.73 -44.57 -2.48
C LEU E 929 -5.93 -43.90 -3.12
N SER E 930 -7.04 -43.86 -2.40
CA SER E 930 -8.16 -43.05 -2.84
C SER E 930 -7.79 -41.59 -2.76
N ALA E 931 -8.61 -40.74 -3.37
CA ALA E 931 -8.25 -39.33 -3.54
C ALA E 931 -8.04 -38.63 -2.21
N GLU E 932 -8.90 -38.90 -1.24
CA GLU E 932 -8.84 -38.17 0.03
C GLU E 932 -7.60 -38.55 0.82
N ALA E 933 -7.26 -39.84 0.87
CA ALA E 933 -6.03 -40.25 1.52
C ALA E 933 -4.80 -39.69 0.82
N ARG E 934 -4.82 -39.60 -0.51
CA ARG E 934 -3.72 -38.97 -1.23
C ARG E 934 -3.58 -37.51 -0.85
N ARG E 935 -4.69 -36.78 -0.77
CA ARG E 935 -4.62 -35.36 -0.38
C ARG E 935 -4.08 -35.21 1.04
N ARG E 936 -4.54 -36.05 1.96
CA ARG E 936 -4.04 -35.96 3.34
C ARG E 936 -2.55 -36.26 3.40
N TYR E 937 -2.10 -37.29 2.70
CA TYR E 937 -0.69 -37.68 2.73
C TYR E 937 0.19 -36.59 2.14
N VAL E 938 -0.19 -36.06 0.97
CA VAL E 938 0.62 -35.04 0.32
C VAL E 938 0.62 -33.75 1.12
N GLY E 939 -0.53 -33.34 1.65
CA GLY E 939 -0.57 -32.15 2.48
C GLY E 939 0.28 -32.28 3.73
N GLY E 940 0.23 -33.43 4.39
CA GLY E 940 1.09 -33.64 5.54
C GLY E 940 2.56 -33.62 5.19
N LEU E 941 2.92 -34.21 4.04
CA LEU E 941 4.32 -34.20 3.62
C LEU E 941 4.82 -32.79 3.35
N ILE E 942 4.03 -31.98 2.67
CA ILE E 942 4.46 -30.61 2.37
C ILE E 942 4.54 -29.81 3.67
N ASN E 943 3.62 -30.06 4.60
CA ASN E 943 3.68 -29.39 5.90
C ASN E 943 4.96 -29.75 6.64
N ARG E 944 5.37 -31.01 6.58
CA ARG E 944 6.61 -31.40 7.26
C ARG E 944 7.83 -30.87 6.52
N PHE E 945 7.72 -30.64 5.21
CA PHE E 945 8.78 -29.96 4.49
C PHE E 945 8.95 -28.53 4.99
N GLN E 946 7.83 -27.83 5.20
CA GLN E 946 7.91 -26.45 5.67
C GLN E 946 8.57 -26.35 7.04
N LYS E 947 8.22 -27.24 7.96
CA LYS E 947 8.82 -27.22 9.28
C LYS E 947 10.17 -27.91 9.27
N PHE E 948 11.06 -27.49 8.38
CA PHE E 948 12.44 -27.93 8.40
C PHE E 948 13.14 -27.33 9.63
N SER E 949 14.45 -27.55 9.75
CA SER E 949 15.19 -26.94 10.85
C SER E 949 15.03 -25.43 10.81
N LYS E 950 14.85 -24.84 12.00
CA LYS E 950 14.26 -23.52 12.14
C LYS E 950 15.09 -22.46 11.44
N ASP E 951 14.41 -21.39 11.02
CA ASP E 951 14.84 -20.25 10.20
C ASP E 951 14.94 -20.59 8.72
N LYS E 952 14.75 -21.85 8.31
CA LYS E 952 14.90 -22.20 6.89
C LYS E 952 13.96 -23.34 6.55
N THR E 953 13.08 -23.10 5.57
CA THR E 953 12.29 -24.18 5.00
C THR E 953 13.15 -25.01 4.07
N LEU E 954 12.58 -26.09 3.54
CA LEU E 954 13.37 -26.99 2.69
C LEU E 954 13.71 -26.34 1.36
N HIS E 955 12.81 -25.53 0.80
CA HIS E 955 13.12 -24.83 -0.45
C HIS E 955 14.31 -23.89 -0.26
N GLN E 956 14.35 -23.18 0.86
CA GLN E 956 15.41 -22.23 1.15
C GLN E 956 16.68 -22.89 1.63
N HIS E 957 16.67 -24.20 1.85
CA HIS E 957 17.88 -24.97 2.04
C HIS E 957 18.39 -25.59 0.74
N LEU E 958 17.49 -26.06 -0.11
CA LEU E 958 17.87 -26.58 -1.42
C LEU E 958 18.39 -25.50 -2.35
N TYR E 959 17.87 -24.28 -2.29
CA TYR E 959 18.48 -23.24 -3.11
C TYR E 959 19.88 -22.89 -2.63
N GLN E 960 20.10 -22.88 -1.32
CA GLN E 960 21.45 -22.70 -0.78
C GLN E 960 22.39 -23.79 -1.27
N GLN E 961 21.96 -25.05 -1.21
CA GLN E 961 22.83 -26.14 -1.63
C GLN E 961 23.07 -26.11 -3.13
N ALA E 962 22.08 -25.68 -3.91
CA ALA E 962 22.29 -25.53 -5.35
C ALA E 962 23.32 -24.45 -5.65
N GLN E 963 23.26 -23.32 -4.93
CA GLN E 963 24.26 -22.29 -5.13
C GLN E 963 25.65 -22.77 -4.73
N GLN E 964 25.74 -23.53 -3.64
CA GLN E 964 27.02 -24.07 -3.22
C GLN E 964 27.59 -25.05 -4.24
N LEU E 965 26.73 -25.88 -4.82
CA LEU E 965 27.16 -26.80 -5.88
C LEU E 965 27.61 -26.05 -7.13
N LYS E 966 26.89 -25.01 -7.52
CA LYS E 966 27.29 -24.20 -8.67
C LYS E 966 28.65 -23.56 -8.44
N ASN E 967 28.89 -23.04 -7.24
CA ASN E 967 30.18 -22.44 -6.94
C ASN E 967 31.27 -23.49 -6.87
N ALA E 968 30.93 -24.72 -6.48
CA ALA E 968 31.92 -25.79 -6.53
C ALA E 968 32.29 -26.13 -7.96
N MET E 969 31.32 -26.13 -8.86
CA MET E 969 31.60 -26.52 -10.24
C MET E 969 32.30 -25.41 -11.02
N HIS E 970 31.95 -24.15 -10.77
CA HIS E 970 32.56 -23.05 -11.51
C HIS E 970 34.02 -22.86 -11.14
N ASN E 971 34.34 -22.95 -9.84
CA ASN E 971 35.71 -22.81 -9.37
C ASN E 971 36.52 -24.10 -9.49
N GLN E 972 35.88 -25.18 -9.96
CA GLN E 972 36.55 -26.46 -10.18
C GLN E 972 37.17 -27.02 -8.91
N GLN E 973 36.49 -26.82 -7.79
CA GLN E 973 36.89 -27.38 -6.51
C GLN E 973 35.76 -28.23 -5.97
N SER E 974 36.08 -29.49 -5.64
CA SER E 974 35.07 -30.40 -5.13
C SER E 974 34.85 -30.24 -3.63
N SER E 975 35.61 -29.35 -2.98
CA SER E 975 35.54 -29.25 -1.52
C SER E 975 34.54 -28.19 -1.07
N GLN E 976 34.09 -27.33 -1.98
CA GLN E 976 33.16 -26.27 -1.58
C GLN E 976 31.77 -26.82 -1.30
N PHE E 977 31.34 -27.81 -2.08
CA PHE E 977 30.02 -28.40 -1.88
C PHE E 977 30.05 -29.38 -0.72
N GLN E 978 29.19 -29.15 0.27
CA GLN E 978 29.14 -29.95 1.49
C GLN E 978 27.79 -30.62 1.61
N VAL E 979 27.80 -31.95 1.72
CA VAL E 979 26.58 -32.72 1.83
C VAL E 979 25.91 -32.40 3.16
N TRP E 980 24.62 -32.72 3.27
CA TRP E 980 23.84 -32.26 4.40
C TRP E 980 24.28 -32.94 5.70
N LYS E 981 24.30 -34.27 5.72
CA LYS E 981 24.81 -35.06 6.83
C LYS E 981 24.12 -34.76 8.15
N GLU E 982 22.85 -35.14 8.31
CA GLU E 982 22.07 -34.94 9.53
C GLU E 982 22.83 -35.23 10.81
N LEU E 983 22.57 -34.43 11.84
CA LEU E 983 23.36 -34.29 13.06
C LEU E 983 23.70 -35.62 13.70
N LYS E 984 24.88 -35.69 14.32
CA LYS E 984 25.35 -36.89 15.00
C LYS E 984 24.41 -37.34 16.10
N GLN F 653 18.84 33.77 47.75
CA GLN F 653 17.80 33.33 46.83
C GLN F 653 17.09 34.51 46.18
N GLY F 654 15.83 34.69 46.53
CA GLY F 654 15.04 35.77 45.98
C GLY F 654 13.59 35.36 45.88
N THR F 655 12.82 36.20 45.23
CA THR F 655 11.41 35.93 45.04
C THR F 655 11.22 34.78 44.05
N HIS F 656 10.36 33.83 44.40
CA HIS F 656 9.94 32.75 43.50
C HIS F 656 8.53 33.08 43.06
N LEU F 657 8.40 33.73 41.91
CA LEU F 657 7.12 34.29 41.47
C LEU F 657 6.24 33.18 40.89
N VAL F 658 4.99 33.13 41.34
CA VAL F 658 4.04 32.11 40.91
C VAL F 658 2.83 32.81 40.31
N LEU F 659 2.45 32.39 39.09
CA LEU F 659 1.28 32.92 38.41
C LEU F 659 0.27 31.79 38.29
N ALA F 660 -0.77 31.84 39.13
CA ALA F 660 -1.82 30.84 39.08
C ALA F 660 -3.19 31.47 38.88
N GLY F 661 -3.25 32.75 38.51
CA GLY F 661 -4.49 33.45 38.32
C GLY F 661 -5.12 33.11 36.99
N ASP F 662 -5.56 34.15 36.29
CA ASP F 662 -6.23 33.99 35.00
C ASP F 662 -5.64 34.95 33.98
N ALA F 663 -4.73 34.42 33.15
CA ALA F 663 -4.27 35.07 31.92
C ALA F 663 -3.59 36.41 32.20
N GLN F 664 -2.49 36.36 32.94
CA GLN F 664 -1.61 37.50 33.04
C GLN F 664 -0.72 37.57 31.78
N ILE F 665 -0.04 38.70 31.62
CA ILE F 665 0.85 38.92 30.49
C ILE F 665 2.20 39.37 31.01
N ILE F 666 3.26 38.66 30.61
CA ILE F 666 4.61 38.91 31.10
C ILE F 666 5.39 39.64 30.02
N THR F 667 6.16 40.63 30.44
CA THR F 667 6.93 41.48 29.54
C THR F 667 8.23 41.82 30.27
N THR F 668 9.26 42.21 29.52
CA THR F 668 10.51 42.62 30.16
C THR F 668 10.86 44.03 29.71
N ASP F 669 11.49 44.78 30.62
CA ASP F 669 12.06 46.09 30.31
C ASP F 669 13.57 46.04 30.17
N ASN F 670 14.14 44.84 30.04
CA ASN F 670 15.54 44.50 29.87
C ASN F 670 16.32 44.64 31.18
N GLN F 671 15.71 45.14 32.25
CA GLN F 671 16.35 45.12 33.56
C GLN F 671 15.34 44.75 34.65
N ASN F 672 14.09 44.54 34.26
CA ASN F 672 13.04 44.12 35.18
C ASN F 672 12.10 43.16 34.46
N LEU F 673 11.31 42.44 35.25
CA LEU F 673 10.25 41.57 34.75
C LEU F 673 8.93 42.16 35.20
N ILE F 674 8.03 42.44 34.25
CA ILE F 674 6.78 43.12 34.51
C ILE F 674 5.63 42.20 34.15
N VAL F 675 4.79 41.88 35.13
CA VAL F 675 3.59 41.08 34.92
C VAL F 675 2.39 42.00 35.05
N LYS F 676 1.64 42.14 33.96
CA LYS F 676 0.48 43.01 33.90
C LYS F 676 -0.77 42.17 33.76
N LYS F 677 -1.86 42.60 34.39
CA LYS F 677 -3.17 41.99 34.25
C LYS F 677 -4.16 43.08 33.86
N ASP F 678 -4.71 42.98 32.65
CA ASP F 678 -5.56 44.03 32.07
C ASP F 678 -4.87 45.39 32.08
N ASP F 679 -3.60 45.41 31.70
CA ASP F 679 -2.73 46.58 31.59
C ASP F 679 -2.51 47.29 32.92
N LYS F 680 -2.84 46.65 34.04
CA LYS F 680 -2.51 47.14 35.37
C LYS F 680 -1.33 46.33 35.88
N ILE F 681 -0.22 47.01 36.19
CA ILE F 681 0.99 46.31 36.57
C ILE F 681 0.79 45.63 37.92
N THR F 682 0.82 44.30 37.92
CA THR F 682 0.62 43.51 39.11
C THR F 682 1.96 43.12 39.77
N HIS F 683 2.97 42.82 38.98
CA HIS F 683 4.30 42.57 39.53
C HIS F 683 5.36 43.29 38.71
N LYS F 684 6.43 43.72 39.38
CA LYS F 684 7.58 44.32 38.71
C LYS F 684 8.80 43.98 39.56
N ILE F 685 9.54 42.94 39.15
CA ILE F 685 10.61 42.38 39.95
C ILE F 685 11.93 42.51 39.20
N SER F 686 12.95 42.99 39.88
CA SER F 686 14.27 43.06 39.29
C SER F 686 14.81 41.66 39.04
N LEU F 687 15.62 41.51 38.00
CA LEU F 687 16.14 40.21 37.62
C LEU F 687 17.23 39.71 38.56
N GLU F 688 17.69 40.54 39.49
CA GLU F 688 18.68 40.07 40.45
C GLU F 688 18.04 39.49 41.69
N GLN F 689 16.76 39.77 41.92
CA GLN F 689 16.02 39.26 43.06
C GLN F 689 15.01 38.20 42.67
N LEU F 690 15.05 37.71 41.43
CA LEU F 690 14.16 36.68 40.96
C LEU F 690 14.91 35.35 40.96
N HIS F 691 14.23 34.29 41.38
CA HIS F 691 14.88 32.99 41.49
C HIS F 691 14.25 31.93 40.59
N ALA F 692 12.95 32.02 40.32
CA ALA F 692 12.28 31.09 39.43
C ALA F 692 10.93 31.69 39.06
N VAL F 693 10.25 31.03 38.13
CA VAL F 693 8.92 31.40 37.69
C VAL F 693 8.09 30.13 37.61
N THR F 694 6.84 30.18 38.05
CA THR F 694 5.94 29.04 37.92
C THR F 694 4.67 29.51 37.21
N LEU F 695 4.32 28.82 36.12
CA LEU F 695 3.22 29.23 35.25
C LEU F 695 2.17 28.12 35.32
N ILE F 696 1.08 28.36 36.04
CA ILE F 696 0.00 27.37 36.16
C ILE F 696 -1.16 27.84 35.29
N GLY F 697 -1.29 27.26 34.11
CA GLY F 697 -2.32 27.62 33.18
C GLY F 697 -1.77 28.21 31.89
N LEU F 698 -2.51 29.16 31.35
CA LEU F 698 -2.17 29.83 30.10
C LEU F 698 -1.77 31.27 30.40
N HIS F 699 -0.48 31.59 30.23
CA HIS F 699 0.02 32.93 30.45
C HIS F 699 0.98 33.29 29.32
N THR F 700 0.63 34.31 28.54
CA THR F 700 1.44 34.70 27.40
C THR F 700 2.75 35.31 27.87
N MET F 701 3.85 34.94 27.23
CA MET F 701 5.17 35.37 27.63
C MET F 701 5.90 35.93 26.42
N THR F 702 6.17 37.23 26.45
CA THR F 702 6.81 37.89 25.33
C THR F 702 8.25 37.39 25.17
N LEU F 703 8.66 37.22 23.91
CA LEU F 703 9.91 36.53 23.61
C LEU F 703 11.16 37.18 24.21
N PRO F 704 11.33 38.50 24.21
CA PRO F 704 12.48 39.06 24.94
C PRO F 704 12.53 38.67 26.41
N ALA F 705 11.37 38.52 27.06
CA ALA F 705 11.36 38.07 28.46
C ALA F 705 11.96 36.68 28.58
N LYS F 706 11.57 35.76 27.68
CA LYS F 706 12.06 34.40 27.73
C LYS F 706 13.56 34.35 27.47
N HIS F 707 14.04 35.13 26.51
CA HIS F 707 15.47 35.16 26.24
C HIS F 707 16.25 35.76 27.42
N ARG F 708 15.71 36.83 28.03
CA ARG F 708 16.40 37.46 29.15
C ARG F 708 16.47 36.53 30.35
N LEU F 709 15.40 35.78 30.59
CA LEU F 709 15.42 34.82 31.69
C LEU F 709 16.41 33.70 31.42
N LEU F 710 16.40 33.14 30.21
CA LEU F 710 17.33 32.04 29.91
C LEU F 710 18.78 32.51 29.98
N GLU F 711 19.04 33.78 29.67
CA GLU F 711 20.41 34.27 29.73
C GLU F 711 20.89 34.44 31.16
N HIS F 712 19.96 34.65 32.10
CA HIS F 712 20.29 34.88 33.50
C HIS F 712 20.20 33.63 34.35
N LYS F 713 19.95 32.47 33.74
CA LYS F 713 19.82 31.20 34.45
C LYS F 713 18.69 31.25 35.48
N ILE F 714 17.50 31.53 35.00
CA ILE F 714 16.30 31.57 35.81
C ILE F 714 15.31 30.56 35.21
N PRO F 715 15.08 29.41 35.84
CA PRO F 715 14.21 28.40 35.25
C PRO F 715 12.77 28.86 35.18
N VAL F 716 12.05 28.36 34.17
CA VAL F 716 10.62 28.61 34.05
C VAL F 716 9.91 27.27 34.13
N HIS F 717 9.16 27.06 35.21
CA HIS F 717 8.50 25.79 35.47
C HIS F 717 7.08 25.86 34.91
N ILE F 718 6.76 24.97 33.97
CA ILE F 718 5.51 25.00 33.24
C ILE F 718 4.59 23.92 33.77
N ALA F 719 3.36 24.28 34.11
CA ALA F 719 2.40 23.34 34.63
C ALA F 719 1.04 23.57 33.97
N ASP F 720 0.23 22.52 33.96
CA ASP F 720 -1.04 22.51 33.28
C ASP F 720 -2.07 23.34 34.06
N ARG F 721 -3.25 23.50 33.45
CA ARG F 721 -4.33 24.26 34.10
C ARG F 721 -4.79 23.58 35.38
N THR F 722 -4.96 22.26 35.36
CA THR F 722 -5.38 21.54 36.56
C THR F 722 -4.29 21.56 37.62
N GLY F 723 -3.03 21.41 37.22
CA GLY F 723 -1.93 21.45 38.16
C GLY F 723 -0.88 20.40 37.92
N ARG F 724 -1.04 19.62 36.85
CA ARG F 724 -0.03 18.62 36.52
C ARG F 724 1.27 19.30 36.12
N TYR F 725 2.39 18.77 36.61
CA TYR F 725 3.70 19.33 36.32
C TYR F 725 4.27 18.67 35.07
N LEU F 726 4.62 19.47 34.09
CA LEU F 726 5.12 18.98 32.81
C LEU F 726 6.63 19.05 32.68
N GLY F 727 7.21 20.24 32.80
CA GLY F 727 8.62 20.40 32.59
C GLY F 727 9.05 21.82 32.89
N ALA F 728 10.18 22.21 32.32
CA ALA F 728 10.74 23.52 32.62
C ALA F 728 11.72 23.95 31.55
N VAL F 729 11.64 25.22 31.18
CA VAL F 729 12.64 25.87 30.34
C VAL F 729 13.84 26.17 31.24
N THR F 730 14.94 25.47 31.04
CA THR F 730 16.08 25.56 31.95
C THR F 730 17.39 25.57 31.15
N SER F 731 18.49 25.51 31.89
CA SER F 731 19.82 25.25 31.35
C SER F 731 20.49 24.32 32.34
N PHE F 732 21.82 24.21 32.26
CA PHE F 732 22.52 23.25 33.12
C PHE F 732 22.36 23.57 34.59
N GLN F 733 22.69 24.81 34.97
CA GLN F 733 22.76 25.15 36.40
C GLN F 733 21.40 25.11 37.10
N PRO F 734 20.31 25.71 36.58
CA PRO F 734 19.03 25.55 37.26
C PRO F 734 18.45 24.14 37.19
N ALA F 735 18.91 23.30 36.28
CA ALA F 735 18.40 21.94 36.19
C ALA F 735 19.25 20.94 36.94
N GLN F 736 20.35 21.37 37.55
CA GLN F 736 21.07 20.46 38.45
C GLN F 736 20.30 20.24 39.75
N ASN F 737 19.43 21.18 40.11
CA ASN F 737 18.68 21.05 41.36
C ASN F 737 17.56 20.03 41.24
N ASN F 738 17.15 19.71 40.03
CA ASN F 738 16.03 18.79 39.87
C ASN F 738 16.46 17.34 40.03
N TYR F 739 17.77 17.07 40.06
CA TYR F 739 18.23 15.71 40.25
C TYR F 739 19.36 15.57 41.26
N LYS F 740 19.85 16.65 41.87
CA LYS F 740 20.97 16.46 42.79
C LYS F 740 20.49 15.98 44.16
N ASN F 741 19.19 15.90 44.37
CA ASN F 741 18.65 15.43 45.65
C ASN F 741 17.63 14.31 45.49
N TRP F 742 17.88 13.34 44.61
CA TRP F 742 16.96 12.21 44.49
C TRP F 742 17.35 11.06 45.42
N PHE F 743 18.64 10.75 45.52
CA PHE F 743 19.06 9.58 46.28
C PHE F 743 18.82 9.76 47.77
N ILE F 744 19.10 10.95 48.30
CA ILE F 744 18.99 11.19 49.73
C ILE F 744 17.53 11.14 50.17
N GLN F 745 16.61 11.54 49.30
CA GLN F 745 15.20 11.41 49.62
C GLN F 745 14.79 9.95 49.76
N LEU F 746 15.26 9.10 48.85
CA LEU F 746 14.90 7.68 48.93
C LEU F 746 15.54 7.02 50.14
N GLN F 747 16.72 7.49 50.54
CA GLN F 747 17.30 7.00 51.79
C GLN F 747 16.47 7.40 52.99
N MET F 748 16.14 8.69 53.09
CA MET F 748 15.63 9.26 54.33
C MET F 748 14.11 9.19 54.43
N CYS F 749 13.43 8.67 53.43
CA CYS F 749 12.00 8.41 53.52
C CYS F 749 11.69 7.01 54.02
N ASP F 750 12.72 6.20 54.28
CA ASP F 750 12.56 4.85 54.79
C ASP F 750 13.11 4.67 56.20
N ARG F 751 14.06 5.50 56.63
CA ARG F 751 14.60 5.41 57.97
C ARG F 751 13.53 5.80 58.98
N GLU F 752 13.19 4.87 59.86
CA GLU F 752 11.98 5.03 60.67
C GLU F 752 12.04 6.12 61.74
N PRO F 753 13.16 6.39 62.44
CA PRO F 753 13.14 7.54 63.38
C PRO F 753 12.81 8.86 62.70
N PHE F 754 13.46 9.16 61.58
CA PHE F 754 13.24 10.41 60.86
C PHE F 754 11.79 10.49 60.36
N ALA F 755 11.35 9.45 59.64
CA ALA F 755 10.02 9.48 59.05
C ALA F 755 8.95 9.56 60.12
N HIS F 756 9.16 8.88 61.25
CA HIS F 756 8.12 8.91 62.28
C HIS F 756 8.12 10.22 63.04
N ALA F 757 9.28 10.87 63.16
CA ALA F 757 9.28 12.22 63.74
C ALA F 757 8.47 13.18 62.87
N ILE F 758 8.68 13.14 61.56
CA ILE F 758 7.94 14.06 60.69
C ILE F 758 6.45 13.70 60.66
N ALA F 759 6.12 12.41 60.67
CA ALA F 759 4.73 11.99 60.64
C ALA F 759 4.03 12.22 61.97
N GLN F 760 4.79 12.37 63.06
CA GLN F 760 4.19 12.85 64.29
C GLN F 760 3.88 14.34 64.21
N GLN F 761 4.83 15.11 63.67
CA GLN F 761 4.64 16.56 63.59
C GLN F 761 3.47 16.94 62.69
N ILE F 762 3.29 16.22 61.58
CA ILE F 762 2.22 16.55 60.64
C ILE F 762 0.84 16.37 61.29
N VAL F 763 0.65 15.26 61.98
CA VAL F 763 -0.64 15.00 62.61
C VAL F 763 -0.87 15.95 63.78
N ILE F 764 0.19 16.27 64.53
CA ILE F 764 0.07 17.29 65.57
C ILE F 764 -0.46 18.59 64.98
N SER F 765 0.13 19.02 63.85
CA SER F 765 -0.28 20.27 63.22
C SER F 765 -1.72 20.20 62.71
N ARG F 766 -2.11 19.06 62.14
CA ARG F 766 -3.47 18.93 61.64
C ARG F 766 -4.50 19.07 62.76
N ILE F 767 -4.27 18.37 63.87
CA ILE F 767 -5.24 18.43 64.96
C ILE F 767 -5.24 19.82 65.59
N HIS F 768 -4.07 20.46 65.66
CA HIS F 768 -4.03 21.84 66.16
C HIS F 768 -4.86 22.77 65.30
N ASN F 769 -4.71 22.68 63.98
CA ASN F 769 -5.44 23.60 63.09
C ASN F 769 -6.93 23.34 63.13
N GLN F 770 -7.34 22.08 63.25
CA GLN F 770 -8.78 21.82 63.30
C GLN F 770 -9.37 22.09 64.68
N ARG F 771 -8.53 22.28 65.70
CA ARG F 771 -9.00 22.94 66.91
C ARG F 771 -9.20 24.43 66.69
N GLN F 772 -8.23 25.07 66.03
CA GLN F 772 -8.28 26.51 65.81
C GLN F 772 -9.50 26.90 64.98
N THR F 773 -9.90 26.04 64.04
CA THR F 773 -11.07 26.34 63.21
C THR F 773 -12.33 26.50 64.05
N LEU F 774 -12.52 25.63 65.04
CA LEU F 774 -13.69 25.76 65.91
C LEU F 774 -13.52 26.88 66.92
N LEU F 775 -12.28 27.20 67.29
CA LEU F 775 -12.07 28.28 68.26
C LEU F 775 -12.55 29.63 67.72
N LYS F 776 -12.54 29.81 66.41
CA LYS F 776 -12.79 31.13 65.83
C LYS F 776 -14.28 31.43 65.63
N ARG F 777 -15.17 30.49 65.95
CA ARG F 777 -16.60 30.76 65.76
C ARG F 777 -17.12 31.76 66.78
N LYS F 778 -16.82 31.54 68.05
CA LYS F 778 -17.13 32.44 69.16
C LYS F 778 -18.61 32.73 69.33
N ALA F 779 -19.49 31.98 68.66
CA ALA F 779 -20.93 32.16 68.83
C ALA F 779 -21.63 30.92 69.35
N HIS F 780 -21.07 29.73 69.15
CA HIS F 780 -21.58 28.49 69.71
C HIS F 780 -20.51 27.82 70.57
N ARG F 781 -19.81 28.60 71.39
CA ARG F 781 -18.67 28.08 72.14
C ARG F 781 -19.12 27.07 73.19
N LYS F 782 -20.27 27.31 73.83
CA LYS F 782 -20.70 26.47 74.94
C LYS F 782 -21.00 25.05 74.49
N GLN F 783 -21.53 24.89 73.26
CA GLN F 783 -21.79 23.55 72.75
C GLN F 783 -20.50 22.86 72.33
N LEU F 784 -19.44 23.63 72.09
CA LEU F 784 -18.19 23.10 71.56
C LEU F 784 -17.09 22.97 72.60
N GLN F 785 -17.34 23.34 73.86
CA GLN F 785 -16.31 23.15 74.89
C GLN F 785 -15.95 21.67 75.04
N GLN F 786 -16.96 20.80 75.05
CA GLN F 786 -16.71 19.37 75.15
C GLN F 786 -15.89 18.87 73.97
N THR F 787 -16.25 19.30 72.76
CA THR F 787 -15.54 18.83 71.57
C THR F 787 -14.10 19.31 71.57
N LEU F 788 -13.86 20.55 71.98
CA LEU F 788 -12.49 21.06 72.01
C LEU F 788 -11.66 20.34 73.06
N SER F 789 -12.24 20.05 74.23
CA SER F 789 -11.51 19.28 75.23
C SER F 789 -11.19 17.86 74.74
N ASN F 790 -12.15 17.25 74.04
CA ASN F 790 -11.91 15.93 73.46
C ASN F 790 -10.79 15.98 72.43
N LEU F 791 -10.77 17.00 71.58
CA LEU F 791 -9.72 17.11 70.58
C LEU F 791 -8.37 17.36 71.23
N LYS F 792 -8.33 18.11 72.33
CA LYS F 792 -7.08 18.25 73.07
C LYS F 792 -6.61 16.91 73.62
N LYS F 793 -7.53 16.11 74.17
CA LYS F 793 -7.18 14.80 74.70
C LYS F 793 -6.63 13.89 73.60
N LEU F 794 -7.24 13.93 72.41
CA LEU F 794 -6.73 13.13 71.30
C LEU F 794 -5.39 13.66 70.79
N GLN F 795 -5.19 14.98 70.82
CA GLN F 795 -3.93 15.54 70.33
C GLN F 795 -2.78 15.15 71.24
N TYR F 796 -3.00 15.13 72.55
CA TYR F 796 -1.92 14.80 73.47
C TYR F 796 -1.42 13.36 73.34
N LYS F 797 -2.20 12.46 72.74
CA LYS F 797 -1.78 11.08 72.55
C LYS F 797 -0.86 10.89 71.36
N VAL F 798 -0.80 11.85 70.44
CA VAL F 798 0.01 11.69 69.24
C VAL F 798 1.48 11.82 69.58
N THR F 799 1.81 12.48 70.68
CA THR F 799 3.19 12.69 71.09
C THR F 799 3.90 11.40 71.49
N ALA F 800 3.16 10.30 71.67
CA ALA F 800 3.73 9.07 72.18
C ALA F 800 3.56 7.85 71.27
N ALA F 801 2.63 7.88 70.33
CA ALA F 801 2.32 6.70 69.51
C ALA F 801 3.49 6.36 68.61
N THR F 802 4.03 5.15 68.75
CA THR F 802 5.25 4.75 68.08
C THR F 802 4.96 3.75 66.94
N LYS F 803 3.88 3.98 66.19
CA LYS F 803 3.58 3.20 65.00
C LYS F 803 2.65 3.99 64.09
N ARG F 804 2.59 3.57 62.82
CA ARG F 804 1.81 4.31 61.85
C ARG F 804 0.32 4.08 62.02
N SER F 805 -0.09 2.85 62.35
CA SER F 805 -1.51 2.53 62.46
C SER F 805 -2.15 3.28 63.62
N SER F 806 -1.40 3.49 64.71
CA SER F 806 -1.90 4.30 65.81
C SER F 806 -2.15 5.74 65.36
N LEU F 807 -1.24 6.28 64.56
CA LEU F 807 -1.45 7.62 64.00
C LEU F 807 -2.69 7.68 63.13
N ASN F 808 -2.89 6.65 62.30
CA ASN F 808 -4.06 6.60 61.44
C ASN F 808 -5.34 6.58 62.27
N GLY F 809 -5.37 5.77 63.33
CA GLY F 809 -6.55 5.71 64.17
C GLY F 809 -6.84 7.01 64.89
N LEU F 810 -5.79 7.65 65.44
CA LEU F 810 -5.98 8.92 66.11
C LEU F 810 -6.49 10.00 65.17
N GLU F 811 -5.92 10.08 63.97
CA GLU F 811 -6.35 11.10 63.03
C GLU F 811 -7.77 10.84 62.54
N GLY F 812 -8.13 9.58 62.33
CA GLY F 812 -9.49 9.26 61.95
C GLY F 812 -10.50 9.63 63.01
N SER F 813 -10.20 9.34 64.27
CA SER F 813 -11.11 9.72 65.35
C SER F 813 -11.23 11.22 65.46
N ALA F 814 -10.12 11.94 65.33
CA ALA F 814 -10.16 13.41 65.41
C ALA F 814 -10.99 14.00 64.27
N THR F 815 -10.84 13.46 63.06
CA THR F 815 -11.60 13.96 61.93
C THR F 815 -13.09 13.70 62.08
N ARG F 816 -13.46 12.51 62.58
CA ARG F 816 -14.88 12.26 62.81
C ARG F 816 -15.44 13.20 63.87
N GLU F 817 -14.68 13.43 64.94
CA GLU F 817 -15.16 14.30 66.01
C GLU F 817 -15.19 15.76 65.55
N TYR F 818 -14.44 16.07 64.50
CA TYR F 818 -14.45 17.42 63.97
C TYR F 818 -15.63 17.65 63.01
N PHE F 819 -15.94 16.65 62.17
CA PHE F 819 -17.08 16.81 61.26
C PHE F 819 -18.44 16.51 61.90
N GLN F 820 -18.48 15.96 63.11
CA GLN F 820 -19.80 15.67 63.68
C GLN F 820 -20.56 16.94 64.04
N GLN F 821 -19.91 18.10 64.01
CA GLN F 821 -20.51 19.29 64.60
C GLN F 821 -20.97 20.34 63.59
N PHE F 822 -20.74 20.15 62.29
CA PHE F 822 -21.05 21.23 61.33
C PHE F 822 -22.53 21.47 61.12
N ASN F 823 -23.42 20.66 61.69
CA ASN F 823 -24.84 20.88 61.47
C ASN F 823 -25.34 22.12 62.20
N LEU F 824 -24.56 22.62 63.16
CA LEU F 824 -24.92 23.88 63.83
C LEU F 824 -24.65 25.08 62.91
N PHE F 825 -23.70 24.94 61.99
CA PHE F 825 -23.27 26.09 61.21
C PHE F 825 -24.11 26.24 59.95
N LEU F 826 -24.28 25.16 59.19
CA LEU F 826 -24.91 25.22 57.90
C LEU F 826 -26.41 25.49 58.03
N PRO F 827 -27.04 26.04 57.00
CA PRO F 827 -28.48 26.27 57.05
C PRO F 827 -29.26 24.97 56.93
N GLU F 828 -30.59 25.11 56.86
CA GLU F 828 -31.48 23.96 56.97
C GLU F 828 -31.32 23.01 55.78
N TRP F 829 -31.25 23.54 54.57
CA TRP F 829 -31.26 22.68 53.39
C TRP F 829 -29.93 21.96 53.21
N ALA F 830 -28.86 22.52 53.77
CA ALA F 830 -27.51 21.98 53.57
C ALA F 830 -27.08 21.02 54.67
N HIS F 831 -27.95 20.69 55.62
CA HIS F 831 -27.59 19.79 56.71
C HIS F 831 -27.26 18.41 56.19
N PHE F 832 -26.06 17.93 56.52
CA PHE F 832 -25.58 16.64 56.07
C PHE F 832 -25.25 15.79 57.30
N SER F 833 -25.52 14.49 57.22
CA SER F 833 -25.35 13.59 58.35
C SER F 833 -24.32 12.49 58.12
N LYS F 834 -24.48 11.71 57.04
CA LYS F 834 -23.69 10.51 56.85
C LYS F 834 -22.32 10.87 56.27
N ARG F 835 -21.36 9.97 56.44
CA ARG F 835 -20.01 10.17 55.93
C ARG F 835 -20.01 10.31 54.41
N THR F 836 -18.86 10.75 53.88
CA THR F 836 -18.77 11.10 52.48
C THR F 836 -18.86 9.88 51.59
N ARG F 837 -19.65 9.99 50.53
CA ARG F 837 -19.83 8.94 49.54
C ARG F 837 -19.09 9.30 48.26
N ARG F 838 -18.55 8.28 47.59
CA ARG F 838 -17.82 8.54 46.35
C ARG F 838 -18.70 9.13 45.27
N PRO F 839 -19.90 8.62 44.98
CA PRO F 839 -20.89 9.45 44.30
C PRO F 839 -21.67 10.27 45.31
N PRO F 840 -21.55 11.60 45.28
CA PRO F 840 -22.16 12.42 46.34
C PRO F 840 -23.68 12.43 46.23
N LYS F 841 -24.34 12.61 47.37
CA LYS F 841 -25.78 12.79 47.42
C LYS F 841 -26.18 14.00 48.24
N ASP F 842 -25.21 14.79 48.71
CA ASP F 842 -25.41 16.01 49.46
C ASP F 842 -24.46 17.11 48.99
N PRO F 843 -24.83 18.39 49.14
CA PRO F 843 -24.01 19.47 48.57
C PRO F 843 -22.64 19.63 49.21
N PHE F 844 -22.56 19.50 50.53
CA PHE F 844 -21.35 19.89 51.25
C PHE F 844 -20.18 18.97 50.88
N ASN F 845 -20.45 17.69 50.65
CA ASN F 845 -19.40 16.80 50.19
C ASN F 845 -18.90 17.20 48.81
N VAL F 846 -19.80 17.70 47.95
CA VAL F 846 -19.38 18.16 46.63
C VAL F 846 -18.42 19.33 46.75
N LEU F 847 -18.77 20.31 47.59
CA LEU F 847 -17.90 21.48 47.77
C LEU F 847 -16.54 21.06 48.32
N LEU F 848 -16.55 20.19 49.34
CA LEU F 848 -15.29 19.74 49.91
C LEU F 848 -14.46 18.98 48.89
N SER F 849 -15.09 18.17 48.04
CA SER F 849 -14.37 17.40 47.05
C SER F 849 -13.65 18.30 46.05
N LEU F 850 -14.35 19.32 45.54
CA LEU F 850 -13.69 20.26 44.64
C LEU F 850 -12.50 20.93 45.32
N GLY F 851 -12.70 21.38 46.56
CA GLY F 851 -11.60 22.04 47.27
C GLY F 851 -10.40 21.13 47.48
N TYR F 852 -10.64 19.88 47.88
CA TYR F 852 -9.54 18.96 48.14
C TYR F 852 -8.77 18.67 46.87
N THR F 853 -9.47 18.48 45.74
CA THR F 853 -8.78 18.21 44.48
C THR F 853 -7.91 19.40 44.06
N ILE F 854 -8.43 20.62 44.18
CA ILE F 854 -7.65 21.79 43.77
C ILE F 854 -6.40 21.92 44.64
N LEU F 855 -6.56 21.78 45.96
CA LEU F 855 -5.43 21.92 46.86
C LEU F 855 -4.39 20.83 46.61
N TYR F 856 -4.85 19.60 46.35
CA TYR F 856 -3.92 18.49 46.08
C TYR F 856 -3.11 18.76 44.83
N SER F 857 -3.77 19.21 43.75
CA SER F 857 -3.07 19.45 42.50
C SER F 857 -2.00 20.53 42.66
N HIS F 858 -2.36 21.63 43.31
CA HIS F 858 -1.41 22.73 43.43
C HIS F 858 -0.25 22.38 44.35
N THR F 859 -0.54 21.67 45.45
CA THR F 859 0.53 21.20 46.33
C THR F 859 1.48 20.27 45.59
N ASP F 860 0.92 19.41 44.73
CA ASP F 860 1.73 18.47 43.96
C ASP F 860 2.68 19.20 43.01
N ALA F 861 2.15 20.20 42.29
CA ALA F 861 3.00 20.95 41.36
C ALA F 861 4.11 21.69 42.09
N ILE F 862 3.77 22.37 43.19
CA ILE F 862 4.78 23.13 43.92
C ILE F 862 5.80 22.22 44.59
N LEU F 863 5.42 21.00 44.99
CA LEU F 863 6.40 20.06 45.51
C LEU F 863 7.33 19.57 44.42
N GLN F 864 6.80 19.27 43.23
CA GLN F 864 7.65 18.79 42.15
C GLN F 864 8.63 19.87 41.69
N SER F 865 8.22 21.13 41.74
CA SER F 865 9.08 22.20 41.26
C SER F 865 10.32 22.36 42.12
N ALA F 866 10.25 21.98 43.39
CA ALA F 866 11.38 22.18 44.30
C ALA F 866 12.44 21.10 44.14
N GLY F 867 12.16 20.03 43.41
CA GLY F 867 13.12 18.99 43.17
C GLY F 867 12.83 17.65 43.82
N PHE F 868 11.58 17.35 44.12
CA PHE F 868 11.21 16.17 44.88
C PHE F 868 10.66 15.09 43.97
N ILE F 869 10.70 13.85 44.45
CA ILE F 869 10.00 12.73 43.83
C ILE F 869 8.74 12.49 44.65
N THR F 870 7.57 12.75 44.06
CA THR F 870 6.36 12.85 44.86
C THR F 870 5.65 11.52 45.06
N TRP F 871 6.20 10.39 44.61
CA TRP F 871 5.54 9.13 44.92
C TRP F 871 6.15 8.47 46.16
N LYS F 872 7.37 8.86 46.52
CA LYS F 872 7.96 8.36 47.76
C LYS F 872 7.50 9.21 48.93
N GLY F 873 6.61 8.67 49.74
CA GLY F 873 6.02 9.41 50.85
C GLY F 873 6.63 9.00 52.17
N ILE F 874 6.50 9.88 53.18
CA ILE F 874 7.07 9.59 54.49
C ILE F 874 6.02 8.99 55.43
N TYR F 875 4.74 9.28 55.20
CA TYR F 875 3.69 8.85 56.10
C TYR F 875 2.56 8.10 55.40
N HIS F 876 2.40 8.27 54.09
CA HIS F 876 1.38 7.53 53.34
C HIS F 876 2.04 6.43 52.52
N GLN F 877 1.18 5.61 51.91
CA GLN F 877 1.63 4.43 51.18
C GLN F 877 2.14 4.81 49.80
N GLN F 878 3.35 4.35 49.48
CA GLN F 878 3.89 4.52 48.14
C GLN F 878 3.02 3.74 47.15
N SER F 879 2.33 4.45 46.28
CA SER F 879 1.34 3.81 45.42
C SER F 879 1.14 4.62 44.16
N ALA F 880 0.58 3.96 43.15
CA ALA F 880 0.09 4.66 41.98
C ALA F 880 -1.29 5.23 42.24
N ALA F 881 -1.81 5.95 41.25
CA ALA F 881 -3.09 6.65 41.23
C ALA F 881 -3.09 7.91 42.08
N HIS F 882 -2.04 8.17 42.86
CA HIS F 882 -1.91 9.41 43.60
C HIS F 882 -0.45 9.59 43.99
N ALA F 883 -0.10 10.83 44.34
CA ALA F 883 1.23 11.17 44.80
C ALA F 883 1.23 11.16 46.32
N ALA F 884 2.18 10.43 46.91
CA ALA F 884 2.16 10.24 48.36
C ALA F 884 2.58 11.51 49.09
N LEU F 885 3.65 12.16 48.62
CA LEU F 885 4.18 13.32 49.33
C LEU F 885 3.23 14.50 49.25
N ALA F 886 2.52 14.66 48.13
CA ALA F 886 1.60 15.78 47.98
C ALA F 886 0.40 15.61 48.89
N SER F 887 -0.20 14.42 48.91
CA SER F 887 -1.30 14.15 49.83
C SER F 887 -0.80 14.04 51.27
N ASP F 888 0.52 14.01 51.45
CA ASP F 888 1.09 13.94 52.79
C ASP F 888 1.23 15.33 53.40
N ILE F 889 1.89 16.24 52.68
CA ILE F 889 2.12 17.59 53.20
C ILE F 889 0.86 18.44 53.22
N MET F 890 -0.10 18.18 52.33
CA MET F 890 -1.31 18.99 52.24
C MET F 890 -2.24 18.84 53.43
N GLU F 891 -1.93 17.96 54.39
CA GLU F 891 -2.86 17.74 55.50
C GLU F 891 -2.89 18.94 56.44
N SER F 892 -1.76 19.62 56.63
CA SER F 892 -1.71 20.74 57.56
C SER F 892 -2.57 21.90 57.10
N TYR F 893 -2.77 22.04 55.79
CA TYR F 893 -3.46 23.17 55.19
C TYR F 893 -4.90 22.86 54.79
N ARG F 894 -5.46 21.74 55.23
CA ARG F 894 -6.80 21.35 54.79
C ARG F 894 -7.90 22.22 55.36
N HIS F 895 -7.61 23.04 56.38
CA HIS F 895 -8.69 23.78 57.02
C HIS F 895 -9.17 24.95 56.18
N LEU F 896 -8.35 25.39 55.22
CA LEU F 896 -8.73 26.52 54.37
C LEU F 896 -9.96 26.18 53.53
N VAL F 897 -9.99 24.98 52.96
CA VAL F 897 -11.12 24.55 52.15
C VAL F 897 -12.40 24.51 52.98
N GLU F 898 -12.31 23.96 54.20
CA GLU F 898 -13.48 23.80 55.04
C GLU F 898 -14.02 25.14 55.50
N ARG F 899 -13.12 26.03 55.94
CA ARG F 899 -13.53 27.37 56.34
C ARG F 899 -14.16 28.13 55.19
N TYR F 900 -13.57 28.02 54.00
CA TYR F 900 -14.10 28.71 52.83
C TYR F 900 -15.46 28.14 52.43
N ALA F 901 -15.65 26.83 52.52
CA ALA F 901 -16.93 26.22 52.16
C ALA F 901 -18.04 26.69 53.10
N ILE F 902 -17.74 26.72 54.41
CA ILE F 902 -18.71 27.23 55.36
C ILE F 902 -19.04 28.69 55.06
N TYR F 903 -18.01 29.48 54.73
CA TYR F 903 -18.23 30.90 54.42
C TYR F 903 -19.14 31.07 53.21
N ILE F 904 -18.87 30.32 52.13
CA ILE F 904 -19.65 30.45 50.90
C ILE F 904 -21.10 30.08 51.14
N ILE F 905 -21.35 28.95 51.83
CA ILE F 905 -22.73 28.55 52.02
C ILE F 905 -23.46 29.51 52.96
N ASN F 906 -22.78 30.03 53.99
CA ASN F 906 -23.46 30.92 54.92
C ASN F 906 -23.75 32.28 54.32
N HIS F 907 -22.84 32.84 53.53
CA HIS F 907 -23.04 34.19 53.04
C HIS F 907 -23.84 34.28 51.75
N GLY F 908 -24.33 33.16 51.24
CA GLY F 908 -25.32 33.17 50.18
C GLY F 908 -24.82 33.31 48.77
N GLN F 909 -23.51 33.14 48.53
CA GLN F 909 -23.03 33.19 47.15
C GLN F 909 -23.37 31.92 46.40
N ILE F 910 -23.76 30.86 47.10
CA ILE F 910 -24.24 29.63 46.50
C ILE F 910 -25.51 29.21 47.23
N LYS F 911 -26.58 29.00 46.46
CA LYS F 911 -27.88 28.64 47.00
C LYS F 911 -28.27 27.26 46.49
N GLN F 912 -29.49 26.85 46.83
CA GLN F 912 -29.98 25.53 46.43
C GLN F 912 -30.22 25.47 44.92
N ASP F 913 -30.35 26.63 44.27
CA ASP F 913 -30.67 26.67 42.85
C ASP F 913 -29.52 26.12 42.01
N ASP F 914 -28.28 26.27 42.50
CA ASP F 914 -27.12 26.04 41.65
C ASP F 914 -26.80 24.55 41.51
N PHE F 915 -27.34 23.71 42.39
CA PHE F 915 -27.06 22.28 42.33
C PHE F 915 -28.03 21.59 41.39
N ARG F 916 -27.51 20.68 40.57
CA ARG F 916 -28.26 20.01 39.52
C ARG F 916 -28.31 18.52 39.79
N GLN F 917 -29.52 17.96 39.82
CA GLN F 917 -29.73 16.53 40.00
C GLN F 917 -29.75 15.84 38.64
N GLU F 918 -28.98 14.76 38.50
CA GLU F 918 -28.90 14.11 37.20
C GLU F 918 -28.45 12.66 37.38
N LYS F 919 -28.37 11.95 36.25
CA LYS F 919 -27.85 10.60 36.19
C LYS F 919 -26.72 10.57 35.17
N ASP F 920 -25.59 10.00 35.55
CA ASP F 920 -24.44 9.95 34.67
C ASP F 920 -24.64 8.90 33.58
N HIS F 921 -23.66 8.81 32.67
CA HIS F 921 -23.69 7.80 31.63
C HIS F 921 -23.66 6.39 32.21
N LEU F 922 -23.02 6.23 33.38
CA LEU F 922 -23.03 4.95 34.07
C LEU F 922 -24.40 4.65 34.65
N GLY F 923 -25.27 5.66 34.71
CA GLY F 923 -26.62 5.51 35.20
C GLY F 923 -26.80 5.80 36.67
N GLN F 924 -25.71 5.90 37.44
CA GLN F 924 -25.81 6.13 38.87
C GLN F 924 -26.26 7.57 39.15
N ASP F 925 -27.15 7.71 40.12
CA ASP F 925 -27.68 9.03 40.47
C ASP F 925 -26.59 9.90 41.07
N THR F 926 -26.51 11.15 40.61
CA THR F 926 -25.56 12.12 41.15
C THR F 926 -26.24 13.47 41.29
N ILE F 927 -25.65 14.29 42.16
CA ILE F 927 -25.96 15.72 42.23
C ILE F 927 -24.64 16.45 42.04
N ARG F 928 -24.64 17.43 41.15
CA ARG F 928 -23.40 18.13 40.82
C ARG F 928 -23.63 19.64 40.86
N LEU F 929 -22.55 20.37 40.63
CA LEU F 929 -22.58 21.82 40.68
C LEU F 929 -22.57 22.37 39.26
N SER F 930 -23.42 23.36 39.02
CA SER F 930 -23.56 23.92 37.68
C SER F 930 -22.29 24.64 37.24
N ALA F 931 -22.15 24.82 35.93
CA ALA F 931 -20.88 25.30 35.37
C ALA F 931 -20.54 26.70 35.85
N GLU F 932 -21.53 27.61 35.86
CA GLU F 932 -21.28 28.96 36.35
C GLU F 932 -20.89 28.95 37.82
N ALA F 933 -21.61 28.17 38.63
CA ALA F 933 -21.30 28.07 40.05
C ALA F 933 -19.93 27.44 40.28
N ARG F 934 -19.59 26.43 39.47
CA ARG F 934 -18.28 25.80 39.62
C ARG F 934 -17.16 26.77 39.30
N ARG F 935 -17.30 27.55 38.22
CA ARG F 935 -16.28 28.55 37.88
C ARG F 935 -16.17 29.61 38.98
N ARG F 936 -17.31 30.05 39.51
CA ARG F 936 -17.30 31.04 40.59
C ARG F 936 -16.58 30.50 41.83
N TYR F 937 -16.89 29.26 42.20
CA TYR F 937 -16.29 28.67 43.39
C TYR F 937 -14.79 28.48 43.23
N VAL F 938 -14.35 28.00 42.07
CA VAL F 938 -12.92 27.78 41.85
C VAL F 938 -12.17 29.11 41.88
N GLY F 939 -12.74 30.15 41.26
CA GLY F 939 -12.11 31.45 41.31
C GLY F 939 -12.01 32.00 42.74
N GLY F 940 -13.07 31.86 43.52
CA GLY F 940 -13.02 32.31 44.90
C GLY F 940 -12.00 31.56 45.73
N LEU F 941 -11.88 30.25 45.50
CA LEU F 941 -10.92 29.46 46.28
C LEU F 941 -9.49 29.82 45.92
N ILE F 942 -9.21 30.06 44.64
CA ILE F 942 -7.87 30.52 44.27
C ILE F 942 -7.60 31.91 44.84
N ASN F 943 -8.63 32.75 44.94
CA ASN F 943 -8.46 34.05 45.59
C ASN F 943 -8.05 33.87 47.05
N ARG F 944 -8.71 32.96 47.77
CA ARG F 944 -8.33 32.69 49.16
C ARG F 944 -6.91 32.14 49.24
N PHE F 945 -6.49 31.34 48.26
CA PHE F 945 -5.10 30.91 48.20
C PHE F 945 -4.14 32.07 48.05
N GLN F 946 -4.52 33.08 47.27
CA GLN F 946 -3.69 34.26 47.08
C GLN F 946 -3.67 35.18 48.29
N LYS F 947 -4.74 35.17 49.10
CA LYS F 947 -4.83 36.02 50.29
C LYS F 947 -4.28 35.32 51.54
N PHE F 948 -3.28 34.45 51.37
CA PHE F 948 -2.78 33.66 52.48
C PHE F 948 -2.10 34.53 53.54
N SER F 949 -1.21 35.41 53.11
CA SER F 949 -0.53 36.31 54.01
C SER F 949 -0.08 37.55 53.24
N LYS F 950 0.19 38.61 53.99
CA LYS F 950 0.65 39.85 53.37
C LYS F 950 2.00 39.66 52.69
N ASP F 951 2.90 38.94 53.34
CA ASP F 951 4.24 38.76 52.79
C ASP F 951 4.26 37.70 51.69
N LYS F 952 3.90 36.47 52.03
CA LYS F 952 3.93 35.35 51.12
C LYS F 952 2.52 34.97 50.70
N THR F 953 2.38 34.50 49.47
CA THR F 953 1.20 33.75 49.09
C THR F 953 1.45 32.27 49.40
N LEU F 954 0.43 31.46 49.21
CA LEU F 954 0.52 30.07 49.65
C LEU F 954 1.58 29.29 48.87
N HIS F 955 1.73 29.57 47.57
CA HIS F 955 2.65 28.80 46.75
C HIS F 955 4.10 29.08 47.14
N GLN F 956 4.42 30.35 47.39
CA GLN F 956 5.77 30.71 47.85
C GLN F 956 6.03 30.10 49.23
N HIS F 957 5.00 30.06 50.07
CA HIS F 957 5.12 29.44 51.39
C HIS F 957 5.42 27.96 51.28
N LEU F 958 4.73 27.25 50.39
CA LEU F 958 5.01 25.83 50.19
C LEU F 958 6.38 25.60 49.60
N TYR F 959 6.85 26.50 48.73
CA TYR F 959 8.21 26.36 48.23
C TYR F 959 9.23 26.51 49.35
N GLN F 960 9.02 27.48 50.24
CA GLN F 960 9.92 27.64 51.39
C GLN F 960 9.89 26.40 52.29
N GLN F 961 8.70 25.83 52.50
CA GLN F 961 8.59 24.61 53.30
C GLN F 961 9.34 23.45 52.65
N ALA F 962 9.23 23.31 51.33
CA ALA F 962 9.95 22.25 50.64
C ALA F 962 11.46 22.44 50.77
N GLN F 963 11.93 23.69 50.72
CA GLN F 963 13.36 23.93 50.93
C GLN F 963 13.78 23.57 52.35
N GLN F 964 12.93 23.86 53.34
CA GLN F 964 13.24 23.47 54.71
C GLN F 964 13.33 21.96 54.86
N LEU F 965 12.38 21.22 54.26
CA LEU F 965 12.42 19.76 54.32
C LEU F 965 13.64 19.21 53.60
N LYS F 966 14.04 19.84 52.50
CA LYS F 966 15.24 19.42 51.79
C LYS F 966 16.47 19.56 52.67
N ASN F 967 16.57 20.69 53.39
CA ASN F 967 17.70 20.87 54.29
C ASN F 967 17.66 19.86 55.44
N ALA F 968 16.46 19.57 55.95
CA ALA F 968 16.33 18.61 57.04
C ALA F 968 16.80 17.22 56.62
N MET F 969 16.41 16.79 55.42
CA MET F 969 16.91 15.51 54.91
C MET F 969 18.41 15.55 54.69
N HIS F 970 18.93 16.67 54.20
CA HIS F 970 20.35 16.75 53.86
C HIS F 970 21.24 16.66 55.09
N ASN F 971 20.83 17.30 56.19
CA ASN F 971 21.65 17.31 57.40
C ASN F 971 21.25 16.23 58.41
N GLN F 972 20.28 15.37 58.08
CA GLN F 972 19.86 14.21 58.86
C GLN F 972 19.12 14.56 60.14
N GLN F 973 19.04 15.84 60.49
CA GLN F 973 18.35 16.24 61.71
C GLN F 973 16.87 16.35 61.45
N SER F 974 16.07 15.68 62.27
CA SER F 974 14.65 15.50 62.01
C SER F 974 13.76 16.58 62.60
N SER F 975 14.34 17.59 63.26
CA SER F 975 13.54 18.65 63.87
C SER F 975 13.86 20.03 63.34
N GLN F 976 14.73 20.15 62.34
CA GLN F 976 14.91 21.43 61.67
C GLN F 976 13.72 21.79 60.80
N PHE F 977 12.90 20.80 60.44
CA PHE F 977 11.71 21.01 59.63
C PHE F 977 10.54 21.30 60.57
N GLN F 978 10.22 22.56 60.74
CA GLN F 978 9.10 22.96 61.57
C GLN F 978 7.86 23.15 60.69
N VAL F 979 6.75 22.55 61.11
CA VAL F 979 5.55 22.50 60.28
C VAL F 979 4.69 23.71 60.58
N TRP F 980 3.86 24.11 59.62
CA TRP F 980 2.92 25.22 59.80
C TRP F 980 1.82 24.81 60.78
N LYS F 981 1.58 25.64 61.79
CA LYS F 981 0.65 25.31 62.86
C LYS F 981 -0.44 26.35 63.09
N GLU F 982 -0.47 27.43 62.32
CA GLU F 982 -1.44 28.53 62.50
C GLU F 982 -1.39 29.08 63.92
N LEU F 983 -0.19 29.39 64.39
CA LEU F 983 -0.07 30.07 65.67
C LEU F 983 -0.58 31.50 65.53
N LYS F 984 -1.39 31.91 66.50
CA LYS F 984 -2.00 33.24 66.46
C LYS F 984 -0.97 34.34 66.71
#